data_2DSM
#
_entry.id   2DSM
#
_entity_poly.entity_id   1
_entity_poly.type   'polypeptide(L)'
_entity_poly.pdbx_seq_one_letter_code
;MVENPMVINNWHDKLTETDVQIDFYGDEVTPVDDYVIDGGEIILRENLERYLREQLGFEFKNAQLEHHHHHH
;
_entity_poly.pdbx_strand_id   A,B
#
# COMPACT_ATOMS: atom_id res chain seq x y z
N MET A 1 42.57 -15.62 6.07
CA MET A 1 42.43 -17.07 6.29
C MET A 1 41.74 -17.35 7.61
N VAL A 2 40.55 -17.95 7.54
CA VAL A 2 39.79 -18.28 8.72
C VAL A 2 39.50 -19.78 8.78
N GLU A 3 38.94 -20.23 9.89
CA GLU A 3 38.60 -21.63 10.07
C GLU A 3 37.13 -21.76 10.41
N ASN A 4 36.59 -22.95 10.20
CA ASN A 4 35.21 -23.25 10.51
C ASN A 4 35.04 -24.72 10.85
N PRO A 5 34.78 -25.02 12.13
CA PRO A 5 34.58 -26.39 12.62
C PRO A 5 33.48 -27.10 11.85
N MET A 6 32.47 -26.34 11.46
CA MET A 6 31.39 -26.83 10.62
C MET A 6 31.03 -25.75 9.62
N VAL A 7 30.41 -26.14 8.52
CA VAL A 7 30.04 -25.18 7.49
C VAL A 7 28.78 -24.43 7.91
N ILE A 8 28.97 -23.29 8.55
CA ILE A 8 27.87 -22.45 8.97
C ILE A 8 27.56 -21.39 7.93
N ASN A 9 26.34 -20.89 7.92
CA ASN A 9 25.94 -19.87 6.98
C ASN A 9 26.23 -18.48 7.54
N ASN A 10 27.28 -17.86 7.05
CA ASN A 10 27.60 -16.49 7.42
C ASN A 10 26.94 -15.52 6.44
N TRP A 11 27.05 -14.23 6.73
CA TRP A 11 26.42 -13.20 5.90
C TRP A 11 26.94 -13.26 4.47
N HIS A 12 28.25 -13.47 4.33
CA HIS A 12 28.93 -13.54 3.04
C HIS A 12 28.87 -12.17 2.35
N ASP A 13 27.79 -11.94 1.60
CA ASP A 13 27.57 -10.67 0.92
C ASP A 13 26.09 -10.36 0.92
N LYS A 14 25.72 -9.15 1.30
CA LYS A 14 24.31 -8.77 1.38
C LYS A 14 24.12 -7.31 1.02
N LEU A 15 23.04 -7.02 0.30
CA LEU A 15 22.72 -5.67 -0.10
C LEU A 15 21.27 -5.35 0.25
N THR A 16 20.93 -4.08 0.25
CA THR A 16 19.57 -3.65 0.54
C THR A 16 18.80 -3.37 -0.74
N GLU A 17 17.53 -3.74 -0.75
CA GLU A 17 16.68 -3.52 -1.93
C GLU A 17 16.42 -2.02 -2.09
N THR A 18 16.76 -1.50 -3.26
CA THR A 18 16.52 -0.08 -3.55
C THR A 18 15.02 0.23 -3.52
N ASP A 19 14.29 -0.32 -4.49
CA ASP A 19 12.85 -0.13 -4.56
C ASP A 19 12.19 -1.42 -5.05
N VAL A 20 12.91 -2.52 -4.86
CA VAL A 20 12.44 -3.83 -5.31
C VAL A 20 11.34 -4.34 -4.39
N GLN A 21 10.17 -4.60 -4.95
CA GLN A 21 9.03 -5.07 -4.20
C GLN A 21 8.96 -6.59 -4.23
N ILE A 22 8.58 -7.18 -3.12
CA ILE A 22 8.35 -8.62 -3.06
C ILE A 22 6.87 -8.88 -2.79
N ASP A 23 6.37 -9.99 -3.32
CA ASP A 23 4.99 -10.38 -3.10
C ASP A 23 4.84 -10.95 -1.70
N PHE A 24 3.59 -11.25 -1.33
CA PHE A 24 3.27 -11.75 -0.01
C PHE A 24 4.02 -13.04 0.30
N TYR A 25 4.23 -13.88 -0.70
CA TYR A 25 4.80 -15.20 -0.47
C TYR A 25 6.33 -15.15 -0.38
N GLY A 26 6.93 -14.01 -0.73
CA GLY A 26 8.36 -13.86 -0.56
C GLY A 26 9.15 -14.39 -1.72
N ASP A 27 8.68 -14.16 -2.93
CA ASP A 27 9.47 -14.52 -4.11
C ASP A 27 10.28 -13.31 -4.56
N GLU A 28 9.75 -12.57 -5.52
CA GLU A 28 10.36 -11.32 -5.99
C GLU A 28 9.54 -10.76 -7.14
N VAL A 29 9.15 -9.49 -7.02
CA VAL A 29 8.34 -8.86 -8.05
C VAL A 29 9.16 -7.81 -8.79
N THR A 30 9.55 -8.17 -10.01
CA THR A 30 10.38 -7.30 -10.82
C THR A 30 9.51 -6.43 -11.73
N PRO A 31 10.09 -5.38 -12.35
CA PRO A 31 9.36 -4.52 -13.29
C PRO A 31 8.91 -5.27 -14.55
N VAL A 32 9.39 -6.49 -14.70
CA VAL A 32 9.02 -7.32 -15.84
C VAL A 32 8.18 -8.51 -15.35
N ASP A 33 7.47 -8.29 -14.26
CA ASP A 33 6.63 -9.32 -13.68
C ASP A 33 5.24 -8.77 -13.42
N ASP A 34 4.21 -9.57 -13.70
CA ASP A 34 2.83 -9.15 -13.50
C ASP A 34 2.40 -9.49 -12.08
N TYR A 35 1.85 -8.52 -11.37
CA TYR A 35 1.36 -8.77 -10.03
C TYR A 35 0.09 -7.98 -9.77
N VAL A 36 -0.56 -8.28 -8.66
CA VAL A 36 -1.78 -7.58 -8.29
C VAL A 36 -1.72 -7.25 -6.80
N ILE A 37 -2.11 -6.03 -6.45
CA ILE A 37 -2.14 -5.62 -5.06
C ILE A 37 -3.55 -5.77 -4.51
N ASP A 38 -3.70 -6.68 -3.54
CA ASP A 38 -5.02 -6.95 -2.97
C ASP A 38 -5.23 -6.07 -1.75
N GLY A 39 -5.76 -4.89 -2.00
CA GLY A 39 -6.06 -3.96 -0.92
C GLY A 39 -4.85 -3.16 -0.46
N GLY A 40 -3.68 -3.75 -0.53
CA GLY A 40 -2.49 -3.11 -0.02
C GLY A 40 -1.30 -4.05 -0.02
N GLU A 41 -1.58 -5.34 0.00
CA GLU A 41 -0.53 -6.35 -0.08
C GLU A 41 -0.26 -6.71 -1.53
N ILE A 42 1.00 -7.04 -1.80
CA ILE A 42 1.46 -7.37 -3.14
C ILE A 42 1.42 -8.87 -3.34
N ILE A 43 0.80 -9.32 -4.43
CA ILE A 43 0.80 -10.74 -4.75
C ILE A 43 1.23 -10.95 -6.20
N LEU A 44 2.19 -11.84 -6.40
CA LEU A 44 2.65 -12.18 -7.73
C LEU A 44 1.52 -12.91 -8.45
N ARG A 45 1.32 -12.61 -9.73
CA ARG A 45 0.19 -13.14 -10.50
C ARG A 45 0.12 -14.67 -10.44
N GLU A 46 1.24 -15.32 -10.16
CA GLU A 46 1.28 -16.78 -10.15
C GLU A 46 0.71 -17.30 -8.84
N ASN A 47 1.06 -16.64 -7.74
CA ASN A 47 0.60 -17.04 -6.42
C ASN A 47 -0.75 -16.40 -6.12
N LEU A 48 -1.19 -15.54 -7.04
CA LEU A 48 -2.40 -14.76 -6.86
C LEU A 48 -3.63 -15.65 -6.71
N GLU A 49 -3.72 -16.66 -7.56
CA GLU A 49 -4.87 -17.56 -7.56
C GLU A 49 -5.10 -18.16 -6.17
N ARG A 50 -4.02 -18.60 -5.55
CA ARG A 50 -4.07 -19.16 -4.21
C ARG A 50 -4.55 -18.12 -3.20
N TYR A 51 -3.96 -16.94 -3.26
CA TYR A 51 -4.23 -15.88 -2.31
C TYR A 51 -5.66 -15.35 -2.45
N LEU A 52 -6.15 -15.28 -3.69
CA LEU A 52 -7.51 -14.80 -3.94
C LEU A 52 -8.53 -15.79 -3.38
N ARG A 53 -8.23 -17.06 -3.53
CA ARG A 53 -9.13 -18.09 -3.03
C ARG A 53 -9.10 -18.13 -1.51
N GLU A 54 -8.03 -17.59 -0.94
CA GLU A 54 -7.95 -17.45 0.51
C GLU A 54 -8.65 -16.17 0.96
N GLN A 55 -8.21 -15.03 0.46
CA GLN A 55 -8.75 -13.76 0.89
C GLN A 55 -9.72 -13.15 -0.13
N LEU A 56 -9.19 -12.75 -1.30
CA LEU A 56 -9.97 -11.93 -2.26
C LEU A 56 -10.75 -10.86 -1.50
N GLY A 57 -10.09 -10.23 -0.53
CA GLY A 57 -10.81 -9.42 0.41
C GLY A 57 -10.29 -8.01 0.52
N PHE A 58 -9.33 -7.64 -0.33
CA PHE A 58 -8.84 -6.27 -0.40
C PHE A 58 -8.36 -5.83 0.99
N GLU A 59 -8.38 -4.54 1.26
CA GLU A 59 -8.13 -4.10 2.61
C GLU A 59 -9.41 -3.48 3.20
N PHE A 60 -10.10 -4.25 4.03
CA PHE A 60 -11.33 -3.77 4.64
C PHE A 60 -11.07 -3.27 6.04
N LYS A 61 -11.17 -1.96 6.21
CA LYS A 61 -10.97 -1.34 7.51
C LYS A 61 -12.29 -0.81 8.04
N ASN A 62 -12.31 -0.53 9.32
CA ASN A 62 -13.45 0.10 9.97
C ASN A 62 -12.92 1.02 11.05
N ALA A 63 -13.80 1.69 11.78
CA ALA A 63 -13.37 2.44 12.94
C ALA A 63 -12.71 1.50 13.95
N GLN A 64 -13.22 0.25 13.97
CA GLN A 64 -12.73 -0.80 14.86
C GLN A 64 -13.15 -0.53 16.30
N LEU A 65 -13.00 0.73 16.70
CA LEU A 65 -13.44 1.21 17.99
C LEU A 65 -14.93 0.95 18.18
N GLU A 66 -15.69 1.24 17.13
CA GLU A 66 -17.15 1.20 17.17
C GLU A 66 -17.62 2.13 18.28
N HIS A 67 -17.54 3.43 18.03
CA HIS A 67 -18.05 4.42 18.95
C HIS A 67 -19.56 4.28 19.05
N HIS A 68 -20.06 4.05 20.24
CA HIS A 68 -21.45 3.66 20.43
C HIS A 68 -22.42 4.82 20.26
N HIS A 69 -22.56 5.27 19.00
CA HIS A 69 -23.53 6.29 18.59
C HIS A 69 -23.66 7.43 19.59
N HIS A 70 -24.65 7.32 20.47
CA HIS A 70 -24.87 8.32 21.50
C HIS A 70 -25.52 7.65 22.71
N HIS A 71 -26.27 6.58 22.44
CA HIS A 71 -26.87 5.71 23.46
C HIS A 71 -28.11 6.34 24.09
N HIS A 72 -28.00 7.59 24.52
CA HIS A 72 -29.13 8.32 25.06
C HIS A 72 -29.17 9.72 24.49
N MET B 1 11.81 38.17 29.52
CA MET B 1 12.94 39.13 29.47
C MET B 1 14.04 38.63 28.56
N VAL B 2 14.82 39.54 28.00
CA VAL B 2 15.84 39.21 27.04
C VAL B 2 17.20 39.00 27.71
N GLU B 3 18.21 38.67 26.90
CA GLU B 3 19.60 38.49 27.35
C GLU B 3 19.79 37.16 28.09
N ASN B 4 18.91 36.86 29.03
CA ASN B 4 19.01 35.62 29.81
C ASN B 4 18.45 34.46 28.99
N PRO B 5 19.31 33.47 28.66
CA PRO B 5 18.95 32.36 27.79
C PRO B 5 17.86 31.47 28.36
N MET B 6 16.61 31.77 28.00
CA MET B 6 15.48 30.94 28.39
C MET B 6 14.90 30.25 27.17
N VAL B 7 15.35 30.65 26.00
CA VAL B 7 14.84 30.11 24.75
C VAL B 7 15.95 29.43 23.96
N ILE B 8 15.63 28.30 23.34
CA ILE B 8 16.58 27.57 22.52
C ILE B 8 15.99 27.30 21.15
N ASN B 9 16.83 27.01 20.18
CA ASN B 9 16.39 26.78 18.81
C ASN B 9 16.21 25.29 18.57
N ASN B 10 15.18 24.95 17.80
CA ASN B 10 14.91 23.55 17.48
C ASN B 10 14.42 23.44 16.05
N TRP B 11 14.33 22.22 15.55
CA TRP B 11 13.92 21.97 14.18
C TRP B 11 12.42 21.83 14.07
N HIS B 12 11.95 21.56 12.86
CA HIS B 12 10.54 21.29 12.63
C HIS B 12 10.31 19.80 12.77
N ASP B 13 10.27 19.35 14.03
CA ASP B 13 10.22 17.93 14.36
C ASP B 13 9.01 17.24 13.74
N LYS B 14 7.83 17.80 13.97
CA LYS B 14 6.60 17.15 13.54
C LYS B 14 6.09 17.77 12.24
N LEU B 15 6.59 17.25 11.13
CA LEU B 15 6.19 17.71 9.80
C LEU B 15 5.54 16.58 9.00
N THR B 16 6.10 15.39 9.16
CA THR B 16 5.62 14.21 8.43
C THR B 16 4.25 13.76 8.95
N GLU B 17 3.49 13.10 8.09
CA GLU B 17 2.18 12.57 8.47
C GLU B 17 2.33 11.50 9.55
N THR B 18 1.67 11.71 10.68
CA THR B 18 1.75 10.78 11.79
C THR B 18 0.76 9.63 11.64
N ASP B 19 -0.50 9.89 11.98
CA ASP B 19 -1.55 8.88 11.88
C ASP B 19 -2.64 9.39 10.94
N VAL B 20 -2.30 10.45 10.22
CA VAL B 20 -3.25 11.14 9.35
C VAL B 20 -3.13 10.63 7.92
N GLN B 21 -4.27 10.26 7.36
CA GLN B 21 -4.34 9.80 5.98
C GLN B 21 -5.60 10.35 5.32
N ILE B 22 -5.67 10.28 4.01
CA ILE B 22 -6.84 10.79 3.29
C ILE B 22 -7.32 9.77 2.28
N ASP B 23 -8.61 9.86 1.92
CA ASP B 23 -9.21 8.97 0.94
C ASP B 23 -8.86 9.42 -0.48
N PHE B 24 -9.57 8.87 -1.45
CA PHE B 24 -9.35 9.14 -2.85
C PHE B 24 -9.79 10.55 -3.24
N TYR B 25 -10.86 11.03 -2.63
CA TYR B 25 -11.41 12.33 -2.98
C TYR B 25 -10.63 13.48 -2.34
N GLY B 26 -10.24 13.32 -1.08
CA GLY B 26 -9.50 14.37 -0.42
C GLY B 26 -10.23 14.93 0.78
N ASP B 27 -10.90 14.07 1.54
CA ASP B 27 -11.55 14.50 2.77
C ASP B 27 -10.53 14.45 3.91
N GLU B 28 -10.52 13.32 4.61
CA GLU B 28 -9.53 13.02 5.65
C GLU B 28 -10.00 11.78 6.40
N VAL B 29 -9.18 10.75 6.42
CA VAL B 29 -9.57 9.52 7.08
C VAL B 29 -8.72 9.27 8.31
N THR B 30 -9.39 9.05 9.42
CA THR B 30 -8.72 8.77 10.67
C THR B 30 -9.24 7.44 11.22
N PRO B 31 -8.63 6.87 12.27
CA PRO B 31 -9.08 5.60 12.87
C PRO B 31 -10.43 5.73 13.59
N VAL B 32 -11.17 6.78 13.28
CA VAL B 32 -12.49 7.01 13.84
C VAL B 32 -13.55 6.78 12.77
N ASP B 33 -13.19 7.10 11.54
CA ASP B 33 -14.12 6.98 10.42
C ASP B 33 -13.78 5.75 9.57
N ASP B 34 -14.83 5.02 9.23
CA ASP B 34 -14.70 3.75 8.52
C ASP B 34 -14.26 3.98 7.08
N TYR B 35 -13.30 3.17 6.63
CA TYR B 35 -12.76 3.31 5.29
C TYR B 35 -12.25 1.99 4.77
N VAL B 36 -11.98 1.92 3.48
CA VAL B 36 -11.47 0.72 2.84
C VAL B 36 -10.34 1.10 1.90
N ILE B 37 -9.35 0.23 1.75
CA ILE B 37 -8.24 0.50 0.88
C ILE B 37 -8.24 -0.45 -0.32
N ASP B 38 -8.37 0.15 -1.50
CA ASP B 38 -8.44 -0.56 -2.76
C ASP B 38 -7.08 -0.59 -3.43
N GLY B 39 -6.30 -1.60 -3.11
CA GLY B 39 -5.05 -1.83 -3.80
C GLY B 39 -3.99 -0.79 -3.50
N GLY B 40 -4.10 -0.15 -2.35
CA GLY B 40 -3.11 0.85 -1.97
C GLY B 40 -3.70 2.23 -1.81
N GLU B 41 -4.82 2.48 -2.46
CA GLU B 41 -5.49 3.77 -2.36
C GLU B 41 -6.61 3.70 -1.34
N ILE B 42 -6.72 4.75 -0.53
CA ILE B 42 -7.70 4.80 0.55
C ILE B 42 -9.01 5.39 0.05
N ILE B 43 -10.13 4.79 0.44
CA ILE B 43 -11.44 5.33 0.12
C ILE B 43 -12.33 5.29 1.36
N LEU B 44 -12.98 6.41 1.66
CA LEU B 44 -14.02 6.42 2.68
C LEU B 44 -15.04 5.34 2.41
N ARG B 45 -15.50 4.67 3.45
CA ARG B 45 -16.51 3.61 3.29
C ARG B 45 -17.83 4.22 2.82
N GLU B 46 -17.87 5.55 2.77
CA GLU B 46 -19.08 6.26 2.34
C GLU B 46 -19.23 6.18 0.82
N ASN B 47 -18.10 6.03 0.13
CA ASN B 47 -18.08 5.98 -1.34
C ASN B 47 -17.47 4.66 -1.80
N LEU B 48 -17.16 3.81 -0.84
CA LEU B 48 -16.39 2.60 -1.09
C LEU B 48 -17.15 1.60 -1.97
N GLU B 49 -18.46 1.48 -1.76
CA GLU B 49 -19.26 0.54 -2.55
C GLU B 49 -19.16 0.87 -4.04
N ARG B 50 -19.17 2.17 -4.35
CA ARG B 50 -19.00 2.63 -5.72
C ARG B 50 -17.61 2.25 -6.24
N TYR B 51 -16.62 2.36 -5.38
CA TYR B 51 -15.24 2.09 -5.76
C TYR B 51 -15.04 0.59 -5.98
N LEU B 52 -15.66 -0.24 -5.15
CA LEU B 52 -15.60 -1.69 -5.32
C LEU B 52 -16.34 -2.11 -6.59
N ARG B 53 -17.29 -1.30 -7.02
CA ARG B 53 -18.02 -1.56 -8.24
C ARG B 53 -17.12 -1.35 -9.46
N GLU B 54 -16.30 -0.31 -9.43
CA GLU B 54 -15.44 -0.01 -10.57
C GLU B 54 -14.04 -0.63 -10.44
N GLN B 55 -13.45 -0.58 -9.24
CA GLN B 55 -12.09 -1.09 -9.04
C GLN B 55 -12.11 -2.48 -8.41
N LEU B 56 -12.83 -2.60 -7.28
CA LEU B 56 -13.01 -3.87 -6.59
C LEU B 56 -11.76 -4.27 -5.79
N GLY B 57 -11.09 -3.28 -5.20
CA GLY B 57 -10.01 -3.55 -4.26
C GLY B 57 -8.71 -3.99 -4.89
N PHE B 58 -8.72 -4.31 -6.18
CA PHE B 58 -7.54 -4.83 -6.84
C PHE B 58 -6.83 -3.77 -7.66
N GLU B 59 -5.58 -3.52 -7.34
CA GLU B 59 -4.73 -2.75 -8.22
C GLU B 59 -4.00 -3.73 -9.14
N PHE B 60 -4.48 -3.84 -10.37
CA PHE B 60 -3.89 -4.74 -11.34
C PHE B 60 -2.61 -4.14 -11.89
N LYS B 61 -1.49 -4.72 -11.50
CA LYS B 61 -0.20 -4.17 -11.87
C LYS B 61 0.57 -5.14 -12.75
N ASN B 62 0.21 -5.17 -14.02
CA ASN B 62 0.96 -5.95 -14.99
C ASN B 62 2.32 -5.29 -15.21
N ALA B 63 3.22 -6.02 -15.84
CA ALA B 63 4.57 -5.51 -16.09
C ALA B 63 4.52 -4.16 -16.81
N GLN B 64 3.77 -4.12 -17.91
CA GLN B 64 3.56 -2.88 -18.67
C GLN B 64 4.89 -2.39 -19.26
N LEU B 65 5.84 -3.31 -19.32
CA LEU B 65 7.18 -3.00 -19.78
C LEU B 65 7.51 -3.89 -20.98
N GLU B 66 6.46 -4.25 -21.71
CA GLU B 66 6.58 -5.15 -22.85
C GLU B 66 7.27 -4.47 -24.02
N HIS B 67 8.58 -4.31 -23.91
CA HIS B 67 9.40 -3.83 -25.00
C HIS B 67 9.90 -5.02 -25.78
N HIS B 68 9.20 -5.36 -26.85
CA HIS B 68 9.53 -6.54 -27.62
C HIS B 68 10.86 -6.36 -28.33
N HIS B 69 11.68 -7.41 -28.31
CA HIS B 69 13.00 -7.36 -28.92
C HIS B 69 12.88 -7.11 -30.42
N HIS B 70 13.27 -5.92 -30.82
CA HIS B 70 13.29 -5.55 -32.23
C HIS B 70 14.36 -4.51 -32.46
N HIS B 71 15.33 -4.84 -33.29
CA HIS B 71 16.50 -3.99 -33.49
C HIS B 71 16.11 -2.74 -34.28
N HIS B 72 15.24 -2.92 -35.27
CA HIS B 72 14.72 -1.81 -36.05
C HIS B 72 13.25 -2.04 -36.33
N MET A 1 32.48 -11.95 6.54
CA MET A 1 33.72 -12.33 7.25
C MET A 1 34.95 -11.82 6.50
N VAL A 2 35.23 -12.40 5.35
CA VAL A 2 36.42 -12.04 4.58
C VAL A 2 36.07 -11.77 3.12
N GLU A 3 35.51 -10.59 2.89
CA GLU A 3 35.25 -10.10 1.53
C GLU A 3 35.62 -8.64 1.47
N ASN A 4 34.85 -7.83 2.18
CA ASN A 4 35.11 -6.41 2.31
C ASN A 4 34.45 -5.90 3.57
N PRO A 5 35.22 -5.72 4.66
CA PRO A 5 34.70 -5.22 5.93
C PRO A 5 34.12 -3.83 5.79
N MET A 6 32.80 -3.75 5.76
CA MET A 6 32.11 -2.47 5.60
C MET A 6 32.17 -1.66 6.89
N VAL A 7 33.36 -1.13 7.18
CA VAL A 7 33.56 -0.29 8.33
C VAL A 7 33.21 1.16 7.99
N ILE A 8 33.12 1.44 6.70
CA ILE A 8 32.79 2.78 6.25
C ILE A 8 31.56 2.75 5.34
N ASN A 9 30.41 3.00 5.94
CA ASN A 9 29.19 3.23 5.18
C ASN A 9 28.73 4.65 5.43
N ASN A 10 29.31 5.57 4.68
CA ASN A 10 29.14 6.99 4.95
C ASN A 10 28.23 7.65 3.92
N TRP A 11 27.53 8.69 4.35
CA TRP A 11 26.66 9.45 3.47
C TRP A 11 27.48 10.30 2.51
N HIS A 12 27.14 10.25 1.24
CA HIS A 12 27.87 10.99 0.21
C HIS A 12 26.91 11.70 -0.74
N ASP A 13 25.64 11.30 -0.69
CA ASP A 13 24.63 11.81 -1.62
C ASP A 13 23.29 11.20 -1.27
N LYS A 14 23.26 9.87 -1.24
CA LYS A 14 22.07 9.11 -0.87
C LYS A 14 22.45 7.68 -0.54
N LEU A 15 21.47 6.86 -0.23
CA LEU A 15 21.70 5.45 0.05
C LEU A 15 20.91 4.61 -0.94
N THR A 16 21.19 3.31 -0.96
CA THR A 16 20.55 2.41 -1.92
C THR A 16 19.21 1.91 -1.39
N GLU A 17 18.61 0.97 -2.13
CA GLU A 17 17.27 0.46 -1.84
C GLU A 17 16.23 1.55 -2.01
N THR A 18 15.63 1.61 -3.18
CA THR A 18 14.64 2.62 -3.49
C THR A 18 13.27 2.00 -3.73
N ASP A 19 13.24 1.04 -4.62
CA ASP A 19 11.98 0.48 -5.10
C ASP A 19 12.05 -1.03 -5.08
N VAL A 20 12.12 -1.57 -3.88
CA VAL A 20 12.14 -3.01 -3.70
C VAL A 20 10.92 -3.45 -2.90
N GLN A 21 10.25 -4.49 -3.39
CA GLN A 21 9.01 -4.95 -2.80
C GLN A 21 8.95 -6.47 -2.86
N ILE A 22 8.12 -7.06 -2.01
CA ILE A 22 7.97 -8.51 -1.98
C ILE A 22 6.50 -8.89 -1.95
N ASP A 23 6.17 -10.05 -2.54
CA ASP A 23 4.81 -10.56 -2.54
C ASP A 23 4.49 -11.21 -1.19
N PHE A 24 3.35 -11.87 -1.13
CA PHE A 24 2.86 -12.48 0.10
C PHE A 24 3.68 -13.72 0.47
N TYR A 25 4.25 -14.39 -0.54
CA TYR A 25 4.95 -15.64 -0.32
C TYR A 25 6.41 -15.41 0.07
N GLY A 26 6.86 -14.17 -0.02
CA GLY A 26 8.19 -13.83 0.48
C GLY A 26 9.29 -14.21 -0.49
N ASP A 27 9.06 -14.00 -1.78
CA ASP A 27 10.09 -14.21 -2.78
C ASP A 27 10.77 -12.88 -3.08
N GLU A 28 10.24 -12.16 -4.06
CA GLU A 28 10.66 -10.78 -4.36
C GLU A 28 9.92 -10.29 -5.59
N VAL A 29 9.53 -9.04 -5.56
CA VAL A 29 8.80 -8.44 -6.67
C VAL A 29 9.55 -7.25 -7.22
N THR A 30 9.88 -7.31 -8.50
CA THR A 30 10.48 -6.20 -9.19
C THR A 30 9.55 -5.76 -10.32
N PRO A 31 9.73 -4.54 -10.86
CA PRO A 31 8.86 -4.01 -11.94
C PRO A 31 8.81 -4.89 -13.19
N VAL A 32 9.68 -5.88 -13.28
CA VAL A 32 9.65 -6.79 -14.42
C VAL A 32 8.88 -8.07 -14.07
N ASP A 33 8.32 -8.11 -12.86
CA ASP A 33 7.49 -9.21 -12.42
C ASP A 33 6.02 -8.84 -12.54
N ASP A 34 5.21 -9.78 -12.98
CA ASP A 34 3.77 -9.55 -13.06
C ASP A 34 3.13 -9.80 -11.70
N TYR A 35 2.66 -8.74 -11.07
CA TYR A 35 2.11 -8.84 -9.73
C TYR A 35 0.85 -8.00 -9.60
N VAL A 36 0.03 -8.34 -8.62
CA VAL A 36 -1.16 -7.57 -8.32
C VAL A 36 -1.25 -7.34 -6.82
N ILE A 37 -1.68 -6.16 -6.41
CA ILE A 37 -1.77 -5.84 -5.00
C ILE A 37 -3.21 -5.92 -4.52
N ASP A 38 -3.46 -6.78 -3.54
CA ASP A 38 -4.80 -6.94 -2.99
C ASP A 38 -4.91 -6.21 -1.66
N GLY A 39 -5.28 -4.95 -1.73
CA GLY A 39 -5.53 -4.17 -0.53
C GLY A 39 -4.28 -3.50 0.02
N GLY A 40 -3.13 -4.07 -0.28
CA GLY A 40 -1.89 -3.60 0.30
C GLY A 40 -0.84 -4.67 0.27
N GLU A 41 -1.29 -5.91 0.31
CA GLU A 41 -0.41 -7.05 0.14
C GLU A 41 -0.15 -7.31 -1.33
N ILE A 42 1.11 -7.45 -1.68
CA ILE A 42 1.51 -7.72 -3.04
C ILE A 42 1.51 -9.21 -3.30
N ILE A 43 1.02 -9.63 -4.44
CA ILE A 43 1.07 -11.04 -4.80
C ILE A 43 1.44 -11.19 -6.27
N LEU A 44 2.49 -11.96 -6.56
CA LEU A 44 2.81 -12.33 -7.93
C LEU A 44 1.59 -12.95 -8.59
N ARG A 45 1.46 -12.77 -9.91
CA ARG A 45 0.34 -13.35 -10.64
C ARG A 45 0.36 -14.87 -10.59
N GLU A 46 1.47 -15.44 -10.13
CA GLU A 46 1.58 -16.90 -10.05
C GLU A 46 1.04 -17.39 -8.72
N ASN A 47 0.89 -16.47 -7.78
CA ASN A 47 0.39 -16.81 -6.45
C ASN A 47 -0.94 -16.10 -6.17
N LEU A 48 -1.24 -15.12 -7.02
CA LEU A 48 -2.42 -14.27 -6.84
C LEU A 48 -3.71 -15.07 -6.96
N GLU A 49 -3.72 -16.02 -7.88
CA GLU A 49 -4.90 -16.83 -8.14
C GLU A 49 -5.46 -17.42 -6.85
N ARG A 50 -4.59 -18.06 -6.08
CA ARG A 50 -4.98 -18.66 -4.82
C ARG A 50 -5.36 -17.59 -3.79
N TYR A 51 -4.66 -16.47 -3.82
CA TYR A 51 -4.89 -15.40 -2.86
C TYR A 51 -6.28 -14.79 -3.06
N LEU A 52 -6.65 -14.56 -4.32
CA LEU A 52 -7.96 -14.02 -4.66
C LEU A 52 -9.05 -15.07 -4.44
N ARG A 53 -8.67 -16.33 -4.45
CA ARG A 53 -9.62 -17.40 -4.22
C ARG A 53 -9.90 -17.52 -2.72
N GLU A 54 -8.98 -17.02 -1.91
CA GLU A 54 -9.15 -17.05 -0.46
C GLU A 54 -9.75 -15.75 0.04
N GLN A 55 -9.06 -14.63 -0.21
CA GLN A 55 -9.49 -13.35 0.34
C GLN A 55 -10.40 -12.61 -0.63
N LEU A 56 -9.83 -12.17 -1.76
CA LEU A 56 -10.55 -11.30 -2.71
C LEU A 56 -11.32 -10.20 -1.96
N GLY A 57 -10.70 -9.68 -0.91
CA GLY A 57 -11.42 -8.79 0.00
C GLY A 57 -10.72 -7.47 0.24
N PHE A 58 -9.58 -7.26 -0.40
CA PHE A 58 -8.84 -6.01 -0.27
C PHE A 58 -8.40 -5.78 1.17
N GLU A 59 -8.22 -4.51 1.53
CA GLU A 59 -7.81 -4.13 2.87
C GLU A 59 -8.99 -3.52 3.63
N PHE A 60 -9.58 -4.30 4.51
CA PHE A 60 -10.71 -3.84 5.32
C PHE A 60 -10.21 -3.22 6.62
N LYS A 61 -10.25 -1.90 6.71
CA LYS A 61 -9.82 -1.22 7.94
C LYS A 61 -10.96 -0.44 8.56
N ASN A 62 -11.65 -1.07 9.50
CA ASN A 62 -12.77 -0.43 10.19
C ASN A 62 -12.25 0.42 11.35
N ALA A 63 -11.59 1.52 10.98
CA ALA A 63 -11.06 2.49 11.94
C ALA A 63 -10.06 1.84 12.90
N GLN A 64 -10.57 1.32 13.99
CA GLN A 64 -9.74 0.77 15.06
C GLN A 64 -10.50 -0.33 15.80
N LEU A 65 -11.55 -0.83 15.17
CA LEU A 65 -12.43 -1.81 15.81
C LEU A 65 -11.73 -3.15 15.98
N GLU A 66 -11.52 -3.55 17.22
CA GLU A 66 -10.97 -4.85 17.53
C GLU A 66 -12.05 -5.91 17.46
N HIS A 67 -12.24 -6.47 16.28
CA HIS A 67 -13.16 -7.58 16.08
C HIS A 67 -12.55 -8.56 15.09
N HIS A 68 -11.26 -8.82 15.25
CA HIS A 68 -10.56 -9.78 14.41
C HIS A 68 -11.06 -11.19 14.73
N HIS A 69 -11.58 -11.86 13.70
CA HIS A 69 -12.20 -13.19 13.83
C HIS A 69 -13.55 -13.09 14.53
N HIS A 70 -14.49 -13.91 14.09
CA HIS A 70 -15.80 -13.96 14.71
C HIS A 70 -15.79 -14.91 15.90
N HIS A 71 -16.94 -15.05 16.55
CA HIS A 71 -17.07 -16.00 17.65
C HIS A 71 -16.98 -17.42 17.10
N HIS A 72 -17.51 -17.60 15.88
CA HIS A 72 -17.47 -18.88 15.18
C HIS A 72 -18.26 -19.93 15.94
N MET B 1 18.93 -12.31 39.50
CA MET B 1 18.16 -11.92 38.29
C MET B 1 16.98 -12.86 38.10
N VAL B 2 15.77 -12.31 38.23
CA VAL B 2 14.55 -13.08 37.99
C VAL B 2 13.60 -12.30 37.10
N GLU B 3 14.06 -11.14 36.64
CA GLU B 3 13.26 -10.29 35.77
C GLU B 3 14.01 -10.04 34.47
N ASN B 4 13.33 -9.43 33.51
CA ASN B 4 13.97 -9.04 32.26
C ASN B 4 14.37 -7.58 32.31
N PRO B 5 15.40 -7.19 31.52
CA PRO B 5 15.88 -5.80 31.45
C PRO B 5 14.73 -4.79 31.41
N MET B 6 14.64 -4.01 32.48
CA MET B 6 13.55 -3.06 32.65
C MET B 6 13.66 -1.89 31.68
N VAL B 7 12.63 -1.06 31.65
CA VAL B 7 12.60 0.08 30.74
C VAL B 7 13.64 1.14 31.15
N ILE B 8 14.58 1.39 30.26
CA ILE B 8 15.57 2.43 30.46
C ILE B 8 15.55 3.40 29.28
N ASN B 9 14.66 3.11 28.33
CA ASN B 9 14.50 3.96 27.16
C ASN B 9 13.81 5.26 27.54
N ASN B 10 13.81 6.22 26.63
CA ASN B 10 13.19 7.50 26.89
C ASN B 10 11.84 7.60 26.18
N TRP B 11 11.15 8.70 26.41
CA TRP B 11 9.86 8.94 25.78
C TRP B 11 10.05 9.74 24.50
N HIS B 12 9.07 9.66 23.61
CA HIS B 12 9.13 10.38 22.35
C HIS B 12 8.44 11.74 22.49
N ASP B 13 8.62 12.59 21.48
CA ASP B 13 8.12 13.95 21.53
C ASP B 13 6.60 13.99 21.35
N LYS B 14 6.11 13.28 20.34
CA LYS B 14 4.69 13.23 20.06
C LYS B 14 4.32 11.94 19.33
N LEU B 15 3.09 11.48 19.53
CA LEU B 15 2.62 10.25 18.90
C LEU B 15 1.61 10.58 17.80
N THR B 16 0.76 11.57 18.08
CA THR B 16 -0.28 12.04 17.16
C THR B 16 -1.18 10.88 16.70
N GLU B 17 -1.91 11.11 15.61
CA GLU B 17 -2.75 10.07 15.04
C GLU B 17 -1.89 9.07 14.27
N THR B 18 -0.65 9.47 14.00
CA THR B 18 0.34 8.62 13.36
C THR B 18 0.02 8.37 11.89
N ASP B 19 -0.88 7.45 11.62
CA ASP B 19 -1.17 7.04 10.25
C ASP B 19 -2.41 7.76 9.74
N VAL B 20 -2.19 8.93 9.15
CA VAL B 20 -3.27 9.73 8.59
C VAL B 20 -3.18 9.78 7.07
N GLN B 21 -4.32 9.61 6.41
CA GLN B 21 -4.37 9.56 4.96
C GLN B 21 -5.55 10.39 4.46
N ILE B 22 -5.73 10.42 3.14
CA ILE B 22 -6.97 10.90 2.55
C ILE B 22 -7.45 9.87 1.54
N ASP B 23 -8.75 9.66 1.48
CA ASP B 23 -9.33 8.66 0.60
C ASP B 23 -9.62 9.27 -0.77
N PHE B 24 -10.32 8.51 -1.60
CA PHE B 24 -10.68 8.92 -2.94
C PHE B 24 -11.65 10.11 -2.92
N TYR B 25 -12.46 10.19 -1.87
CA TYR B 25 -13.49 11.22 -1.79
C TYR B 25 -12.87 12.60 -1.57
N GLY B 26 -11.84 12.67 -0.74
CA GLY B 26 -11.12 13.93 -0.56
C GLY B 26 -11.36 14.58 0.78
N ASP B 27 -12.13 13.91 1.64
CA ASP B 27 -12.34 14.40 2.99
C ASP B 27 -11.06 14.23 3.80
N GLU B 28 -10.91 13.04 4.38
CA GLU B 28 -9.70 12.66 5.09
C GLU B 28 -9.92 11.32 5.78
N VAL B 29 -8.83 10.63 6.07
CA VAL B 29 -8.88 9.32 6.68
C VAL B 29 -7.95 9.24 7.89
N THR B 30 -8.54 9.26 9.07
CA THR B 30 -7.77 9.13 10.29
C THR B 30 -7.95 7.72 10.86
N PRO B 31 -7.18 7.35 11.90
CA PRO B 31 -7.30 6.03 12.54
C PRO B 31 -8.66 5.79 13.20
N VAL B 32 -9.55 6.77 13.13
CA VAL B 32 -10.88 6.64 13.68
C VAL B 32 -11.93 6.64 12.57
N ASP B 33 -11.46 6.63 11.33
CA ASP B 33 -12.34 6.58 10.18
C ASP B 33 -12.37 5.19 9.59
N ASP B 34 -13.56 4.74 9.21
CA ASP B 34 -13.71 3.45 8.55
C ASP B 34 -13.35 3.60 7.08
N TYR B 35 -12.47 2.76 6.58
CA TYR B 35 -12.08 2.84 5.19
C TYR B 35 -11.54 1.51 4.68
N VAL B 36 -11.55 1.35 3.38
CA VAL B 36 -11.06 0.15 2.74
C VAL B 36 -10.17 0.51 1.57
N ILE B 37 -9.07 -0.19 1.44
CA ILE B 37 -8.12 0.10 0.38
C ILE B 37 -8.23 -0.92 -0.74
N ASP B 38 -8.73 -0.48 -1.89
CA ASP B 38 -8.89 -1.36 -3.05
C ASP B 38 -7.58 -1.48 -3.80
N GLY B 39 -6.74 -2.40 -3.32
CA GLY B 39 -5.48 -2.67 -3.96
C GLY B 39 -4.42 -1.61 -3.74
N GLY B 40 -4.85 -0.43 -3.29
CA GLY B 40 -3.96 0.70 -3.18
C GLY B 40 -4.71 2.00 -3.21
N GLU B 41 -5.92 1.96 -3.77
CA GLU B 41 -6.80 3.11 -3.77
C GLU B 41 -7.55 3.16 -2.45
N ILE B 42 -7.39 4.25 -1.72
CA ILE B 42 -8.03 4.39 -0.42
C ILE B 42 -9.41 5.03 -0.59
N ILE B 43 -10.43 4.42 0.00
CA ILE B 43 -11.77 4.99 -0.05
C ILE B 43 -12.40 4.94 1.33
N LEU B 44 -13.06 6.02 1.73
CA LEU B 44 -13.88 6.01 2.94
C LEU B 44 -14.90 4.91 2.84
N ARG B 45 -15.23 4.30 3.96
CA ARG B 45 -16.21 3.24 3.98
C ARG B 45 -17.59 3.81 3.70
N GLU B 46 -17.71 5.13 3.75
CA GLU B 46 -18.98 5.80 3.46
C GLU B 46 -19.12 6.08 1.96
N ASN B 47 -18.03 5.91 1.22
CA ASN B 47 -18.05 6.10 -0.23
C ASN B 47 -17.56 4.83 -0.92
N LEU B 48 -17.24 3.83 -0.11
CA LEU B 48 -16.62 2.61 -0.57
C LEU B 48 -17.59 1.78 -1.42
N GLU B 49 -18.77 1.55 -0.87
CA GLU B 49 -19.77 0.66 -1.46
C GLU B 49 -19.96 0.91 -2.95
N ARG B 50 -20.25 2.16 -3.29
CA ARG B 50 -20.56 2.51 -4.67
C ARG B 50 -19.28 2.58 -5.52
N TYR B 51 -18.17 3.00 -4.93
CA TYR B 51 -16.93 3.12 -5.69
C TYR B 51 -16.40 1.73 -6.06
N LEU B 52 -16.50 0.78 -5.14
CA LEU B 52 -16.13 -0.60 -5.44
C LEU B 52 -17.05 -1.14 -6.51
N ARG B 53 -18.32 -0.78 -6.43
CA ARG B 53 -19.32 -1.16 -7.40
C ARG B 53 -18.86 -0.75 -8.81
N GLU B 54 -18.16 0.38 -8.88
CA GLU B 54 -17.67 0.90 -10.15
C GLU B 54 -16.30 0.32 -10.51
N GLN B 55 -15.42 0.14 -9.52
CA GLN B 55 -14.05 -0.24 -9.83
C GLN B 55 -13.82 -1.73 -9.64
N LEU B 56 -13.88 -2.22 -8.40
CA LEU B 56 -13.43 -3.58 -8.07
C LEU B 56 -12.14 -3.91 -8.82
N GLY B 57 -11.23 -2.94 -8.85
CA GLY B 57 -10.10 -3.03 -9.75
C GLY B 57 -8.80 -3.39 -9.07
N PHE B 58 -8.76 -3.30 -7.75
CA PHE B 58 -7.53 -3.59 -6.99
C PHE B 58 -6.42 -2.65 -7.46
N GLU B 59 -5.18 -3.04 -7.23
CA GLU B 59 -4.07 -2.45 -7.96
C GLU B 59 -3.48 -3.51 -8.86
N PHE B 60 -3.82 -3.45 -10.13
CA PHE B 60 -3.50 -4.51 -11.07
C PHE B 60 -2.32 -4.11 -11.93
N LYS B 61 -1.18 -4.71 -11.65
CA LYS B 61 0.02 -4.38 -12.39
C LYS B 61 0.37 -5.49 -13.38
N ASN B 62 1.00 -5.10 -14.46
CA ASN B 62 1.48 -6.03 -15.47
C ASN B 62 2.87 -5.58 -15.89
N ALA B 63 3.78 -6.51 -16.10
CA ALA B 63 5.16 -6.17 -16.41
C ALA B 63 5.27 -5.60 -17.82
N GLN B 64 4.20 -5.76 -18.60
CA GLN B 64 4.12 -5.19 -19.95
C GLN B 64 5.21 -5.73 -20.85
N LEU B 65 5.68 -6.92 -20.55
CA LEU B 65 6.71 -7.57 -21.35
C LEU B 65 6.11 -8.11 -22.64
N GLU B 66 5.93 -7.22 -23.60
CA GLU B 66 5.37 -7.57 -24.89
C GLU B 66 6.39 -8.34 -25.73
N HIS B 67 7.67 -8.19 -25.35
CA HIS B 67 8.82 -8.81 -26.04
C HIS B 67 8.79 -8.59 -27.55
N HIS B 68 8.04 -7.56 -27.96
CA HIS B 68 7.91 -7.20 -29.36
C HIS B 68 9.09 -6.33 -29.78
N HIS B 69 9.64 -6.59 -30.96
CA HIS B 69 10.81 -5.86 -31.45
C HIS B 69 10.48 -4.36 -31.54
N HIS B 70 11.11 -3.59 -30.67
CA HIS B 70 10.78 -2.17 -30.51
C HIS B 70 11.69 -1.26 -31.34
N HIS B 71 11.84 -1.58 -32.62
CA HIS B 71 12.61 -0.72 -33.53
C HIS B 71 12.30 -1.09 -34.97
N HIS B 72 12.79 -0.27 -35.88
CA HIS B 72 12.61 -0.52 -37.31
C HIS B 72 13.71 -1.45 -37.81
N MET A 1 32.04 -14.91 15.99
CA MET A 1 32.44 -15.51 14.70
C MET A 1 31.80 -14.77 13.53
N VAL A 2 30.47 -14.74 13.50
CA VAL A 2 29.75 -14.15 12.38
C VAL A 2 29.03 -12.89 12.80
N GLU A 3 29.18 -12.52 14.06
CA GLU A 3 28.55 -11.32 14.60
C GLU A 3 29.17 -10.07 13.99
N ASN A 4 30.41 -9.78 14.38
CA ASN A 4 31.17 -8.64 13.85
C ASN A 4 30.49 -7.30 14.18
N PRO A 5 30.95 -6.62 15.23
CA PRO A 5 30.41 -5.33 15.63
C PRO A 5 30.80 -4.21 14.66
N MET A 6 29.86 -3.85 13.79
CA MET A 6 30.10 -2.77 12.83
C MET A 6 30.14 -1.43 13.55
N VAL A 7 31.28 -0.75 13.44
CA VAL A 7 31.49 0.53 14.13
C VAL A 7 30.88 1.69 13.35
N ILE A 8 30.65 1.47 12.06
CA ILE A 8 30.13 2.54 11.21
C ILE A 8 28.85 2.08 10.51
N ASN A 9 27.89 2.99 10.42
CA ASN A 9 26.63 2.71 9.73
C ASN A 9 26.41 3.72 8.62
N ASN A 10 25.75 3.27 7.55
CA ASN A 10 25.42 4.15 6.44
C ASN A 10 23.94 4.54 6.52
N TRP A 11 23.70 5.79 6.88
CA TRP A 11 22.34 6.27 7.01
C TRP A 11 21.89 6.97 5.73
N HIS A 12 21.15 6.26 4.89
CA HIS A 12 20.68 6.85 3.65
C HIS A 12 19.20 7.18 3.78
N ASP A 13 18.80 8.34 3.26
CA ASP A 13 17.43 8.80 3.39
C ASP A 13 16.52 8.11 2.39
N LYS A 14 15.98 6.96 2.81
CA LYS A 14 15.06 6.16 2.00
C LYS A 14 14.69 4.90 2.76
N LEU A 15 13.43 4.50 2.65
CA LEU A 15 12.97 3.27 3.29
C LEU A 15 12.99 2.12 2.29
N THR A 16 12.27 2.29 1.19
CA THR A 16 12.25 1.30 0.13
C THR A 16 13.26 1.68 -0.94
N GLU A 17 13.82 0.68 -1.61
CA GLU A 17 14.85 0.91 -2.59
C GLU A 17 14.27 0.88 -4.00
N THR A 18 14.11 2.08 -4.58
CA THR A 18 13.67 2.28 -5.96
C THR A 18 12.41 1.48 -6.32
N ASP A 19 12.60 0.29 -6.86
CA ASP A 19 11.51 -0.54 -7.34
C ASP A 19 11.60 -1.93 -6.72
N VAL A 20 12.49 -2.08 -5.76
CA VAL A 20 12.70 -3.36 -5.11
C VAL A 20 11.66 -3.58 -4.03
N GLN A 21 10.50 -4.08 -4.44
CA GLN A 21 9.40 -4.35 -3.54
C GLN A 21 9.28 -5.85 -3.30
N ILE A 22 8.63 -6.24 -2.22
CA ILE A 22 8.42 -7.67 -1.95
C ILE A 22 6.93 -7.94 -1.75
N ASP A 23 6.49 -9.10 -2.20
CA ASP A 23 5.09 -9.47 -2.11
C ASP A 23 4.78 -10.14 -0.78
N PHE A 24 3.53 -10.56 -0.63
CA PHE A 24 3.05 -11.25 0.55
C PHE A 24 3.87 -12.51 0.84
N TYR A 25 4.26 -13.20 -0.23
CA TYR A 25 4.99 -14.45 -0.11
C TYR A 25 6.36 -14.24 0.52
N GLY A 26 7.06 -13.19 0.10
CA GLY A 26 8.38 -12.92 0.64
C GLY A 26 9.43 -13.00 -0.44
N ASP A 27 9.00 -12.95 -1.69
CA ASP A 27 9.92 -12.98 -2.82
C ASP A 27 10.01 -11.60 -3.43
N GLU A 28 11.09 -11.33 -4.16
CA GLU A 28 11.29 -10.02 -4.74
C GLU A 28 10.38 -9.81 -5.92
N VAL A 29 9.72 -8.67 -5.93
CA VAL A 29 8.85 -8.29 -7.01
C VAL A 29 9.52 -7.19 -7.84
N THR A 30 10.16 -7.59 -8.91
CA THR A 30 10.84 -6.64 -9.78
C THR A 30 9.93 -6.31 -10.96
N PRO A 31 10.30 -5.34 -11.81
CA PRO A 31 9.52 -5.02 -13.03
C PRO A 31 9.45 -6.19 -14.01
N VAL A 32 10.20 -7.24 -13.72
CA VAL A 32 10.21 -8.45 -14.54
C VAL A 32 9.27 -9.50 -13.95
N ASP A 33 8.63 -9.15 -12.83
CA ASP A 33 7.73 -10.06 -12.15
C ASP A 33 6.28 -9.65 -12.35
N ASP A 34 5.45 -10.61 -12.73
CA ASP A 34 4.02 -10.37 -12.90
C ASP A 34 3.33 -10.44 -11.54
N TYR A 35 2.90 -9.29 -11.05
CA TYR A 35 2.32 -9.20 -9.72
C TYR A 35 1.04 -8.39 -9.73
N VAL A 36 0.27 -8.52 -8.68
CA VAL A 36 -0.96 -7.74 -8.52
C VAL A 36 -1.03 -7.22 -7.08
N ILE A 37 -1.56 -6.02 -6.91
CA ILE A 37 -1.64 -5.41 -5.60
C ILE A 37 -3.07 -5.43 -5.07
N ASP A 38 -3.21 -6.18 -3.98
CA ASP A 38 -4.49 -6.43 -3.32
C ASP A 38 -4.52 -5.70 -1.99
N GLY A 39 -4.99 -4.46 -2.03
CA GLY A 39 -5.16 -3.69 -0.82
C GLY A 39 -3.86 -3.10 -0.31
N GLY A 40 -3.03 -2.61 -1.20
CA GLY A 40 -1.75 -2.06 -0.80
C GLY A 40 -0.70 -3.14 -0.59
N GLU A 41 -1.17 -4.37 -0.45
CA GLU A 41 -0.29 -5.50 -0.31
C GLU A 41 0.04 -6.08 -1.68
N ILE A 42 1.29 -6.42 -1.87
CA ILE A 42 1.76 -6.94 -3.15
C ILE A 42 1.72 -8.46 -3.12
N ILE A 43 1.31 -9.07 -4.21
CA ILE A 43 1.30 -10.53 -4.28
C ILE A 43 1.78 -10.98 -5.66
N LEU A 44 2.77 -11.86 -5.69
CA LEU A 44 3.14 -12.51 -6.94
C LEU A 44 1.93 -13.22 -7.51
N ARG A 45 1.83 -13.25 -8.84
CA ARG A 45 0.74 -13.95 -9.50
C ARG A 45 0.75 -15.43 -9.12
N GLU A 46 1.90 -15.91 -8.62
CA GLU A 46 2.06 -17.32 -8.31
C GLU A 46 1.11 -17.76 -7.18
N ASN A 47 1.01 -16.94 -6.15
CA ASN A 47 0.16 -17.26 -5.01
C ASN A 47 -1.04 -16.32 -4.98
N LEU A 48 -1.18 -15.52 -6.02
CA LEU A 48 -2.25 -14.52 -6.10
C LEU A 48 -3.62 -15.18 -6.17
N GLU A 49 -3.68 -16.33 -6.84
CA GLU A 49 -4.93 -17.07 -6.98
C GLU A 49 -5.51 -17.38 -5.61
N ARG A 50 -4.62 -17.62 -4.65
CA ARG A 50 -4.99 -17.88 -3.27
C ARG A 50 -5.62 -16.64 -2.65
N TYR A 51 -4.89 -15.52 -2.73
CA TYR A 51 -5.31 -14.29 -2.07
C TYR A 51 -6.62 -13.78 -2.66
N LEU A 52 -6.74 -13.82 -3.98
CA LEU A 52 -7.96 -13.38 -4.64
C LEU A 52 -9.11 -14.32 -4.33
N ARG A 53 -8.80 -15.58 -4.08
CA ARG A 53 -9.83 -16.55 -3.74
C ARG A 53 -10.36 -16.28 -2.34
N GLU A 54 -9.54 -15.66 -1.49
CA GLU A 54 -9.95 -15.37 -0.13
C GLU A 54 -10.72 -14.04 -0.03
N GLN A 55 -10.03 -12.91 -0.24
CA GLN A 55 -10.69 -11.61 -0.07
C GLN A 55 -11.02 -10.96 -1.42
N LEU A 56 -10.33 -11.39 -2.46
CA LEU A 56 -10.61 -10.97 -3.83
C LEU A 56 -10.37 -9.47 -4.04
N GLY A 57 -9.26 -8.96 -3.53
CA GLY A 57 -8.85 -7.60 -3.85
C GLY A 57 -9.43 -6.56 -2.90
N PHE A 58 -10.38 -6.97 -2.08
CA PHE A 58 -11.03 -6.05 -1.17
C PHE A 58 -10.37 -6.11 0.21
N GLU A 59 -9.57 -5.11 0.55
CA GLU A 59 -9.01 -5.08 1.89
C GLU A 59 -9.90 -4.24 2.80
N PHE A 60 -10.66 -4.94 3.63
CA PHE A 60 -11.53 -4.29 4.59
C PHE A 60 -10.71 -3.85 5.81
N LYS A 61 -10.54 -2.55 5.93
CA LYS A 61 -9.74 -1.98 7.01
C LYS A 61 -10.63 -1.25 8.02
N ASN A 62 -10.82 -1.88 9.17
CA ASN A 62 -11.54 -1.24 10.26
C ASN A 62 -10.65 -0.22 10.92
N ALA A 63 -11.23 0.61 11.77
CA ALA A 63 -10.47 1.59 12.56
C ALA A 63 -9.62 0.90 13.63
N GLN A 64 -9.14 -0.31 13.32
CA GLN A 64 -8.34 -1.13 14.23
C GLN A 64 -9.13 -1.44 15.51
N LEU A 65 -10.44 -1.25 15.47
CA LEU A 65 -11.25 -1.38 16.66
C LEU A 65 -11.77 -2.81 16.83
N GLU A 66 -11.02 -3.60 17.58
CA GLU A 66 -11.50 -4.88 18.04
C GLU A 66 -12.35 -4.61 19.27
N HIS A 67 -11.69 -4.17 20.33
CA HIS A 67 -12.32 -3.51 21.47
C HIS A 67 -13.37 -4.38 22.16
N HIS A 68 -13.24 -5.70 22.03
CA HIS A 68 -14.13 -6.59 22.73
C HIS A 68 -13.49 -7.08 24.01
N HIS A 69 -14.25 -7.09 25.08
CA HIS A 69 -13.79 -7.63 26.35
C HIS A 69 -13.68 -9.13 26.21
N HIS A 70 -12.46 -9.64 26.22
CA HIS A 70 -12.18 -11.02 25.88
C HIS A 70 -12.60 -11.95 27.01
N HIS A 71 -13.88 -12.25 27.02
CA HIS A 71 -14.51 -13.13 28.00
C HIS A 71 -16.00 -13.15 27.74
N HIS A 72 -16.54 -11.98 27.44
CA HIS A 72 -17.98 -11.78 27.28
C HIS A 72 -18.66 -12.02 28.64
N MET B 1 33.55 34.15 22.32
CA MET B 1 33.18 32.74 22.57
C MET B 1 31.72 32.51 22.19
N VAL B 2 31.52 31.74 21.13
CA VAL B 2 30.18 31.43 20.65
C VAL B 2 30.10 29.97 20.21
N GLU B 3 30.92 29.14 20.84
CA GLU B 3 31.04 27.74 20.44
C GLU B 3 29.89 26.91 21.03
N ASN B 4 28.71 27.09 20.44
CA ASN B 4 27.54 26.32 20.81
C ASN B 4 26.40 26.62 19.84
N PRO B 5 26.25 25.78 18.80
CA PRO B 5 25.20 25.95 17.80
C PRO B 5 23.82 25.89 18.43
N MET B 6 23.12 27.02 18.41
CA MET B 6 21.82 27.11 19.05
C MET B 6 20.72 26.70 18.08
N VAL B 7 21.05 26.67 16.80
CA VAL B 7 20.10 26.31 15.76
C VAL B 7 19.76 24.82 15.81
N ILE B 8 20.69 24.03 16.33
CA ILE B 8 20.50 22.58 16.41
C ILE B 8 19.79 22.19 17.72
N ASN B 9 19.53 23.20 18.55
CA ASN B 9 18.90 22.97 19.85
C ASN B 9 17.38 23.04 19.75
N ASN B 10 16.90 23.31 18.55
CA ASN B 10 15.46 23.33 18.29
C ASN B 10 15.13 22.40 17.13
N TRP B 11 16.07 21.52 16.82
CA TRP B 11 15.94 20.66 15.66
C TRP B 11 15.06 19.46 15.96
N HIS B 12 13.90 19.41 15.31
CA HIS B 12 12.97 18.31 15.50
C HIS B 12 12.21 18.04 14.20
N ASP B 13 12.11 16.77 13.84
CA ASP B 13 11.41 16.35 12.63
C ASP B 13 11.29 14.83 12.63
N LYS B 14 11.26 14.21 11.44
CA LYS B 14 11.26 12.76 11.28
C LYS B 14 9.89 12.15 11.57
N LEU B 15 9.48 12.21 12.83
CA LEU B 15 8.25 11.58 13.28
C LEU B 15 7.07 12.55 13.19
N THR B 16 7.23 13.58 12.37
CA THR B 16 6.21 14.61 12.22
C THR B 16 4.91 14.04 11.69
N GLU B 17 4.99 13.19 10.67
CA GLU B 17 3.81 12.56 10.11
C GLU B 17 3.51 11.26 10.85
N THR B 18 2.33 11.17 11.46
CA THR B 18 1.99 10.02 12.27
C THR B 18 1.32 8.90 11.45
N ASP B 19 0.01 9.02 11.22
CA ASP B 19 -0.74 7.97 10.51
C ASP B 19 -1.82 8.57 9.62
N VAL B 20 -1.58 9.77 9.13
CA VAL B 20 -2.58 10.48 8.34
C VAL B 20 -2.66 9.97 6.90
N GLN B 21 -3.58 9.04 6.66
CA GLN B 21 -3.91 8.61 5.32
C GLN B 21 -5.23 9.26 4.88
N ILE B 22 -5.44 9.37 3.58
CA ILE B 22 -6.66 9.98 3.09
C ILE B 22 -7.31 9.10 2.03
N ASP B 23 -8.64 9.14 1.97
CA ASP B 23 -9.39 8.39 0.99
C ASP B 23 -9.27 9.01 -0.40
N PHE B 24 -10.13 8.58 -1.30
CA PHE B 24 -10.16 9.06 -2.67
C PHE B 24 -10.62 10.53 -2.73
N TYR B 25 -11.56 10.90 -1.87
CA TYR B 25 -12.21 12.19 -1.96
C TYR B 25 -11.49 13.28 -1.18
N GLY B 26 -10.90 12.93 -0.04
CA GLY B 26 -10.18 13.91 0.74
C GLY B 26 -10.88 14.25 2.04
N ASP B 27 -11.40 13.23 2.71
CA ASP B 27 -12.08 13.43 3.99
C ASP B 27 -11.08 13.26 5.13
N GLU B 28 -9.89 12.78 4.77
CA GLU B 28 -8.82 12.47 5.73
C GLU B 28 -9.26 11.32 6.64
N VAL B 29 -8.83 10.12 6.29
CA VAL B 29 -9.29 8.92 6.98
C VAL B 29 -8.30 8.51 8.06
N THR B 30 -8.64 8.81 9.30
CA THR B 30 -7.80 8.44 10.42
C THR B 30 -8.29 7.12 11.03
N PRO B 31 -7.47 6.49 11.91
CA PRO B 31 -7.81 5.23 12.58
C PRO B 31 -9.02 5.33 13.53
N VAL B 32 -9.84 6.36 13.33
CA VAL B 32 -11.07 6.51 14.09
C VAL B 32 -12.27 6.07 13.25
N ASP B 33 -12.08 6.06 11.93
CA ASP B 33 -13.14 5.73 11.00
C ASP B 33 -12.80 4.44 10.25
N ASP B 34 -13.77 3.90 9.54
CA ASP B 34 -13.57 2.65 8.81
C ASP B 34 -13.40 2.94 7.32
N TYR B 35 -12.59 2.13 6.66
CA TYR B 35 -12.36 2.30 5.24
C TYR B 35 -12.03 0.97 4.57
N VAL B 36 -11.99 0.98 3.25
CA VAL B 36 -11.61 -0.20 2.49
C VAL B 36 -10.67 0.21 1.37
N ILE B 37 -9.66 -0.59 1.13
CA ILE B 37 -8.69 -0.30 0.10
C ILE B 37 -8.95 -1.14 -1.15
N ASP B 38 -9.24 -0.46 -2.26
CA ASP B 38 -9.46 -1.14 -3.54
C ASP B 38 -8.14 -1.28 -4.27
N GLY B 39 -7.43 -2.36 -3.96
CA GLY B 39 -6.14 -2.61 -4.58
C GLY B 39 -5.03 -1.72 -4.04
N GLY B 40 -5.36 -0.47 -3.73
CA GLY B 40 -4.37 0.50 -3.34
C GLY B 40 -4.99 1.85 -3.03
N GLU B 41 -6.14 2.11 -3.63
CA GLU B 41 -6.87 3.33 -3.37
C GLU B 41 -7.69 3.18 -2.09
N ILE B 42 -7.58 4.15 -1.20
CA ILE B 42 -8.30 4.14 0.06
C ILE B 42 -9.68 4.77 -0.12
N ILE B 43 -10.72 4.04 0.24
CA ILE B 43 -12.07 4.59 0.20
C ILE B 43 -12.71 4.52 1.58
N LEU B 44 -13.11 5.67 2.10
CA LEU B 44 -13.87 5.73 3.34
C LEU B 44 -15.16 4.91 3.17
N ARG B 45 -15.50 4.16 4.20
CA ARG B 45 -16.65 3.24 4.16
C ARG B 45 -17.96 3.93 3.80
N GLU B 46 -18.01 5.25 3.91
CA GLU B 46 -19.25 5.99 3.71
C GLU B 46 -19.64 6.06 2.24
N ASN B 47 -18.66 6.03 1.34
CA ASN B 47 -18.93 6.08 -0.09
C ASN B 47 -18.27 4.89 -0.77
N LEU B 48 -18.04 3.85 0.01
CA LEU B 48 -17.39 2.64 -0.47
C LEU B 48 -18.27 1.89 -1.45
N GLU B 49 -19.54 1.75 -1.08
CA GLU B 49 -20.52 1.01 -1.87
C GLU B 49 -20.53 1.49 -3.31
N ARG B 50 -20.56 2.80 -3.48
CA ARG B 50 -20.60 3.39 -4.81
C ARG B 50 -19.30 3.16 -5.57
N TYR B 51 -18.17 3.33 -4.88
CA TYR B 51 -16.87 3.24 -5.53
C TYR B 51 -16.60 1.80 -5.98
N LEU B 52 -16.87 0.83 -5.12
CA LEU B 52 -16.66 -0.57 -5.46
C LEU B 52 -17.62 -1.02 -6.54
N ARG B 53 -18.80 -0.42 -6.58
CA ARG B 53 -19.79 -0.73 -7.60
C ARG B 53 -19.26 -0.36 -8.99
N GLU B 54 -18.61 0.79 -9.08
CA GLU B 54 -18.18 1.32 -10.35
C GLU B 54 -16.75 0.91 -10.70
N GLN B 55 -15.90 0.65 -9.71
CA GLN B 55 -14.53 0.29 -9.99
C GLN B 55 -14.30 -1.21 -9.85
N LEU B 56 -14.40 -1.73 -8.62
CA LEU B 56 -14.11 -3.14 -8.32
C LEU B 56 -12.88 -3.59 -9.12
N GLY B 57 -11.89 -2.70 -9.18
CA GLY B 57 -10.77 -2.90 -10.10
C GLY B 57 -9.50 -3.38 -9.43
N PHE B 58 -9.27 -2.94 -8.19
CA PHE B 58 -8.04 -3.29 -7.46
C PHE B 58 -6.82 -2.70 -8.19
N GLU B 59 -5.62 -3.14 -7.86
CA GLU B 59 -4.46 -2.68 -8.62
C GLU B 59 -3.83 -3.86 -9.34
N PHE B 60 -4.10 -3.96 -10.63
CA PHE B 60 -3.67 -5.09 -11.43
C PHE B 60 -2.45 -4.72 -12.25
N LYS B 61 -1.39 -5.48 -12.09
CA LYS B 61 -0.14 -5.21 -12.79
C LYS B 61 0.33 -6.45 -13.52
N ASN B 62 1.42 -6.31 -14.25
CA ASN B 62 2.09 -7.41 -14.91
C ASN B 62 3.46 -6.93 -15.37
N ALA B 63 4.30 -7.84 -15.82
CA ALA B 63 5.66 -7.49 -16.23
C ALA B 63 5.69 -6.85 -17.61
N GLN B 64 4.59 -7.02 -18.35
CA GLN B 64 4.49 -6.51 -19.73
C GLN B 64 5.58 -7.10 -20.60
N LEU B 65 6.09 -8.25 -20.20
CA LEU B 65 7.24 -8.85 -20.86
C LEU B 65 6.82 -9.62 -22.11
N GLU B 66 6.32 -8.89 -23.09
CA GLU B 66 6.04 -9.47 -24.40
C GLU B 66 7.17 -9.10 -25.36
N HIS B 67 8.18 -8.44 -24.83
CA HIS B 67 9.36 -8.08 -25.59
C HIS B 67 10.19 -9.32 -25.84
N HIS B 68 11.01 -9.30 -26.88
CA HIS B 68 11.87 -10.44 -27.17
C HIS B 68 13.03 -10.47 -26.19
N HIS B 69 13.99 -9.55 -26.39
CA HIS B 69 15.09 -9.33 -25.44
C HIS B 69 15.74 -10.65 -25.01
N HIS B 70 15.96 -11.53 -25.97
CA HIS B 70 16.47 -12.87 -25.68
C HIS B 70 17.96 -12.87 -25.40
N HIS B 71 18.41 -13.92 -24.74
CA HIS B 71 19.82 -14.10 -24.41
C HIS B 71 20.26 -15.48 -24.87
N HIS B 72 21.49 -15.61 -25.34
CA HIS B 72 21.98 -16.89 -25.82
C HIS B 72 22.52 -17.71 -24.67
N MET A 1 22.89 -16.66 -24.93
CA MET A 1 24.24 -16.44 -24.38
C MET A 1 25.16 -15.84 -25.44
N VAL A 2 25.98 -14.89 -25.05
CA VAL A 2 26.96 -14.30 -25.95
C VAL A 2 28.35 -14.35 -25.34
N GLU A 3 29.37 -14.18 -26.17
CA GLU A 3 30.73 -14.15 -25.69
C GLU A 3 31.10 -12.75 -25.25
N ASN A 4 31.08 -12.50 -23.95
CA ASN A 4 31.33 -11.18 -23.43
C ASN A 4 32.55 -11.16 -22.53
N PRO A 5 33.53 -10.32 -22.88
CA PRO A 5 34.66 -10.03 -22.01
C PRO A 5 34.42 -8.76 -21.20
N MET A 6 33.17 -8.31 -21.21
CA MET A 6 32.79 -7.04 -20.63
C MET A 6 32.44 -7.16 -19.16
N VAL A 7 33.47 -7.30 -18.33
CA VAL A 7 33.30 -7.20 -16.89
C VAL A 7 33.40 -5.72 -16.51
N ILE A 8 33.68 -4.91 -17.53
CA ILE A 8 33.83 -3.49 -17.40
C ILE A 8 32.49 -2.80 -17.64
N ASN A 9 32.04 -2.02 -16.66
CA ASN A 9 30.78 -1.28 -16.75
C ASN A 9 29.60 -2.23 -16.94
N ASN A 10 29.18 -2.85 -15.87
CA ASN A 10 28.05 -3.76 -15.91
C ASN A 10 26.76 -3.04 -15.57
N TRP A 11 25.69 -3.36 -16.30
CA TRP A 11 24.38 -2.73 -16.13
C TRP A 11 24.39 -1.27 -16.56
N HIS A 12 23.19 -0.72 -16.73
CA HIS A 12 23.01 0.70 -17.04
C HIS A 12 21.57 1.13 -16.80
N ASP A 13 20.62 0.45 -17.45
CA ASP A 13 19.21 0.82 -17.34
C ASP A 13 18.39 -0.30 -16.71
N LYS A 14 19.09 -1.28 -16.14
CA LYS A 14 18.42 -2.44 -15.56
C LYS A 14 18.60 -2.47 -14.05
N LEU A 15 18.87 -1.31 -13.46
CA LEU A 15 19.14 -1.23 -12.04
C LEU A 15 18.40 -0.05 -11.41
N THR A 16 17.65 -0.33 -10.36
CA THR A 16 16.97 0.69 -9.59
C THR A 16 17.27 0.51 -8.11
N GLU A 17 16.61 1.27 -7.26
CA GLU A 17 16.92 1.25 -5.83
C GLU A 17 15.69 1.48 -4.97
N THR A 18 15.60 0.73 -3.88
CA THR A 18 14.62 0.96 -2.81
C THR A 18 13.20 0.50 -3.18
N ASP A 19 12.79 0.72 -4.42
CA ASP A 19 11.42 0.40 -4.84
C ASP A 19 11.26 -1.09 -5.16
N VAL A 20 12.24 -1.87 -4.72
CA VAL A 20 12.23 -3.31 -4.95
C VAL A 20 11.26 -4.00 -4.00
N GLN A 21 10.10 -4.38 -4.51
CA GLN A 21 9.08 -5.03 -3.70
C GLN A 21 8.99 -6.51 -3.99
N ILE A 22 8.56 -7.27 -2.99
CA ILE A 22 8.35 -8.70 -3.15
C ILE A 22 6.88 -9.04 -2.89
N ASP A 23 6.39 -10.08 -3.56
CA ASP A 23 5.01 -10.48 -3.46
C ASP A 23 4.80 -11.39 -2.23
N PHE A 24 3.68 -12.09 -2.22
CA PHE A 24 3.31 -12.98 -1.12
C PHE A 24 4.13 -14.26 -1.15
N TYR A 25 4.60 -14.64 -2.33
CA TYR A 25 5.39 -15.85 -2.49
C TYR A 25 6.75 -15.67 -1.81
N GLY A 26 7.27 -14.45 -1.83
CA GLY A 26 8.49 -14.16 -1.12
C GLY A 26 9.73 -14.43 -1.95
N ASP A 27 9.63 -14.20 -3.24
CA ASP A 27 10.80 -14.31 -4.10
C ASP A 27 11.31 -12.93 -4.46
N GLU A 28 10.66 -12.30 -5.45
CA GLU A 28 11.02 -10.96 -5.89
C GLU A 28 10.11 -10.55 -7.04
N VAL A 29 9.64 -9.31 -7.01
CA VAL A 29 8.83 -8.82 -8.11
C VAL A 29 9.49 -7.60 -8.74
N THR A 30 9.87 -7.74 -9.99
CA THR A 30 10.46 -6.63 -10.71
C THR A 30 9.45 -6.05 -11.70
N PRO A 31 9.68 -4.83 -12.20
CA PRO A 31 8.76 -4.16 -13.13
C PRO A 31 8.62 -4.89 -14.46
N VAL A 32 9.34 -6.00 -14.62
CA VAL A 32 9.25 -6.79 -15.83
C VAL A 32 8.35 -8.01 -15.62
N ASP A 33 7.85 -8.19 -14.41
CA ASP A 33 6.94 -9.29 -14.11
C ASP A 33 5.53 -8.74 -13.83
N ASP A 34 4.64 -9.61 -13.37
CA ASP A 34 3.24 -9.25 -13.23
C ASP A 34 2.75 -9.54 -11.83
N TYR A 35 2.01 -8.61 -11.24
CA TYR A 35 1.52 -8.79 -9.88
C TYR A 35 0.28 -7.95 -9.62
N VAL A 36 -0.46 -8.32 -8.58
CA VAL A 36 -1.62 -7.57 -8.14
C VAL A 36 -1.61 -7.49 -6.61
N ILE A 37 -2.06 -6.38 -6.06
CA ILE A 37 -2.01 -6.20 -4.62
C ILE A 37 -3.39 -6.35 -3.98
N ASP A 38 -3.49 -7.24 -3.01
CA ASP A 38 -4.74 -7.48 -2.28
C ASP A 38 -4.75 -6.69 -0.99
N GLY A 39 -5.23 -5.46 -1.07
CA GLY A 39 -5.42 -4.65 0.13
C GLY A 39 -4.13 -4.00 0.63
N GLY A 40 -3.00 -4.57 0.27
CA GLY A 40 -1.73 -4.08 0.75
C GLY A 40 -0.65 -5.13 0.60
N GLU A 41 -1.06 -6.39 0.72
CA GLU A 41 -0.18 -7.51 0.47
C GLU A 41 -0.09 -7.77 -1.03
N ILE A 42 1.12 -7.74 -1.54
CA ILE A 42 1.37 -7.95 -2.97
C ILE A 42 1.38 -9.45 -3.28
N ILE A 43 0.86 -9.85 -4.43
CA ILE A 43 0.96 -11.24 -4.86
C ILE A 43 1.31 -11.31 -6.34
N LEU A 44 2.29 -12.14 -6.66
CA LEU A 44 2.66 -12.39 -8.05
C LEU A 44 1.46 -12.95 -8.81
N ARG A 45 1.30 -12.56 -10.07
CA ARG A 45 0.17 -12.98 -10.88
C ARG A 45 0.05 -14.51 -10.99
N GLU A 46 1.15 -15.19 -10.73
CA GLU A 46 1.19 -16.64 -10.85
C GLU A 46 0.47 -17.30 -9.68
N ASN A 47 0.56 -16.69 -8.52
CA ASN A 47 -0.04 -17.25 -7.30
C ASN A 47 -1.21 -16.39 -6.84
N LEU A 48 -1.48 -15.32 -7.59
CA LEU A 48 -2.51 -14.36 -7.23
C LEU A 48 -3.87 -15.01 -7.05
N GLU A 49 -4.32 -15.72 -8.08
CA GLU A 49 -5.67 -16.26 -8.09
C GLU A 49 -5.83 -17.37 -7.06
N ARG A 50 -4.72 -17.99 -6.68
CA ARG A 50 -4.75 -18.98 -5.62
C ARG A 50 -4.90 -18.29 -4.27
N TYR A 51 -4.18 -17.20 -4.10
CA TYR A 51 -4.30 -16.38 -2.90
C TYR A 51 -5.69 -15.76 -2.81
N LEU A 52 -6.24 -15.38 -3.97
CA LEU A 52 -7.59 -14.84 -4.03
C LEU A 52 -8.61 -15.90 -3.63
N ARG A 53 -8.30 -17.15 -3.96
CA ARG A 53 -9.16 -18.26 -3.58
C ARG A 53 -9.10 -18.47 -2.07
N GLU A 54 -7.98 -18.10 -1.49
CA GLU A 54 -7.78 -18.21 -0.05
C GLU A 54 -8.44 -17.03 0.66
N GLN A 55 -8.04 -15.81 0.31
CA GLN A 55 -8.55 -14.62 0.99
C GLN A 55 -9.61 -13.89 0.15
N LEU A 56 -9.19 -13.30 -0.98
CA LEU A 56 -10.05 -12.38 -1.73
C LEU A 56 -10.68 -11.36 -0.77
N GLY A 57 -9.85 -10.82 0.12
CA GLY A 57 -10.37 -10.05 1.24
C GLY A 57 -10.11 -8.57 1.14
N PHE A 58 -8.97 -8.18 0.56
CA PHE A 58 -8.56 -6.77 0.47
C PHE A 58 -8.35 -6.20 1.87
N GLU A 59 -8.25 -4.88 2.01
CA GLU A 59 -8.11 -4.30 3.33
C GLU A 59 -9.40 -3.60 3.73
N PHE A 60 -10.19 -4.25 4.58
CA PHE A 60 -11.43 -3.67 5.06
C PHE A 60 -11.29 -3.24 6.51
N LYS A 61 -11.32 -1.94 6.73
CA LYS A 61 -11.18 -1.40 8.07
C LYS A 61 -12.55 -0.99 8.62
N ASN A 62 -12.55 -0.54 9.85
CA ASN A 62 -13.77 -0.13 10.54
C ASN A 62 -13.38 0.72 11.74
N ALA A 63 -14.09 1.81 11.95
CA ALA A 63 -13.82 2.69 13.09
C ALA A 63 -14.34 2.05 14.37
N GLN A 64 -13.76 0.91 14.71
CA GLN A 64 -14.08 0.18 15.93
C GLN A 64 -13.21 0.71 17.06
N LEU A 65 -13.10 2.03 17.12
CA LEU A 65 -12.21 2.69 18.05
C LEU A 65 -12.88 2.82 19.42
N GLU A 66 -12.67 1.82 20.26
CA GLU A 66 -13.20 1.85 21.61
C GLU A 66 -12.20 2.53 22.55
N HIS A 67 -12.50 3.77 22.91
CA HIS A 67 -11.67 4.53 23.82
C HIS A 67 -11.94 4.09 25.25
N HIS A 68 -10.87 3.78 25.98
CA HIS A 68 -11.00 3.22 27.32
C HIS A 68 -11.26 4.28 28.37
N HIS A 69 -12.53 4.55 28.61
CA HIS A 69 -12.94 5.50 29.63
C HIS A 69 -13.70 4.77 30.72
N HIS A 70 -13.26 4.91 31.96
CA HIS A 70 -13.90 4.24 33.07
C HIS A 70 -14.62 5.24 33.96
N HIS A 71 -15.69 4.78 34.60
CA HIS A 71 -16.50 5.63 35.46
C HIS A 71 -16.55 5.07 36.87
N HIS A 72 -16.31 5.92 37.85
CA HIS A 72 -16.37 5.52 39.25
C HIS A 72 -17.81 5.63 39.76
N MET B 1 25.07 12.68 26.23
CA MET B 1 26.29 13.50 25.98
C MET B 1 25.91 14.97 25.81
N VAL B 2 25.15 15.27 24.77
CA VAL B 2 24.68 16.63 24.54
C VAL B 2 23.20 16.76 24.90
N GLU B 3 22.95 17.29 26.09
CA GLU B 3 21.60 17.36 26.62
C GLU B 3 21.14 18.82 26.76
N ASN B 4 21.75 19.70 25.98
CA ASN B 4 21.41 21.12 26.04
C ASN B 4 20.66 21.53 24.78
N PRO B 5 19.33 21.59 24.84
CA PRO B 5 18.51 21.93 23.70
C PRO B 5 18.31 23.44 23.54
N MET B 6 18.22 23.90 22.30
CA MET B 6 17.96 25.29 22.02
C MET B 6 16.87 25.42 20.97
N VAL B 7 15.63 25.60 21.43
CA VAL B 7 14.47 25.71 20.55
C VAL B 7 14.25 24.39 19.79
N ILE B 8 13.51 23.49 20.41
CA ILE B 8 13.28 22.17 19.84
C ILE B 8 12.06 22.14 18.94
N ASN B 9 11.62 23.32 18.51
CA ASN B 9 10.48 23.42 17.60
C ASN B 9 10.90 23.03 16.19
N ASN B 10 12.15 23.31 15.84
CA ASN B 10 12.67 23.06 14.49
C ASN B 10 11.82 23.80 13.47
N TRP B 11 11.84 23.34 12.22
CA TRP B 11 10.97 23.88 11.20
C TRP B 11 10.30 22.74 10.44
N HIS B 12 11.11 21.90 9.81
CA HIS B 12 10.58 20.71 9.12
C HIS B 12 10.16 19.65 10.14
N ASP B 13 11.05 19.41 11.12
CA ASP B 13 10.84 18.42 12.19
C ASP B 13 10.16 17.15 11.65
N LYS B 14 8.91 16.94 12.02
CA LYS B 14 8.10 15.85 11.50
C LYS B 14 6.65 16.04 11.91
N LEU B 15 5.75 15.23 11.39
CA LEU B 15 4.35 15.35 11.70
C LEU B 15 3.98 14.46 12.88
N THR B 16 3.77 15.07 14.04
CA THR B 16 3.34 14.35 15.22
C THR B 16 1.99 13.69 14.98
N GLU B 17 1.08 14.46 14.40
CA GLU B 17 -0.24 13.96 14.03
C GLU B 17 -0.10 12.95 12.90
N THR B 18 -0.11 11.67 13.27
CA THR B 18 0.07 10.59 12.32
C THR B 18 -1.27 10.03 11.86
N ASP B 19 -2.32 10.38 12.60
CA ASP B 19 -3.67 9.90 12.32
C ASP B 19 -4.30 10.68 11.18
N VAL B 20 -3.49 11.04 10.19
CA VAL B 20 -3.93 11.90 9.12
C VAL B 20 -3.64 11.27 7.77
N GLN B 21 -4.68 10.72 7.16
CA GLN B 21 -4.58 10.10 5.84
C GLN B 21 -5.83 10.44 5.04
N ILE B 22 -5.66 10.84 3.80
CA ILE B 22 -6.82 11.15 2.98
C ILE B 22 -7.15 9.98 2.06
N ASP B 23 -8.41 9.89 1.67
CA ASP B 23 -8.87 8.82 0.82
C ASP B 23 -8.83 9.25 -0.65
N PHE B 24 -9.42 8.41 -1.50
CA PHE B 24 -9.50 8.66 -2.93
C PHE B 24 -10.28 9.95 -3.22
N TYR B 25 -11.31 10.23 -2.43
CA TYR B 25 -12.18 11.36 -2.67
C TYR B 25 -11.45 12.67 -2.41
N GLY B 26 -10.58 12.70 -1.40
CA GLY B 26 -9.82 13.88 -1.11
C GLY B 26 -10.44 14.72 -0.01
N ASP B 27 -11.08 14.07 0.94
CA ASP B 27 -11.61 14.77 2.11
C ASP B 27 -10.63 14.62 3.27
N GLU B 28 -10.90 13.65 4.14
CA GLU B 28 -10.02 13.32 5.27
C GLU B 28 -10.45 12.00 5.88
N VAL B 29 -9.48 11.16 6.21
CA VAL B 29 -9.75 9.90 6.87
C VAL B 29 -8.99 9.82 8.17
N THR B 30 -9.68 10.07 9.26
CA THR B 30 -9.05 10.07 10.57
C THR B 30 -9.41 8.77 11.31
N PRO B 31 -8.85 8.52 12.52
CA PRO B 31 -9.09 7.27 13.25
C PRO B 31 -10.56 7.06 13.64
N VAL B 32 -11.37 8.09 13.48
CA VAL B 32 -12.79 7.99 13.81
C VAL B 32 -13.63 7.87 12.55
N ASP B 33 -12.97 7.58 11.44
CA ASP B 33 -13.65 7.44 10.16
C ASP B 33 -13.58 6.00 9.68
N ASP B 34 -14.57 5.61 8.89
CA ASP B 34 -14.60 4.29 8.30
C ASP B 34 -14.06 4.34 6.89
N TYR B 35 -13.06 3.53 6.62
CA TYR B 35 -12.42 3.53 5.32
C TYR B 35 -12.02 2.11 4.93
N VAL B 36 -11.82 1.91 3.65
CA VAL B 36 -11.37 0.64 3.13
C VAL B 36 -10.17 0.89 2.21
N ILE B 37 -9.20 0.00 2.24
CA ILE B 37 -8.01 0.16 1.44
C ILE B 37 -7.97 -0.87 0.31
N ASP B 38 -8.02 -0.34 -0.91
CA ASP B 38 -8.02 -1.15 -2.12
C ASP B 38 -6.62 -1.28 -2.67
N GLY B 39 -5.91 -2.29 -2.18
CA GLY B 39 -4.58 -2.58 -2.70
C GLY B 39 -3.50 -1.67 -2.13
N GLY B 40 -3.91 -0.53 -1.61
CA GLY B 40 -2.96 0.42 -1.07
C GLY B 40 -3.54 1.81 -1.02
N GLU B 41 -4.57 2.05 -1.82
CA GLU B 41 -5.25 3.33 -1.83
C GLU B 41 -6.40 3.30 -0.83
N ILE B 42 -6.61 4.42 -0.16
CA ILE B 42 -7.62 4.54 0.87
C ILE B 42 -8.90 5.11 0.29
N ILE B 43 -10.04 4.52 0.62
CA ILE B 43 -11.31 5.05 0.17
C ILE B 43 -12.25 5.23 1.35
N LEU B 44 -12.83 6.43 1.46
CA LEU B 44 -13.84 6.69 2.47
C LEU B 44 -15.04 5.78 2.21
N ARG B 45 -15.60 5.21 3.27
CA ARG B 45 -16.65 4.20 3.14
C ARG B 45 -17.97 4.77 2.60
N GLU B 46 -17.98 6.07 2.32
CA GLU B 46 -19.15 6.70 1.72
C GLU B 46 -19.03 6.71 0.20
N ASN B 47 -17.83 6.42 -0.30
CA ASN B 47 -17.58 6.35 -1.74
C ASN B 47 -17.23 4.92 -2.13
N LEU B 48 -17.07 4.06 -1.13
CA LEU B 48 -16.56 2.71 -1.33
C LEU B 48 -17.38 1.90 -2.32
N GLU B 49 -18.70 1.95 -2.22
CA GLU B 49 -19.56 1.10 -3.04
C GLU B 49 -19.33 1.35 -4.52
N ARG B 50 -19.18 2.62 -4.89
CA ARG B 50 -18.90 2.95 -6.28
C ARG B 50 -17.49 2.50 -6.65
N TYR B 51 -16.55 2.73 -5.75
CA TYR B 51 -15.15 2.40 -6.01
C TYR B 51 -14.99 0.89 -6.19
N LEU B 52 -15.75 0.11 -5.44
CA LEU B 52 -15.71 -1.34 -5.57
C LEU B 52 -16.35 -1.77 -6.88
N ARG B 53 -17.32 -1.01 -7.35
CA ARG B 53 -17.94 -1.28 -8.65
C ARG B 53 -16.93 -1.09 -9.78
N GLU B 54 -15.99 -0.18 -9.57
CA GLU B 54 -14.99 0.13 -10.58
C GLU B 54 -13.70 -0.68 -10.37
N GLN B 55 -13.19 -0.67 -9.15
CA GLN B 55 -11.91 -1.31 -8.85
C GLN B 55 -12.10 -2.65 -8.14
N LEU B 56 -12.87 -2.63 -7.05
CA LEU B 56 -13.23 -3.83 -6.30
C LEU B 56 -12.04 -4.40 -5.51
N GLY B 57 -11.33 -3.53 -4.79
CA GLY B 57 -10.34 -4.00 -3.84
C GLY B 57 -8.99 -4.33 -4.46
N PHE B 58 -9.01 -4.78 -5.71
CA PHE B 58 -7.78 -5.19 -6.38
C PHE B 58 -6.99 -3.99 -6.85
N GLU B 59 -5.74 -3.90 -6.41
CA GLU B 59 -4.82 -2.95 -7.00
C GLU B 59 -4.08 -3.67 -8.12
N PHE B 60 -4.50 -3.40 -9.34
CA PHE B 60 -4.09 -4.21 -10.47
C PHE B 60 -2.91 -3.59 -11.18
N LYS B 61 -1.81 -4.34 -11.24
CA LYS B 61 -0.63 -3.89 -11.94
C LYS B 61 -0.35 -4.80 -13.12
N ASN B 62 0.69 -4.48 -13.88
CA ASN B 62 1.05 -5.24 -15.06
C ASN B 62 2.42 -4.77 -15.54
N ALA B 63 3.18 -5.68 -16.15
CA ALA B 63 4.49 -5.33 -16.67
C ALA B 63 4.38 -4.21 -17.69
N GLN B 64 3.31 -4.26 -18.48
CA GLN B 64 2.98 -3.21 -19.44
C GLN B 64 4.08 -3.04 -20.49
N LEU B 65 4.79 -4.13 -20.76
CA LEU B 65 5.83 -4.11 -21.79
C LEU B 65 5.22 -4.35 -23.16
N GLU B 66 3.90 -4.18 -23.22
CA GLU B 66 3.15 -4.22 -24.47
C GLU B 66 3.81 -3.28 -25.48
N HIS B 67 4.23 -2.11 -24.99
CA HIS B 67 5.00 -1.15 -25.76
C HIS B 67 4.19 -0.59 -26.94
N HIS B 68 4.09 -1.38 -28.00
CA HIS B 68 3.39 -0.97 -29.21
C HIS B 68 3.17 -2.20 -30.10
N HIS B 69 3.21 -3.37 -29.47
CA HIS B 69 3.04 -4.62 -30.20
C HIS B 69 1.57 -5.02 -30.23
N HIS B 70 1.15 -5.59 -31.34
CA HIS B 70 -0.23 -6.01 -31.51
C HIS B 70 -0.35 -7.51 -31.31
N HIS B 71 -0.64 -7.90 -30.09
CA HIS B 71 -0.73 -9.31 -29.72
C HIS B 71 -2.06 -9.61 -29.03
N HIS B 72 -2.30 -8.93 -27.92
CA HIS B 72 -3.51 -9.14 -27.14
C HIS B 72 -3.64 -8.05 -26.09
N MET A 1 16.41 26.03 -14.07
CA MET A 1 16.28 27.33 -14.78
C MET A 1 15.21 27.25 -15.86
N VAL A 2 15.41 26.37 -16.83
CA VAL A 2 14.49 26.24 -17.95
C VAL A 2 13.88 24.85 -17.99
N GLU A 3 12.59 24.79 -18.33
CA GLU A 3 11.85 23.53 -18.44
C GLU A 3 11.68 22.86 -17.09
N ASN A 4 10.62 22.08 -16.94
CA ASN A 4 10.39 21.32 -15.73
C ASN A 4 11.27 20.08 -15.73
N PRO A 5 11.80 19.70 -14.55
CA PRO A 5 12.77 18.61 -14.43
C PRO A 5 12.13 17.23 -14.38
N MET A 6 11.37 16.89 -15.41
CA MET A 6 10.86 15.54 -15.54
C MET A 6 12.01 14.57 -15.80
N VAL A 7 12.01 13.46 -15.10
CA VAL A 7 13.08 12.48 -15.21
C VAL A 7 12.55 11.17 -15.78
N ILE A 8 11.33 11.21 -16.31
CA ILE A 8 10.71 10.03 -16.90
C ILE A 8 11.45 9.60 -18.18
N ASN A 9 12.21 10.53 -18.74
CA ASN A 9 13.12 10.24 -19.83
C ASN A 9 14.15 9.23 -19.36
N ASN A 10 14.11 8.02 -19.92
CA ASN A 10 14.96 6.93 -19.49
C ASN A 10 14.56 6.46 -18.08
N TRP A 11 13.25 6.58 -17.81
CA TRP A 11 12.63 6.11 -16.56
C TRP A 11 12.98 7.00 -15.37
N HIS A 12 14.24 7.01 -14.99
CA HIS A 12 14.71 7.85 -13.90
C HIS A 12 16.09 8.37 -14.22
N ASP A 13 17.09 7.51 -14.04
CA ASP A 13 18.45 7.84 -14.40
C ASP A 13 19.23 6.57 -14.70
N LYS A 14 19.26 6.23 -15.99
CA LYS A 14 19.95 5.04 -16.50
C LYS A 14 19.22 3.75 -16.13
N LEU A 15 19.12 3.48 -14.84
CA LEU A 15 18.49 2.25 -14.37
C LEU A 15 17.40 2.56 -13.36
N THR A 16 16.51 1.59 -13.16
CA THR A 16 15.53 1.66 -12.10
C THR A 16 16.07 0.97 -10.86
N GLU A 17 16.30 1.72 -9.80
CA GLU A 17 17.05 1.21 -8.66
C GLU A 17 16.39 1.61 -7.35
N THR A 18 16.70 0.86 -6.29
CA THR A 18 16.20 1.11 -4.94
C THR A 18 14.73 0.69 -4.78
N ASP A 19 13.87 1.17 -5.67
CA ASP A 19 12.46 0.80 -5.62
C ASP A 19 12.26 -0.61 -6.17
N VAL A 20 12.47 -1.59 -5.31
CA VAL A 20 12.29 -2.98 -5.66
C VAL A 20 11.26 -3.61 -4.72
N GLN A 21 10.45 -4.52 -5.22
CA GLN A 21 9.37 -5.11 -4.45
C GLN A 21 9.35 -6.62 -4.60
N ILE A 22 9.08 -7.32 -3.51
CA ILE A 22 8.87 -8.75 -3.56
C ILE A 22 7.42 -9.06 -3.21
N ASP A 23 6.90 -10.16 -3.73
CA ASP A 23 5.52 -10.53 -3.48
C ASP A 23 5.37 -11.21 -2.12
N PHE A 24 4.14 -11.59 -1.80
CA PHE A 24 3.81 -12.28 -0.57
C PHE A 24 4.62 -13.57 -0.40
N TYR A 25 4.86 -14.26 -1.50
CA TYR A 25 5.55 -15.54 -1.48
C TYR A 25 7.04 -15.36 -1.15
N GLY A 26 7.67 -14.39 -1.80
CA GLY A 26 9.09 -14.21 -1.60
C GLY A 26 9.85 -14.28 -2.91
N ASP A 27 9.12 -14.18 -4.00
CA ASP A 27 9.74 -14.13 -5.32
C ASP A 27 9.82 -12.67 -5.76
N GLU A 28 10.98 -12.25 -6.24
CA GLU A 28 11.18 -10.86 -6.57
C GLU A 28 10.33 -10.46 -7.78
N VAL A 29 9.52 -9.43 -7.59
CA VAL A 29 8.59 -9.00 -8.64
C VAL A 29 9.05 -7.68 -9.23
N THR A 30 9.55 -7.73 -10.46
CA THR A 30 10.02 -6.55 -11.15
C THR A 30 8.93 -5.99 -12.06
N PRO A 31 9.10 -4.76 -12.58
CA PRO A 31 8.12 -4.10 -13.46
C PRO A 31 7.69 -4.94 -14.67
N VAL A 32 8.47 -5.97 -15.00
CA VAL A 32 8.16 -6.82 -16.15
C VAL A 32 7.36 -8.05 -15.75
N ASP A 33 7.00 -8.14 -14.47
CA ASP A 33 6.26 -9.30 -13.98
C ASP A 33 4.82 -8.90 -13.71
N ASP A 34 3.91 -9.86 -13.84
CA ASP A 34 2.49 -9.60 -13.59
C ASP A 34 2.13 -9.98 -12.17
N TYR A 35 1.65 -9.00 -11.42
CA TYR A 35 1.29 -9.22 -10.04
C TYR A 35 0.04 -8.43 -9.70
N VAL A 36 -0.62 -8.79 -8.63
CA VAL A 36 -1.79 -8.09 -8.18
C VAL A 36 -1.69 -7.81 -6.70
N ILE A 37 -2.01 -6.59 -6.31
CA ILE A 37 -1.97 -6.20 -4.91
C ILE A 37 -3.35 -6.34 -4.28
N ASP A 38 -3.43 -7.15 -3.24
CA ASP A 38 -4.69 -7.38 -2.54
C ASP A 38 -4.83 -6.36 -1.42
N GLY A 39 -5.38 -5.20 -1.77
CA GLY A 39 -5.58 -4.14 -0.80
C GLY A 39 -4.31 -3.37 -0.48
N GLY A 40 -3.21 -4.08 -0.37
CA GLY A 40 -1.96 -3.49 0.05
C GLY A 40 -0.81 -4.47 -0.04
N GLU A 41 -1.13 -5.75 0.11
CA GLU A 41 -0.13 -6.81 -0.02
C GLU A 41 0.11 -7.16 -1.48
N ILE A 42 1.38 -7.30 -1.83
CA ILE A 42 1.78 -7.68 -3.17
C ILE A 42 1.81 -9.20 -3.30
N ILE A 43 1.24 -9.74 -4.36
CA ILE A 43 1.36 -11.17 -4.63
C ILE A 43 1.61 -11.40 -6.12
N LEU A 44 2.55 -12.28 -6.43
CA LEU A 44 2.80 -12.66 -7.82
C LEU A 44 1.59 -13.44 -8.33
N ARG A 45 1.25 -13.27 -9.60
CA ARG A 45 -0.01 -13.79 -10.13
C ARG A 45 -0.10 -15.32 -10.11
N GLU A 46 1.00 -16.00 -9.77
CA GLU A 46 0.94 -17.44 -9.58
C GLU A 46 0.25 -17.77 -8.26
N ASN A 47 0.87 -17.33 -7.16
CA ASN A 47 0.36 -17.59 -5.82
C ASN A 47 -0.87 -16.75 -5.54
N LEU A 48 -1.05 -15.74 -6.39
CA LEU A 48 -2.21 -14.86 -6.33
C LEU A 48 -3.51 -15.65 -6.29
N GLU A 49 -3.60 -16.69 -7.12
CA GLU A 49 -4.81 -17.49 -7.23
C GLU A 49 -5.18 -18.13 -5.91
N ARG A 50 -4.20 -18.67 -5.20
CA ARG A 50 -4.44 -19.31 -3.92
C ARG A 50 -4.76 -18.27 -2.85
N TYR A 51 -4.03 -17.17 -2.88
CA TYR A 51 -4.20 -16.12 -1.89
C TYR A 51 -5.58 -15.48 -2.03
N LEU A 52 -5.98 -15.19 -3.26
CA LEU A 52 -7.28 -14.57 -3.52
C LEU A 52 -8.42 -15.54 -3.26
N ARG A 53 -8.13 -16.83 -3.33
CA ARG A 53 -9.12 -17.84 -3.01
C ARG A 53 -9.40 -17.85 -1.50
N GLU A 54 -8.34 -17.84 -0.71
CA GLU A 54 -8.46 -17.91 0.74
C GLU A 54 -8.79 -16.56 1.36
N GLN A 55 -8.24 -15.48 0.80
CA GLN A 55 -8.43 -14.17 1.38
C GLN A 55 -9.55 -13.41 0.68
N LEU A 56 -9.32 -13.05 -0.59
CA LEU A 56 -10.25 -12.19 -1.33
C LEU A 56 -10.70 -11.03 -0.44
N GLY A 57 -9.75 -10.48 0.30
CA GLY A 57 -10.10 -9.60 1.39
C GLY A 57 -9.77 -8.14 1.13
N PHE A 58 -8.80 -7.87 0.24
CA PHE A 58 -8.36 -6.49 0.01
C PHE A 58 -7.90 -5.95 1.35
N GLU A 59 -7.98 -4.66 1.56
CA GLU A 59 -7.88 -4.19 2.93
C GLU A 59 -9.19 -3.58 3.40
N PHE A 60 -9.94 -4.36 4.17
CA PHE A 60 -11.17 -3.88 4.79
C PHE A 60 -10.86 -3.37 6.18
N LYS A 61 -10.80 -2.07 6.35
CA LYS A 61 -10.36 -1.50 7.62
C LYS A 61 -11.45 -0.68 8.30
N ASN A 62 -12.03 -1.28 9.33
CA ASN A 62 -13.15 -0.68 10.05
C ASN A 62 -12.65 0.44 10.96
N ALA A 63 -13.56 1.32 11.36
CA ALA A 63 -13.22 2.42 12.26
C ALA A 63 -12.62 1.89 13.57
N GLN A 64 -13.40 1.06 14.27
CA GLN A 64 -12.95 0.51 15.55
C GLN A 64 -14.01 -0.44 16.13
N LEU A 65 -14.95 -0.85 15.29
CA LEU A 65 -16.08 -1.64 15.74
C LEU A 65 -15.93 -3.09 15.28
N GLU A 66 -16.49 -4.01 16.06
CA GLU A 66 -16.45 -5.43 15.72
C GLU A 66 -17.68 -5.80 14.89
N HIS A 67 -18.46 -4.81 14.52
CA HIS A 67 -19.62 -5.03 13.67
C HIS A 67 -19.24 -4.82 12.21
N HIS A 68 -18.86 -5.90 11.54
CA HIS A 68 -18.45 -5.81 10.14
C HIS A 68 -19.67 -5.77 9.24
N HIS A 69 -19.63 -4.88 8.26
CA HIS A 69 -20.75 -4.72 7.35
C HIS A 69 -20.64 -5.70 6.20
N HIS A 70 -20.87 -6.97 6.51
CA HIS A 70 -20.80 -8.04 5.53
C HIS A 70 -21.75 -9.18 5.89
N HIS A 71 -22.83 -9.30 5.15
CA HIS A 71 -23.69 -10.48 5.24
C HIS A 71 -23.32 -11.43 4.10
N HIS A 72 -22.41 -10.95 3.26
CA HIS A 72 -21.90 -11.71 2.14
C HIS A 72 -20.45 -11.32 1.89
N MET B 1 -14.03 21.01 21.95
CA MET B 1 -14.88 22.18 22.30
C MET B 1 -14.07 23.19 23.11
N VAL B 2 -12.76 23.25 22.81
CA VAL B 2 -11.84 24.17 23.49
C VAL B 2 -11.92 23.95 25.01
N GLU B 3 -12.05 22.70 25.40
CA GLU B 3 -12.11 22.32 26.80
C GLU B 3 -10.71 22.06 27.32
N ASN B 4 -10.61 21.66 28.58
CA ASN B 4 -9.33 21.32 29.16
C ASN B 4 -8.96 19.88 28.82
N PRO B 5 -7.97 19.69 27.94
CA PRO B 5 -7.51 18.37 27.51
C PRO B 5 -6.36 17.88 28.40
N MET B 6 -6.26 18.48 29.58
CA MET B 6 -5.17 18.21 30.52
C MET B 6 -3.82 18.54 29.90
N VAL B 7 -3.47 19.82 29.94
CA VAL B 7 -2.22 20.28 29.37
C VAL B 7 -1.20 20.56 30.47
N ILE B 8 -0.19 19.70 30.55
CA ILE B 8 0.88 19.86 31.53
C ILE B 8 1.77 21.04 31.12
N ASN B 9 2.15 21.85 32.09
CA ASN B 9 3.01 22.99 31.82
C ASN B 9 4.46 22.55 31.66
N ASN B 10 4.76 22.05 30.48
CA ASN B 10 6.11 21.62 30.14
C ASN B 10 6.18 21.41 28.63
N TRP B 11 7.27 21.84 28.02
CA TRP B 11 7.46 21.72 26.58
C TRP B 11 8.09 20.38 26.24
N HIS B 12 7.95 19.44 27.17
CA HIS B 12 8.59 18.12 27.12
C HIS B 12 8.51 17.48 25.73
N ASP B 13 7.35 16.98 25.35
CA ASP B 13 7.21 16.30 24.08
C ASP B 13 6.08 16.89 23.27
N LYS B 14 6.12 16.67 21.98
CA LYS B 14 5.10 17.18 21.06
C LYS B 14 4.28 16.04 20.51
N LEU B 15 3.01 15.98 20.88
CA LEU B 15 2.16 14.88 20.48
C LEU B 15 1.48 15.16 19.13
N THR B 16 0.46 16.02 19.17
CA THR B 16 -0.37 16.36 18.01
C THR B 16 -0.95 15.11 17.32
N GLU B 17 -1.67 15.31 16.23
CA GLU B 17 -2.26 14.21 15.50
C GLU B 17 -1.53 14.02 14.18
N THR B 18 -0.48 13.23 14.22
CA THR B 18 0.39 13.01 13.07
C THR B 18 -0.19 11.96 12.12
N ASP B 19 -0.48 10.78 12.64
CA ASP B 19 -0.95 9.67 11.81
C ASP B 19 -2.42 9.84 11.46
N VAL B 20 -2.66 10.74 10.52
CA VAL B 20 -4.00 10.97 10.00
C VAL B 20 -3.98 10.73 8.49
N GLN B 21 -4.89 9.92 8.00
CA GLN B 21 -4.88 9.51 6.60
C GLN B 21 -6.01 10.20 5.83
N ILE B 22 -5.79 10.44 4.56
CA ILE B 22 -6.84 10.96 3.70
C ILE B 22 -7.24 9.93 2.67
N ASP B 23 -8.53 9.84 2.40
CA ASP B 23 -9.05 8.92 1.42
C ASP B 23 -8.80 9.46 0.00
N PHE B 24 -9.40 8.81 -0.99
CA PHE B 24 -9.26 9.22 -2.37
C PHE B 24 -10.06 10.49 -2.67
N TYR B 25 -11.12 10.72 -1.91
CA TYR B 25 -12.00 11.85 -2.15
C TYR B 25 -11.40 13.13 -1.57
N GLY B 26 -10.52 12.99 -0.58
CA GLY B 26 -9.91 14.15 0.03
C GLY B 26 -10.71 14.67 1.19
N ASP B 27 -11.62 13.83 1.70
CA ASP B 27 -12.49 14.22 2.80
C ASP B 27 -11.87 13.82 4.12
N GLU B 28 -10.77 13.06 4.02
CA GLU B 28 -9.97 12.65 5.17
C GLU B 28 -10.65 11.51 5.94
N VAL B 29 -9.86 10.54 6.36
CA VAL B 29 -10.40 9.37 7.04
C VAL B 29 -9.97 9.36 8.51
N THR B 30 -10.88 9.74 9.38
CA THR B 30 -10.62 9.72 10.80
C THR B 30 -10.91 8.32 11.36
N PRO B 31 -10.35 7.99 12.53
CA PRO B 31 -10.53 6.67 13.16
C PRO B 31 -11.96 6.45 13.66
N VAL B 32 -12.84 7.38 13.33
CA VAL B 32 -14.25 7.27 13.68
C VAL B 32 -15.06 6.86 12.44
N ASP B 33 -14.39 6.83 11.30
CA ASP B 33 -15.06 6.48 10.05
C ASP B 33 -14.44 5.20 9.48
N ASP B 34 -15.16 4.54 8.60
CA ASP B 34 -14.71 3.28 8.03
C ASP B 34 -14.12 3.52 6.65
N TYR B 35 -13.08 2.79 6.30
CA TYR B 35 -12.48 2.93 4.99
C TYR B 35 -11.96 1.61 4.50
N VAL B 36 -11.65 1.56 3.22
CA VAL B 36 -11.10 0.36 2.61
C VAL B 36 -9.97 0.76 1.68
N ILE B 37 -8.94 -0.07 1.61
CA ILE B 37 -7.82 0.23 0.75
C ILE B 37 -7.81 -0.75 -0.44
N ASP B 38 -7.96 -0.17 -1.62
CA ASP B 38 -7.99 -0.92 -2.87
C ASP B 38 -6.62 -0.87 -3.52
N GLY B 39 -5.76 -1.81 -3.14
CA GLY B 39 -4.45 -1.89 -3.76
C GLY B 39 -3.61 -0.66 -3.52
N GLY B 40 -3.59 -0.18 -2.28
CA GLY B 40 -2.80 0.98 -1.94
C GLY B 40 -3.59 2.26 -1.93
N GLU B 41 -4.80 2.21 -2.46
CA GLU B 41 -5.67 3.38 -2.52
C GLU B 41 -6.62 3.40 -1.32
N ILE B 42 -6.54 4.43 -0.50
CA ILE B 42 -7.46 4.59 0.61
C ILE B 42 -8.75 5.24 0.13
N ILE B 43 -9.88 4.58 0.31
CA ILE B 43 -11.16 5.20 -0.01
C ILE B 43 -12.09 5.11 1.19
N LEU B 44 -12.66 6.24 1.57
CA LEU B 44 -13.61 6.31 2.65
C LEU B 44 -14.88 5.56 2.26
N ARG B 45 -15.46 4.82 3.20
CA ARG B 45 -16.68 4.05 2.93
C ARG B 45 -17.84 4.94 2.50
N GLU B 46 -17.69 6.23 2.75
CA GLU B 46 -18.67 7.22 2.34
C GLU B 46 -18.91 7.16 0.83
N ASN B 47 -17.84 7.07 0.05
CA ASN B 47 -17.94 7.08 -1.41
C ASN B 47 -17.20 5.91 -2.04
N LEU B 48 -16.92 4.89 -1.21
CA LEU B 48 -16.14 3.73 -1.65
C LEU B 48 -16.86 2.93 -2.74
N GLU B 49 -18.19 2.94 -2.71
CA GLU B 49 -19.00 2.13 -3.62
C GLU B 49 -18.58 2.34 -5.08
N ARG B 50 -18.39 3.59 -5.47
CA ARG B 50 -18.06 3.90 -6.85
C ARG B 50 -16.65 3.42 -7.19
N TYR B 51 -15.74 3.52 -6.24
CA TYR B 51 -14.36 3.11 -6.49
C TYR B 51 -14.28 1.59 -6.55
N LEU B 52 -15.12 0.91 -5.78
CA LEU B 52 -15.20 -0.55 -5.84
C LEU B 52 -15.72 -1.00 -7.20
N ARG B 53 -16.54 -0.17 -7.83
CA ARG B 53 -16.99 -0.44 -9.18
C ARG B 53 -15.80 -0.42 -10.15
N GLU B 54 -14.95 0.60 -9.99
CA GLU B 54 -13.77 0.73 -10.82
C GLU B 54 -12.70 -0.31 -10.47
N GLN B 55 -12.33 -0.36 -9.20
CA GLN B 55 -11.21 -1.16 -8.76
C GLN B 55 -11.67 -2.44 -8.06
N LEU B 56 -12.29 -2.28 -6.89
CA LEU B 56 -12.82 -3.41 -6.10
C LEU B 56 -11.71 -4.13 -5.33
N GLY B 57 -10.90 -3.35 -4.63
CA GLY B 57 -9.90 -3.92 -3.73
C GLY B 57 -8.65 -4.41 -4.44
N PHE B 58 -8.84 -5.14 -5.53
CA PHE B 58 -7.73 -5.68 -6.31
C PHE B 58 -6.98 -4.56 -7.00
N GLU B 59 -5.67 -4.64 -7.02
CA GLU B 59 -4.88 -3.78 -7.88
C GLU B 59 -4.17 -4.64 -8.91
N PHE B 60 -4.71 -4.63 -10.11
CA PHE B 60 -4.21 -5.48 -11.18
C PHE B 60 -3.03 -4.82 -11.88
N LYS B 61 -1.83 -5.15 -11.42
CA LYS B 61 -0.62 -4.60 -12.02
C LYS B 61 -0.09 -5.54 -13.10
N ASN B 62 -0.64 -5.43 -14.29
CA ASN B 62 -0.21 -6.26 -15.42
C ASN B 62 1.05 -5.67 -16.06
N ALA B 63 2.11 -5.57 -15.25
CA ALA B 63 3.42 -5.06 -15.69
C ALA B 63 3.41 -3.57 -16.02
N GLN B 64 2.25 -3.05 -16.43
CA GLN B 64 2.11 -1.66 -16.86
C GLN B 64 2.86 -1.44 -18.18
N LEU B 65 3.15 -2.53 -18.86
CA LEU B 65 3.85 -2.48 -20.13
C LEU B 65 3.02 -3.12 -21.22
N GLU B 66 2.70 -2.34 -22.25
CA GLU B 66 2.03 -2.88 -23.42
C GLU B 66 3.04 -3.07 -24.54
N HIS B 67 4.14 -2.33 -24.43
CA HIS B 67 5.23 -2.38 -25.41
C HIS B 67 4.71 -2.08 -26.81
N HIS B 68 3.95 -0.99 -26.91
CA HIS B 68 3.40 -0.57 -28.19
C HIS B 68 4.50 -0.15 -29.15
N HIS B 69 4.33 -0.51 -30.42
CA HIS B 69 5.31 -0.24 -31.47
C HIS B 69 6.59 -1.04 -31.23
N HIS B 70 6.43 -2.23 -30.66
CA HIS B 70 7.53 -3.16 -30.53
C HIS B 70 7.79 -3.81 -31.89
N HIS B 71 6.72 -4.32 -32.47
CA HIS B 71 6.72 -4.84 -33.84
C HIS B 71 5.30 -5.19 -34.23
N HIS B 72 4.81 -6.31 -33.69
CA HIS B 72 3.48 -6.83 -34.00
C HIS B 72 3.30 -8.17 -33.31
N MET A 1 38.25 -1.19 18.07
CA MET A 1 39.45 -1.93 17.62
C MET A 1 39.01 -3.18 16.87
N VAL A 2 39.76 -4.27 17.00
CA VAL A 2 39.52 -5.50 16.23
C VAL A 2 38.17 -6.15 16.56
N GLU A 3 37.60 -5.82 17.71
CA GLU A 3 36.32 -6.39 18.10
C GLU A 3 35.19 -5.40 17.86
N ASN A 4 35.48 -4.37 17.10
CA ASN A 4 34.47 -3.41 16.68
C ASN A 4 34.56 -3.22 15.16
N PRO A 5 33.69 -3.91 14.41
CA PRO A 5 33.65 -3.81 12.95
C PRO A 5 33.12 -2.45 12.50
N MET A 6 34.02 -1.48 12.44
CA MET A 6 33.68 -0.15 11.94
C MET A 6 33.96 -0.09 10.45
N VAL A 7 34.99 -0.82 10.03
CA VAL A 7 35.30 -0.95 8.62
C VAL A 7 34.74 -2.27 8.12
N ILE A 8 33.44 -2.27 7.85
CA ILE A 8 32.75 -3.49 7.44
C ILE A 8 32.20 -3.35 6.04
N ASN A 9 32.33 -4.40 5.24
CA ASN A 9 31.76 -4.43 3.91
C ASN A 9 30.37 -5.01 3.94
N ASN A 10 29.36 -4.16 3.73
CA ASN A 10 27.98 -4.62 3.71
C ASN A 10 27.78 -5.63 2.59
N TRP A 11 27.13 -6.74 2.90
CA TRP A 11 26.97 -7.82 1.94
C TRP A 11 25.77 -7.59 1.03
N HIS A 12 25.69 -6.36 0.52
CA HIS A 12 24.74 -5.98 -0.50
C HIS A 12 25.40 -4.96 -1.41
N ASP A 13 26.05 -5.46 -2.46
CA ASP A 13 26.89 -4.65 -3.32
C ASP A 13 26.12 -3.53 -4.01
N LYS A 14 24.89 -3.80 -4.41
CA LYS A 14 24.10 -2.80 -5.08
C LYS A 14 22.65 -2.86 -4.63
N LEU A 15 22.02 -1.70 -4.55
CA LEU A 15 20.60 -1.60 -4.24
C LEU A 15 20.00 -0.50 -5.11
N THR A 16 19.81 -0.81 -6.38
CA THR A 16 19.29 0.14 -7.34
C THR A 16 17.77 0.17 -7.30
N GLU A 17 17.21 1.39 -7.26
CA GLU A 17 15.76 1.60 -7.20
C GLU A 17 15.23 1.24 -5.81
N THR A 18 14.23 1.97 -5.34
CA THR A 18 13.64 1.67 -4.04
C THR A 18 12.31 0.95 -4.22
N ASP A 19 11.89 0.79 -5.47
CA ASP A 19 10.64 0.13 -5.81
C ASP A 19 10.82 -1.39 -5.78
N VAL A 20 11.79 -1.84 -4.99
CA VAL A 20 12.08 -3.26 -4.87
C VAL A 20 11.11 -3.90 -3.88
N GLN A 21 9.94 -4.26 -4.39
CA GLN A 21 8.90 -4.87 -3.56
C GLN A 21 8.95 -6.38 -3.68
N ILE A 22 8.26 -7.06 -2.77
CA ILE A 22 8.15 -8.51 -2.83
C ILE A 22 6.69 -8.90 -2.84
N ASP A 23 6.38 -10.09 -3.33
CA ASP A 23 5.03 -10.62 -3.24
C ASP A 23 4.88 -11.38 -1.93
N PHE A 24 3.77 -12.11 -1.79
CA PHE A 24 3.49 -12.86 -0.57
C PHE A 24 4.39 -14.10 -0.48
N TYR A 25 4.84 -14.60 -1.62
CA TYR A 25 5.66 -15.80 -1.66
C TYR A 25 7.07 -15.52 -1.15
N GLY A 26 7.63 -14.37 -1.53
CA GLY A 26 8.97 -14.04 -1.13
C GLY A 26 9.89 -13.86 -2.31
N ASP A 27 9.32 -13.66 -3.49
CA ASP A 27 10.11 -13.42 -4.69
C ASP A 27 10.04 -11.94 -5.05
N GLU A 28 11.19 -11.32 -5.28
CA GLU A 28 11.26 -9.90 -5.59
C GLU A 28 10.47 -9.56 -6.84
N VAL A 29 9.48 -8.69 -6.66
CA VAL A 29 8.64 -8.26 -7.76
C VAL A 29 9.15 -6.96 -8.33
N THR A 30 9.60 -7.01 -9.57
CA THR A 30 10.10 -5.83 -10.24
C THR A 30 9.07 -5.33 -11.23
N PRO A 31 9.23 -4.10 -11.75
CA PRO A 31 8.32 -3.54 -12.78
C PRO A 31 8.24 -4.39 -14.05
N VAL A 32 9.08 -5.43 -14.12
CA VAL A 32 9.11 -6.32 -15.27
C VAL A 32 8.25 -7.56 -15.00
N ASP A 33 7.71 -7.66 -13.79
CA ASP A 33 6.90 -8.81 -13.39
C ASP A 33 5.44 -8.40 -13.23
N ASP A 34 4.56 -9.39 -13.16
CA ASP A 34 3.13 -9.14 -13.03
C ASP A 34 2.67 -9.42 -11.60
N TYR A 35 2.15 -8.41 -10.94
CA TYR A 35 1.68 -8.56 -9.57
C TYR A 35 0.34 -7.87 -9.38
N VAL A 36 -0.47 -8.40 -8.49
CA VAL A 36 -1.73 -7.79 -8.16
C VAL A 36 -1.80 -7.54 -6.67
N ILE A 37 -2.23 -6.35 -6.29
CA ILE A 37 -2.30 -6.00 -4.88
C ILE A 37 -3.70 -6.20 -4.34
N ASP A 38 -3.80 -7.04 -3.32
CA ASP A 38 -5.06 -7.26 -2.63
C ASP A 38 -5.11 -6.35 -1.41
N GLY A 39 -5.54 -5.11 -1.63
CA GLY A 39 -5.64 -4.15 -0.55
C GLY A 39 -4.30 -3.54 -0.15
N GLY A 40 -3.31 -4.40 0.02
CA GLY A 40 -2.02 -3.98 0.53
C GLY A 40 -0.98 -5.07 0.38
N GLU A 41 -1.43 -6.32 0.41
CA GLU A 41 -0.54 -7.45 0.17
C GLU A 41 -0.35 -7.65 -1.32
N ILE A 42 0.91 -7.75 -1.71
CA ILE A 42 1.32 -7.98 -3.08
C ILE A 42 1.43 -9.47 -3.36
N ILE A 43 0.88 -9.94 -4.46
CA ILE A 43 1.06 -11.32 -4.85
C ILE A 43 1.35 -11.41 -6.35
N LEU A 44 2.38 -12.17 -6.72
CA LEU A 44 2.62 -12.49 -8.12
C LEU A 44 1.42 -13.21 -8.70
N ARG A 45 1.22 -13.06 -10.01
CA ARG A 45 0.13 -13.75 -10.70
C ARG A 45 0.31 -15.27 -10.62
N GLU A 46 1.50 -15.69 -10.19
CA GLU A 46 1.83 -17.10 -10.11
C GLU A 46 1.07 -17.79 -8.98
N ASN A 47 0.88 -17.07 -7.88
CA ASN A 47 0.22 -17.63 -6.70
C ASN A 47 -1.00 -16.81 -6.31
N LEU A 48 -1.31 -15.82 -7.15
CA LEU A 48 -2.36 -14.86 -6.88
C LEU A 48 -3.72 -15.53 -6.73
N GLU A 49 -4.05 -16.41 -7.67
CA GLU A 49 -5.37 -17.00 -7.74
C GLU A 49 -5.73 -17.77 -6.46
N ARG A 50 -4.74 -18.44 -5.87
CA ARG A 50 -4.97 -19.17 -4.63
C ARG A 50 -5.11 -18.21 -3.45
N TYR A 51 -4.30 -17.16 -3.43
CA TYR A 51 -4.35 -16.18 -2.36
C TYR A 51 -5.70 -15.47 -2.37
N LEU A 52 -6.11 -15.02 -3.54
CA LEU A 52 -7.41 -14.38 -3.69
C LEU A 52 -8.52 -15.37 -3.35
N ARG A 53 -8.34 -16.61 -3.80
CA ARG A 53 -9.26 -17.70 -3.49
C ARG A 53 -9.63 -17.72 -2.00
N GLU A 54 -8.63 -17.47 -1.15
CA GLU A 54 -8.86 -17.40 0.27
C GLU A 54 -9.32 -16.01 0.71
N GLN A 55 -8.62 -14.96 0.29
CA GLN A 55 -8.88 -13.63 0.81
C GLN A 55 -9.96 -12.88 0.04
N LEU A 56 -9.67 -12.51 -1.22
CA LEU A 56 -10.56 -11.63 -2.01
C LEU A 56 -11.08 -10.47 -1.17
N GLY A 57 -10.29 -10.02 -0.19
CA GLY A 57 -10.84 -9.15 0.82
C GLY A 57 -10.06 -7.87 1.02
N PHE A 58 -9.01 -7.65 0.22
CA PHE A 58 -8.26 -6.39 0.26
C PHE A 58 -7.79 -6.10 1.68
N GLU A 59 -7.67 -4.83 2.01
CA GLU A 59 -7.41 -4.44 3.37
C GLU A 59 -8.64 -3.72 3.94
N PHE A 60 -9.42 -4.43 4.74
CA PHE A 60 -10.64 -3.86 5.29
C PHE A 60 -10.41 -3.36 6.70
N LYS A 61 -10.58 -2.06 6.89
CA LYS A 61 -10.40 -1.47 8.21
C LYS A 61 -11.72 -0.90 8.72
N ASN A 62 -11.83 -0.77 10.02
CA ASN A 62 -12.98 -0.17 10.64
C ASN A 62 -12.55 0.68 11.80
N ALA A 63 -13.41 1.60 12.21
CA ALA A 63 -13.12 2.47 13.35
C ALA A 63 -13.24 1.70 14.65
N GLN A 64 -14.00 0.60 14.60
CA GLN A 64 -14.28 -0.20 15.79
C GLN A 64 -15.01 0.64 16.83
N LEU A 65 -15.91 1.49 16.34
CA LEU A 65 -16.68 2.38 17.20
C LEU A 65 -17.83 1.60 17.85
N GLU A 66 -17.90 0.31 17.52
CA GLU A 66 -18.91 -0.60 18.04
C GLU A 66 -20.28 -0.29 17.43
N HIS A 67 -20.26 0.46 16.34
CA HIS A 67 -21.46 0.67 15.56
C HIS A 67 -21.67 -0.56 14.69
N HIS A 68 -22.57 -1.45 15.14
CA HIS A 68 -22.73 -2.77 14.53
C HIS A 68 -22.96 -2.67 13.02
N HIS A 69 -22.01 -3.21 12.28
CA HIS A 69 -22.07 -3.23 10.83
C HIS A 69 -22.50 -4.61 10.37
N HIS A 70 -23.58 -4.65 9.60
CA HIS A 70 -24.24 -5.89 9.25
C HIS A 70 -23.46 -6.66 8.17
N HIS A 71 -22.52 -7.49 8.62
CA HIS A 71 -21.74 -8.32 7.71
C HIS A 71 -22.36 -9.72 7.61
N HIS A 72 -23.30 -9.99 8.49
CA HIS A 72 -24.01 -11.26 8.50
C HIS A 72 -25.49 -11.01 8.78
N MET B 1 29.41 42.86 10.52
CA MET B 1 27.95 42.76 10.73
C MET B 1 27.68 41.92 11.97
N VAL B 2 26.82 42.42 12.85
CA VAL B 2 26.54 41.77 14.12
C VAL B 2 25.37 40.77 14.00
N GLU B 3 25.17 40.22 12.80
CA GLU B 3 24.06 39.33 12.56
C GLU B 3 24.52 37.99 12.01
N ASN B 4 24.07 36.91 12.66
CA ASN B 4 24.33 35.55 12.19
C ASN B 4 23.09 34.67 12.44
N PRO B 5 21.96 35.01 11.79
CA PRO B 5 20.66 34.40 12.06
C PRO B 5 20.48 33.01 11.44
N MET B 6 21.56 32.24 11.38
CA MET B 6 21.49 30.88 10.86
C MET B 6 22.37 29.96 11.72
N VAL B 7 22.56 30.35 12.97
CA VAL B 7 23.30 29.56 13.93
C VAL B 7 22.33 28.68 14.74
N ILE B 8 21.12 28.55 14.21
CA ILE B 8 20.04 27.81 14.86
C ILE B 8 20.38 26.32 14.93
N ASN B 9 20.28 25.77 16.14
CA ASN B 9 20.59 24.36 16.36
C ASN B 9 19.35 23.49 16.22
N ASN B 10 18.20 24.08 16.50
CA ASN B 10 16.94 23.35 16.48
C ASN B 10 16.38 23.26 15.06
N TRP B 11 16.26 22.05 14.55
CA TRP B 11 15.76 21.83 13.20
C TRP B 11 14.24 21.65 13.20
N HIS B 12 13.59 22.13 12.14
CA HIS B 12 12.14 22.02 12.01
C HIS B 12 11.74 21.48 10.65
N ASP B 13 10.58 20.87 10.60
CA ASP B 13 10.02 20.36 9.35
C ASP B 13 8.60 20.89 9.20
N LYS B 14 8.25 21.35 8.00
CA LYS B 14 6.94 21.95 7.76
C LYS B 14 5.82 20.99 8.14
N LEU B 15 5.70 19.90 7.41
CA LEU B 15 4.61 18.95 7.62
C LEU B 15 4.96 17.59 7.05
N THR B 16 5.12 16.61 7.92
CA THR B 16 5.22 15.23 7.51
C THR B 16 3.86 14.57 7.68
N GLU B 17 3.48 13.73 6.74
CA GLU B 17 2.15 13.13 6.74
C GLU B 17 2.00 12.16 7.90
N THR B 18 3.08 11.44 8.19
CA THR B 18 3.16 10.58 9.36
C THR B 18 2.16 9.42 9.31
N ASP B 19 0.95 9.65 9.78
CA ASP B 19 -0.08 8.60 9.79
C ASP B 19 -1.41 9.20 9.36
N VAL B 20 -1.36 10.47 8.94
CA VAL B 20 -2.54 11.19 8.52
C VAL B 20 -2.95 10.75 7.12
N GLN B 21 -3.94 9.90 7.05
CA GLN B 21 -4.35 9.28 5.81
C GLN B 21 -5.58 9.94 5.22
N ILE B 22 -5.77 9.78 3.93
CA ILE B 22 -6.91 10.34 3.21
C ILE B 22 -7.42 9.34 2.18
N ASP B 23 -8.72 9.40 1.86
CA ASP B 23 -9.31 8.55 0.85
C ASP B 23 -8.94 9.02 -0.56
N PHE B 24 -9.54 8.37 -1.54
CA PHE B 24 -9.26 8.64 -2.96
C PHE B 24 -9.72 10.03 -3.39
N TYR B 25 -10.76 10.55 -2.75
CA TYR B 25 -11.32 11.84 -3.12
C TYR B 25 -10.48 12.99 -2.55
N GLY B 26 -9.62 12.68 -1.60
CA GLY B 26 -8.69 13.67 -1.09
C GLY B 26 -9.31 14.58 -0.05
N ASP B 27 -10.22 14.04 0.74
CA ASP B 27 -10.80 14.84 1.83
C ASP B 27 -9.99 14.64 3.10
N GLU B 28 -10.33 13.60 3.87
CA GLU B 28 -9.56 13.22 5.06
C GLU B 28 -10.19 11.99 5.72
N VAL B 29 -9.36 11.05 6.14
CA VAL B 29 -9.83 9.86 6.82
C VAL B 29 -9.03 9.63 8.10
N THR B 30 -9.72 9.62 9.22
CA THR B 30 -9.07 9.45 10.51
C THR B 30 -9.39 8.07 11.08
N PRO B 31 -8.70 7.64 12.15
CA PRO B 31 -9.01 6.38 12.85
C PRO B 31 -10.43 6.34 13.42
N VAL B 32 -11.16 7.44 13.27
CA VAL B 32 -12.54 7.50 13.70
C VAL B 32 -13.47 7.13 12.54
N ASP B 33 -12.91 7.06 11.36
CA ASP B 33 -13.67 6.77 10.16
C ASP B 33 -13.51 5.31 9.75
N ASP B 34 -14.56 4.75 9.18
CA ASP B 34 -14.52 3.39 8.67
C ASP B 34 -14.08 3.41 7.21
N TYR B 35 -12.89 2.89 6.95
CA TYR B 35 -12.29 3.01 5.63
C TYR B 35 -11.72 1.67 5.16
N VAL B 36 -11.57 1.53 3.86
CA VAL B 36 -10.96 0.36 3.29
C VAL B 36 -9.76 0.77 2.44
N ILE B 37 -8.74 -0.06 2.43
CA ILE B 37 -7.55 0.19 1.64
C ILE B 37 -7.51 -0.77 0.46
N ASP B 38 -7.69 -0.20 -0.72
CA ASP B 38 -7.71 -0.96 -1.95
C ASP B 38 -6.47 -0.63 -2.78
N GLY B 39 -5.44 -1.42 -2.59
CA GLY B 39 -4.22 -1.27 -3.36
C GLY B 39 -3.37 -0.11 -2.88
N GLY B 40 -3.34 0.11 -1.58
CA GLY B 40 -2.55 1.19 -1.02
C GLY B 40 -3.34 2.48 -0.92
N GLU B 41 -4.32 2.64 -1.81
CA GLU B 41 -5.19 3.80 -1.78
C GLU B 41 -6.35 3.55 -0.82
N ILE B 42 -6.86 4.60 -0.21
CA ILE B 42 -7.88 4.48 0.82
C ILE B 42 -9.22 4.98 0.30
N ILE B 43 -10.29 4.30 0.68
CA ILE B 43 -11.62 4.75 0.34
C ILE B 43 -12.53 4.66 1.56
N LEU B 44 -13.13 5.79 1.95
CA LEU B 44 -14.12 5.78 3.01
C LEU B 44 -15.27 4.86 2.61
N ARG B 45 -15.80 4.10 3.57
CA ARG B 45 -16.83 3.09 3.30
C ARG B 45 -18.06 3.67 2.63
N GLU B 46 -18.23 4.98 2.69
CA GLU B 46 -19.41 5.63 2.14
C GLU B 46 -19.29 5.72 0.62
N ASN B 47 -18.06 5.86 0.15
CA ASN B 47 -17.79 6.07 -1.27
C ASN B 47 -17.30 4.77 -1.91
N LEU B 48 -17.06 3.76 -1.07
CA LEU B 48 -16.49 2.50 -1.52
C LEU B 48 -17.45 1.77 -2.48
N GLU B 49 -18.74 2.02 -2.31
CA GLU B 49 -19.77 1.35 -3.10
C GLU B 49 -19.53 1.56 -4.60
N ARG B 50 -19.41 2.82 -5.01
CA ARG B 50 -19.17 3.11 -6.43
C ARG B 50 -17.77 2.70 -6.83
N TYR B 51 -16.82 2.82 -5.91
CA TYR B 51 -15.44 2.45 -6.18
C TYR B 51 -15.35 0.98 -6.56
N LEU B 52 -16.12 0.15 -5.86
CA LEU B 52 -16.13 -1.27 -6.14
C LEU B 52 -16.85 -1.57 -7.45
N ARG B 53 -17.85 -0.77 -7.80
CA ARG B 53 -18.53 -0.92 -9.09
C ARG B 53 -17.56 -0.64 -10.23
N GLU B 54 -16.72 0.38 -10.05
CA GLU B 54 -15.77 0.77 -11.08
C GLU B 54 -14.53 -0.13 -11.05
N GLN B 55 -13.78 -0.06 -9.96
CA GLN B 55 -12.49 -0.75 -9.87
C GLN B 55 -12.63 -2.11 -9.18
N LEU B 56 -13.44 -2.14 -8.11
CA LEU B 56 -13.70 -3.36 -7.34
C LEU B 56 -12.54 -3.70 -6.40
N GLY B 57 -11.70 -2.71 -6.13
CA GLY B 57 -10.70 -2.86 -5.08
C GLY B 57 -9.40 -3.48 -5.54
N PHE B 58 -9.48 -4.47 -6.43
CA PHE B 58 -8.30 -5.19 -6.89
C PHE B 58 -7.39 -4.26 -7.70
N GLU B 59 -6.18 -4.03 -7.22
CA GLU B 59 -5.23 -3.25 -8.01
C GLU B 59 -4.39 -4.18 -8.87
N PHE B 60 -4.74 -4.24 -10.15
CA PHE B 60 -4.01 -5.06 -11.11
C PHE B 60 -2.82 -4.31 -11.67
N LYS B 61 -1.62 -4.76 -11.32
CA LYS B 61 -0.41 -4.11 -11.75
C LYS B 61 0.39 -5.03 -12.67
N ASN B 62 0.10 -4.96 -13.95
CA ASN B 62 0.76 -5.82 -14.92
C ASN B 62 2.10 -5.24 -15.30
N ALA B 63 3.01 -6.11 -15.72
CA ALA B 63 4.31 -5.65 -16.22
C ALA B 63 4.10 -4.74 -17.42
N GLN B 64 3.32 -5.24 -18.38
CA GLN B 64 2.93 -4.49 -19.57
C GLN B 64 4.14 -3.83 -20.22
N LEU B 65 4.86 -4.60 -21.00
CA LEU B 65 6.06 -4.11 -21.66
C LEU B 65 5.67 -3.21 -22.83
N GLU B 66 4.41 -3.34 -23.27
CA GLU B 66 3.93 -2.65 -24.46
C GLU B 66 4.90 -2.96 -25.60
N HIS B 67 5.14 -4.26 -25.78
CA HIS B 67 6.13 -4.73 -26.71
C HIS B 67 5.62 -4.57 -28.14
N HIS B 68 6.28 -3.69 -28.88
CA HIS B 68 5.89 -3.41 -30.24
C HIS B 68 7.10 -3.45 -31.16
N HIS B 69 6.94 -4.07 -32.32
CA HIS B 69 7.98 -4.02 -33.33
C HIS B 69 7.91 -2.66 -34.03
N HIS B 70 6.69 -2.17 -34.17
CA HIS B 70 6.44 -0.81 -34.62
C HIS B 70 5.04 -0.39 -34.18
N HIS B 71 4.96 0.56 -33.25
CA HIS B 71 3.67 1.08 -32.83
C HIS B 71 3.31 2.25 -33.71
N HIS B 72 2.82 1.95 -34.89
CA HIS B 72 2.59 2.95 -35.92
C HIS B 72 1.73 2.34 -37.02
N MET A 1 18.54 -7.85 -20.24
CA MET A 1 18.19 -7.11 -21.47
C MET A 1 17.97 -8.07 -22.63
N VAL A 2 17.04 -7.75 -23.51
CA VAL A 2 16.85 -8.49 -24.74
C VAL A 2 17.54 -7.77 -25.88
N GLU A 3 18.07 -8.54 -26.84
CA GLU A 3 18.88 -8.00 -27.94
C GLU A 3 20.15 -7.34 -27.40
N ASN A 4 21.24 -8.07 -27.43
CA ASN A 4 22.49 -7.61 -26.81
C ASN A 4 23.70 -7.90 -27.69
N PRO A 5 24.03 -6.96 -28.59
CA PRO A 5 25.17 -7.09 -29.50
C PRO A 5 26.46 -6.51 -28.92
N MET A 6 26.43 -6.09 -27.67
CA MET A 6 27.58 -5.47 -27.03
C MET A 6 28.31 -6.46 -26.14
N VAL A 7 29.32 -7.13 -26.70
CA VAL A 7 30.17 -8.01 -25.92
C VAL A 7 31.51 -7.35 -25.62
N ILE A 8 31.75 -6.21 -26.26
CA ILE A 8 32.95 -5.42 -26.00
C ILE A 8 32.68 -4.48 -24.83
N ASN A 9 33.61 -4.45 -23.86
CA ASN A 9 33.40 -3.71 -22.61
C ASN A 9 32.22 -4.34 -21.87
N ASN A 10 32.48 -5.47 -21.23
CA ASN A 10 31.42 -6.29 -20.66
C ASN A 10 31.27 -6.07 -19.17
N TRP A 11 30.15 -5.48 -18.78
CA TRP A 11 29.80 -5.35 -17.38
C TRP A 11 29.04 -6.58 -16.93
N HIS A 12 28.08 -6.99 -17.76
CA HIS A 12 27.24 -8.15 -17.50
C HIS A 12 26.54 -7.99 -16.16
N ASP A 13 25.89 -6.84 -15.99
CA ASP A 13 25.23 -6.49 -14.74
C ASP A 13 23.96 -7.30 -14.53
N LYS A 14 23.93 -8.08 -13.46
CA LYS A 14 22.72 -8.78 -13.06
C LYS A 14 22.18 -8.19 -11.77
N LEU A 15 22.58 -6.96 -11.47
CA LEU A 15 22.04 -6.23 -10.33
C LEU A 15 20.63 -5.77 -10.68
N THR A 16 20.37 -5.73 -11.99
CA THR A 16 19.05 -5.46 -12.54
C THR A 16 18.61 -4.01 -12.31
N GLU A 17 17.87 -3.74 -11.24
CA GLU A 17 17.28 -2.43 -11.04
C GLU A 17 17.45 -1.96 -9.59
N THR A 18 16.93 -0.78 -9.30
CA THR A 18 17.08 -0.17 -7.99
C THR A 18 15.81 -0.28 -7.15
N ASP A 19 14.67 0.00 -7.77
CA ASP A 19 13.40 -0.06 -7.06
C ASP A 19 12.88 -1.49 -7.03
N VAL A 20 13.15 -2.17 -5.93
CA VAL A 20 12.80 -3.58 -5.79
C VAL A 20 11.75 -3.78 -4.70
N GLN A 21 10.73 -4.54 -5.02
CA GLN A 21 9.64 -4.81 -4.08
C GLN A 21 9.49 -6.31 -3.89
N ILE A 22 8.65 -6.72 -2.94
CA ILE A 22 8.46 -8.15 -2.70
C ILE A 22 6.98 -8.45 -2.44
N ASP A 23 6.58 -9.69 -2.69
CA ASP A 23 5.21 -10.13 -2.50
C ASP A 23 4.96 -10.50 -1.04
N PHE A 24 3.82 -11.16 -0.80
CA PHE A 24 3.38 -11.52 0.54
C PHE A 24 4.26 -12.62 1.14
N TYR A 25 4.74 -13.54 0.32
CA TYR A 25 5.52 -14.66 0.80
C TYR A 25 6.98 -14.29 1.04
N GLY A 26 7.39 -13.17 0.50
CA GLY A 26 8.74 -12.69 0.77
C GLY A 26 9.77 -13.31 -0.16
N ASP A 27 9.40 -13.50 -1.41
CA ASP A 27 10.35 -14.00 -2.39
C ASP A 27 11.08 -12.83 -3.03
N GLU A 28 10.49 -12.26 -4.06
CA GLU A 28 10.98 -11.03 -4.69
C GLU A 28 10.13 -10.69 -5.90
N VAL A 29 9.79 -9.42 -6.04
CA VAL A 29 8.98 -8.96 -7.16
C VAL A 29 9.69 -7.88 -7.94
N THR A 30 10.07 -8.20 -9.17
CA THR A 30 10.68 -7.24 -10.04
C THR A 30 9.67 -6.80 -11.10
N PRO A 31 9.91 -5.66 -11.77
CA PRO A 31 9.03 -5.17 -12.85
C PRO A 31 8.96 -6.12 -14.06
N VAL A 32 9.56 -7.30 -13.91
CA VAL A 32 9.50 -8.32 -14.94
C VAL A 32 8.50 -9.42 -14.52
N ASP A 33 8.09 -9.38 -13.26
CA ASP A 33 7.18 -10.39 -12.72
C ASP A 33 5.74 -9.93 -12.86
N ASP A 34 4.83 -10.89 -12.97
CA ASP A 34 3.41 -10.57 -13.00
C ASP A 34 2.82 -10.76 -11.62
N TYR A 35 2.37 -9.67 -11.04
CA TYR A 35 1.79 -9.70 -9.72
C TYR A 35 0.53 -8.85 -9.69
N VAL A 36 -0.18 -8.90 -8.59
CA VAL A 36 -1.33 -8.05 -8.40
C VAL A 36 -1.31 -7.49 -7.00
N ILE A 37 -1.68 -6.24 -6.86
CA ILE A 37 -1.72 -5.62 -5.57
C ILE A 37 -3.14 -5.69 -5.02
N ASP A 38 -3.28 -6.51 -4.00
CA ASP A 38 -4.58 -6.75 -3.37
C ASP A 38 -4.85 -5.65 -2.37
N GLY A 39 -5.42 -4.56 -2.87
CA GLY A 39 -5.74 -3.42 -2.03
C GLY A 39 -4.51 -2.59 -1.68
N GLY A 40 -3.38 -3.25 -1.49
CA GLY A 40 -2.18 -2.57 -1.05
C GLY A 40 -1.03 -3.54 -0.89
N GLU A 41 -1.36 -4.79 -0.59
CA GLU A 41 -0.38 -5.84 -0.45
C GLU A 41 0.02 -6.38 -1.83
N ILE A 42 1.27 -6.79 -1.96
CA ILE A 42 1.80 -7.29 -3.22
C ILE A 42 1.77 -8.82 -3.22
N ILE A 43 1.22 -9.42 -4.27
CA ILE A 43 1.21 -10.87 -4.39
C ILE A 43 1.56 -11.29 -5.81
N LEU A 44 2.59 -12.12 -5.95
CA LEU A 44 2.87 -12.73 -7.24
C LEU A 44 1.66 -13.49 -7.73
N ARG A 45 1.47 -13.51 -9.04
CA ARG A 45 0.33 -14.22 -9.63
C ARG A 45 0.48 -15.73 -9.46
N GLU A 46 1.58 -16.16 -8.83
CA GLU A 46 1.82 -17.57 -8.60
C GLU A 46 1.05 -18.06 -7.37
N ASN A 47 0.65 -17.11 -6.51
CA ASN A 47 -0.11 -17.45 -5.31
C ASN A 47 -1.37 -16.58 -5.21
N LEU A 48 -1.47 -15.62 -6.13
CA LEU A 48 -2.56 -14.65 -6.15
C LEU A 48 -3.93 -15.30 -6.04
N GLU A 49 -4.06 -16.47 -6.66
CA GLU A 49 -5.32 -17.21 -6.70
C GLU A 49 -5.91 -17.40 -5.31
N ARG A 50 -5.07 -17.74 -4.34
CA ARG A 50 -5.53 -17.96 -2.97
C ARG A 50 -5.97 -16.64 -2.33
N TYR A 51 -5.21 -15.60 -2.60
CA TYR A 51 -5.52 -14.27 -2.10
C TYR A 51 -6.87 -13.80 -2.64
N LEU A 52 -7.13 -14.13 -3.91
CA LEU A 52 -8.39 -13.79 -4.55
C LEU A 52 -9.55 -14.61 -3.97
N ARG A 53 -9.23 -15.77 -3.43
CA ARG A 53 -10.24 -16.58 -2.77
C ARG A 53 -10.68 -15.92 -1.47
N GLU A 54 -9.74 -15.32 -0.76
CA GLU A 54 -10.05 -14.72 0.53
C GLU A 54 -10.54 -13.28 0.41
N GLN A 55 -9.67 -12.36 -0.01
CA GLN A 55 -10.04 -10.95 -0.07
C GLN A 55 -10.35 -10.48 -1.49
N LEU A 56 -9.86 -11.21 -2.47
CA LEU A 56 -10.28 -11.05 -3.88
C LEU A 56 -9.78 -9.72 -4.49
N GLY A 57 -8.72 -9.15 -3.94
CA GLY A 57 -8.16 -7.95 -4.54
C GLY A 57 -8.46 -6.69 -3.75
N PHE A 58 -9.17 -6.84 -2.64
CA PHE A 58 -9.56 -5.69 -1.83
C PHE A 58 -8.90 -5.80 -0.45
N GLU A 59 -8.22 -4.74 -0.04
CA GLU A 59 -7.59 -4.73 1.28
C GLU A 59 -8.56 -4.15 2.30
N PHE A 60 -9.18 -5.02 3.07
CA PHE A 60 -10.13 -4.61 4.07
C PHE A 60 -9.43 -4.16 5.34
N LYS A 61 -9.69 -2.92 5.72
CA LYS A 61 -9.16 -2.37 6.96
C LYS A 61 -10.28 -2.14 7.95
N ASN A 62 -9.95 -1.56 9.09
CA ASN A 62 -10.92 -1.32 10.14
C ASN A 62 -10.36 -0.31 11.11
N ALA A 63 -11.23 0.31 11.91
CA ALA A 63 -10.80 1.27 12.92
C ALA A 63 -10.00 0.58 14.02
N GLN A 64 -9.99 -0.75 13.98
CA GLN A 64 -9.24 -1.58 14.94
C GLN A 64 -9.84 -1.39 16.33
N LEU A 65 -11.14 -1.16 16.37
CA LEU A 65 -11.81 -0.85 17.61
C LEU A 65 -12.74 -1.98 18.03
N GLU A 66 -12.50 -3.19 17.53
CA GLU A 66 -13.28 -4.34 17.96
C GLU A 66 -12.87 -4.74 19.37
N HIS A 67 -13.34 -3.97 20.32
CA HIS A 67 -13.08 -4.20 21.73
C HIS A 67 -14.40 -4.17 22.47
N HIS A 68 -15.15 -3.10 22.28
CA HIS A 68 -16.51 -3.03 22.77
C HIS A 68 -17.45 -3.62 21.73
N HIS A 69 -17.35 -3.14 20.51
CA HIS A 69 -18.14 -3.66 19.40
C HIS A 69 -17.44 -4.87 18.78
N HIS A 70 -17.91 -6.06 19.12
CA HIS A 70 -17.31 -7.28 18.61
C HIS A 70 -18.09 -7.86 17.44
N HIS A 71 -17.37 -8.31 16.43
CA HIS A 71 -17.94 -9.11 15.36
C HIS A 71 -17.97 -10.55 15.83
N HIS A 72 -16.93 -10.91 16.59
CA HIS A 72 -16.80 -12.25 17.13
C HIS A 72 -16.44 -12.17 18.61
N MET B 1 21.87 27.14 30.37
CA MET B 1 22.75 27.95 29.50
C MET B 1 21.96 28.49 28.31
N VAL B 2 22.61 29.25 27.44
CA VAL B 2 21.98 29.69 26.20
C VAL B 2 22.06 28.54 25.20
N GLU B 3 21.08 27.65 25.25
CA GLU B 3 21.17 26.40 24.53
C GLU B 3 19.88 26.08 23.77
N ASN B 4 20.06 25.58 22.57
CA ASN B 4 18.97 25.06 21.77
C ASN B 4 19.53 24.04 20.77
N PRO B 5 19.79 22.81 21.25
CA PRO B 5 20.43 21.76 20.44
C PRO B 5 19.68 21.51 19.14
N MET B 6 18.36 21.49 19.22
CA MET B 6 17.52 21.30 18.04
C MET B 6 16.50 22.42 17.96
N VAL B 7 16.65 23.27 16.96
CA VAL B 7 15.71 24.37 16.74
C VAL B 7 14.31 23.82 16.47
N ILE B 8 13.35 24.24 17.28
CA ILE B 8 11.97 23.75 17.18
C ILE B 8 11.23 24.45 16.05
N ASN B 9 11.83 24.46 14.88
CA ASN B 9 11.25 25.04 13.68
C ASN B 9 11.54 24.13 12.50
N ASN B 10 10.50 23.80 11.74
CA ASN B 10 10.66 22.87 10.63
C ASN B 10 10.90 23.64 9.34
N TRP B 11 11.47 22.97 8.35
CA TRP B 11 11.78 23.63 7.08
C TRP B 11 10.63 23.50 6.10
N HIS B 12 10.19 22.27 5.91
CA HIS B 12 9.10 21.98 4.98
C HIS B 12 8.40 20.71 5.43
N ASP B 13 8.64 20.36 6.70
CA ASP B 13 8.20 19.09 7.27
C ASP B 13 6.72 19.11 7.62
N LYS B 14 6.19 20.31 7.83
CA LYS B 14 4.81 20.47 8.27
C LYS B 14 3.82 20.23 7.13
N LEU B 15 4.33 19.96 5.94
CA LEU B 15 3.48 19.79 4.76
C LEU B 15 2.64 18.51 4.87
N THR B 16 3.10 17.56 5.68
CA THR B 16 2.36 16.33 5.90
C THR B 16 1.44 16.47 7.11
N GLU B 17 1.61 17.58 7.84
CA GLU B 17 0.85 17.89 9.05
C GLU B 17 1.17 16.89 10.17
N THR B 18 0.80 15.64 9.99
CA THR B 18 1.14 14.59 10.94
C THR B 18 1.21 13.23 10.23
N ASP B 19 0.06 12.61 10.06
CA ASP B 19 -0.02 11.30 9.41
C ASP B 19 -1.46 11.09 8.95
N VAL B 20 -2.07 12.20 8.54
CA VAL B 20 -3.48 12.23 8.18
C VAL B 20 -3.72 11.55 6.84
N GLN B 21 -4.32 10.36 6.88
CA GLN B 21 -4.68 9.66 5.66
C GLN B 21 -6.07 10.08 5.21
N ILE B 22 -6.22 10.39 3.93
CA ILE B 22 -7.50 10.78 3.36
C ILE B 22 -7.93 9.76 2.32
N ASP B 23 -9.23 9.57 2.18
CA ASP B 23 -9.77 8.61 1.24
C ASP B 23 -9.79 9.19 -0.19
N PHE B 24 -10.36 8.44 -1.11
CA PHE B 24 -10.40 8.81 -2.52
C PHE B 24 -11.36 9.97 -2.76
N TYR B 25 -12.32 10.15 -1.85
CA TYR B 25 -13.28 11.23 -1.97
C TYR B 25 -12.63 12.56 -1.63
N GLY B 26 -11.87 12.58 -0.54
CA GLY B 26 -11.22 13.81 -0.12
C GLY B 26 -11.72 14.28 1.23
N ASP B 27 -12.16 13.34 2.05
CA ASP B 27 -12.64 13.67 3.39
C ASP B 27 -11.51 13.46 4.40
N GLU B 28 -11.75 12.65 5.41
CA GLU B 28 -10.73 12.30 6.39
C GLU B 28 -10.86 10.84 6.77
N VAL B 29 -9.72 10.18 6.93
CA VAL B 29 -9.71 8.82 7.42
C VAL B 29 -8.91 8.76 8.71
N THR B 30 -9.59 8.96 9.82
CA THR B 30 -8.95 8.95 11.12
C THR B 30 -8.91 7.51 11.63
N PRO B 31 -8.15 7.25 12.70
CA PRO B 31 -8.09 5.93 13.35
C PRO B 31 -9.46 5.44 13.86
N VAL B 32 -10.49 6.27 13.74
CA VAL B 32 -11.81 5.92 14.21
C VAL B 32 -12.77 5.73 13.02
N ASP B 33 -12.23 5.74 11.81
CA ASP B 33 -13.04 5.57 10.62
C ASP B 33 -12.85 4.19 10.01
N ASP B 34 -13.97 3.52 9.72
CA ASP B 34 -13.93 2.24 9.03
C ASP B 34 -13.71 2.49 7.54
N TYR B 35 -12.64 1.93 7.00
CA TYR B 35 -12.28 2.18 5.61
C TYR B 35 -11.71 0.94 4.94
N VAL B 36 -11.66 0.98 3.62
CA VAL B 36 -11.10 -0.10 2.82
C VAL B 36 -10.15 0.49 1.79
N ILE B 37 -9.09 -0.21 1.45
CA ILE B 37 -8.09 0.30 0.53
C ILE B 37 -8.10 -0.47 -0.79
N ASP B 38 -8.20 0.28 -1.90
CA ASP B 38 -8.20 -0.32 -3.23
C ASP B 38 -7.01 0.21 -4.03
N GLY B 39 -5.91 -0.49 -3.93
CA GLY B 39 -4.75 -0.19 -4.74
C GLY B 39 -3.92 0.95 -4.18
N GLY B 40 -3.74 0.95 -2.87
CA GLY B 40 -2.99 2.01 -2.22
C GLY B 40 -3.86 3.21 -1.90
N GLU B 41 -4.97 3.33 -2.62
CA GLU B 41 -5.91 4.41 -2.40
C GLU B 41 -6.91 4.02 -1.32
N ILE B 42 -7.07 4.89 -0.35
CA ILE B 42 -7.97 4.66 0.77
C ILE B 42 -9.39 5.08 0.39
N ILE B 43 -10.38 4.30 0.82
CA ILE B 43 -11.77 4.68 0.60
C ILE B 43 -12.57 4.45 1.88
N LEU B 44 -13.25 5.48 2.36
CA LEU B 44 -14.17 5.32 3.49
C LEU B 44 -15.20 4.26 3.17
N ARG B 45 -15.65 3.54 4.19
CA ARG B 45 -16.70 2.56 4.02
C ARG B 45 -17.99 3.21 3.52
N GLU B 46 -18.08 4.53 3.66
CA GLU B 46 -19.28 5.24 3.25
C GLU B 46 -19.15 5.76 1.83
N ASN B 47 -18.00 5.48 1.23
CA ASN B 47 -17.75 5.86 -0.17
C ASN B 47 -17.37 4.60 -0.96
N LEU B 48 -17.30 3.48 -0.23
CA LEU B 48 -16.79 2.23 -0.79
C LEU B 48 -17.73 1.66 -1.85
N GLU B 49 -19.02 1.62 -1.55
CA GLU B 49 -20.01 1.04 -2.45
C GLU B 49 -19.91 1.69 -3.83
N ARG B 50 -19.98 3.02 -3.86
CA ARG B 50 -19.89 3.78 -5.10
C ARG B 50 -18.55 3.52 -5.80
N TYR B 51 -17.46 3.60 -5.03
CA TYR B 51 -16.14 3.42 -5.59
C TYR B 51 -15.95 2.02 -6.18
N LEU B 52 -16.48 1.00 -5.51
CA LEU B 52 -16.36 -0.36 -6.00
C LEU B 52 -17.17 -0.54 -7.27
N ARG B 53 -18.41 -0.07 -7.25
CA ARG B 53 -19.27 -0.13 -8.43
C ARG B 53 -18.66 0.63 -9.60
N GLU B 54 -17.71 1.50 -9.28
CA GLU B 54 -16.96 2.22 -10.29
C GLU B 54 -15.74 1.39 -10.72
N GLN B 55 -14.92 0.97 -9.76
CA GLN B 55 -13.66 0.32 -10.05
C GLN B 55 -13.79 -1.21 -10.11
N LEU B 56 -14.08 -1.84 -8.97
CA LEU B 56 -14.05 -3.31 -8.84
C LEU B 56 -12.87 -3.94 -9.61
N GLY B 57 -11.75 -3.23 -9.64
CA GLY B 57 -10.65 -3.66 -10.48
C GLY B 57 -9.36 -3.96 -9.73
N PHE B 58 -9.38 -3.78 -8.40
CA PHE B 58 -8.21 -4.05 -7.55
C PHE B 58 -7.02 -3.22 -8.05
N GLU B 59 -5.79 -3.64 -7.74
CA GLU B 59 -4.64 -3.04 -8.37
C GLU B 59 -3.91 -4.08 -9.21
N PHE B 60 -4.12 -4.01 -10.51
CA PHE B 60 -3.46 -4.91 -11.44
C PHE B 60 -2.10 -4.38 -11.83
N LYS B 61 -1.07 -5.16 -11.56
CA LYS B 61 0.29 -4.74 -11.85
C LYS B 61 1.07 -5.87 -12.49
N ASN B 62 0.69 -6.22 -13.71
CA ASN B 62 1.40 -7.23 -14.48
C ASN B 62 2.74 -6.69 -14.94
N ALA B 63 3.53 -7.52 -15.59
CA ALA B 63 4.81 -7.11 -16.12
C ALA B 63 4.64 -6.23 -17.35
N GLN B 64 3.38 -6.11 -17.79
CA GLN B 64 3.04 -5.34 -18.99
C GLN B 64 3.83 -5.87 -20.17
N LEU B 65 3.91 -7.20 -20.26
CA LEU B 65 4.67 -7.88 -21.29
C LEU B 65 4.21 -7.49 -22.68
N GLU B 66 5.17 -7.15 -23.53
CA GLU B 66 4.89 -6.90 -24.94
C GLU B 66 4.53 -8.24 -25.58
N HIS B 67 3.23 -8.47 -25.70
CA HIS B 67 2.74 -9.76 -26.17
C HIS B 67 1.94 -9.60 -27.46
N HIS B 68 2.19 -8.52 -28.18
CA HIS B 68 1.51 -8.27 -29.43
C HIS B 68 2.31 -8.86 -30.58
N HIS B 69 2.23 -10.17 -30.73
CA HIS B 69 2.92 -10.87 -31.80
C HIS B 69 1.90 -11.72 -32.54
N HIS B 70 2.29 -12.29 -33.68
CA HIS B 70 1.34 -13.03 -34.49
C HIS B 70 1.03 -14.38 -33.85
N HIS B 71 -0.01 -14.39 -33.03
CA HIS B 71 -0.46 -15.59 -32.35
C HIS B 71 -1.97 -15.73 -32.51
N HIS B 72 -2.44 -16.96 -32.60
CA HIS B 72 -3.87 -17.22 -32.73
C HIS B 72 -4.33 -18.15 -31.63
N MET A 1 13.97 27.01 -4.18
CA MET A 1 15.43 27.19 -4.04
C MET A 1 16.03 26.02 -3.29
N VAL A 2 16.57 25.07 -4.03
CA VAL A 2 17.20 23.90 -3.44
C VAL A 2 18.59 23.70 -4.04
N GLU A 3 19.57 24.36 -3.46
CA GLU A 3 20.95 24.21 -3.87
C GLU A 3 21.57 23.06 -3.10
N ASN A 4 20.92 22.70 -2.00
CA ASN A 4 21.34 21.59 -1.16
C ASN A 4 21.39 20.30 -1.98
N PRO A 5 22.57 19.69 -2.09
CA PRO A 5 22.75 18.45 -2.86
C PRO A 5 22.14 17.25 -2.18
N MET A 6 21.85 17.40 -0.87
CA MET A 6 21.33 16.32 -0.03
C MET A 6 22.41 15.28 0.24
N VAL A 7 22.62 14.97 1.51
CA VAL A 7 23.64 14.01 1.90
C VAL A 7 23.30 12.61 1.41
N ILE A 8 23.93 12.20 0.32
CA ILE A 8 23.72 10.88 -0.26
C ILE A 8 25.04 10.14 -0.44
N ASN A 9 25.00 8.84 -0.28
CA ASN A 9 26.19 8.00 -0.48
C ASN A 9 25.82 6.71 -1.21
N ASN A 10 24.52 6.51 -1.40
CA ASN A 10 23.97 5.31 -2.05
C ASN A 10 24.08 4.10 -1.12
N TRP A 11 23.02 3.30 -1.10
CA TRP A 11 22.88 2.24 -0.11
C TRP A 11 23.75 1.01 -0.38
N HIS A 12 24.78 1.18 -1.22
CA HIS A 12 25.69 0.08 -1.56
C HIS A 12 24.90 -1.10 -2.10
N ASP A 13 24.05 -0.81 -3.08
CA ASP A 13 23.15 -1.79 -3.66
C ASP A 13 23.86 -2.65 -4.71
N LYS A 14 23.20 -3.72 -5.12
CA LYS A 14 23.73 -4.62 -6.14
C LYS A 14 23.31 -4.16 -7.53
N LEU A 15 23.31 -2.85 -7.74
CA LEU A 15 22.87 -2.22 -8.98
C LEU A 15 21.38 -2.44 -9.16
N THR A 16 20.61 -1.50 -8.64
CA THR A 16 19.17 -1.51 -8.74
C THR A 16 18.71 -1.55 -10.20
N GLU A 17 17.90 -2.56 -10.51
CA GLU A 17 17.31 -2.68 -11.84
C GLU A 17 16.31 -1.56 -12.06
N THR A 18 15.11 -1.83 -11.59
CA THR A 18 14.06 -0.85 -11.53
C THR A 18 13.95 -0.38 -10.07
N ASP A 19 12.75 -0.22 -9.58
CA ASP A 19 12.54 0.24 -8.21
C ASP A 19 12.69 -0.93 -7.25
N VAL A 20 12.36 -2.12 -7.76
CA VAL A 20 12.47 -3.37 -7.02
C VAL A 20 11.44 -3.46 -5.91
N GLN A 21 10.49 -4.36 -6.10
CA GLN A 21 9.39 -4.52 -5.16
C GLN A 21 9.34 -5.96 -4.65
N ILE A 22 8.72 -6.17 -3.51
CA ILE A 22 8.56 -7.50 -2.94
C ILE A 22 7.09 -7.86 -2.84
N ASP A 23 6.76 -9.13 -3.02
CA ASP A 23 5.39 -9.60 -2.90
C ASP A 23 5.00 -9.72 -1.42
N PHE A 24 3.95 -10.49 -1.16
CA PHE A 24 3.42 -10.63 0.19
C PHE A 24 4.22 -11.64 1.01
N TYR A 25 4.91 -12.55 0.34
CA TYR A 25 5.60 -13.62 1.05
C TYR A 25 7.11 -13.41 1.12
N GLY A 26 7.62 -12.37 0.48
CA GLY A 26 9.01 -12.00 0.67
C GLY A 26 9.90 -12.37 -0.50
N ASP A 27 9.34 -12.38 -1.70
CA ASP A 27 10.12 -12.61 -2.91
C ASP A 27 10.10 -11.36 -3.78
N GLU A 28 11.17 -11.13 -4.52
CA GLU A 28 11.27 -9.94 -5.36
C GLU A 28 10.41 -10.09 -6.59
N VAL A 29 9.57 -9.10 -6.81
CA VAL A 29 8.79 -9.04 -8.02
C VAL A 29 9.51 -8.17 -9.03
N THR A 30 9.88 -8.75 -10.14
CA THR A 30 10.66 -8.07 -11.15
C THR A 30 9.83 -7.94 -12.43
N PRO A 31 10.28 -7.13 -13.42
CA PRO A 31 9.51 -6.88 -14.65
C PRO A 31 9.37 -8.11 -15.57
N VAL A 32 9.55 -9.30 -15.02
CA VAL A 32 9.41 -10.52 -15.78
C VAL A 32 8.35 -11.42 -15.16
N ASP A 33 8.16 -11.27 -13.84
CA ASP A 33 7.17 -12.06 -13.14
C ASP A 33 5.92 -11.25 -12.86
N ASP A 34 4.78 -11.93 -12.90
CA ASP A 34 3.47 -11.27 -12.85
C ASP A 34 3.02 -11.06 -11.42
N TYR A 35 2.36 -9.94 -11.15
CA TYR A 35 1.93 -9.61 -9.80
C TYR A 35 0.67 -8.76 -9.81
N VAL A 36 0.03 -8.68 -8.67
CA VAL A 36 -1.15 -7.83 -8.50
C VAL A 36 -1.06 -7.11 -7.15
N ILE A 37 -1.70 -5.95 -7.04
CA ILE A 37 -1.64 -5.17 -5.82
C ILE A 37 -3.00 -5.16 -5.12
N ASP A 38 -3.04 -5.88 -4.00
CA ASP A 38 -4.25 -6.05 -3.21
C ASP A 38 -4.24 -5.11 -2.01
N GLY A 39 -4.78 -3.93 -2.19
CA GLY A 39 -4.98 -3.01 -1.09
C GLY A 39 -3.68 -2.36 -0.63
N GLY A 40 -2.71 -2.29 -1.52
CA GLY A 40 -1.47 -1.62 -1.21
C GLY A 40 -0.28 -2.56 -1.23
N GLU A 41 -0.53 -3.82 -0.91
CA GLU A 41 0.54 -4.81 -0.92
C GLU A 41 0.58 -5.55 -2.24
N ILE A 42 1.73 -6.13 -2.51
CA ILE A 42 1.99 -6.80 -3.77
C ILE A 42 1.93 -8.31 -3.58
N ILE A 43 1.34 -9.00 -4.53
CA ILE A 43 1.32 -10.46 -4.48
C ILE A 43 1.73 -11.02 -5.83
N LEU A 44 2.77 -11.85 -5.83
CA LEU A 44 3.17 -12.57 -7.02
C LEU A 44 1.99 -13.45 -7.46
N ARG A 45 1.68 -13.46 -8.75
CA ARG A 45 0.51 -14.18 -9.26
C ARG A 45 0.55 -15.66 -8.93
N GLU A 46 1.70 -16.16 -8.51
CA GLU A 46 1.84 -17.57 -8.18
C GLU A 46 1.33 -17.83 -6.77
N ASN A 47 1.15 -16.75 -6.01
CA ASN A 47 0.57 -16.83 -4.67
C ASN A 47 -0.76 -16.09 -4.66
N LEU A 48 -1.03 -15.37 -5.75
CA LEU A 48 -2.22 -14.53 -5.86
C LEU A 48 -3.49 -15.37 -5.92
N GLU A 49 -3.37 -16.57 -6.45
CA GLU A 49 -4.52 -17.45 -6.64
C GLU A 49 -5.27 -17.66 -5.33
N ARG A 50 -4.63 -18.31 -4.37
CA ARG A 50 -5.28 -18.61 -3.11
C ARG A 50 -5.52 -17.33 -2.32
N TYR A 51 -4.66 -16.34 -2.53
CA TYR A 51 -4.79 -15.07 -1.82
C TYR A 51 -6.08 -14.37 -2.23
N LEU A 52 -6.39 -14.41 -3.53
CA LEU A 52 -7.62 -13.84 -4.03
C LEU A 52 -8.84 -14.59 -3.50
N ARG A 53 -8.68 -15.90 -3.29
CA ARG A 53 -9.78 -16.68 -2.70
C ARG A 53 -10.11 -16.21 -1.29
N GLU A 54 -9.09 -15.85 -0.52
CA GLU A 54 -9.29 -15.46 0.87
C GLU A 54 -9.59 -13.97 1.00
N GLN A 55 -8.72 -13.15 0.41
CA GLN A 55 -8.82 -11.70 0.56
C GLN A 55 -9.68 -11.09 -0.54
N LEU A 56 -9.35 -11.44 -1.78
CA LEU A 56 -10.08 -10.99 -2.97
C LEU A 56 -9.83 -9.51 -3.25
N GLY A 57 -8.57 -9.10 -3.16
CA GLY A 57 -8.18 -7.76 -3.57
C GLY A 57 -8.51 -6.68 -2.56
N PHE A 58 -9.74 -6.65 -2.11
CA PHE A 58 -10.20 -5.57 -1.23
C PHE A 58 -9.54 -5.67 0.14
N GLU A 59 -8.87 -4.61 0.56
CA GLU A 59 -8.40 -4.57 1.93
C GLU A 59 -9.43 -3.87 2.80
N PHE A 60 -10.19 -4.67 3.53
CA PHE A 60 -11.21 -4.13 4.40
C PHE A 60 -10.60 -3.66 5.69
N LYS A 61 -10.30 -2.37 5.77
CA LYS A 61 -9.69 -1.81 6.95
C LYS A 61 -10.74 -1.15 7.83
N ASN A 62 -11.32 -1.95 8.69
CA ASN A 62 -12.33 -1.51 9.61
C ASN A 62 -11.70 -0.83 10.82
N ALA A 63 -12.53 -0.32 11.71
CA ALA A 63 -12.05 0.30 12.94
C ALA A 63 -11.73 -0.76 13.99
N GLN A 64 -11.84 -2.03 13.58
CA GLN A 64 -11.61 -3.18 14.46
C GLN A 64 -12.69 -3.25 15.55
N LEU A 65 -13.72 -2.44 15.37
CA LEU A 65 -14.82 -2.39 16.31
C LEU A 65 -16.14 -2.45 15.56
N GLU A 66 -16.60 -3.67 15.31
CA GLU A 66 -17.90 -3.88 14.70
C GLU A 66 -18.98 -3.53 15.70
N HIS A 67 -19.80 -2.55 15.33
CA HIS A 67 -20.78 -1.99 16.25
C HIS A 67 -21.82 -3.04 16.65
N HIS A 68 -22.20 -3.87 15.69
CA HIS A 68 -23.11 -4.99 15.96
C HIS A 68 -22.57 -6.25 15.31
N HIS A 69 -22.03 -7.13 16.15
CA HIS A 69 -21.51 -8.40 15.66
C HIS A 69 -22.22 -9.55 16.37
N HIS A 70 -22.72 -9.29 17.57
CA HIS A 70 -23.46 -10.29 18.34
C HIS A 70 -24.90 -10.34 17.84
N HIS A 71 -25.49 -11.53 17.86
CA HIS A 71 -26.86 -11.70 17.37
C HIS A 71 -27.87 -11.55 18.49
N HIS A 72 -28.82 -10.65 18.29
CA HIS A 72 -29.88 -10.42 19.25
C HIS A 72 -31.14 -9.93 18.52
N MET B 1 3.71 29.50 22.43
CA MET B 1 2.49 30.15 21.92
C MET B 1 2.44 31.62 22.31
N VAL B 2 2.20 32.47 21.34
CA VAL B 2 2.11 33.91 21.57
C VAL B 2 0.84 34.46 20.91
N GLU B 3 0.12 35.31 21.63
CA GLU B 3 -1.13 35.86 21.11
C GLU B 3 -0.89 37.01 20.14
N ASN B 4 -0.58 36.67 18.89
CA ASN B 4 -0.43 37.66 17.83
C ASN B 4 -0.71 37.04 16.46
N PRO B 5 -1.54 37.72 15.65
CA PRO B 5 -1.86 37.28 14.31
C PRO B 5 -0.92 37.87 13.26
N MET B 6 0.10 37.10 12.89
CA MET B 6 1.00 37.51 11.82
C MET B 6 0.42 37.08 10.48
N VAL B 7 0.51 35.79 10.20
CA VAL B 7 -0.18 35.21 9.08
C VAL B 7 -1.12 34.14 9.61
N ILE B 8 -2.33 34.55 9.94
CA ILE B 8 -3.29 33.69 10.63
C ILE B 8 -2.70 33.18 11.94
N ASN B 9 -2.21 31.95 11.94
CA ASN B 9 -1.58 31.36 13.11
C ASN B 9 -0.24 30.74 12.73
N ASN B 10 0.29 31.18 11.57
CA ASN B 10 1.45 30.57 10.91
C ASN B 10 1.00 29.31 10.18
N TRP B 11 0.96 29.41 8.85
CA TRP B 11 0.34 28.37 8.03
C TRP B 11 1.31 27.24 7.74
N HIS B 12 2.60 27.53 7.78
CA HIS B 12 3.60 26.52 7.48
C HIS B 12 4.47 26.23 8.70
N ASP B 13 4.61 24.95 9.03
CA ASP B 13 5.50 24.51 10.08
C ASP B 13 5.87 23.04 9.85
N LYS B 14 5.08 22.14 10.41
CA LYS B 14 5.27 20.71 10.26
C LYS B 14 3.94 20.00 10.46
N LEU B 15 3.24 19.73 9.36
CA LEU B 15 1.97 19.03 9.43
C LEU B 15 2.24 17.53 9.54
N THR B 16 2.15 17.01 10.76
CA THR B 16 2.46 15.62 11.01
C THR B 16 1.22 14.74 10.93
N GLU B 17 1.23 13.84 9.96
CA GLU B 17 0.14 12.89 9.77
C GLU B 17 0.56 11.50 10.21
N THR B 18 0.24 11.16 11.45
CA THR B 18 0.59 9.86 11.99
C THR B 18 -0.49 8.83 11.66
N ASP B 19 -1.67 9.01 12.24
CA ASP B 19 -2.81 8.14 11.99
C ASP B 19 -3.85 8.90 11.17
N VAL B 20 -3.49 10.12 10.80
CA VAL B 20 -4.38 10.98 10.05
C VAL B 20 -4.18 10.76 8.56
N GLN B 21 -4.93 9.84 8.00
CA GLN B 21 -4.90 9.57 6.57
C GLN B 21 -6.17 10.11 5.93
N ILE B 22 -6.18 10.21 4.62
CA ILE B 22 -7.35 10.74 3.91
C ILE B 22 -7.77 9.77 2.82
N ASP B 23 -9.07 9.77 2.50
CA ASP B 23 -9.56 8.97 1.39
C ASP B 23 -9.10 9.57 0.06
N PHE B 24 -9.60 9.03 -1.05
CA PHE B 24 -9.20 9.48 -2.38
C PHE B 24 -9.69 10.91 -2.66
N TYR B 25 -10.83 11.28 -2.11
CA TYR B 25 -11.46 12.55 -2.44
C TYR B 25 -10.93 13.71 -1.60
N GLY B 26 -10.82 13.52 -0.29
CA GLY B 26 -10.38 14.62 0.56
C GLY B 26 -11.11 14.69 1.87
N ASP B 27 -11.51 13.53 2.40
CA ASP B 27 -12.10 13.45 3.72
C ASP B 27 -11.20 12.66 4.65
N GLU B 28 -10.84 13.25 5.78
CA GLU B 28 -9.96 12.61 6.74
C GLU B 28 -10.57 11.33 7.28
N VAL B 29 -9.79 10.27 7.20
CA VAL B 29 -10.21 8.97 7.70
C VAL B 29 -9.30 8.59 8.86
N THR B 30 -9.90 8.39 10.02
CA THR B 30 -9.12 8.10 11.21
C THR B 30 -9.35 6.65 11.66
N PRO B 31 -8.48 6.12 12.55
CA PRO B 31 -8.55 4.73 13.02
C PRO B 31 -9.91 4.33 13.60
N VAL B 32 -10.72 5.32 13.98
CA VAL B 32 -12.05 5.05 14.52
C VAL B 32 -13.11 5.02 13.42
N ASP B 33 -12.68 5.26 12.19
CA ASP B 33 -13.57 5.26 11.05
C ASP B 33 -13.40 3.96 10.28
N ASP B 34 -14.47 3.47 9.69
CA ASP B 34 -14.42 2.25 8.89
C ASP B 34 -14.25 2.61 7.42
N TYR B 35 -13.27 1.98 6.78
CA TYR B 35 -12.95 2.28 5.39
C TYR B 35 -12.41 1.04 4.69
N VAL B 36 -12.04 1.21 3.43
CA VAL B 36 -11.46 0.14 2.64
C VAL B 36 -10.34 0.70 1.77
N ILE B 37 -9.24 -0.04 1.65
CA ILE B 37 -8.14 0.36 0.80
C ILE B 37 -8.12 -0.46 -0.47
N ASP B 38 -8.30 0.23 -1.59
CA ASP B 38 -8.37 -0.44 -2.88
C ASP B 38 -7.10 -0.21 -3.68
N GLY B 39 -6.18 -1.13 -3.51
CA GLY B 39 -5.00 -1.15 -4.35
C GLY B 39 -3.90 -0.24 -3.82
N GLY B 40 -4.17 0.42 -2.71
CA GLY B 40 -3.19 1.30 -2.12
C GLY B 40 -3.79 2.62 -1.74
N GLU B 41 -4.92 2.94 -2.36
CA GLU B 41 -5.60 4.18 -2.07
C GLU B 41 -6.76 3.94 -1.11
N ILE B 42 -7.07 4.95 -0.33
CA ILE B 42 -8.03 4.83 0.77
C ILE B 42 -9.38 5.39 0.37
N ILE B 43 -10.44 4.70 0.75
CA ILE B 43 -11.79 5.19 0.52
C ILE B 43 -12.67 4.90 1.74
N LEU B 44 -13.32 5.93 2.27
CA LEU B 44 -14.31 5.73 3.34
C LEU B 44 -15.37 4.75 2.91
N ARG B 45 -15.89 3.97 3.85
CA ARG B 45 -16.96 3.01 3.55
C ARG B 45 -18.23 3.73 3.07
N GLU B 46 -18.25 5.05 3.20
CA GLU B 46 -19.40 5.82 2.77
C GLU B 46 -19.44 5.94 1.25
N ASN B 47 -18.33 6.35 0.66
CA ASN B 47 -18.24 6.54 -0.77
C ASN B 47 -17.54 5.35 -1.44
N LEU B 48 -17.21 4.34 -0.63
CA LEU B 48 -16.56 3.13 -1.10
C LEU B 48 -17.50 2.34 -2.02
N GLU B 49 -18.80 2.42 -1.73
CA GLU B 49 -19.81 1.72 -2.50
C GLU B 49 -19.79 2.21 -3.97
N ARG B 50 -19.83 3.53 -4.14
CA ARG B 50 -19.81 4.12 -5.47
C ARG B 50 -18.46 3.87 -6.14
N TYR B 51 -17.42 3.83 -5.33
CA TYR B 51 -16.07 3.57 -5.83
C TYR B 51 -15.95 2.16 -6.39
N LEU B 52 -16.51 1.17 -5.66
CA LEU B 52 -16.52 -0.21 -6.14
C LEU B 52 -17.42 -0.34 -7.35
N ARG B 53 -18.36 0.57 -7.49
CA ARG B 53 -19.23 0.58 -8.64
C ARG B 53 -18.43 0.97 -9.88
N GLU B 54 -17.45 1.85 -9.69
CA GLU B 54 -16.55 2.24 -10.78
C GLU B 54 -15.40 1.25 -10.95
N GLN B 55 -14.53 1.18 -9.95
CA GLN B 55 -13.31 0.39 -10.08
C GLN B 55 -13.54 -1.07 -9.73
N LEU B 56 -13.84 -1.35 -8.45
CA LEU B 56 -14.09 -2.72 -7.95
C LEU B 56 -12.89 -3.68 -8.13
N GLY B 57 -11.99 -3.40 -9.06
CA GLY B 57 -11.01 -4.39 -9.45
C GLY B 57 -9.60 -4.13 -8.97
N PHE B 58 -9.47 -3.57 -7.75
CA PHE B 58 -8.17 -3.43 -7.07
C PHE B 58 -7.14 -2.80 -8.00
N GLU B 59 -5.86 -3.10 -7.77
CA GLU B 59 -4.84 -2.67 -8.71
C GLU B 59 -4.28 -3.90 -9.42
N PHE B 60 -4.72 -4.08 -10.65
CA PHE B 60 -4.32 -5.23 -11.45
C PHE B 60 -3.09 -4.91 -12.29
N LYS B 61 -2.02 -5.61 -12.03
CA LYS B 61 -0.81 -5.47 -12.81
C LYS B 61 -0.47 -6.79 -13.47
N ASN B 62 0.69 -6.85 -14.10
CA ASN B 62 1.16 -8.04 -14.77
C ASN B 62 2.62 -7.86 -15.14
N ALA B 63 3.19 -8.83 -15.84
CA ALA B 63 4.58 -8.72 -16.31
C ALA B 63 4.67 -7.75 -17.49
N GLN B 64 3.61 -6.97 -17.66
CA GLN B 64 3.53 -5.94 -18.69
C GLN B 64 3.71 -6.51 -20.09
N LEU B 65 3.00 -7.58 -20.38
CA LEU B 65 2.89 -8.07 -21.75
C LEU B 65 1.79 -7.28 -22.45
N GLU B 66 1.97 -7.05 -23.74
CA GLU B 66 1.04 -6.21 -24.51
C GLU B 66 -0.19 -6.99 -24.97
N HIS B 67 -0.31 -8.23 -24.51
CA HIS B 67 -1.41 -9.09 -24.90
C HIS B 67 -2.75 -8.55 -24.44
N HIS B 68 -3.72 -8.53 -25.33
CA HIS B 68 -5.08 -8.15 -25.00
C HIS B 68 -5.85 -9.41 -24.62
N HIS B 69 -6.44 -9.42 -23.43
CA HIS B 69 -7.07 -10.63 -22.87
C HIS B 69 -8.42 -10.93 -23.51
N HIS B 70 -8.51 -10.79 -24.83
CA HIS B 70 -9.75 -11.04 -25.58
C HIS B 70 -10.86 -10.07 -25.16
N HIS B 71 -12.06 -10.30 -25.66
CA HIS B 71 -13.21 -9.48 -25.29
C HIS B 71 -14.50 -10.19 -25.67
N HIS B 72 -15.25 -10.60 -24.66
CA HIS B 72 -16.56 -11.20 -24.88
C HIS B 72 -17.65 -10.22 -24.50
N MET A 1 10.78 13.26 -23.21
CA MET A 1 10.23 14.63 -23.17
C MET A 1 9.85 15.00 -21.74
N VAL A 2 10.65 15.86 -21.13
CA VAL A 2 10.36 16.34 -19.79
C VAL A 2 9.57 17.64 -19.86
N GLU A 3 10.27 18.74 -20.12
CA GLU A 3 9.63 20.05 -20.29
C GLU A 3 10.67 21.10 -20.62
N ASN A 4 11.69 21.22 -19.77
CA ASN A 4 12.66 22.28 -19.93
C ASN A 4 14.07 21.73 -20.17
N PRO A 5 14.96 22.54 -20.76
CA PRO A 5 16.36 22.20 -20.91
C PRO A 5 17.19 22.71 -19.74
N MET A 6 16.54 22.89 -18.59
CA MET A 6 17.18 23.40 -17.40
C MET A 6 17.66 22.25 -16.52
N VAL A 7 17.00 21.10 -16.66
CA VAL A 7 17.40 19.90 -15.95
C VAL A 7 18.79 19.45 -16.40
N ILE A 8 19.61 19.03 -15.45
CA ILE A 8 20.98 18.63 -15.77
C ILE A 8 21.02 17.32 -16.54
N ASN A 9 21.72 17.32 -17.66
CA ASN A 9 21.92 16.11 -18.45
C ASN A 9 23.01 15.26 -17.81
N ASN A 10 23.85 15.92 -17.03
CA ASN A 10 24.90 15.24 -16.29
C ASN A 10 24.34 14.80 -14.95
N TRP A 11 23.86 13.57 -14.91
CA TRP A 11 23.21 13.04 -13.72
C TRP A 11 24.22 12.68 -12.65
N HIS A 12 24.28 13.50 -11.61
CA HIS A 12 25.11 13.18 -10.44
C HIS A 12 24.32 12.27 -9.50
N ASP A 13 23.03 12.12 -9.82
CA ASP A 13 22.17 11.20 -9.10
C ASP A 13 22.51 9.77 -9.48
N LYS A 14 22.60 8.88 -8.51
CA LYS A 14 23.15 7.55 -8.74
C LYS A 14 22.07 6.47 -8.82
N LEU A 15 20.98 6.66 -8.08
CA LEU A 15 19.89 5.69 -8.02
C LEU A 15 20.35 4.35 -7.44
N THR A 16 20.03 4.12 -6.17
CA THR A 16 20.44 2.91 -5.49
C THR A 16 19.40 1.79 -5.64
N GLU A 17 18.33 1.89 -4.86
CA GLU A 17 17.28 0.88 -4.85
C GLU A 17 15.92 1.51 -5.07
N THR A 18 15.15 0.98 -6.02
CA THR A 18 13.82 1.50 -6.32
C THR A 18 12.91 0.42 -6.89
N ASP A 19 13.40 -0.29 -7.92
CA ASP A 19 12.56 -1.23 -8.66
C ASP A 19 12.51 -2.60 -7.97
N VAL A 20 13.06 -2.68 -6.76
CA VAL A 20 13.10 -3.95 -6.06
C VAL A 20 11.96 -4.06 -5.07
N GLN A 21 10.93 -4.80 -5.46
CA GLN A 21 9.76 -5.03 -4.63
C GLN A 21 9.55 -6.52 -4.42
N ILE A 22 8.86 -6.89 -3.35
CA ILE A 22 8.70 -8.29 -2.99
C ILE A 22 7.24 -8.67 -2.85
N ASP A 23 6.89 -9.84 -3.36
CA ASP A 23 5.59 -10.45 -3.13
C ASP A 23 5.43 -10.85 -1.65
N PHE A 24 4.18 -11.06 -1.24
CA PHE A 24 3.82 -11.38 0.13
C PHE A 24 4.65 -12.53 0.72
N TYR A 25 5.00 -13.50 -0.10
CA TYR A 25 5.66 -14.70 0.39
C TYR A 25 7.17 -14.53 0.51
N GLY A 26 7.67 -13.34 0.18
CA GLY A 26 9.10 -13.12 0.25
C GLY A 26 9.80 -13.54 -1.03
N ASP A 27 9.16 -13.26 -2.16
CA ASP A 27 9.74 -13.54 -3.46
C ASP A 27 9.84 -12.25 -4.25
N GLU A 28 11.02 -11.95 -4.77
CA GLU A 28 11.26 -10.71 -5.48
C GLU A 28 10.47 -10.65 -6.77
N VAL A 29 9.70 -9.58 -6.90
CA VAL A 29 8.89 -9.35 -8.09
C VAL A 29 9.30 -8.05 -8.74
N THR A 30 10.07 -8.13 -9.81
CA THR A 30 10.55 -6.95 -10.48
C THR A 30 9.43 -6.35 -11.36
N PRO A 31 9.59 -5.11 -11.84
CA PRO A 31 8.52 -4.40 -12.58
C PRO A 31 8.06 -5.10 -13.86
N VAL A 32 8.77 -6.14 -14.28
CA VAL A 32 8.40 -6.85 -15.50
C VAL A 32 7.78 -8.21 -15.19
N ASP A 33 7.51 -8.47 -13.91
CA ASP A 33 6.91 -9.74 -13.50
C ASP A 33 5.40 -9.57 -13.29
N ASP A 34 4.67 -10.65 -13.43
CA ASP A 34 3.21 -10.65 -13.28
C ASP A 34 2.83 -10.61 -11.80
N TYR A 35 2.28 -9.49 -11.34
CA TYR A 35 1.83 -9.40 -9.96
C TYR A 35 0.61 -8.50 -9.84
N VAL A 36 0.00 -8.55 -8.66
CA VAL A 36 -1.12 -7.69 -8.33
C VAL A 36 -0.93 -7.20 -6.91
N ILE A 37 -1.39 -5.99 -6.61
CA ILE A 37 -1.27 -5.45 -5.28
C ILE A 37 -2.63 -5.47 -4.57
N ASP A 38 -2.67 -6.23 -3.47
CA ASP A 38 -3.89 -6.44 -2.71
C ASP A 38 -3.86 -5.64 -1.42
N GLY A 39 -4.31 -4.40 -1.49
CA GLY A 39 -4.48 -3.59 -0.30
C GLY A 39 -3.24 -2.85 0.10
N GLY A 40 -2.13 -3.13 -0.57
CA GLY A 40 -0.88 -2.49 -0.24
C GLY A 40 0.30 -3.44 -0.37
N GLU A 41 0.03 -4.72 -0.24
CA GLU A 41 1.06 -5.73 -0.40
C GLU A 41 1.03 -6.32 -1.79
N ILE A 42 2.18 -6.84 -2.21
CA ILE A 42 2.36 -7.37 -3.55
C ILE A 42 2.16 -8.87 -3.56
N ILE A 43 1.47 -9.38 -4.56
CA ILE A 43 1.32 -10.81 -4.71
C ILE A 43 1.64 -11.21 -6.15
N LEU A 44 2.63 -12.07 -6.31
CA LEU A 44 2.92 -12.65 -7.61
C LEU A 44 1.67 -13.37 -8.11
N ARG A 45 1.37 -13.18 -9.40
CA ARG A 45 0.14 -13.70 -10.02
C ARG A 45 -0.02 -15.20 -9.86
N GLU A 46 1.04 -15.88 -9.47
CA GLU A 46 0.98 -17.34 -9.33
C GLU A 46 0.05 -17.72 -8.19
N ASN A 47 0.34 -17.22 -7.00
CA ASN A 47 -0.39 -17.61 -5.81
C ASN A 47 -1.44 -16.57 -5.46
N LEU A 48 -1.60 -15.59 -6.35
CA LEU A 48 -2.63 -14.56 -6.20
C LEU A 48 -4.00 -15.20 -6.02
N GLU A 49 -4.14 -16.39 -6.61
CA GLU A 49 -5.33 -17.22 -6.46
C GLU A 49 -5.84 -17.24 -5.01
N ARG A 50 -4.91 -17.43 -4.07
CA ARG A 50 -5.27 -17.56 -2.67
C ARG A 50 -5.67 -16.20 -2.08
N TYR A 51 -4.95 -15.16 -2.47
CA TYR A 51 -5.23 -13.82 -1.96
C TYR A 51 -6.59 -13.33 -2.44
N LEU A 52 -6.87 -13.54 -3.73
CA LEU A 52 -8.15 -13.17 -4.30
C LEU A 52 -9.27 -14.04 -3.74
N ARG A 53 -8.92 -15.23 -3.28
CA ARG A 53 -9.90 -16.14 -2.73
C ARG A 53 -10.28 -15.72 -1.30
N GLU A 54 -9.38 -15.03 -0.62
CA GLU A 54 -9.64 -14.60 0.74
C GLU A 54 -10.23 -13.20 0.79
N GLN A 55 -9.42 -12.21 0.46
CA GLN A 55 -9.85 -10.81 0.54
C GLN A 55 -10.19 -10.25 -0.83
N LEU A 56 -9.62 -10.86 -1.88
CA LEU A 56 -9.90 -10.47 -3.26
C LEU A 56 -9.39 -9.06 -3.55
N GLY A 57 -8.19 -8.75 -3.11
CA GLY A 57 -7.58 -7.47 -3.44
C GLY A 57 -7.93 -6.35 -2.48
N PHE A 58 -8.99 -6.55 -1.70
CA PHE A 58 -9.45 -5.51 -0.79
C PHE A 58 -8.97 -5.80 0.62
N GLU A 59 -8.51 -4.77 1.31
CA GLU A 59 -8.29 -4.89 2.72
C GLU A 59 -9.56 -4.42 3.43
N PHE A 60 -10.35 -5.37 3.89
CA PHE A 60 -11.61 -5.09 4.53
C PHE A 60 -11.38 -4.59 5.94
N LYS A 61 -11.29 -3.28 6.08
CA LYS A 61 -10.98 -2.67 7.35
C LYS A 61 -12.21 -2.19 8.09
N ASN A 62 -11.98 -1.75 9.30
CA ASN A 62 -12.99 -1.10 10.11
C ASN A 62 -12.33 0.08 10.78
N ALA A 63 -13.10 0.86 11.52
CA ALA A 63 -12.56 1.99 12.26
C ALA A 63 -11.46 1.53 13.22
N GLN A 64 -11.69 0.36 13.82
CA GLN A 64 -10.79 -0.18 14.84
C GLN A 64 -10.64 0.84 15.95
N LEU A 65 -11.78 1.31 16.44
CA LEU A 65 -11.82 2.30 17.50
C LEU A 65 -11.36 1.68 18.82
N GLU A 66 -10.06 1.74 19.06
CA GLU A 66 -9.50 1.24 20.31
C GLU A 66 -9.76 2.25 21.41
N HIS A 67 -10.93 2.17 22.00
CA HIS A 67 -11.32 3.07 23.06
C HIS A 67 -11.89 2.28 24.23
N HIS A 68 -11.12 2.16 25.29
CA HIS A 68 -11.56 1.47 26.49
C HIS A 68 -12.54 2.34 27.25
N HIS A 69 -13.46 1.69 27.97
CA HIS A 69 -14.53 2.35 28.70
C HIS A 69 -15.58 2.92 27.75
N HIS A 70 -16.75 2.28 27.75
CA HIS A 70 -17.84 2.69 26.89
C HIS A 70 -18.73 3.68 27.64
N HIS A 71 -18.69 3.59 28.96
CA HIS A 71 -19.44 4.48 29.83
C HIS A 71 -18.70 4.63 31.15
N HIS A 72 -18.67 5.85 31.65
CA HIS A 72 -18.07 6.11 32.95
C HIS A 72 -18.94 7.09 33.72
N MET B 1 23.58 -8.45 25.10
CA MET B 1 23.89 -7.00 25.17
C MET B 1 23.54 -6.34 23.84
N VAL B 2 24.23 -6.75 22.78
CA VAL B 2 23.95 -6.27 21.45
C VAL B 2 23.83 -7.44 20.47
N GLU B 3 22.61 -7.90 20.26
CA GLU B 3 22.35 -9.01 19.36
C GLU B 3 21.96 -8.48 18.01
N ASN B 4 20.92 -7.66 17.98
CA ASN B 4 20.51 -6.98 16.77
C ASN B 4 20.78 -5.49 16.90
N PRO B 5 21.73 -4.96 16.13
CA PRO B 5 22.08 -3.55 16.15
C PRO B 5 20.94 -2.69 15.62
N MET B 6 20.20 -2.08 16.52
CA MET B 6 19.04 -1.28 16.15
C MET B 6 19.49 0.09 15.63
N VAL B 7 19.95 0.12 14.40
CA VAL B 7 20.34 1.36 13.75
C VAL B 7 19.16 1.93 12.98
N ILE B 8 18.76 3.14 13.34
CA ILE B 8 17.61 3.78 12.71
C ILE B 8 18.04 4.53 11.45
N ASN B 9 17.83 3.89 10.31
CA ASN B 9 18.17 4.48 9.02
C ASN B 9 17.01 4.30 8.06
N ASN B 10 15.81 4.17 8.62
CA ASN B 10 14.59 4.00 7.83
C ASN B 10 14.39 5.17 6.90
N TRP B 11 14.06 4.87 5.64
CA TRP B 11 13.97 5.90 4.60
C TRP B 11 12.67 6.71 4.72
N HIS B 12 12.63 7.57 5.73
CA HIS B 12 11.53 8.50 5.92
C HIS B 12 11.92 9.52 6.98
N ASP B 13 12.30 10.71 6.52
CA ASP B 13 12.88 11.73 7.40
C ASP B 13 11.80 12.55 8.12
N LYS B 14 10.79 11.85 8.64
CA LYS B 14 9.71 12.44 9.43
C LYS B 14 8.98 13.55 8.65
N LEU B 15 8.28 14.40 9.39
CA LEU B 15 7.60 15.57 8.84
C LEU B 15 6.52 15.19 7.82
N THR B 16 6.10 13.94 7.87
CA THR B 16 5.03 13.44 7.04
C THR B 16 3.76 13.27 7.87
N GLU B 17 2.67 12.86 7.24
CA GLU B 17 1.41 12.63 7.94
C GLU B 17 1.60 11.64 9.09
N THR B 18 1.33 12.12 10.30
CA THR B 18 1.50 11.33 11.51
C THR B 18 0.71 10.01 11.43
N ASP B 19 -0.61 10.13 11.36
CA ASP B 19 -1.47 8.97 11.22
C ASP B 19 -2.63 9.33 10.31
N VAL B 20 -2.43 10.38 9.52
CA VAL B 20 -3.48 10.89 8.66
C VAL B 20 -3.44 10.21 7.29
N GLN B 21 -4.23 9.17 7.15
CA GLN B 21 -4.42 8.51 5.86
C GLN B 21 -5.62 9.12 5.16
N ILE B 22 -5.45 9.47 3.89
CA ILE B 22 -6.53 10.09 3.14
C ILE B 22 -7.12 9.08 2.16
N ASP B 23 -8.44 9.13 1.99
CA ASP B 23 -9.11 8.25 1.04
C ASP B 23 -8.90 8.76 -0.38
N PHE B 24 -9.34 7.98 -1.35
CA PHE B 24 -9.15 8.27 -2.76
C PHE B 24 -9.77 9.61 -3.17
N TYR B 25 -10.74 10.09 -2.39
CA TYR B 25 -11.47 11.29 -2.77
C TYR B 25 -11.01 12.52 -1.98
N GLY B 26 -9.99 12.38 -1.15
CA GLY B 26 -9.37 13.54 -0.54
C GLY B 26 -9.92 13.92 0.81
N ASP B 27 -10.46 12.96 1.54
CA ASP B 27 -10.94 13.22 2.91
C ASP B 27 -10.13 12.40 3.90
N GLU B 28 -9.89 12.97 5.08
CA GLU B 28 -9.09 12.30 6.10
C GLU B 28 -9.81 11.08 6.66
N VAL B 29 -9.20 9.92 6.50
CA VAL B 29 -9.73 8.71 7.08
C VAL B 29 -9.14 8.53 8.47
N THR B 30 -9.80 9.12 9.45
CA THR B 30 -9.32 9.10 10.81
C THR B 30 -9.40 7.68 11.39
N PRO B 31 -8.60 7.40 12.44
CA PRO B 31 -8.59 6.08 13.09
C PRO B 31 -9.87 5.79 13.87
N VAL B 32 -10.90 6.59 13.63
CA VAL B 32 -12.20 6.39 14.24
C VAL B 32 -13.26 6.23 13.16
N ASP B 33 -12.83 6.23 11.91
CA ASP B 33 -13.73 6.13 10.77
C ASP B 33 -13.51 4.83 10.03
N ASP B 34 -14.55 4.32 9.38
CA ASP B 34 -14.49 3.02 8.73
C ASP B 34 -14.12 3.18 7.25
N TYR B 35 -13.23 2.33 6.77
CA TYR B 35 -12.76 2.41 5.39
C TYR B 35 -12.40 1.05 4.86
N VAL B 36 -12.23 0.97 3.54
CA VAL B 36 -11.80 -0.25 2.88
C VAL B 36 -10.74 0.11 1.83
N ILE B 37 -9.73 -0.74 1.69
CA ILE B 37 -8.65 -0.47 0.75
C ILE B 37 -8.78 -1.34 -0.50
N ASP B 38 -8.91 -0.69 -1.65
CA ASP B 38 -9.01 -1.40 -2.92
C ASP B 38 -7.64 -1.43 -3.59
N GLY B 39 -6.89 -2.48 -3.31
CA GLY B 39 -5.62 -2.69 -3.99
C GLY B 39 -4.49 -1.87 -3.40
N GLY B 40 -4.83 -0.72 -2.85
CA GLY B 40 -3.82 0.17 -2.32
C GLY B 40 -4.41 1.52 -2.02
N GLU B 41 -5.46 1.85 -2.76
CA GLU B 41 -6.21 3.07 -2.54
C GLU B 41 -7.18 2.90 -1.38
N ILE B 42 -7.14 3.84 -0.46
CA ILE B 42 -8.05 3.88 0.67
C ILE B 42 -9.37 4.52 0.25
N ILE B 43 -10.48 3.92 0.61
CA ILE B 43 -11.78 4.53 0.34
C ILE B 43 -12.62 4.54 1.60
N LEU B 44 -13.05 5.73 2.02
CA LEU B 44 -14.01 5.85 3.10
C LEU B 44 -15.27 5.04 2.80
N ARG B 45 -15.85 4.45 3.84
CA ARG B 45 -17.09 3.69 3.69
C ARG B 45 -18.26 4.60 3.32
N GLU B 46 -17.99 5.88 3.17
CA GLU B 46 -19.01 6.84 2.75
C GLU B 46 -19.35 6.66 1.28
N ASN B 47 -18.34 6.33 0.47
CA ASN B 47 -18.52 6.21 -0.98
C ASN B 47 -17.98 4.87 -1.47
N LEU B 48 -17.58 4.03 -0.52
CA LEU B 48 -16.88 2.77 -0.80
C LEU B 48 -17.63 1.90 -1.82
N GLU B 49 -18.94 1.79 -1.65
CA GLU B 49 -19.77 0.93 -2.50
C GLU B 49 -19.68 1.35 -3.97
N ARG B 50 -19.47 2.65 -4.22
CA ARG B 50 -19.42 3.15 -5.59
C ARG B 50 -18.09 2.79 -6.24
N TYR B 51 -17.01 2.87 -5.46
CA TYR B 51 -15.70 2.52 -5.99
C TYR B 51 -15.65 1.03 -6.31
N LEU B 52 -16.38 0.24 -5.53
CA LEU B 52 -16.49 -1.20 -5.78
C LEU B 52 -17.19 -1.48 -7.11
N ARG B 53 -18.32 -0.83 -7.35
CA ARG B 53 -19.12 -1.14 -8.52
C ARG B 53 -18.43 -0.70 -9.81
N GLU B 54 -17.58 0.32 -9.71
CA GLU B 54 -16.90 0.82 -10.90
C GLU B 54 -15.52 0.20 -11.07
N GLN B 55 -14.82 -0.10 -9.98
CA GLN B 55 -13.48 -0.66 -10.08
C GLN B 55 -13.49 -2.15 -9.80
N LEU B 56 -13.77 -2.53 -8.55
CA LEU B 56 -13.67 -3.92 -8.08
C LEU B 56 -12.48 -4.62 -8.75
N GLY B 57 -11.37 -3.89 -8.86
CA GLY B 57 -10.26 -4.37 -9.66
C GLY B 57 -8.93 -4.29 -8.95
N PHE B 58 -8.96 -3.92 -7.66
CA PHE B 58 -7.74 -3.86 -6.83
C PHE B 58 -6.65 -3.07 -7.54
N GLU B 59 -5.40 -3.35 -7.23
CA GLU B 59 -4.32 -2.75 -7.99
C GLU B 59 -3.75 -3.77 -8.96
N PHE B 60 -4.12 -3.64 -10.22
CA PHE B 60 -3.67 -4.57 -11.24
C PHE B 60 -2.37 -4.08 -11.84
N LYS B 61 -1.28 -4.61 -11.33
CA LYS B 61 0.05 -4.21 -11.76
C LYS B 61 0.74 -5.37 -12.46
N ASN B 62 0.10 -5.89 -13.51
CA ASN B 62 0.63 -7.06 -14.21
C ASN B 62 1.80 -6.67 -15.09
N ALA B 63 2.94 -6.41 -14.46
CA ALA B 63 4.19 -6.02 -15.13
C ALA B 63 4.05 -4.69 -15.87
N GLN B 64 2.94 -4.00 -15.66
CA GLN B 64 2.66 -2.72 -16.30
C GLN B 64 2.85 -2.83 -17.82
N LEU B 65 2.37 -3.94 -18.38
CA LEU B 65 2.46 -4.15 -19.82
C LEU B 65 1.73 -3.04 -20.55
N GLU B 66 2.49 -2.26 -21.31
CA GLU B 66 1.94 -1.11 -22.05
C GLU B 66 0.72 -1.54 -22.87
N HIS B 67 0.95 -2.36 -23.89
CA HIS B 67 -0.13 -2.95 -24.66
C HIS B 67 -0.97 -1.84 -25.32
N HIS B 68 -2.10 -2.20 -25.92
CA HIS B 68 -3.01 -1.21 -26.46
C HIS B 68 -4.45 -1.59 -26.18
N HIS B 69 -5.20 -0.68 -25.60
CA HIS B 69 -6.63 -0.85 -25.45
C HIS B 69 -7.30 -0.51 -26.77
N HIS B 70 -7.51 -1.55 -27.58
CA HIS B 70 -7.96 -1.36 -28.95
C HIS B 70 -9.35 -0.73 -28.99
N HIS B 71 -9.52 0.25 -29.87
CA HIS B 71 -10.80 0.92 -30.05
C HIS B 71 -11.91 -0.09 -30.29
N HIS B 72 -12.98 0.06 -29.53
CA HIS B 72 -14.15 -0.79 -29.70
C HIS B 72 -15.14 -0.09 -30.63
N MET A 1 -0.44 16.72 -0.12
CA MET A 1 -1.25 16.42 -1.31
C MET A 1 -0.32 15.95 -2.42
N VAL A 2 -0.86 15.19 -3.37
CA VAL A 2 -0.08 14.58 -4.44
C VAL A 2 0.70 13.37 -3.90
N GLU A 3 0.22 12.82 -2.78
CA GLU A 3 0.79 11.60 -2.24
C GLU A 3 0.50 10.44 -3.18
N ASN A 4 1.55 9.78 -3.64
CA ASN A 4 1.42 8.68 -4.58
C ASN A 4 2.64 7.77 -4.49
N PRO A 5 2.56 6.55 -5.05
CA PRO A 5 3.67 5.57 -4.98
C PRO A 5 5.00 6.10 -5.53
N MET A 6 4.93 7.00 -6.50
CA MET A 6 6.15 7.51 -7.13
C MET A 6 6.61 8.78 -6.44
N VAL A 7 7.30 8.61 -5.32
CA VAL A 7 7.84 9.73 -4.55
C VAL A 7 9.26 9.39 -4.09
N ILE A 8 10.08 10.41 -3.89
CA ILE A 8 11.44 10.22 -3.39
C ILE A 8 11.43 9.42 -2.08
N ASN A 9 12.48 8.64 -1.85
CA ASN A 9 12.56 7.71 -0.72
C ASN A 9 12.04 8.32 0.58
N ASN A 10 11.04 7.67 1.15
CA ASN A 10 10.42 8.11 2.39
C ASN A 10 11.34 7.82 3.56
N TRP A 11 11.16 8.56 4.66
CA TRP A 11 11.97 8.36 5.85
C TRP A 11 11.83 6.93 6.36
N HIS A 12 10.63 6.37 6.23
CA HIS A 12 10.34 5.04 6.75
C HIS A 12 10.80 3.94 5.79
N ASP A 13 11.57 3.00 6.34
CA ASP A 13 11.97 1.79 5.63
C ASP A 13 12.92 2.08 4.46
N LYS A 14 13.67 3.17 4.57
CA LYS A 14 14.62 3.53 3.52
C LYS A 14 16.01 2.96 3.82
N LEU A 15 16.03 1.80 4.46
CA LEU A 15 17.29 1.12 4.80
C LEU A 15 17.88 0.47 3.56
N THR A 16 17.01 0.14 2.62
CA THR A 16 17.41 -0.46 1.36
C THR A 16 16.92 0.39 0.20
N GLU A 17 16.99 -0.13 -1.01
CA GLU A 17 16.38 0.53 -2.14
C GLU A 17 14.86 0.58 -1.95
N THR A 18 14.25 1.67 -2.37
CA THR A 18 12.86 1.94 -2.07
C THR A 18 11.91 1.29 -3.08
N ASP A 19 12.27 1.39 -4.35
CA ASP A 19 11.42 0.88 -5.44
C ASP A 19 11.51 -0.64 -5.56
N VAL A 20 11.78 -1.29 -4.45
CA VAL A 20 11.93 -2.73 -4.42
C VAL A 20 10.82 -3.36 -3.59
N GLN A 21 9.83 -3.91 -4.25
CA GLN A 21 8.72 -4.56 -3.58
C GLN A 21 8.75 -6.07 -3.82
N ILE A 22 8.27 -6.82 -2.84
CA ILE A 22 8.19 -8.26 -2.96
C ILE A 22 6.75 -8.70 -2.72
N ASP A 23 6.38 -9.84 -3.28
CA ASP A 23 5.06 -10.40 -3.09
C ASP A 23 4.95 -11.06 -1.72
N PHE A 24 3.90 -11.87 -1.56
CA PHE A 24 3.65 -12.54 -0.29
C PHE A 24 4.54 -13.77 -0.10
N TYR A 25 4.96 -14.38 -1.20
CA TYR A 25 5.70 -15.63 -1.14
C TYR A 25 7.19 -15.39 -0.96
N GLY A 26 7.65 -14.18 -1.24
CA GLY A 26 9.02 -13.83 -0.97
C GLY A 26 9.94 -14.06 -2.16
N ASP A 27 9.44 -13.79 -3.36
CA ASP A 27 10.29 -13.86 -4.55
C ASP A 27 10.88 -12.49 -4.81
N GLU A 28 10.23 -11.73 -5.70
CA GLU A 28 10.60 -10.34 -5.98
C GLU A 28 9.75 -9.83 -7.13
N VAL A 29 8.95 -8.81 -6.87
CA VAL A 29 8.08 -8.28 -7.91
C VAL A 29 8.54 -6.90 -8.36
N THR A 30 9.31 -6.89 -9.43
CA THR A 30 9.77 -5.65 -10.01
C THR A 30 8.67 -5.04 -10.88
N PRO A 31 8.75 -3.74 -11.21
CA PRO A 31 7.73 -3.06 -12.03
C PRO A 31 7.72 -3.53 -13.48
N VAL A 32 8.38 -4.65 -13.75
CA VAL A 32 8.40 -5.23 -15.09
C VAL A 32 7.70 -6.58 -15.10
N ASP A 33 7.02 -6.91 -14.00
CA ASP A 33 6.27 -8.16 -13.93
C ASP A 33 4.82 -7.89 -13.56
N ASP A 34 3.99 -8.92 -13.60
CA ASP A 34 2.56 -8.77 -13.39
C ASP A 34 2.17 -9.24 -12.00
N TYR A 35 1.51 -8.38 -11.26
CA TYR A 35 1.11 -8.71 -9.91
C TYR A 35 -0.24 -8.10 -9.58
N VAL A 36 -0.80 -8.51 -8.46
CA VAL A 36 -2.04 -7.96 -7.95
C VAL A 36 -1.91 -7.75 -6.46
N ILE A 37 -2.43 -6.64 -5.96
CA ILE A 37 -2.33 -6.37 -4.54
C ILE A 37 -3.66 -6.58 -3.85
N ASP A 38 -3.68 -7.49 -2.87
CA ASP A 38 -4.91 -7.84 -2.18
C ASP A 38 -4.90 -7.29 -0.76
N GLY A 39 -5.35 -6.05 -0.64
CA GLY A 39 -5.54 -5.45 0.67
C GLY A 39 -4.23 -5.06 1.35
N GLY A 40 -3.32 -4.47 0.60
CA GLY A 40 -2.08 -3.99 1.18
C GLY A 40 -0.93 -4.95 0.98
N GLU A 41 -1.23 -6.20 0.66
CA GLU A 41 -0.20 -7.19 0.43
C GLU A 41 -0.11 -7.55 -1.04
N ILE A 42 1.12 -7.58 -1.54
CA ILE A 42 1.40 -7.81 -2.94
C ILE A 42 1.47 -9.30 -3.23
N ILE A 43 0.89 -9.74 -4.34
CA ILE A 43 1.03 -11.12 -4.77
C ILE A 43 1.32 -11.18 -6.26
N LEU A 44 2.36 -11.91 -6.63
CA LEU A 44 2.69 -12.12 -8.03
C LEU A 44 1.56 -12.91 -8.71
N ARG A 45 1.28 -12.58 -9.96
CA ARG A 45 0.17 -13.22 -10.69
C ARG A 45 0.37 -14.73 -10.86
N GLU A 46 1.58 -15.20 -10.58
CA GLU A 46 1.92 -16.60 -10.78
C GLU A 46 1.08 -17.51 -9.88
N ASN A 47 1.01 -17.19 -8.59
CA ASN A 47 0.23 -17.98 -7.65
C ASN A 47 -0.69 -17.06 -6.84
N LEU A 48 -1.25 -16.06 -7.52
CA LEU A 48 -2.17 -15.12 -6.89
C LEU A 48 -3.51 -15.79 -6.61
N GLU A 49 -3.90 -16.68 -7.51
CA GLU A 49 -5.22 -17.30 -7.49
C GLU A 49 -5.51 -17.97 -6.16
N ARG A 50 -4.49 -18.59 -5.54
CA ARG A 50 -4.69 -19.27 -4.28
C ARG A 50 -4.75 -18.30 -3.10
N TYR A 51 -4.10 -17.15 -3.23
CA TYR A 51 -4.15 -16.18 -2.15
C TYR A 51 -5.51 -15.49 -2.14
N LEU A 52 -6.07 -15.31 -3.33
CA LEU A 52 -7.43 -14.81 -3.47
C LEU A 52 -8.41 -15.90 -3.03
N ARG A 53 -7.97 -17.15 -3.10
CA ARG A 53 -8.77 -18.26 -2.62
C ARG A 53 -8.81 -18.23 -1.10
N GLU A 54 -7.76 -17.67 -0.50
CA GLU A 54 -7.68 -17.55 0.95
C GLU A 54 -8.36 -16.27 1.43
N GLN A 55 -7.97 -15.12 0.89
CA GLN A 55 -8.51 -13.86 1.37
C GLN A 55 -9.63 -13.35 0.47
N LEU A 56 -9.27 -12.95 -0.77
CA LEU A 56 -10.23 -12.31 -1.68
C LEU A 56 -10.97 -11.17 -0.98
N GLY A 57 -10.31 -10.51 -0.04
CA GLY A 57 -11.03 -9.66 0.89
C GLY A 57 -10.54 -8.24 0.96
N PHE A 58 -9.42 -7.93 0.27
CA PHE A 58 -8.85 -6.58 0.30
C PHE A 58 -8.66 -6.13 1.74
N GLU A 59 -8.65 -4.84 1.99
CA GLU A 59 -8.67 -4.39 3.37
C GLU A 59 -9.94 -3.61 3.67
N PHE A 60 -10.88 -4.26 4.33
CA PHE A 60 -12.04 -3.58 4.89
C PHE A 60 -11.65 -3.00 6.24
N LYS A 61 -11.41 -1.70 6.26
CA LYS A 61 -10.94 -1.04 7.47
C LYS A 61 -12.12 -0.40 8.20
N ASN A 62 -12.73 -1.15 9.09
CA ASN A 62 -13.95 -0.72 9.78
C ASN A 62 -13.58 0.13 10.99
N ALA A 63 -12.63 1.04 10.78
CA ALA A 63 -12.14 1.95 11.81
C ALA A 63 -11.40 1.23 12.93
N GLN A 64 -11.35 -0.10 12.88
CA GLN A 64 -10.71 -0.90 13.93
C GLN A 64 -11.34 -0.58 15.29
N LEU A 65 -12.57 -0.08 15.25
CA LEU A 65 -13.24 0.41 16.45
C LEU A 65 -13.62 -0.73 17.39
N GLU A 66 -12.86 -0.87 18.46
CA GLU A 66 -13.17 -1.84 19.49
C GLU A 66 -13.29 -1.11 20.82
N HIS A 67 -14.52 -0.98 21.30
CA HIS A 67 -14.78 -0.27 22.54
C HIS A 67 -15.96 -0.94 23.24
N HIS A 68 -15.94 -2.26 23.27
CA HIS A 68 -17.00 -3.03 23.91
C HIS A 68 -17.14 -2.67 25.38
N HIS A 69 -18.38 -2.50 25.81
CA HIS A 69 -18.65 -2.22 27.21
C HIS A 69 -19.65 -3.23 27.74
N HIS A 70 -19.19 -4.09 28.63
CA HIS A 70 -20.03 -5.11 29.22
C HIS A 70 -20.46 -4.68 30.61
N HIS A 71 -19.98 -3.51 31.00
CA HIS A 71 -20.33 -2.89 32.26
C HIS A 71 -20.51 -1.39 32.07
N HIS A 72 -21.74 -0.93 32.16
CA HIS A 72 -22.04 0.49 32.04
C HIS A 72 -22.04 1.14 33.42
N MET B 1 33.63 28.00 11.15
CA MET B 1 32.60 27.84 10.09
C MET B 1 31.57 28.96 10.18
N VAL B 2 31.15 29.46 9.04
CA VAL B 2 30.14 30.50 9.00
C VAL B 2 28.78 29.91 8.66
N GLU B 3 28.15 29.30 9.65
CA GLU B 3 26.82 28.73 9.47
C GLU B 3 26.07 28.74 10.79
N ASN B 4 25.34 29.83 11.04
CA ASN B 4 24.54 29.95 12.25
C ASN B 4 23.36 30.89 11.99
N PRO B 5 22.34 30.41 11.28
CA PRO B 5 21.14 31.19 10.99
C PRO B 5 20.09 31.05 12.10
N MET B 6 20.33 30.09 12.99
CA MET B 6 19.40 29.79 14.06
C MET B 6 20.09 28.92 15.10
N VAL B 7 19.90 29.23 16.38
CA VAL B 7 20.44 28.41 17.44
C VAL B 7 19.78 27.03 17.45
N ILE B 8 20.60 25.99 17.33
CA ILE B 8 20.10 24.63 17.22
C ILE B 8 19.69 24.10 18.59
N ASN B 9 18.38 24.03 18.81
CA ASN B 9 17.84 23.43 20.03
C ASN B 9 16.41 22.97 19.78
N ASN B 10 16.23 21.66 19.62
CA ASN B 10 14.92 21.09 19.37
C ASN B 10 14.23 20.80 20.69
N TRP B 11 13.05 21.38 20.88
CA TRP B 11 12.30 21.18 22.11
C TRP B 11 11.23 20.11 21.89
N HIS B 12 11.63 18.85 22.08
CA HIS B 12 10.78 17.68 21.81
C HIS B 12 10.53 17.53 20.30
N ASP B 13 9.91 18.53 19.70
CA ASP B 13 9.66 18.58 18.26
C ASP B 13 8.93 17.34 17.75
N LYS B 14 7.62 17.36 17.84
CA LYS B 14 6.82 16.28 17.29
C LYS B 14 5.90 16.80 16.20
N LEU B 15 5.86 16.09 15.08
CA LEU B 15 5.05 16.50 13.95
C LEU B 15 3.57 16.22 14.22
N THR B 16 2.73 17.10 13.73
CA THR B 16 1.28 16.94 13.89
C THR B 16 0.80 15.69 13.17
N GLU B 17 1.41 15.40 12.04
CA GLU B 17 1.09 14.23 11.25
C GLU B 17 2.15 13.14 11.45
N THR B 18 1.71 11.94 11.76
CA THR B 18 2.61 10.81 11.86
C THR B 18 2.07 9.63 11.06
N ASP B 19 0.80 9.33 11.26
CA ASP B 19 0.15 8.23 10.55
C ASP B 19 -1.19 8.67 9.97
N VAL B 20 -1.39 9.98 9.90
CA VAL B 20 -2.61 10.54 9.32
C VAL B 20 -2.68 10.22 7.83
N GLN B 21 -3.88 9.86 7.36
CA GLN B 21 -4.08 9.51 5.96
C GLN B 21 -5.31 10.22 5.40
N ILE B 22 -5.46 10.16 4.08
CA ILE B 22 -6.61 10.75 3.41
C ILE B 22 -7.13 9.77 2.34
N ASP B 23 -8.40 9.89 1.98
CA ASP B 23 -8.99 9.06 0.95
C ASP B 23 -8.62 9.58 -0.44
N PHE B 24 -9.25 9.00 -1.45
CA PHE B 24 -8.97 9.31 -2.85
C PHE B 24 -9.45 10.72 -3.22
N TYR B 25 -10.50 11.19 -2.57
CA TYR B 25 -11.12 12.45 -2.94
C TYR B 25 -10.47 13.63 -2.23
N GLY B 26 -9.81 13.37 -1.11
CA GLY B 26 -9.06 14.43 -0.46
C GLY B 26 -9.82 15.06 0.69
N ASP B 27 -10.55 14.26 1.46
CA ASP B 27 -11.19 14.76 2.66
C ASP B 27 -10.22 14.61 3.83
N GLU B 28 -10.28 13.45 4.48
CA GLU B 28 -9.33 13.08 5.53
C GLU B 28 -9.82 11.79 6.18
N VAL B 29 -8.92 10.88 6.45
CA VAL B 29 -9.29 9.63 7.06
C VAL B 29 -8.65 9.48 8.43
N THR B 30 -9.47 9.55 9.47
CA THR B 30 -9.00 9.32 10.81
C THR B 30 -9.25 7.86 11.18
N PRO B 31 -8.54 7.34 12.19
CA PRO B 31 -8.73 5.95 12.65
C PRO B 31 -10.12 5.68 13.21
N VAL B 32 -11.00 6.67 13.15
CA VAL B 32 -12.36 6.51 13.63
C VAL B 32 -13.34 6.50 12.45
N ASP B 33 -12.80 6.64 11.24
CA ASP B 33 -13.62 6.67 10.04
C ASP B 33 -13.56 5.33 9.32
N ASP B 34 -14.69 4.91 8.76
CA ASP B 34 -14.74 3.66 8.02
C ASP B 34 -14.29 3.88 6.59
N TYR B 35 -13.25 3.18 6.20
CA TYR B 35 -12.72 3.28 4.85
C TYR B 35 -12.26 1.92 4.38
N VAL B 36 -12.09 1.77 3.10
CA VAL B 36 -11.62 0.51 2.55
C VAL B 36 -10.39 0.77 1.69
N ILE B 37 -9.43 -0.12 1.80
CA ILE B 37 -8.19 0.02 1.06
C ILE B 37 -8.14 -0.98 -0.07
N ASP B 38 -8.19 -0.47 -1.28
CA ASP B 38 -8.13 -1.29 -2.48
C ASP B 38 -6.67 -1.51 -2.82
N GLY B 39 -6.07 -2.52 -2.20
CA GLY B 39 -4.68 -2.87 -2.47
C GLY B 39 -3.68 -1.89 -1.85
N GLY B 40 -4.06 -0.64 -1.75
CA GLY B 40 -3.14 0.40 -1.35
C GLY B 40 -3.76 1.77 -1.52
N GLU B 41 -4.76 1.86 -2.36
CA GLU B 41 -5.52 3.08 -2.51
C GLU B 41 -6.57 3.18 -1.40
N ILE B 42 -6.78 4.38 -0.92
CA ILE B 42 -7.65 4.62 0.23
C ILE B 42 -8.95 5.27 -0.22
N ILE B 43 -10.05 4.62 0.04
CA ILE B 43 -11.35 5.18 -0.31
C ILE B 43 -12.26 5.19 0.91
N LEU B 44 -12.73 6.37 1.30
CA LEU B 44 -13.77 6.46 2.30
C LEU B 44 -14.98 5.66 1.84
N ARG B 45 -15.68 5.06 2.79
CA ARG B 45 -16.87 4.29 2.47
C ARG B 45 -18.01 5.19 1.99
N GLU B 46 -17.72 6.49 1.94
CA GLU B 46 -18.68 7.48 1.45
C GLU B 46 -19.07 7.19 0.00
N ASN B 47 -18.07 7.02 -0.87
CA ASN B 47 -18.34 6.74 -2.29
C ASN B 47 -17.60 5.49 -2.72
N LEU B 48 -17.22 4.69 -1.74
CA LEU B 48 -16.50 3.44 -1.97
C LEU B 48 -17.24 2.55 -2.97
N GLU B 49 -18.56 2.56 -2.88
CA GLU B 49 -19.41 1.69 -3.69
C GLU B 49 -19.08 1.81 -5.18
N ARG B 50 -18.89 3.03 -5.65
CA ARG B 50 -18.59 3.25 -7.06
C ARG B 50 -17.17 2.83 -7.40
N TYR B 51 -16.24 3.06 -6.48
CA TYR B 51 -14.86 2.69 -6.72
C TYR B 51 -14.71 1.18 -6.79
N LEU B 52 -15.49 0.47 -5.97
CA LEU B 52 -15.52 -0.99 -6.01
C LEU B 52 -16.14 -1.48 -7.32
N ARG B 53 -17.08 -0.71 -7.87
CA ARG B 53 -17.67 -1.05 -9.15
C ARG B 53 -16.66 -0.87 -10.28
N GLU B 54 -15.67 -0.02 -10.05
CA GLU B 54 -14.60 0.18 -11.03
C GLU B 54 -13.44 -0.80 -10.79
N GLN B 55 -12.90 -0.79 -9.58
CA GLN B 55 -11.71 -1.59 -9.25
C GLN B 55 -12.12 -2.89 -8.55
N LEU B 56 -12.80 -2.74 -7.41
CA LEU B 56 -13.32 -3.85 -6.62
C LEU B 56 -12.26 -4.47 -5.71
N GLY B 57 -11.48 -3.62 -5.06
CA GLY B 57 -10.56 -4.07 -4.03
C GLY B 57 -9.25 -4.62 -4.59
N PHE B 58 -9.36 -5.49 -5.58
CA PHE B 58 -8.18 -6.10 -6.19
C PHE B 58 -7.45 -5.06 -7.03
N GLU B 59 -6.17 -4.85 -6.76
CA GLU B 59 -5.38 -4.00 -7.62
C GLU B 59 -4.72 -4.83 -8.70
N PHE B 60 -5.29 -4.79 -9.88
CA PHE B 60 -4.74 -5.50 -11.02
C PHE B 60 -3.62 -4.69 -11.63
N LYS B 61 -2.43 -4.89 -11.11
CA LYS B 61 -1.29 -4.09 -11.55
C LYS B 61 -0.35 -4.91 -12.41
N ASN B 62 -0.72 -5.03 -13.67
CA ASN B 62 0.10 -5.69 -14.66
C ASN B 62 1.31 -4.83 -14.99
N ALA B 63 2.35 -5.46 -15.51
CA ALA B 63 3.58 -4.76 -15.86
C ALA B 63 3.31 -3.68 -16.89
N GLN B 64 2.50 -4.03 -17.89
CA GLN B 64 2.17 -3.12 -18.98
C GLN B 64 3.43 -2.60 -19.66
N LEU B 65 4.22 -3.53 -20.17
CA LEU B 65 5.45 -3.18 -20.87
C LEU B 65 5.11 -2.38 -22.12
N GLU B 66 5.77 -1.24 -22.29
CA GLU B 66 5.51 -0.38 -23.43
C GLU B 66 6.12 -0.99 -24.70
N HIS B 67 5.42 -1.97 -25.25
CA HIS B 67 5.83 -2.60 -26.49
C HIS B 67 4.89 -2.18 -27.61
N HIS B 68 5.14 -1.00 -28.17
CA HIS B 68 4.31 -0.48 -29.23
C HIS B 68 4.67 -1.18 -30.54
N HIS B 69 3.70 -1.81 -31.16
CA HIS B 69 3.95 -2.55 -32.40
C HIS B 69 3.83 -1.63 -33.61
N HIS B 70 4.83 -1.66 -34.46
CA HIS B 70 4.78 -0.94 -35.72
C HIS B 70 4.89 -1.96 -36.86
N HIS B 71 4.06 -1.80 -37.88
CA HIS B 71 4.04 -2.76 -38.97
C HIS B 71 4.39 -2.08 -40.28
N HIS B 72 4.49 -0.76 -40.25
CA HIS B 72 4.92 0.02 -41.40
C HIS B 72 6.14 0.85 -41.01
N MET A 1 43.42 -2.81 -22.52
CA MET A 1 42.52 -2.09 -23.45
C MET A 1 41.07 -2.53 -23.24
N VAL A 2 40.25 -1.63 -22.73
CA VAL A 2 38.82 -1.89 -22.58
C VAL A 2 38.03 -0.92 -23.45
N GLU A 3 37.00 -1.42 -24.11
CA GLU A 3 36.24 -0.61 -25.06
C GLU A 3 34.94 -0.12 -24.44
N ASN A 4 34.47 1.03 -24.93
CA ASN A 4 33.17 1.59 -24.56
C ASN A 4 33.13 2.01 -23.09
N PRO A 5 32.10 2.78 -22.69
CA PRO A 5 31.85 3.07 -21.27
C PRO A 5 31.62 1.77 -20.50
N MET A 6 32.50 1.48 -19.56
CA MET A 6 32.51 0.20 -18.86
C MET A 6 31.13 -0.15 -18.30
N VAL A 7 30.66 -1.33 -18.68
CA VAL A 7 29.36 -1.83 -18.25
C VAL A 7 29.42 -2.25 -16.79
N ILE A 8 28.27 -2.27 -16.14
CA ILE A 8 28.20 -2.71 -14.76
C ILE A 8 28.41 -4.22 -14.65
N ASN A 9 28.99 -4.65 -13.55
CA ASN A 9 29.26 -6.07 -13.33
C ASN A 9 28.74 -6.48 -11.96
N ASN A 10 27.92 -5.62 -11.38
CA ASN A 10 27.42 -5.83 -10.03
C ASN A 10 26.04 -6.47 -10.08
N TRP A 11 26.00 -7.78 -9.88
CA TRP A 11 24.73 -8.53 -9.88
C TRP A 11 23.78 -7.95 -8.83
N HIS A 12 24.17 -8.09 -7.57
CA HIS A 12 23.45 -7.48 -6.46
C HIS A 12 24.44 -7.13 -5.36
N ASP A 13 25.18 -8.15 -4.92
CA ASP A 13 26.25 -7.99 -3.93
C ASP A 13 25.69 -7.53 -2.59
N LYS A 14 25.57 -6.22 -2.40
CA LYS A 14 25.04 -5.69 -1.16
C LYS A 14 24.17 -4.45 -1.46
N LEU A 15 23.73 -4.36 -2.71
CA LEU A 15 22.84 -3.28 -3.12
C LEU A 15 21.42 -3.60 -2.69
N THR A 16 20.72 -2.61 -2.16
CA THR A 16 19.40 -2.83 -1.59
C THR A 16 18.27 -2.42 -2.54
N GLU A 17 17.39 -1.53 -2.08
CA GLU A 17 16.16 -1.23 -2.80
C GLU A 17 16.33 -0.07 -3.77
N THR A 18 16.69 -0.40 -5.01
CA THR A 18 16.70 0.57 -6.09
C THR A 18 15.37 0.55 -6.82
N ASP A 19 14.93 -0.66 -7.14
CA ASP A 19 13.65 -0.88 -7.81
C ASP A 19 13.11 -2.25 -7.39
N VAL A 20 13.66 -2.76 -6.31
CA VAL A 20 13.32 -4.10 -5.83
C VAL A 20 12.20 -4.03 -4.80
N GLN A 21 11.13 -4.76 -5.06
CA GLN A 21 10.02 -4.87 -4.12
C GLN A 21 9.80 -6.34 -3.79
N ILE A 22 9.18 -6.62 -2.67
CA ILE A 22 8.85 -7.99 -2.32
C ILE A 22 7.33 -8.13 -2.16
N ASP A 23 6.83 -9.33 -2.41
CA ASP A 23 5.41 -9.60 -2.30
C ASP A 23 5.05 -10.07 -0.90
N PHE A 24 3.83 -10.58 -0.76
CA PHE A 24 3.29 -11.05 0.50
C PHE A 24 4.00 -12.33 0.94
N TYR A 25 4.54 -13.07 -0.02
CA TYR A 25 5.16 -14.36 0.27
C TYR A 25 6.65 -14.20 0.60
N GLY A 26 7.32 -13.24 -0.02
CA GLY A 26 8.74 -13.07 0.21
C GLY A 26 9.56 -13.70 -0.90
N ASP A 27 8.97 -13.75 -2.09
CA ASP A 27 9.58 -14.41 -3.24
C ASP A 27 10.47 -13.43 -4.01
N GLU A 28 10.35 -12.15 -3.65
CA GLU A 28 11.04 -11.05 -4.34
C GLU A 28 10.39 -10.79 -5.70
N VAL A 29 9.89 -9.57 -5.87
CA VAL A 29 9.18 -9.20 -7.07
C VAL A 29 9.97 -8.15 -7.85
N THR A 30 10.44 -8.55 -9.02
CA THR A 30 11.17 -7.64 -9.87
C THR A 30 10.26 -7.16 -11.01
N PRO A 31 10.67 -6.13 -11.77
CA PRO A 31 9.89 -5.64 -12.92
C PRO A 31 9.62 -6.72 -13.97
N VAL A 32 10.28 -7.87 -13.84
CA VAL A 32 10.11 -8.97 -14.78
C VAL A 32 9.16 -10.03 -14.20
N ASP A 33 8.66 -9.76 -13.02
CA ASP A 33 7.77 -10.71 -12.34
C ASP A 33 6.34 -10.19 -12.35
N ASP A 34 5.39 -11.10 -12.43
CA ASP A 34 3.99 -10.73 -12.47
C ASP A 34 3.42 -10.69 -11.05
N TYR A 35 2.74 -9.61 -10.72
CA TYR A 35 2.22 -9.44 -9.37
C TYR A 35 0.99 -8.53 -9.37
N VAL A 36 0.22 -8.60 -8.30
CA VAL A 36 -0.96 -7.75 -8.14
C VAL A 36 -0.88 -7.05 -6.78
N ILE A 37 -1.46 -5.86 -6.67
CA ILE A 37 -1.42 -5.12 -5.43
C ILE A 37 -2.82 -4.94 -4.85
N ASP A 38 -2.99 -5.54 -3.67
CA ASP A 38 -4.26 -5.51 -2.95
C ASP A 38 -4.17 -4.54 -1.78
N GLY A 39 -4.50 -3.29 -2.04
CA GLY A 39 -4.59 -2.31 -0.98
C GLY A 39 -3.24 -1.95 -0.39
N GLY A 40 -2.26 -1.73 -1.24
CA GLY A 40 -0.94 -1.35 -0.78
C GLY A 40 -0.03 -2.55 -0.57
N GLU A 41 -0.62 -3.71 -0.41
CA GLU A 41 0.16 -4.93 -0.24
C GLU A 41 0.40 -5.60 -1.59
N ILE A 42 1.64 -5.99 -1.82
CA ILE A 42 2.04 -6.63 -3.06
C ILE A 42 1.93 -8.14 -2.92
N ILE A 43 1.31 -8.79 -3.90
CA ILE A 43 1.28 -10.26 -3.91
C ILE A 43 1.69 -10.78 -5.27
N LEU A 44 2.68 -11.65 -5.30
CA LEU A 44 3.13 -12.27 -6.54
C LEU A 44 1.99 -13.10 -7.12
N ARG A 45 1.87 -13.12 -8.45
CA ARG A 45 0.76 -13.79 -9.12
C ARG A 45 0.73 -15.29 -8.86
N GLU A 46 1.76 -15.81 -8.21
CA GLU A 46 1.80 -17.22 -7.85
C GLU A 46 0.81 -17.52 -6.72
N ASN A 47 0.96 -16.83 -5.60
CA ASN A 47 0.08 -17.05 -4.45
C ASN A 47 -1.07 -16.06 -4.43
N LEU A 48 -1.10 -15.20 -5.43
CA LEU A 48 -2.15 -14.18 -5.56
C LEU A 48 -3.51 -14.86 -5.76
N GLU A 49 -3.50 -16.06 -6.32
CA GLU A 49 -4.72 -16.83 -6.52
C GLU A 49 -5.48 -17.02 -5.21
N ARG A 50 -4.74 -17.42 -4.18
CA ARG A 50 -5.30 -17.62 -2.85
C ARG A 50 -5.86 -16.31 -2.30
N TYR A 51 -5.12 -15.23 -2.53
CA TYR A 51 -5.52 -13.92 -2.05
C TYR A 51 -6.83 -13.50 -2.71
N LEU A 52 -6.98 -13.81 -3.99
CA LEU A 52 -8.20 -13.46 -4.71
C LEU A 52 -9.39 -14.30 -4.26
N ARG A 53 -9.15 -15.50 -3.77
CA ARG A 53 -10.25 -16.34 -3.34
C ARG A 53 -10.87 -15.80 -2.06
N GLU A 54 -10.04 -15.43 -1.10
CA GLU A 54 -10.53 -14.99 0.20
C GLU A 54 -10.69 -13.46 0.29
N GLN A 55 -9.83 -12.71 -0.40
CA GLN A 55 -9.92 -11.25 -0.38
C GLN A 55 -10.55 -10.74 -1.68
N LEU A 56 -9.94 -11.13 -2.81
CA LEU A 56 -10.44 -10.80 -4.15
C LEU A 56 -10.10 -9.35 -4.55
N GLY A 57 -8.93 -8.88 -4.14
CA GLY A 57 -8.46 -7.58 -4.59
C GLY A 57 -8.89 -6.45 -3.69
N PHE A 58 -10.15 -6.47 -3.28
CA PHE A 58 -10.68 -5.46 -2.40
C PHE A 58 -10.06 -5.63 -1.01
N GLU A 59 -9.34 -4.63 -0.55
CA GLU A 59 -8.69 -4.75 0.75
C GLU A 59 -9.62 -4.18 1.80
N PHE A 60 -10.28 -5.09 2.51
CA PHE A 60 -11.28 -4.71 3.49
C PHE A 60 -10.66 -4.53 4.85
N LYS A 61 -10.18 -3.32 5.09
CA LYS A 61 -9.71 -2.95 6.41
C LYS A 61 -10.88 -2.48 7.23
N ASN A 62 -10.63 -2.21 8.50
CA ASN A 62 -11.63 -1.64 9.38
C ASN A 62 -10.91 -0.66 10.29
N ALA A 63 -11.66 0.02 11.14
CA ALA A 63 -11.05 0.91 12.12
C ALA A 63 -10.17 0.08 13.05
N GLN A 64 -10.70 -1.08 13.44
CA GLN A 64 -9.98 -2.03 14.30
C GLN A 64 -9.73 -1.42 15.68
N LEU A 65 -8.66 -0.63 15.81
CA LEU A 65 -8.37 0.10 17.04
C LEU A 65 -8.33 -0.83 18.26
N GLU A 66 -7.92 -2.08 18.02
CA GLU A 66 -7.90 -3.12 19.05
C GLU A 66 -9.30 -3.41 19.60
N HIS A 67 -10.30 -2.89 18.91
CA HIS A 67 -11.70 -3.13 19.23
C HIS A 67 -12.38 -3.79 18.04
N HIS A 68 -12.10 -5.06 17.85
CA HIS A 68 -12.60 -5.79 16.69
C HIS A 68 -13.05 -7.17 17.08
N HIS A 69 -14.15 -7.62 16.49
CA HIS A 69 -14.67 -8.95 16.80
C HIS A 69 -14.54 -9.87 15.60
N HIS A 70 -14.24 -11.13 15.88
CA HIS A 70 -14.13 -12.15 14.84
C HIS A 70 -15.47 -12.32 14.14
N HIS A 71 -16.44 -12.87 14.87
CA HIS A 71 -17.81 -13.08 14.38
C HIS A 71 -18.67 -13.55 15.53
N HIS A 72 -18.32 -14.72 16.06
CA HIS A 72 -18.97 -15.24 17.26
C HIS A 72 -17.92 -15.54 18.32
N MET B 1 4.02 37.32 -5.70
CA MET B 1 4.12 37.43 -7.17
C MET B 1 5.12 36.41 -7.71
N VAL B 2 6.30 36.35 -7.09
CA VAL B 2 7.35 35.45 -7.53
C VAL B 2 8.09 34.90 -6.32
N GLU B 3 8.85 33.82 -6.52
CA GLU B 3 9.66 33.23 -5.46
C GLU B 3 10.62 34.27 -4.88
N ASN B 4 10.46 34.56 -3.61
CA ASN B 4 11.30 35.55 -2.94
C ASN B 4 12.42 34.86 -2.16
N PRO B 5 13.61 35.45 -2.12
CA PRO B 5 14.76 34.91 -1.36
C PRO B 5 14.42 34.56 0.09
N MET B 6 13.45 35.26 0.66
CA MET B 6 13.02 35.00 2.03
C MET B 6 12.11 33.77 2.06
N VAL B 7 12.69 32.60 1.86
CA VAL B 7 11.94 31.35 1.84
C VAL B 7 11.65 30.87 3.26
N ILE B 8 12.03 31.66 4.24
CA ILE B 8 11.81 31.32 5.65
C ILE B 8 10.41 31.73 6.10
N ASN B 9 9.55 32.02 5.13
CA ASN B 9 8.17 32.41 5.42
C ASN B 9 7.28 31.18 5.55
N ASN B 10 7.90 30.01 5.56
CA ASN B 10 7.16 28.77 5.64
C ASN B 10 6.85 28.42 7.09
N TRP B 11 5.88 27.54 7.29
CA TRP B 11 5.47 27.13 8.62
C TRP B 11 6.47 26.15 9.20
N HIS B 12 6.70 26.24 10.49
CA HIS B 12 7.68 25.38 11.15
C HIS B 12 7.02 24.12 11.70
N ASP B 13 7.80 23.31 12.40
CA ASP B 13 7.31 22.05 12.93
C ASP B 13 6.35 22.26 14.10
N LYS B 14 5.07 22.13 13.79
CA LYS B 14 4.03 22.19 14.80
C LYS B 14 2.89 21.26 14.41
N LEU B 15 2.56 21.27 13.12
CA LEU B 15 1.60 20.32 12.58
C LEU B 15 2.26 18.95 12.51
N THR B 16 1.97 18.13 13.50
CA THR B 16 2.62 16.83 13.62
C THR B 16 1.91 15.77 12.79
N GLU B 17 2.64 15.16 11.87
CA GLU B 17 2.12 14.08 11.06
C GLU B 17 2.25 12.76 11.80
N THR B 18 1.69 11.71 11.22
CA THR B 18 1.75 10.39 11.79
C THR B 18 1.57 9.37 10.69
N ASP B 19 0.39 9.41 10.08
CA ASP B 19 0.04 8.58 8.95
C ASP B 19 -1.31 9.03 8.44
N VAL B 20 -1.55 10.33 8.51
CA VAL B 20 -2.86 10.89 8.18
C VAL B 20 -3.18 10.68 6.70
N GLN B 21 -4.04 9.71 6.46
CA GLN B 21 -4.46 9.36 5.12
C GLN B 21 -5.86 9.88 4.86
N ILE B 22 -6.23 10.05 3.60
CA ILE B 22 -7.58 10.45 3.25
C ILE B 22 -8.14 9.53 2.19
N ASP B 23 -9.46 9.44 2.11
CA ASP B 23 -10.12 8.55 1.19
C ASP B 23 -10.25 9.20 -0.19
N PHE B 24 -11.11 8.61 -1.02
CA PHE B 24 -11.34 9.08 -2.38
C PHE B 24 -12.10 10.41 -2.38
N TYR B 25 -12.97 10.60 -1.38
CA TYR B 25 -13.80 11.79 -1.33
C TYR B 25 -12.98 13.01 -0.89
N GLY B 26 -12.11 12.82 0.09
CA GLY B 26 -11.26 13.89 0.52
C GLY B 26 -11.70 14.47 1.85
N ASP B 27 -12.19 13.63 2.74
CA ASP B 27 -12.55 14.07 4.08
C ASP B 27 -11.34 13.96 5.00
N GLU B 28 -11.18 12.80 5.62
CA GLU B 28 -9.98 12.49 6.42
C GLU B 28 -10.16 11.12 7.07
N VAL B 29 -9.14 10.27 6.94
CA VAL B 29 -9.21 8.91 7.47
C VAL B 29 -8.20 8.72 8.59
N THR B 30 -8.71 8.53 9.79
CA THR B 30 -7.87 8.29 10.96
C THR B 30 -7.93 6.82 11.36
N PRO B 31 -7.04 6.39 12.27
CA PRO B 31 -7.05 5.01 12.79
C PRO B 31 -8.35 4.58 13.47
N VAL B 32 -9.30 5.51 13.60
CA VAL B 32 -10.60 5.18 14.18
C VAL B 32 -11.67 5.12 13.11
N ASP B 33 -11.27 5.37 11.86
CA ASP B 33 -12.20 5.35 10.73
C ASP B 33 -12.18 4.01 10.03
N ASP B 34 -13.36 3.51 9.70
CA ASP B 34 -13.47 2.27 8.96
C ASP B 34 -13.23 2.54 7.49
N TYR B 35 -12.09 2.09 6.97
CA TYR B 35 -11.74 2.37 5.59
C TYR B 35 -11.42 1.09 4.84
N VAL B 36 -11.56 1.13 3.53
CA VAL B 36 -11.23 0.02 2.65
C VAL B 36 -10.36 0.55 1.52
N ILE B 37 -9.42 -0.25 1.05
CA ILE B 37 -8.55 0.19 -0.03
C ILE B 37 -8.78 -0.67 -1.27
N ASP B 38 -9.05 -0.01 -2.38
CA ASP B 38 -9.24 -0.73 -3.64
C ASP B 38 -7.96 -0.70 -4.44
N GLY B 39 -7.06 -1.64 -4.11
CA GLY B 39 -5.79 -1.74 -4.80
C GLY B 39 -4.74 -0.78 -4.26
N GLY B 40 -5.14 0.46 -4.04
CA GLY B 40 -4.19 1.49 -3.64
C GLY B 40 -4.91 2.75 -3.21
N GLU B 41 -6.07 2.98 -3.80
CA GLU B 41 -6.91 4.11 -3.43
C GLU B 41 -7.72 3.78 -2.18
N ILE B 42 -7.73 4.72 -1.25
CA ILE B 42 -8.44 4.56 0.01
C ILE B 42 -9.87 5.07 -0.12
N ILE B 43 -10.82 4.33 0.45
CA ILE B 43 -12.21 4.76 0.47
C ILE B 43 -12.81 4.51 1.84
N LEU B 44 -13.47 5.52 2.39
CA LEU B 44 -14.24 5.33 3.61
C LEU B 44 -15.35 4.30 3.37
N ARG B 45 -15.71 3.58 4.42
CA ARG B 45 -16.80 2.60 4.34
C ARG B 45 -18.12 3.29 3.98
N GLU B 46 -18.12 4.62 4.04
CA GLU B 46 -19.29 5.41 3.69
C GLU B 46 -19.48 5.46 2.18
N ASN B 47 -18.37 5.51 1.45
CA ASN B 47 -18.42 5.64 0.00
C ASN B 47 -17.92 4.36 -0.67
N LEU B 48 -17.69 3.33 0.15
CA LEU B 48 -17.15 2.07 -0.34
C LEU B 48 -18.07 1.43 -1.38
N GLU B 49 -19.35 1.37 -1.07
CA GLU B 49 -20.32 0.70 -1.94
C GLU B 49 -20.31 1.32 -3.34
N ARG B 50 -20.37 2.65 -3.41
CA ARG B 50 -20.35 3.32 -4.69
C ARG B 50 -19.03 3.09 -5.40
N TYR B 51 -17.92 3.23 -4.70
CA TYR B 51 -16.61 3.10 -5.32
C TYR B 51 -16.44 1.73 -5.96
N LEU B 52 -16.94 0.69 -5.30
CA LEU B 52 -16.84 -0.66 -5.82
C LEU B 52 -17.77 -0.87 -7.00
N ARG B 53 -18.89 -0.15 -7.03
CA ARG B 53 -19.82 -0.29 -8.14
C ARG B 53 -19.42 0.64 -9.30
N GLU B 54 -18.49 1.54 -9.02
CA GLU B 54 -17.95 2.43 -10.05
C GLU B 54 -16.69 1.81 -10.65
N GLN B 55 -15.72 1.49 -9.78
CA GLN B 55 -14.43 1.00 -10.24
C GLN B 55 -14.32 -0.51 -10.09
N LEU B 56 -14.33 -1.00 -8.84
CA LEU B 56 -14.12 -2.43 -8.57
C LEU B 56 -12.80 -2.86 -9.21
N GLY B 57 -11.78 -2.02 -9.04
CA GLY B 57 -10.59 -2.15 -9.86
C GLY B 57 -9.43 -2.84 -9.18
N PHE B 58 -9.09 -2.39 -7.96
CA PHE B 58 -7.83 -2.77 -7.28
C PHE B 58 -6.63 -2.61 -8.21
N GLU B 59 -5.43 -2.97 -7.79
CA GLU B 59 -4.29 -2.68 -8.64
C GLU B 59 -3.79 -3.92 -9.35
N PHE B 60 -4.15 -4.01 -10.62
CA PHE B 60 -3.65 -5.08 -11.47
C PHE B 60 -2.35 -4.66 -12.13
N LYS B 61 -1.25 -5.14 -11.59
CA LYS B 61 0.03 -5.00 -12.24
C LYS B 61 0.28 -6.21 -13.12
N ASN B 62 1.20 -6.10 -14.06
CA ASN B 62 1.51 -7.20 -14.95
C ASN B 62 2.87 -6.97 -15.56
N ALA B 63 3.65 -8.04 -15.66
CA ALA B 63 4.98 -7.96 -16.24
C ALA B 63 4.88 -7.77 -17.74
N GLN B 64 3.97 -8.54 -18.36
CA GLN B 64 3.69 -8.48 -19.80
C GLN B 64 4.87 -9.00 -20.61
N LEU B 65 5.95 -9.35 -19.94
CA LEU B 65 7.14 -9.85 -20.61
C LEU B 65 7.59 -11.18 -20.02
N GLU B 66 7.39 -12.24 -20.78
CA GLU B 66 8.01 -13.52 -20.49
C GLU B 66 9.30 -13.62 -21.30
N HIS B 67 9.94 -12.46 -21.46
CA HIS B 67 11.05 -12.30 -22.39
C HIS B 67 12.37 -12.10 -21.64
N HIS B 68 12.72 -13.08 -20.82
CA HIS B 68 14.03 -13.09 -20.18
C HIS B 68 14.38 -14.51 -19.75
N HIS B 69 14.94 -15.25 -20.69
CA HIS B 69 15.29 -16.65 -20.45
C HIS B 69 16.69 -16.77 -19.87
N HIS B 70 16.80 -17.39 -18.70
CA HIS B 70 18.10 -17.60 -18.07
C HIS B 70 18.49 -19.07 -18.14
N HIS B 71 17.75 -19.92 -17.43
CA HIS B 71 17.96 -21.37 -17.51
C HIS B 71 16.82 -22.06 -18.25
N HIS B 72 15.91 -21.25 -18.79
CA HIS B 72 14.79 -21.79 -19.54
C HIS B 72 15.09 -21.77 -21.03
N MET A 1 22.01 16.37 11.80
CA MET A 1 23.46 16.33 12.07
C MET A 1 23.93 14.90 12.32
N VAL A 2 23.01 13.94 12.24
CA VAL A 2 23.36 12.53 12.42
C VAL A 2 23.43 11.83 11.06
N GLU A 3 23.23 12.60 10.01
CA GLU A 3 23.20 12.08 8.64
C GLU A 3 24.61 12.02 8.07
N ASN A 4 24.72 11.63 6.81
CA ASN A 4 25.99 11.60 6.12
C ASN A 4 26.03 12.71 5.08
N PRO A 5 27.22 13.16 4.65
CA PRO A 5 27.37 14.26 3.69
C PRO A 5 27.03 13.86 2.25
N MET A 6 26.51 12.64 2.07
CA MET A 6 26.11 12.18 0.75
C MET A 6 24.78 11.43 0.85
N VAL A 7 23.69 12.18 0.78
CA VAL A 7 22.36 11.60 0.84
C VAL A 7 22.13 10.70 -0.37
N ILE A 8 22.59 11.17 -1.53
CA ILE A 8 22.60 10.35 -2.72
C ILE A 8 23.91 9.58 -2.77
N ASN A 9 23.88 8.36 -2.25
CA ASN A 9 25.08 7.55 -2.12
C ASN A 9 25.35 6.76 -3.38
N ASN A 10 26.62 6.61 -3.73
CA ASN A 10 27.01 5.83 -4.90
C ASN A 10 28.11 4.84 -4.56
N TRP A 11 28.13 3.75 -5.31
CA TRP A 11 29.15 2.69 -5.21
C TRP A 11 29.00 1.86 -3.94
N HIS A 12 28.75 2.53 -2.82
CA HIS A 12 28.47 1.83 -1.56
C HIS A 12 27.03 1.36 -1.54
N ASP A 13 26.30 1.73 -2.58
CA ASP A 13 24.94 1.27 -2.77
C ASP A 13 24.95 -0.22 -3.12
N LYS A 14 23.87 -0.90 -2.78
CA LYS A 14 23.78 -2.34 -2.95
C LYS A 14 22.34 -2.80 -2.73
N LEU A 15 21.68 -2.18 -1.76
CA LEU A 15 20.34 -2.58 -1.38
C LEU A 15 19.38 -1.40 -1.44
N THR A 16 19.27 -0.78 -2.61
CA THR A 16 18.30 0.28 -2.80
C THR A 16 17.00 -0.28 -3.36
N GLU A 17 15.94 -0.14 -2.58
CA GLU A 17 14.65 -0.67 -2.96
C GLU A 17 13.59 0.42 -2.95
N THR A 18 13.35 0.99 -4.12
CA THR A 18 12.30 1.99 -4.29
C THR A 18 11.37 1.57 -5.41
N ASP A 19 11.97 1.10 -6.50
CA ASP A 19 11.23 0.59 -7.66
C ASP A 19 11.23 -0.93 -7.61
N VAL A 20 11.51 -1.46 -6.43
CA VAL A 20 11.59 -2.90 -6.22
C VAL A 20 10.63 -3.32 -5.12
N GLN A 21 9.71 -4.21 -5.45
CA GLN A 21 8.74 -4.71 -4.48
C GLN A 21 8.98 -6.19 -4.25
N ILE A 22 8.29 -6.75 -3.26
CA ILE A 22 8.21 -8.19 -3.11
C ILE A 22 6.77 -8.58 -2.80
N ASP A 23 6.32 -9.67 -3.39
CA ASP A 23 4.94 -10.11 -3.23
C ASP A 23 4.82 -11.03 -2.02
N PHE A 24 3.68 -11.71 -1.91
CA PHE A 24 3.39 -12.60 -0.80
C PHE A 24 4.25 -13.87 -0.85
N TYR A 25 4.79 -14.16 -2.03
CA TYR A 25 5.62 -15.34 -2.20
C TYR A 25 7.00 -15.12 -1.56
N GLY A 26 7.47 -13.89 -1.60
CA GLY A 26 8.71 -13.56 -0.93
C GLY A 26 9.93 -13.73 -1.81
N ASP A 27 9.75 -13.63 -3.12
CA ASP A 27 10.87 -13.67 -4.03
C ASP A 27 11.29 -12.25 -4.39
N GLU A 28 10.64 -11.66 -5.39
CA GLU A 28 10.85 -10.27 -5.76
C GLU A 28 9.90 -9.89 -6.88
N VAL A 29 9.53 -8.62 -6.93
CA VAL A 29 8.60 -8.12 -7.93
C VAL A 29 9.16 -6.86 -8.58
N THR A 30 9.41 -6.95 -9.88
CA THR A 30 9.89 -5.81 -10.64
C THR A 30 8.84 -5.42 -11.70
N PRO A 31 9.00 -4.24 -12.34
CA PRO A 31 8.05 -3.75 -13.36
C PRO A 31 8.03 -4.59 -14.64
N VAL A 32 8.70 -5.74 -14.62
CA VAL A 32 8.63 -6.68 -15.73
C VAL A 32 7.94 -7.96 -15.29
N ASP A 33 7.42 -7.95 -14.07
CA ASP A 33 6.70 -9.08 -13.52
C ASP A 33 5.22 -8.76 -13.41
N ASP A 34 4.38 -9.78 -13.59
CA ASP A 34 2.93 -9.60 -13.48
C ASP A 34 2.48 -9.91 -12.07
N TYR A 35 1.81 -8.96 -11.44
CA TYR A 35 1.36 -9.13 -10.07
C TYR A 35 0.06 -8.39 -9.83
N VAL A 36 -0.62 -8.73 -8.76
CA VAL A 36 -1.86 -8.08 -8.39
C VAL A 36 -1.86 -7.79 -6.91
N ILE A 37 -2.32 -6.61 -6.54
CA ILE A 37 -2.38 -6.22 -5.14
C ILE A 37 -3.79 -6.41 -4.59
N ASP A 38 -3.91 -7.21 -3.55
CA ASP A 38 -5.20 -7.46 -2.93
C ASP A 38 -5.41 -6.47 -1.80
N GLY A 39 -5.95 -5.31 -2.16
CA GLY A 39 -6.22 -4.27 -1.18
C GLY A 39 -4.99 -3.50 -0.73
N GLY A 40 -3.86 -4.18 -0.62
CA GLY A 40 -2.67 -3.55 -0.09
C GLY A 40 -1.50 -4.51 -0.09
N GLU A 41 -1.80 -5.79 0.04
CA GLU A 41 -0.79 -6.82 -0.04
C GLU A 41 -0.50 -7.18 -1.49
N ILE A 42 0.79 -7.29 -1.81
CA ILE A 42 1.23 -7.60 -3.16
C ILE A 42 1.36 -9.10 -3.34
N ILE A 43 0.82 -9.62 -4.43
CA ILE A 43 0.97 -11.03 -4.75
C ILE A 43 1.27 -11.18 -6.23
N LEU A 44 2.26 -12.02 -6.57
CA LEU A 44 2.50 -12.35 -7.98
C LEU A 44 1.23 -12.87 -8.62
N ARG A 45 1.10 -12.66 -9.91
CA ARG A 45 -0.08 -13.12 -10.64
C ARG A 45 -0.14 -14.65 -10.65
N GLU A 46 0.94 -15.29 -10.20
CA GLU A 46 0.96 -16.74 -10.10
C GLU A 46 0.39 -17.18 -8.75
N ASN A 47 0.83 -16.51 -7.70
CA ASN A 47 0.42 -16.84 -6.33
C ASN A 47 -0.90 -16.14 -5.99
N LEU A 48 -1.36 -15.30 -6.92
CA LEU A 48 -2.58 -14.53 -6.75
C LEU A 48 -3.77 -15.42 -6.43
N GLU A 49 -3.95 -16.45 -7.24
CA GLU A 49 -5.09 -17.35 -7.11
C GLU A 49 -5.19 -17.90 -5.69
N ARG A 50 -4.08 -18.39 -5.16
CA ARG A 50 -4.05 -18.96 -3.81
C ARG A 50 -4.48 -17.92 -2.78
N TYR A 51 -3.88 -16.74 -2.86
CA TYR A 51 -4.13 -15.69 -1.87
C TYR A 51 -5.59 -15.22 -1.92
N LEU A 52 -6.17 -15.23 -3.11
CA LEU A 52 -7.58 -14.86 -3.27
C LEU A 52 -8.49 -15.94 -2.70
N ARG A 53 -7.98 -17.16 -2.64
CA ARG A 53 -8.72 -18.25 -2.03
C ARG A 53 -8.75 -18.07 -0.52
N GLU A 54 -7.63 -17.61 0.02
CA GLU A 54 -7.50 -17.43 1.46
C GLU A 54 -8.37 -16.29 1.97
N GLN A 55 -8.03 -15.05 1.61
CA GLN A 55 -8.78 -13.92 2.13
C GLN A 55 -9.75 -13.32 1.11
N LEU A 56 -9.25 -12.97 -0.09
CA LEU A 56 -10.03 -12.20 -1.06
C LEU A 56 -10.70 -11.01 -0.37
N GLY A 57 -9.93 -10.33 0.48
CA GLY A 57 -10.53 -9.40 1.42
C GLY A 57 -10.00 -7.99 1.34
N PHE A 58 -8.99 -7.75 0.48
CA PHE A 58 -8.45 -6.41 0.28
C PHE A 58 -7.90 -5.88 1.60
N GLU A 59 -7.74 -4.56 1.73
CA GLU A 59 -7.48 -3.99 3.03
C GLU A 59 -8.73 -3.30 3.51
N PHE A 60 -9.44 -3.97 4.42
CA PHE A 60 -10.75 -3.53 4.83
C PHE A 60 -10.71 -3.02 6.26
N LYS A 61 -10.74 -1.71 6.42
CA LYS A 61 -10.69 -1.12 7.73
C LYS A 61 -12.09 -0.68 8.15
N ASN A 62 -12.33 -0.66 9.45
CA ASN A 62 -13.64 -0.30 9.97
C ASN A 62 -13.48 0.21 11.39
N ALA A 63 -14.36 1.12 11.80
CA ALA A 63 -14.30 1.69 13.15
C ALA A 63 -14.68 0.65 14.21
N GLN A 64 -15.09 -0.53 13.75
CA GLN A 64 -15.44 -1.64 14.62
C GLN A 64 -16.63 -1.26 15.50
N LEU A 65 -17.60 -0.61 14.88
CA LEU A 65 -18.79 -0.15 15.58
C LEU A 65 -19.88 -1.22 15.53
N GLU A 66 -19.48 -2.47 15.66
CA GLU A 66 -20.42 -3.58 15.66
C GLU A 66 -21.18 -3.62 16.99
N HIS A 67 -20.48 -3.30 18.07
CA HIS A 67 -21.04 -3.28 19.42
C HIS A 67 -21.85 -4.55 19.69
N HIS A 68 -21.15 -5.68 19.68
CA HIS A 68 -21.78 -6.98 19.87
C HIS A 68 -22.53 -7.07 21.19
N HIS A 69 -23.86 -7.11 21.12
CA HIS A 69 -24.67 -7.34 22.32
C HIS A 69 -24.58 -8.81 22.71
N HIS A 70 -24.16 -9.61 21.76
CA HIS A 70 -23.81 -11.00 22.00
C HIS A 70 -22.29 -11.09 22.18
N HIS A 71 -21.85 -11.30 23.42
CA HIS A 71 -20.42 -11.28 23.73
C HIS A 71 -19.92 -12.64 24.22
N HIS A 72 -20.61 -13.71 23.88
CA HIS A 72 -20.14 -15.05 24.22
C HIS A 72 -20.78 -16.09 23.30
N MET B 1 -0.11 17.12 -18.30
CA MET B 1 0.19 15.98 -19.20
C MET B 1 1.60 15.47 -18.96
N VAL B 2 2.56 16.08 -19.63
CA VAL B 2 3.95 15.66 -19.51
C VAL B 2 4.77 16.73 -18.83
N GLU B 3 4.70 16.73 -17.51
CA GLU B 3 5.51 17.63 -16.70
C GLU B 3 6.63 16.83 -16.04
N ASN B 4 7.39 17.44 -15.15
CA ASN B 4 8.43 16.72 -14.43
C ASN B 4 7.87 16.11 -13.16
N PRO B 5 7.73 14.77 -13.13
CA PRO B 5 7.12 14.06 -12.01
C PRO B 5 8.04 13.98 -10.79
N MET B 6 9.31 14.32 -10.98
CA MET B 6 10.26 14.28 -9.87
C MET B 6 10.13 15.51 -8.99
N VAL B 7 9.16 15.46 -8.09
CA VAL B 7 8.94 16.53 -7.12
C VAL B 7 9.02 15.98 -5.71
N ILE B 8 10.17 16.18 -5.06
CA ILE B 8 10.39 15.64 -3.73
C ILE B 8 10.20 16.70 -2.66
N ASN B 9 10.03 16.25 -1.41
CA ASN B 9 9.83 17.13 -0.26
C ASN B 9 8.56 17.96 -0.39
N ASN B 10 7.47 17.44 0.16
CA ASN B 10 6.19 18.14 0.09
C ASN B 10 6.05 19.05 1.30
N TRP B 11 5.27 20.12 1.14
CA TRP B 11 5.06 21.08 2.21
C TRP B 11 3.96 20.59 3.15
N HIS B 12 3.05 19.81 2.57
CA HIS B 12 1.93 19.26 3.31
C HIS B 12 1.93 17.75 3.16
N ASP B 13 1.58 17.04 4.23
CA ASP B 13 1.56 15.57 4.23
C ASP B 13 2.98 15.02 4.16
N LYS B 14 3.45 14.47 5.27
CA LYS B 14 4.80 13.95 5.32
C LYS B 14 4.78 12.43 5.44
N LEU B 15 4.31 11.79 4.37
CA LEU B 15 4.35 10.33 4.21
C LEU B 15 3.36 9.61 5.13
N THR B 16 3.65 9.59 6.43
CA THR B 16 2.85 8.81 7.36
C THR B 16 2.56 9.57 8.65
N GLU B 17 1.46 9.21 9.29
CA GLU B 17 1.14 9.69 10.62
C GLU B 17 0.69 8.49 11.45
N THR B 18 0.52 8.69 12.75
CA THR B 18 0.17 7.61 13.66
C THR B 18 -1.15 6.93 13.25
N ASP B 19 -2.25 7.61 13.46
CA ASP B 19 -3.56 7.08 13.10
C ASP B 19 -4.29 8.08 12.23
N VAL B 20 -3.53 8.85 11.47
CA VAL B 20 -4.08 9.90 10.64
C VAL B 20 -3.72 9.68 9.17
N GLN B 21 -4.74 9.52 8.35
CA GLN B 21 -4.54 9.38 6.91
C GLN B 21 -5.72 10.01 6.16
N ILE B 22 -5.62 10.07 4.84
CA ILE B 22 -6.66 10.68 4.04
C ILE B 22 -7.06 9.76 2.89
N ASP B 23 -8.28 9.92 2.39
CA ASP B 23 -8.81 9.13 1.31
C ASP B 23 -8.31 9.63 -0.05
N PHE B 24 -9.00 9.22 -1.10
CA PHE B 24 -8.62 9.55 -2.47
C PHE B 24 -8.99 10.99 -2.84
N TYR B 25 -10.05 11.52 -2.23
CA TYR B 25 -10.52 12.86 -2.55
C TYR B 25 -9.69 13.92 -1.84
N GLY B 26 -9.01 13.51 -0.77
CA GLY B 26 -8.13 14.42 -0.07
C GLY B 26 -8.87 15.27 0.94
N ASP B 27 -9.80 14.67 1.67
CA ASP B 27 -10.51 15.38 2.73
C ASP B 27 -9.85 15.09 4.07
N GLU B 28 -10.22 13.96 4.66
CA GLU B 28 -9.64 13.49 5.92
C GLU B 28 -10.32 12.20 6.33
N VAL B 29 -9.56 11.26 6.86
CA VAL B 29 -10.13 10.05 7.39
C VAL B 29 -9.65 9.85 8.81
N THR B 30 -10.53 9.36 9.67
CA THR B 30 -10.21 9.20 11.07
C THR B 30 -10.45 7.76 11.49
N PRO B 31 -9.78 7.28 12.55
CA PRO B 31 -9.93 5.90 13.04
C PRO B 31 -11.36 5.60 13.52
N VAL B 32 -12.14 6.64 13.71
CA VAL B 32 -13.53 6.50 14.12
C VAL B 32 -14.43 6.54 12.89
N ASP B 33 -13.82 6.50 11.72
CA ASP B 33 -14.53 6.53 10.45
C ASP B 33 -14.12 5.33 9.61
N ASP B 34 -15.03 4.87 8.77
CA ASP B 34 -14.74 3.69 7.95
C ASP B 34 -14.03 4.08 6.67
N TYR B 35 -12.95 3.40 6.38
CA TYR B 35 -12.23 3.57 5.13
C TYR B 35 -11.68 2.24 4.68
N VAL B 36 -11.52 2.07 3.38
CA VAL B 36 -11.01 0.83 2.84
C VAL B 36 -9.87 1.11 1.88
N ILE B 37 -8.84 0.28 1.94
CA ILE B 37 -7.67 0.43 1.09
C ILE B 37 -7.75 -0.56 -0.05
N ASP B 38 -7.82 0.01 -1.24
CA ASP B 38 -7.99 -0.75 -2.47
C ASP B 38 -6.72 -0.62 -3.32
N GLY B 39 -5.82 -1.56 -3.10
CA GLY B 39 -4.62 -1.65 -3.91
C GLY B 39 -3.50 -0.78 -3.39
N GLY B 40 -3.79 -0.02 -2.34
CA GLY B 40 -2.83 0.90 -1.80
C GLY B 40 -3.42 2.28 -1.62
N GLU B 41 -4.46 2.55 -2.38
CA GLU B 41 -5.17 3.82 -2.26
C GLU B 41 -6.26 3.72 -1.20
N ILE B 42 -6.44 4.80 -0.47
CA ILE B 42 -7.42 4.86 0.61
C ILE B 42 -8.71 5.50 0.11
N ILE B 43 -9.83 4.85 0.35
CA ILE B 43 -11.11 5.41 -0.02
C ILE B 43 -11.99 5.52 1.22
N LEU B 44 -12.57 6.70 1.46
CA LEU B 44 -13.58 6.84 2.47
C LEU B 44 -14.72 5.90 2.11
N ARG B 45 -15.16 5.11 3.09
CA ARG B 45 -16.04 3.99 2.82
C ARG B 45 -17.44 4.45 2.41
N GLU B 46 -17.65 5.75 2.33
CA GLU B 46 -18.91 6.29 1.87
C GLU B 46 -18.89 6.44 0.35
N ASN B 47 -17.72 6.22 -0.22
CA ASN B 47 -17.54 6.23 -1.67
C ASN B 47 -16.82 4.94 -2.08
N LEU B 48 -16.90 3.94 -1.21
CA LEU B 48 -16.23 2.67 -1.46
C LEU B 48 -16.96 1.92 -2.57
N GLU B 49 -18.27 2.01 -2.54
CA GLU B 49 -19.12 1.32 -3.51
C GLU B 49 -18.71 1.64 -4.93
N ARG B 50 -18.48 2.93 -5.19
CA ARG B 50 -18.06 3.37 -6.51
C ARG B 50 -16.71 2.78 -6.89
N TYR B 51 -15.77 2.83 -5.97
CA TYR B 51 -14.42 2.36 -6.25
C TYR B 51 -14.41 0.85 -6.42
N LEU B 52 -15.28 0.17 -5.69
CA LEU B 52 -15.42 -1.29 -5.84
C LEU B 52 -16.12 -1.64 -7.13
N ARG B 53 -16.97 -0.74 -7.62
CA ARG B 53 -17.66 -0.96 -8.89
C ARG B 53 -16.64 -1.00 -10.02
N GLU B 54 -15.67 -0.10 -9.96
CA GLU B 54 -14.68 0.02 -11.02
C GLU B 54 -13.44 -0.84 -10.74
N GLN B 55 -12.87 -0.73 -9.55
CA GLN B 55 -11.64 -1.41 -9.20
C GLN B 55 -11.92 -2.75 -8.50
N LEU B 56 -12.70 -2.69 -7.41
CA LEU B 56 -13.17 -3.88 -6.71
C LEU B 56 -12.07 -4.54 -5.87
N GLY B 57 -11.17 -3.74 -5.33
CA GLY B 57 -10.18 -4.27 -4.40
C GLY B 57 -8.95 -4.85 -5.08
N PHE B 58 -9.03 -5.03 -6.38
CA PHE B 58 -7.96 -5.67 -7.13
C PHE B 58 -7.16 -4.65 -7.92
N GLU B 59 -5.92 -4.42 -7.50
CA GLU B 59 -5.02 -3.63 -8.31
C GLU B 59 -4.22 -4.56 -9.20
N PHE B 60 -4.62 -4.60 -10.46
CA PHE B 60 -4.10 -5.58 -11.41
C PHE B 60 -2.95 -4.98 -12.19
N LYS B 61 -1.75 -5.45 -11.94
CA LYS B 61 -0.57 -4.90 -12.59
C LYS B 61 0.11 -5.94 -13.47
N ASN B 62 -0.18 -5.89 -14.76
CA ASN B 62 0.52 -6.74 -15.71
C ASN B 62 1.80 -6.06 -16.14
N ALA B 63 2.71 -6.82 -16.73
CA ALA B 63 3.96 -6.26 -17.21
C ALA B 63 3.76 -5.51 -18.53
N GLN B 64 2.50 -5.31 -18.90
CA GLN B 64 2.17 -4.51 -20.06
C GLN B 64 2.18 -3.03 -19.68
N LEU B 65 3.39 -2.48 -19.57
CA LEU B 65 3.55 -1.07 -19.29
C LEU B 65 3.94 -0.33 -20.57
N GLU B 66 4.24 -1.11 -21.60
CA GLU B 66 4.60 -0.59 -22.93
C GLU B 66 5.94 0.16 -22.88
N HIS B 67 6.64 0.02 -21.77
CA HIS B 67 7.92 0.71 -21.56
C HIS B 67 9.05 -0.03 -22.28
N HIS B 68 8.75 -1.20 -22.84
CA HIS B 68 9.77 -2.01 -23.50
C HIS B 68 9.48 -2.16 -25.00
N HIS B 69 8.73 -1.20 -25.56
CA HIS B 69 8.47 -1.19 -27.00
C HIS B 69 9.76 -0.94 -27.77
N HIS B 70 9.70 -1.14 -29.08
CA HIS B 70 10.87 -1.02 -29.94
C HIS B 70 11.51 0.37 -29.84
N HIS B 71 12.53 0.47 -29.01
CA HIS B 71 13.35 1.67 -28.92
C HIS B 71 14.80 1.32 -29.14
N HIS B 72 15.03 0.04 -29.41
CA HIS B 72 16.36 -0.48 -29.64
C HIS B 72 16.28 -1.80 -30.40
N MET A 1 27.02 9.68 -35.83
CA MET A 1 28.20 10.18 -36.60
C MET A 1 28.17 11.70 -36.65
N VAL A 2 27.26 12.27 -37.46
CA VAL A 2 27.12 13.71 -37.55
C VAL A 2 26.64 14.27 -36.22
N GLU A 3 25.98 13.43 -35.46
CA GLU A 3 25.61 13.75 -34.09
C GLU A 3 25.82 12.50 -33.25
N ASN A 4 26.27 12.68 -32.02
CA ASN A 4 26.49 11.56 -31.12
C ASN A 4 25.28 11.34 -30.23
N PRO A 5 24.60 10.19 -30.37
CA PRO A 5 23.47 9.84 -29.51
C PRO A 5 23.91 9.72 -28.06
N MET A 6 23.44 10.65 -27.23
CA MET A 6 23.84 10.71 -25.84
C MET A 6 23.29 9.52 -25.06
N VAL A 7 24.09 8.46 -24.98
CA VAL A 7 23.71 7.28 -24.22
C VAL A 7 24.15 7.45 -22.78
N ILE A 8 23.63 8.48 -22.15
CA ILE A 8 23.98 8.81 -20.78
C ILE A 8 22.72 8.99 -19.94
N ASN A 9 22.81 8.69 -18.67
CA ASN A 9 21.69 8.88 -17.77
C ASN A 9 21.79 10.24 -17.09
N ASN A 10 20.65 10.76 -16.65
CA ASN A 10 20.56 12.10 -16.10
C ASN A 10 21.30 12.18 -14.76
N TRP A 11 21.29 13.37 -14.15
CA TRP A 11 22.01 13.65 -12.91
C TRP A 11 21.83 12.54 -11.88
N HIS A 12 22.93 11.96 -11.46
CA HIS A 12 22.91 10.87 -10.49
C HIS A 12 23.05 11.42 -9.08
N ASP A 13 22.01 12.13 -8.64
CA ASP A 13 22.00 12.71 -7.30
C ASP A 13 22.02 11.60 -6.26
N LYS A 14 20.94 10.83 -6.21
CA LYS A 14 20.87 9.65 -5.36
C LYS A 14 19.67 8.80 -5.75
N LEU A 15 19.91 7.81 -6.59
CA LEU A 15 18.85 6.94 -7.08
C LEU A 15 18.65 5.78 -6.12
N THR A 16 19.54 4.78 -6.22
CA THR A 16 19.48 3.59 -5.36
C THR A 16 18.24 2.73 -5.66
N GLU A 17 18.31 1.46 -5.30
CA GLU A 17 17.19 0.55 -5.50
C GLU A 17 16.17 0.74 -4.39
N THR A 18 15.19 1.60 -4.64
CA THR A 18 14.16 1.89 -3.64
C THR A 18 12.99 0.93 -3.76
N ASP A 19 12.37 0.90 -4.94
CA ASP A 19 11.18 0.08 -5.16
C ASP A 19 11.56 -1.36 -5.47
N VAL A 20 11.95 -2.09 -4.44
CA VAL A 20 12.24 -3.51 -4.58
C VAL A 20 11.27 -4.31 -3.74
N GLN A 21 10.23 -4.81 -4.38
CA GLN A 21 9.14 -5.48 -3.67
C GLN A 21 9.16 -6.99 -3.92
N ILE A 22 8.52 -7.73 -3.03
CA ILE A 22 8.38 -9.17 -3.19
C ILE A 22 6.92 -9.54 -2.98
N ASP A 23 6.52 -10.69 -3.53
CA ASP A 23 5.17 -11.19 -3.37
C ASP A 23 5.00 -11.82 -2.00
N PHE A 24 3.90 -12.55 -1.81
CA PHE A 24 3.58 -13.16 -0.54
C PHE A 24 4.45 -14.40 -0.28
N TYR A 25 4.81 -15.10 -1.35
CA TYR A 25 5.52 -16.36 -1.22
C TYR A 25 7.02 -16.15 -1.05
N GLY A 26 7.50 -14.98 -1.43
CA GLY A 26 8.88 -14.63 -1.15
C GLY A 26 9.83 -15.00 -2.27
N ASP A 27 9.51 -14.60 -3.50
CA ASP A 27 10.46 -14.73 -4.59
C ASP A 27 11.12 -13.37 -4.83
N GLU A 28 10.58 -12.62 -5.78
CA GLU A 28 11.00 -11.24 -6.03
C GLU A 28 10.16 -10.68 -7.17
N VAL A 29 9.50 -9.56 -6.91
CA VAL A 29 8.63 -8.97 -7.90
C VAL A 29 9.25 -7.72 -8.50
N THR A 30 9.70 -7.83 -9.73
CA THR A 30 10.21 -6.68 -10.44
C THR A 30 9.09 -6.07 -11.25
N PRO A 31 9.20 -4.78 -11.62
CA PRO A 31 8.17 -4.09 -12.41
C PRO A 31 7.97 -4.69 -13.81
N VAL A 32 8.72 -5.75 -14.10
CA VAL A 32 8.60 -6.45 -15.37
C VAL A 32 7.73 -7.69 -15.20
N ASP A 33 7.32 -7.96 -13.97
CA ASP A 33 6.52 -9.14 -13.65
C ASP A 33 5.11 -8.72 -13.31
N ASP A 34 4.13 -9.21 -14.05
CA ASP A 34 2.74 -8.88 -13.81
C ASP A 34 2.28 -9.42 -12.46
N TYR A 35 1.74 -8.55 -11.63
CA TYR A 35 1.31 -8.94 -10.30
C TYR A 35 0.08 -8.15 -9.88
N VAL A 36 -0.53 -8.59 -8.80
CA VAL A 36 -1.74 -7.97 -8.29
C VAL A 36 -1.60 -7.74 -6.79
N ILE A 37 -2.13 -6.62 -6.32
CA ILE A 37 -2.08 -6.29 -4.90
C ILE A 37 -3.45 -6.46 -4.26
N ASP A 38 -3.51 -7.31 -3.24
CA ASP A 38 -4.74 -7.55 -2.51
C ASP A 38 -4.80 -6.64 -1.30
N GLY A 39 -5.29 -5.43 -1.51
CA GLY A 39 -5.41 -4.46 -0.42
C GLY A 39 -4.09 -3.78 -0.11
N GLY A 40 -3.02 -4.57 -0.08
CA GLY A 40 -1.73 -4.05 0.32
C GLY A 40 -0.66 -5.10 0.13
N GLU A 41 -1.03 -6.36 0.28
CA GLU A 41 -0.10 -7.47 0.08
C GLU A 41 0.05 -7.78 -1.40
N ILE A 42 1.26 -8.18 -1.78
CA ILE A 42 1.63 -8.37 -3.17
C ILE A 42 1.65 -9.85 -3.53
N ILE A 43 1.09 -10.20 -4.69
CA ILE A 43 1.15 -11.58 -5.17
C ILE A 43 1.45 -11.59 -6.66
N LEU A 44 2.44 -12.38 -7.06
CA LEU A 44 2.70 -12.63 -8.49
C LEU A 44 1.48 -13.22 -9.14
N ARG A 45 1.30 -12.96 -10.43
CA ARG A 45 0.19 -13.52 -11.17
C ARG A 45 0.35 -15.03 -11.37
N GLU A 46 1.49 -15.56 -10.95
CA GLU A 46 1.76 -16.99 -11.09
C GLU A 46 0.79 -17.80 -10.22
N ASN A 47 0.79 -17.48 -8.93
CA ASN A 47 -0.02 -18.23 -7.97
C ASN A 47 -1.02 -17.27 -7.31
N LEU A 48 -1.32 -16.21 -8.03
CA LEU A 48 -2.20 -15.14 -7.56
C LEU A 48 -3.56 -15.67 -7.12
N GLU A 49 -4.17 -16.46 -7.99
CA GLU A 49 -5.56 -16.90 -7.80
C GLU A 49 -5.70 -17.74 -6.53
N ARG A 50 -4.63 -18.43 -6.15
CA ARG A 50 -4.62 -19.21 -4.93
C ARG A 50 -4.77 -18.30 -3.72
N TYR A 51 -3.98 -17.24 -3.67
CA TYR A 51 -4.00 -16.33 -2.54
C TYR A 51 -5.22 -15.43 -2.58
N LEU A 52 -5.77 -15.21 -3.77
CA LEU A 52 -7.01 -14.46 -3.90
C LEU A 52 -8.18 -15.26 -3.35
N ARG A 53 -8.05 -16.57 -3.36
CA ARG A 53 -9.06 -17.43 -2.75
C ARG A 53 -8.76 -17.58 -1.28
N GLU A 54 -7.53 -17.30 -0.92
CA GLU A 54 -7.10 -17.37 0.46
C GLU A 54 -7.54 -16.10 1.21
N GLN A 55 -7.18 -14.95 0.67
CA GLN A 55 -7.46 -13.69 1.33
C GLN A 55 -8.64 -12.97 0.68
N LEU A 56 -8.45 -12.50 -0.56
CA LEU A 56 -9.39 -11.57 -1.23
C LEU A 56 -10.02 -10.65 -0.19
N GLY A 57 -9.19 -10.09 0.66
CA GLY A 57 -9.69 -9.36 1.80
C GLY A 57 -9.29 -7.90 1.81
N PHE A 58 -8.27 -7.55 1.03
CA PHE A 58 -7.77 -6.18 0.99
C PHE A 58 -7.44 -5.74 2.42
N GLU A 59 -7.54 -4.46 2.70
CA GLU A 59 -7.52 -4.04 4.09
C GLU A 59 -8.80 -3.30 4.45
N PHE A 60 -9.69 -4.00 5.14
CA PHE A 60 -10.92 -3.40 5.66
C PHE A 60 -10.62 -2.74 6.98
N LYS A 61 -10.83 -1.43 7.06
CA LYS A 61 -10.52 -0.70 8.28
C LYS A 61 -11.77 -0.09 8.90
N ASN A 62 -12.27 -0.72 9.94
CA ASN A 62 -13.39 -0.18 10.69
C ASN A 62 -12.89 0.90 11.64
N ALA A 63 -13.79 1.76 12.08
CA ALA A 63 -13.47 2.87 12.98
C ALA A 63 -13.17 2.40 14.41
N GLN A 64 -12.59 1.20 14.55
CA GLN A 64 -12.25 0.60 15.86
C GLN A 64 -13.53 0.18 16.61
N LEU A 65 -14.55 1.01 16.52
CA LEU A 65 -15.83 0.76 17.17
C LEU A 65 -16.42 -0.57 16.70
N GLU A 66 -16.31 -1.59 17.53
CA GLU A 66 -16.89 -2.89 17.24
C GLU A 66 -18.40 -2.75 17.05
N HIS A 67 -19.00 -1.87 17.85
CA HIS A 67 -20.42 -1.53 17.72
C HIS A 67 -21.30 -2.77 17.95
N HIS A 68 -20.73 -3.77 18.61
CA HIS A 68 -21.42 -5.02 18.87
C HIS A 68 -21.62 -5.25 20.36
N HIS A 69 -22.87 -5.24 20.78
CA HIS A 69 -23.23 -5.59 22.15
C HIS A 69 -24.53 -6.39 22.10
N HIS A 70 -24.51 -7.57 22.72
CA HIS A 70 -25.55 -8.58 22.54
C HIS A 70 -25.52 -9.02 21.08
N HIS A 71 -26.28 -8.30 20.27
CA HIS A 71 -26.21 -8.36 18.82
C HIS A 71 -26.53 -6.96 18.31
N HIS A 72 -27.81 -6.62 18.41
CA HIS A 72 -28.30 -5.27 18.14
C HIS A 72 -29.79 -5.23 18.40
N MET B 1 5.83 -3.69 43.22
CA MET B 1 5.60 -3.52 41.77
C MET B 1 6.55 -4.39 40.98
N VAL B 2 6.14 -4.81 39.78
CA VAL B 2 7.02 -5.56 38.91
C VAL B 2 7.92 -4.61 38.11
N GLU B 3 9.13 -4.40 38.62
CA GLU B 3 10.05 -3.47 37.99
C GLU B 3 10.95 -4.21 37.00
N ASN B 4 10.38 -4.59 35.88
CA ASN B 4 11.14 -5.28 34.84
C ASN B 4 10.80 -4.74 33.46
N PRO B 5 11.69 -3.92 32.89
CA PRO B 5 11.51 -3.39 31.54
C PRO B 5 11.70 -4.46 30.48
N MET B 6 10.58 -4.99 29.98
CA MET B 6 10.61 -6.02 28.96
C MET B 6 10.68 -5.39 27.57
N VAL B 7 9.54 -4.93 27.09
CA VAL B 7 9.46 -4.32 25.77
C VAL B 7 8.83 -2.93 25.88
N ILE B 8 9.59 -1.93 25.46
CA ILE B 8 9.09 -0.56 25.46
C ILE B 8 8.36 -0.26 24.14
N ASN B 9 7.16 0.27 24.25
CA ASN B 9 6.36 0.57 23.07
C ASN B 9 6.90 1.79 22.33
N ASN B 10 6.86 1.75 21.01
CA ASN B 10 7.39 2.83 20.19
C ASN B 10 6.32 3.90 19.98
N TRP B 11 5.14 3.67 20.53
CA TRP B 11 4.03 4.60 20.42
C TRP B 11 4.18 5.73 21.43
N HIS B 12 5.12 5.54 22.35
CA HIS B 12 5.53 6.57 23.32
C HIS B 12 4.48 6.76 24.41
N ASP B 13 3.33 7.31 24.03
CA ASP B 13 2.27 7.61 24.99
C ASP B 13 0.92 7.63 24.29
N LYS B 14 0.86 8.30 23.15
CA LYS B 14 -0.37 8.41 22.36
C LYS B 14 -0.02 8.54 20.90
N LEU B 15 -1.02 8.37 20.05
CA LEU B 15 -0.87 8.63 18.63
C LEU B 15 -1.51 9.96 18.31
N THR B 16 -0.90 11.04 18.78
CA THR B 16 -1.41 12.37 18.54
C THR B 16 -0.94 12.87 17.17
N GLU B 17 0.21 12.38 16.75
CA GLU B 17 0.76 12.73 15.45
C GLU B 17 -0.11 12.13 14.35
N THR B 18 -0.07 10.80 14.28
CA THR B 18 -0.74 9.99 13.25
C THR B 18 -0.32 10.38 11.83
N ASP B 19 -0.31 9.39 10.96
CA ASP B 19 -0.05 9.61 9.54
C ASP B 19 -1.02 10.62 8.96
N VAL B 20 -2.24 10.64 9.51
CA VAL B 20 -3.32 11.47 8.98
C VAL B 20 -3.54 11.15 7.51
N GLN B 21 -4.17 10.03 7.26
CA GLN B 21 -4.36 9.56 5.90
C GLN B 21 -5.69 10.04 5.35
N ILE B 22 -5.71 10.23 4.04
CA ILE B 22 -6.90 10.74 3.37
C ILE B 22 -7.27 9.81 2.23
N ASP B 23 -8.56 9.71 1.95
CA ASP B 23 -9.07 8.82 0.94
C ASP B 23 -9.04 9.48 -0.43
N PHE B 24 -9.76 8.89 -1.38
CA PHE B 24 -9.84 9.40 -2.74
C PHE B 24 -10.58 10.74 -2.79
N TYR B 25 -11.52 10.96 -1.87
CA TYR B 25 -12.26 12.23 -1.80
C TYR B 25 -11.30 13.40 -1.58
N GLY B 26 -10.35 13.23 -0.67
CA GLY B 26 -9.36 14.26 -0.44
C GLY B 26 -9.73 15.19 0.70
N ASP B 27 -10.64 14.74 1.56
CA ASP B 27 -11.02 15.52 2.74
C ASP B 27 -10.16 15.13 3.92
N GLU B 28 -10.58 14.08 4.62
CA GLU B 28 -9.82 13.54 5.74
C GLU B 28 -10.41 12.21 6.15
N VAL B 29 -9.55 11.27 6.52
CA VAL B 29 -10.02 10.01 7.05
C VAL B 29 -9.43 9.75 8.43
N THR B 30 -10.10 10.28 9.43
CA THR B 30 -9.71 10.06 10.81
C THR B 30 -10.25 8.70 11.27
N PRO B 31 -9.61 8.06 12.26
CA PRO B 31 -9.99 6.71 12.74
C PRO B 31 -11.42 6.59 13.28
N VAL B 32 -12.24 7.61 13.06
CA VAL B 32 -13.66 7.54 13.43
C VAL B 32 -14.51 7.30 12.19
N ASP B 33 -13.87 7.31 11.03
CA ASP B 33 -14.55 7.11 9.76
C ASP B 33 -14.38 5.68 9.25
N ASP B 34 -15.32 5.23 8.43
CA ASP B 34 -15.25 3.92 7.83
C ASP B 34 -14.49 3.99 6.52
N TYR B 35 -13.38 3.29 6.41
CA TYR B 35 -12.60 3.33 5.18
C TYR B 35 -11.96 1.98 4.87
N VAL B 36 -11.59 1.80 3.62
CA VAL B 36 -10.93 0.58 3.18
C VAL B 36 -9.73 0.92 2.33
N ILE B 37 -8.70 0.10 2.41
CA ILE B 37 -7.53 0.26 1.55
C ILE B 37 -7.57 -0.76 0.44
N ASP B 38 -8.01 -0.31 -0.72
CA ASP B 38 -8.19 -1.16 -1.88
C ASP B 38 -6.98 -1.10 -2.78
N GLY B 39 -6.03 -1.98 -2.54
CA GLY B 39 -4.86 -2.08 -3.39
C GLY B 39 -3.91 -0.92 -3.19
N GLY B 40 -3.78 -0.47 -1.95
CA GLY B 40 -2.88 0.63 -1.65
C GLY B 40 -3.58 1.96 -1.58
N GLU B 41 -4.70 2.09 -2.27
CA GLU B 41 -5.45 3.33 -2.28
C GLU B 41 -6.52 3.30 -1.20
N ILE B 42 -6.73 4.45 -0.57
CA ILE B 42 -7.68 4.55 0.53
C ILE B 42 -8.99 5.15 0.05
N ILE B 43 -10.10 4.49 0.35
CA ILE B 43 -11.41 4.98 -0.03
C ILE B 43 -12.32 5.07 1.19
N LEU B 44 -12.91 6.23 1.42
CA LEU B 44 -13.91 6.38 2.45
C LEU B 44 -15.16 5.62 2.01
N ARG B 45 -15.75 4.86 2.93
CA ARG B 45 -16.84 3.94 2.56
C ARG B 45 -18.11 4.66 2.16
N GLU B 46 -18.09 5.98 2.19
CA GLU B 46 -19.18 6.78 1.67
C GLU B 46 -19.25 6.66 0.14
N ASN B 47 -18.16 6.20 -0.46
CA ASN B 47 -18.13 5.99 -1.91
C ASN B 47 -17.61 4.58 -2.25
N LEU B 48 -17.34 3.77 -1.22
CA LEU B 48 -16.74 2.45 -1.45
C LEU B 48 -17.61 1.60 -2.38
N GLU B 49 -18.92 1.78 -2.30
CA GLU B 49 -19.86 1.05 -3.14
C GLU B 49 -19.55 1.27 -4.62
N ARG B 50 -19.46 2.54 -5.01
CA ARG B 50 -19.21 2.88 -6.40
C ARG B 50 -17.77 2.55 -6.79
N TYR B 51 -16.86 2.64 -5.83
CA TYR B 51 -15.46 2.33 -6.10
C TYR B 51 -15.32 0.84 -6.42
N LEU B 52 -16.05 -0.01 -5.71
CA LEU B 52 -16.03 -1.44 -5.99
C LEU B 52 -16.70 -1.75 -7.32
N ARG B 53 -17.66 -0.93 -7.71
CA ARG B 53 -18.30 -1.08 -9.00
C ARG B 53 -17.32 -0.82 -10.14
N GLU B 54 -16.37 0.08 -9.90
CA GLU B 54 -15.37 0.42 -10.91
C GLU B 54 -14.09 -0.40 -10.75
N GLN B 55 -13.42 -0.23 -9.60
CA GLN B 55 -12.13 -0.87 -9.37
C GLN B 55 -12.31 -2.28 -8.82
N LEU B 56 -13.27 -2.42 -7.90
CA LEU B 56 -13.58 -3.69 -7.23
C LEU B 56 -12.49 -4.05 -6.20
N GLY B 57 -11.65 -3.08 -5.88
CA GLY B 57 -10.69 -3.26 -4.81
C GLY B 57 -9.38 -3.87 -5.27
N PHE B 58 -9.43 -4.67 -6.32
CA PHE B 58 -8.25 -5.34 -6.84
C PHE B 58 -7.30 -4.34 -7.49
N GLU B 59 -6.05 -4.33 -7.06
CA GLU B 59 -5.03 -3.60 -7.79
C GLU B 59 -4.37 -4.56 -8.78
N PHE B 60 -4.78 -4.45 -10.03
CA PHE B 60 -4.23 -5.28 -11.07
C PHE B 60 -3.06 -4.56 -11.71
N LYS B 61 -1.90 -4.72 -11.10
CA LYS B 61 -0.76 -3.89 -11.43
C LYS B 61 -0.03 -4.44 -12.66
N ASN B 62 -0.42 -3.90 -13.80
CA ASN B 62 0.11 -4.34 -15.10
C ASN B 62 1.59 -4.01 -15.22
N ALA B 63 2.38 -5.02 -15.53
CA ALA B 63 3.82 -4.83 -15.69
C ALA B 63 4.14 -4.33 -17.09
N GLN B 64 3.67 -3.13 -17.39
CA GLN B 64 3.97 -2.47 -18.65
C GLN B 64 5.38 -1.91 -18.61
N LEU B 65 5.62 -1.08 -17.60
CA LEU B 65 6.95 -0.53 -17.32
C LEU B 65 7.57 0.12 -18.55
N GLU B 66 7.02 1.25 -18.96
CA GLU B 66 7.58 1.99 -20.07
C GLU B 66 8.85 2.72 -19.62
N HIS B 67 9.99 2.16 -19.99
CA HIS B 67 11.27 2.80 -19.71
C HIS B 67 11.77 3.54 -20.94
N HIS B 68 13.08 3.70 -21.05
CA HIS B 68 13.67 4.50 -22.12
C HIS B 68 13.80 3.70 -23.41
N HIS B 69 12.82 2.83 -23.67
CA HIS B 69 12.84 1.99 -24.84
C HIS B 69 11.45 1.92 -25.48
N HIS B 70 10.84 3.08 -25.67
CA HIS B 70 9.57 3.16 -26.40
C HIS B 70 9.85 3.05 -27.88
N HIS B 71 10.98 3.61 -28.31
CA HIS B 71 11.40 3.55 -29.69
C HIS B 71 12.24 2.30 -29.93
N HIS B 72 11.91 1.56 -30.96
CA HIS B 72 12.70 0.41 -31.37
C HIS B 72 13.42 0.73 -32.68
N MET A 1 32.85 21.43 -6.58
CA MET A 1 34.34 21.38 -6.49
C MET A 1 34.79 21.23 -5.04
N VAL A 2 33.83 20.99 -4.15
CA VAL A 2 34.14 20.74 -2.75
C VAL A 2 33.78 19.31 -2.40
N GLU A 3 33.75 18.47 -3.43
CA GLU A 3 33.24 17.12 -3.30
C GLU A 3 34.24 16.24 -2.58
N ASN A 4 33.73 15.38 -1.71
CA ASN A 4 34.57 14.45 -0.98
C ASN A 4 33.84 13.12 -0.86
N PRO A 5 34.59 12.01 -0.66
CA PRO A 5 33.99 10.70 -0.43
C PRO A 5 33.07 10.72 0.79
N MET A 6 31.77 10.77 0.54
CA MET A 6 30.79 10.95 1.59
C MET A 6 30.61 9.68 2.40
N VAL A 7 31.11 9.69 3.62
CA VAL A 7 30.95 8.56 4.52
C VAL A 7 30.12 8.98 5.73
N ILE A 8 29.31 8.08 6.23
CA ILE A 8 28.49 8.37 7.40
C ILE A 8 29.03 7.62 8.62
N ASN A 9 28.72 8.13 9.79
CA ASN A 9 29.15 7.50 11.03
C ASN A 9 28.05 7.56 12.07
N ASN A 10 27.33 6.45 12.21
CA ASN A 10 26.30 6.31 13.23
C ASN A 10 25.96 4.84 13.41
N TRP A 11 25.19 4.54 14.44
CA TRP A 11 24.93 3.16 14.85
C TRP A 11 23.71 2.57 14.16
N HIS A 12 23.29 3.15 13.05
CA HIS A 12 22.14 2.62 12.31
C HIS A 12 22.47 2.45 10.84
N ASP A 13 21.99 1.37 10.25
CA ASP A 13 22.18 1.12 8.84
C ASP A 13 20.85 0.72 8.21
N LYS A 14 20.12 1.68 7.70
CA LYS A 14 18.84 1.42 7.08
C LYS A 14 18.72 2.15 5.76
N LEU A 15 19.21 1.52 4.71
CA LEU A 15 19.06 2.06 3.37
C LEU A 15 17.67 1.73 2.85
N THR A 16 17.17 0.59 3.30
CA THR A 16 15.84 0.12 2.95
C THR A 16 15.77 -0.30 1.48
N GLU A 17 14.83 -1.16 1.16
CA GLU A 17 14.68 -1.68 -0.18
C GLU A 17 13.76 -0.77 -1.00
N THR A 18 14.37 0.02 -1.87
CA THR A 18 13.67 1.03 -2.64
C THR A 18 12.66 0.40 -3.60
N ASP A 19 13.16 -0.11 -4.73
CA ASP A 19 12.30 -0.72 -5.74
C ASP A 19 12.10 -2.19 -5.45
N VAL A 20 12.82 -2.69 -4.44
CA VAL A 20 12.81 -4.10 -4.12
C VAL A 20 11.63 -4.45 -3.23
N GLN A 21 10.75 -5.30 -3.73
CA GLN A 21 9.57 -5.74 -3.01
C GLN A 21 9.37 -7.23 -3.24
N ILE A 22 8.61 -7.88 -2.36
CA ILE A 22 8.36 -9.30 -2.50
C ILE A 22 6.87 -9.59 -2.27
N ASP A 23 6.38 -10.67 -2.87
CA ASP A 23 4.99 -11.06 -2.75
C ASP A 23 4.75 -11.79 -1.42
N PHE A 24 3.52 -12.23 -1.22
CA PHE A 24 3.10 -12.90 0.00
C PHE A 24 3.83 -14.24 0.19
N TYR A 25 4.23 -14.87 -0.91
CA TYR A 25 4.84 -16.19 -0.84
C TYR A 25 6.35 -16.12 -0.60
N GLY A 26 6.94 -14.96 -0.84
CA GLY A 26 8.34 -14.80 -0.54
C GLY A 26 9.24 -15.16 -1.70
N ASP A 27 8.80 -14.85 -2.91
CA ASP A 27 9.62 -15.08 -4.09
C ASP A 27 10.46 -13.83 -4.38
N GLU A 28 9.90 -12.92 -5.15
CA GLU A 28 10.53 -11.65 -5.48
C GLU A 28 9.67 -10.90 -6.48
N VAL A 29 9.53 -9.60 -6.31
CA VAL A 29 8.74 -8.80 -7.23
C VAL A 29 9.51 -7.55 -7.63
N THR A 30 9.83 -7.43 -8.90
CA THR A 30 10.52 -6.27 -9.39
C THR A 30 9.58 -5.42 -10.27
N PRO A 31 10.01 -4.22 -10.70
CA PRO A 31 9.23 -3.39 -11.62
C PRO A 31 9.12 -4.00 -13.01
N VAL A 32 9.70 -5.19 -13.17
CA VAL A 32 9.68 -5.90 -14.43
C VAL A 32 8.77 -7.13 -14.30
N ASP A 33 7.98 -7.16 -13.23
CA ASP A 33 7.11 -8.30 -12.95
C ASP A 33 5.65 -7.89 -12.94
N ASP A 34 4.81 -8.80 -13.38
CA ASP A 34 3.36 -8.60 -13.33
C ASP A 34 2.81 -9.15 -12.02
N TYR A 35 2.23 -8.28 -11.22
CA TYR A 35 1.72 -8.69 -9.93
C TYR A 35 0.45 -7.93 -9.60
N VAL A 36 -0.25 -8.37 -8.58
CA VAL A 36 -1.46 -7.73 -8.15
C VAL A 36 -1.42 -7.51 -6.65
N ILE A 37 -1.78 -6.32 -6.22
CA ILE A 37 -1.74 -5.99 -4.82
C ILE A 37 -3.16 -6.00 -4.24
N ASP A 38 -3.36 -6.84 -3.22
CA ASP A 38 -4.65 -6.95 -2.56
C ASP A 38 -4.68 -6.01 -1.35
N GLY A 39 -5.05 -4.76 -1.61
CA GLY A 39 -5.16 -3.78 -0.55
C GLY A 39 -3.83 -3.21 -0.11
N GLY A 40 -2.79 -4.03 -0.19
CA GLY A 40 -1.49 -3.65 0.33
C GLY A 40 -0.54 -4.82 0.33
N GLU A 41 -1.12 -6.03 0.35
CA GLU A 41 -0.32 -7.24 0.23
C GLU A 41 -0.01 -7.52 -1.23
N ILE A 42 1.26 -7.78 -1.51
CA ILE A 42 1.72 -8.01 -2.88
C ILE A 42 1.63 -9.50 -3.23
N ILE A 43 1.01 -9.82 -4.35
CA ILE A 43 0.99 -11.19 -4.83
C ILE A 43 1.32 -11.22 -6.32
N LEU A 44 2.36 -11.95 -6.70
CA LEU A 44 2.75 -12.06 -8.10
C LEU A 44 1.65 -12.76 -8.88
N ARG A 45 1.51 -12.43 -10.17
CA ARG A 45 0.45 -12.97 -11.01
C ARG A 45 0.44 -14.50 -11.05
N GLU A 46 1.58 -15.12 -10.78
CA GLU A 46 1.67 -16.57 -10.84
C GLU A 46 1.12 -17.20 -9.56
N ASN A 47 1.10 -16.43 -8.48
CA ASN A 47 0.69 -16.95 -7.18
C ASN A 47 -0.61 -16.30 -6.73
N LEU A 48 -1.17 -15.49 -7.62
CA LEU A 48 -2.23 -14.55 -7.26
C LEU A 48 -3.57 -15.23 -6.97
N GLU A 49 -4.10 -15.93 -7.97
CA GLU A 49 -5.49 -16.37 -7.94
C GLU A 49 -5.81 -17.33 -6.79
N ARG A 50 -4.80 -17.91 -6.16
CA ARG A 50 -5.03 -18.77 -5.02
C ARG A 50 -5.25 -17.93 -3.76
N TYR A 51 -4.34 -17.00 -3.51
CA TYR A 51 -4.43 -16.14 -2.33
C TYR A 51 -5.68 -15.27 -2.40
N LEU A 52 -5.95 -14.72 -3.58
CA LEU A 52 -7.17 -13.94 -3.78
C LEU A 52 -8.40 -14.80 -3.61
N ARG A 53 -8.36 -16.02 -4.14
CA ARG A 53 -9.49 -16.94 -4.06
C ARG A 53 -9.98 -17.08 -2.62
N GLU A 54 -9.05 -17.27 -1.70
CA GLU A 54 -9.41 -17.50 -0.31
C GLU A 54 -9.56 -16.22 0.49
N GLN A 55 -8.89 -15.13 0.09
CA GLN A 55 -8.95 -13.91 0.88
C GLN A 55 -9.96 -12.91 0.31
N LEU A 56 -9.66 -12.34 -0.87
CA LEU A 56 -10.43 -11.21 -1.40
C LEU A 56 -10.72 -10.21 -0.29
N GLY A 57 -9.69 -9.94 0.52
CA GLY A 57 -9.90 -9.21 1.76
C GLY A 57 -9.51 -7.76 1.69
N PHE A 58 -8.79 -7.36 0.65
CA PHE A 58 -8.36 -5.97 0.51
C PHE A 58 -7.56 -5.57 1.74
N GLU A 59 -7.59 -4.29 2.08
CA GLU A 59 -7.17 -3.86 3.40
C GLU A 59 -8.34 -3.21 4.12
N PHE A 60 -8.95 -3.96 5.01
CA PHE A 60 -10.05 -3.46 5.82
C PHE A 60 -9.52 -2.69 7.01
N LYS A 61 -9.58 -1.38 6.93
CA LYS A 61 -9.13 -0.53 8.02
C LYS A 61 -10.34 0.12 8.67
N ASN A 62 -11.41 -0.66 8.77
CA ASN A 62 -12.66 -0.19 9.36
C ASN A 62 -12.44 0.34 10.77
N ALA A 63 -12.75 1.61 10.95
CA ALA A 63 -12.51 2.30 12.22
C ALA A 63 -13.69 2.14 13.15
N GLN A 64 -14.10 0.91 13.36
CA GLN A 64 -15.13 0.60 14.32
C GLN A 64 -14.65 1.02 15.70
N LEU A 65 -13.36 0.77 15.95
CA LEU A 65 -12.63 1.26 17.12
C LEU A 65 -13.10 0.57 18.38
N GLU A 66 -12.15 0.13 19.21
CA GLU A 66 -12.47 -0.52 20.47
C GLU A 66 -12.63 0.52 21.57
N HIS A 67 -12.69 1.78 21.15
CA HIS A 67 -12.92 2.89 22.08
C HIS A 67 -14.23 3.58 21.72
N HIS A 68 -15.29 3.22 22.42
CA HIS A 68 -16.56 3.89 22.26
C HIS A 68 -16.88 4.65 23.52
N HIS A 69 -16.65 5.96 23.48
CA HIS A 69 -16.80 6.82 24.65
C HIS A 69 -18.20 6.70 25.24
N HIS A 70 -18.28 6.10 26.42
CA HIS A 70 -19.54 5.84 27.07
C HIS A 70 -19.37 6.04 28.58
N HIS A 71 -20.41 5.74 29.36
CA HIS A 71 -20.37 5.92 30.80
C HIS A 71 -19.54 4.82 31.46
N HIS A 72 -18.23 4.93 31.32
CA HIS A 72 -17.29 4.02 31.96
C HIS A 72 -16.02 4.77 32.31
N MET B 1 8.98 21.95 39.73
CA MET B 1 9.20 20.61 40.32
C MET B 1 9.29 19.56 39.23
N VAL B 2 8.99 18.31 39.55
CA VAL B 2 9.17 17.21 38.62
C VAL B 2 7.92 16.95 37.79
N GLU B 3 8.13 16.31 36.64
CA GLU B 3 7.05 15.88 35.75
C GLU B 3 6.53 14.51 36.20
N ASN B 4 7.05 14.03 37.33
CA ASN B 4 6.77 12.70 37.82
C ASN B 4 7.35 11.65 36.87
N PRO B 5 8.62 11.28 37.09
CA PRO B 5 9.36 10.38 36.21
C PRO B 5 8.86 8.94 36.29
N MET B 6 8.02 8.56 35.35
CA MET B 6 7.59 7.18 35.21
C MET B 6 8.00 6.67 33.83
N VAL B 7 8.16 7.60 32.90
CA VAL B 7 8.64 7.29 31.57
C VAL B 7 9.89 8.11 31.28
N ILE B 8 10.95 7.47 30.81
CA ILE B 8 12.15 8.18 30.39
C ILE B 8 12.32 8.08 28.87
N ASN B 9 12.08 9.18 28.18
CA ASN B 9 12.21 9.18 26.74
C ASN B 9 13.61 9.58 26.31
N ASN B 10 14.27 8.66 25.63
CA ASN B 10 15.53 8.97 24.95
C ASN B 10 15.26 9.05 23.46
N TRP B 11 13.98 8.95 23.15
CA TRP B 11 13.47 9.01 21.79
C TRP B 11 12.14 9.76 21.81
N HIS B 12 11.99 10.73 20.93
CA HIS B 12 10.80 11.57 20.93
C HIS B 12 9.72 11.00 20.02
N ASP B 13 8.57 10.70 20.61
CA ASP B 13 7.48 10.05 19.88
C ASP B 13 6.56 11.08 19.24
N LYS B 14 6.79 12.36 19.53
CA LYS B 14 5.94 13.43 19.02
C LYS B 14 6.52 14.06 17.77
N LEU B 15 7.47 13.37 17.14
CA LEU B 15 8.16 13.91 15.97
C LEU B 15 7.32 13.78 14.71
N THR B 16 6.66 12.64 14.54
CA THR B 16 5.87 12.38 13.33
C THR B 16 4.44 12.02 13.68
N GLU B 17 3.60 11.93 12.65
CA GLU B 17 2.19 11.58 12.83
C GLU B 17 2.00 10.10 13.01
N THR B 18 0.74 9.70 13.11
CA THR B 18 0.38 8.31 13.22
C THR B 18 -0.06 7.78 11.85
N ASP B 19 -1.24 7.18 11.77
CA ASP B 19 -1.70 6.58 10.52
C ASP B 19 -2.82 7.43 9.94
N VAL B 20 -2.45 8.60 9.44
CA VAL B 20 -3.39 9.53 8.84
C VAL B 20 -3.17 9.63 7.33
N GLN B 21 -4.26 9.52 6.58
CA GLN B 21 -4.20 9.60 5.13
C GLN B 21 -5.50 10.21 4.59
N ILE B 22 -5.65 10.22 3.28
CA ILE B 22 -6.89 10.68 2.67
C ILE B 22 -7.40 9.61 1.72
N ASP B 23 -8.71 9.54 1.56
CA ASP B 23 -9.31 8.58 0.68
C ASP B 23 -9.29 9.09 -0.77
N PHE B 24 -9.99 8.39 -1.65
CA PHE B 24 -10.04 8.73 -3.07
C PHE B 24 -10.86 9.99 -3.31
N TYR B 25 -11.81 10.24 -2.42
CA TYR B 25 -12.74 11.36 -2.57
C TYR B 25 -12.07 12.69 -2.23
N GLY B 26 -11.11 12.67 -1.30
CA GLY B 26 -10.45 13.90 -0.92
C GLY B 26 -10.97 14.43 0.39
N ASP B 27 -11.40 13.52 1.25
CA ASP B 27 -11.76 13.86 2.61
C ASP B 27 -10.74 13.25 3.54
N GLU B 28 -10.23 14.02 4.49
CA GLU B 28 -9.16 13.54 5.35
C GLU B 28 -9.66 12.39 6.21
N VAL B 29 -8.97 11.27 6.12
CA VAL B 29 -9.33 10.08 6.83
C VAL B 29 -8.40 9.87 8.02
N THR B 30 -8.97 9.66 9.18
CA THR B 30 -8.18 9.44 10.37
C THR B 30 -8.47 8.04 10.93
N PRO B 31 -7.78 7.60 11.99
CA PRO B 31 -8.04 6.29 12.62
C PRO B 31 -9.42 6.18 13.26
N VAL B 32 -10.24 7.21 13.07
CA VAL B 32 -11.61 7.22 13.58
C VAL B 32 -12.59 7.28 12.40
N ASP B 33 -12.10 6.93 11.22
CA ASP B 33 -12.91 6.97 10.01
C ASP B 33 -12.81 5.65 9.26
N ASP B 34 -13.96 5.05 8.98
CA ASP B 34 -14.00 3.79 8.24
C ASP B 34 -13.49 3.96 6.82
N TYR B 35 -12.32 3.40 6.55
CA TYR B 35 -11.77 3.43 5.21
C TYR B 35 -11.21 2.06 4.85
N VAL B 36 -11.27 1.74 3.57
CA VAL B 36 -10.75 0.48 3.06
C VAL B 36 -9.86 0.76 1.86
N ILE B 37 -8.78 0.01 1.74
CA ILE B 37 -7.87 0.21 0.62
C ILE B 37 -8.07 -0.88 -0.42
N ASP B 38 -8.52 -0.48 -1.60
CA ASP B 38 -8.73 -1.43 -2.69
C ASP B 38 -7.51 -1.48 -3.59
N GLY B 39 -6.59 -2.37 -3.24
CA GLY B 39 -5.41 -2.59 -4.06
C GLY B 39 -4.30 -1.59 -3.81
N GLY B 40 -4.66 -0.41 -3.35
CA GLY B 40 -3.69 0.66 -3.17
C GLY B 40 -4.37 2.00 -3.15
N GLU B 41 -5.53 2.07 -3.79
CA GLU B 41 -6.39 3.23 -3.70
C GLU B 41 -7.20 3.18 -2.42
N ILE B 42 -7.18 4.26 -1.68
CA ILE B 42 -7.89 4.34 -0.41
C ILE B 42 -9.27 4.93 -0.64
N ILE B 43 -10.30 4.36 -0.03
CA ILE B 43 -11.64 4.92 -0.15
C ILE B 43 -12.34 4.94 1.21
N LEU B 44 -12.96 6.06 1.53
CA LEU B 44 -13.78 6.16 2.74
C LEU B 44 -15.02 5.30 2.55
N ARG B 45 -15.49 4.66 3.62
CA ARG B 45 -16.58 3.68 3.51
C ARG B 45 -17.85 4.28 2.90
N GLU B 46 -17.97 5.60 2.93
CA GLU B 46 -19.15 6.27 2.41
C GLU B 46 -19.14 6.24 0.88
N ASN B 47 -17.96 6.24 0.30
CA ASN B 47 -17.80 6.19 -1.15
C ASN B 47 -17.31 4.81 -1.57
N LEU B 48 -16.86 4.04 -0.59
CA LEU B 48 -16.28 2.73 -0.82
C LEU B 48 -17.24 1.77 -1.51
N GLU B 49 -18.44 1.63 -0.95
CA GLU B 49 -19.41 0.69 -1.48
C GLU B 49 -19.77 1.04 -2.92
N ARG B 50 -19.83 2.33 -3.20
CA ARG B 50 -20.08 2.83 -4.54
C ARG B 50 -18.92 2.46 -5.47
N TYR B 51 -17.71 2.81 -5.04
CA TYR B 51 -16.51 2.53 -5.81
C TYR B 51 -16.34 1.03 -6.04
N LEU B 52 -16.70 0.23 -5.03
CA LEU B 52 -16.58 -1.22 -5.12
C LEU B 52 -17.48 -1.77 -6.22
N ARG B 53 -18.73 -1.34 -6.25
CA ARG B 53 -19.67 -1.85 -7.23
C ARG B 53 -19.20 -1.49 -8.65
N GLU B 54 -18.48 -0.39 -8.77
CA GLU B 54 -17.94 0.00 -10.07
C GLU B 54 -16.58 -0.63 -10.36
N GLN B 55 -15.73 -0.76 -9.34
CA GLN B 55 -14.37 -1.22 -9.57
C GLN B 55 -14.16 -2.69 -9.17
N LEU B 56 -14.24 -2.98 -7.87
CA LEU B 56 -13.80 -4.29 -7.32
C LEU B 56 -12.54 -4.78 -8.04
N GLY B 57 -11.63 -3.86 -8.31
CA GLY B 57 -10.54 -4.15 -9.22
C GLY B 57 -9.20 -4.34 -8.55
N PHE B 58 -9.08 -3.95 -7.28
CA PHE B 58 -7.81 -4.05 -6.56
C PHE B 58 -6.75 -3.27 -7.32
N GLU B 59 -5.49 -3.62 -7.14
CA GLU B 59 -4.46 -3.05 -8.00
C GLU B 59 -3.81 -4.13 -8.83
N PHE B 60 -4.19 -4.21 -10.09
CA PHE B 60 -3.52 -5.07 -11.04
C PHE B 60 -2.32 -4.34 -11.59
N LYS B 61 -1.16 -4.66 -11.06
CA LYS B 61 0.06 -3.94 -11.37
C LYS B 61 0.78 -4.62 -12.53
N ASN B 62 0.46 -4.18 -13.73
CA ASN B 62 1.05 -4.74 -14.94
C ASN B 62 2.32 -3.97 -15.30
N ALA B 63 3.40 -4.71 -15.51
CA ALA B 63 4.70 -4.10 -15.79
C ALA B 63 4.75 -3.50 -17.19
N GLN B 64 3.73 -3.83 -17.99
CA GLN B 64 3.67 -3.46 -19.39
C GLN B 64 4.93 -3.92 -20.12
N LEU B 65 4.94 -5.20 -20.43
CA LEU B 65 6.10 -5.84 -21.02
C LEU B 65 5.64 -7.08 -21.76
N GLU B 66 6.37 -7.47 -22.79
CA GLU B 66 6.04 -8.65 -23.57
C GLU B 66 6.46 -9.92 -22.85
N HIS B 67 5.98 -10.06 -21.61
CA HIS B 67 6.22 -11.27 -20.84
C HIS B 67 5.24 -12.36 -21.26
N HIS B 68 5.49 -12.92 -22.43
CA HIS B 68 4.61 -13.90 -23.01
C HIS B 68 4.77 -15.26 -22.32
N HIS B 69 3.72 -15.66 -21.63
CA HIS B 69 3.67 -16.96 -20.96
C HIS B 69 3.60 -18.06 -22.01
N HIS B 70 3.13 -17.69 -23.20
CA HIS B 70 3.20 -18.54 -24.36
C HIS B 70 4.66 -18.67 -24.79
N HIS B 71 5.32 -19.73 -24.33
CA HIS B 71 6.75 -19.89 -24.53
C HIS B 71 7.19 -21.31 -24.24
N HIS B 72 8.03 -21.85 -25.11
CA HIS B 72 8.64 -23.15 -24.89
C HIS B 72 10.10 -22.96 -24.50
N MET A 1 29.11 -8.83 20.36
CA MET A 1 28.94 -9.55 19.07
C MET A 1 28.39 -8.61 18.03
N VAL A 2 29.06 -8.55 16.88
CA VAL A 2 28.63 -7.68 15.80
C VAL A 2 27.50 -8.32 15.01
N GLU A 3 26.32 -8.31 15.59
CA GLU A 3 25.14 -8.88 14.97
C GLU A 3 24.43 -7.82 14.14
N ASN A 4 24.02 -8.20 12.93
CA ASN A 4 23.40 -7.27 11.98
C ASN A 4 24.33 -6.10 11.69
N PRO A 5 25.47 -6.37 11.02
CA PRO A 5 26.53 -5.36 10.81
C PRO A 5 26.12 -4.26 9.85
N MET A 6 25.15 -4.56 9.00
CA MET A 6 24.67 -3.61 8.01
C MET A 6 23.24 -3.97 7.61
N VAL A 7 22.46 -2.96 7.25
CA VAL A 7 21.08 -3.17 6.84
C VAL A 7 21.01 -3.93 5.52
N ILE A 8 19.90 -4.59 5.27
CA ILE A 8 19.70 -5.35 4.05
C ILE A 8 18.70 -4.64 3.14
N ASN A 9 19.04 -4.56 1.86
CA ASN A 9 18.19 -3.90 0.88
C ASN A 9 18.45 -4.49 -0.50
N ASN A 10 19.46 -3.95 -1.19
CA ASN A 10 19.87 -4.45 -2.50
C ASN A 10 21.10 -3.69 -2.95
N TRP A 11 21.98 -4.36 -3.68
CA TRP A 11 23.20 -3.74 -4.14
C TRP A 11 23.43 -4.00 -5.62
N HIS A 12 23.85 -2.97 -6.33
CA HIS A 12 24.14 -3.07 -7.75
C HIS A 12 25.12 -1.98 -8.13
N ASP A 13 26.09 -2.30 -8.98
CA ASP A 13 27.05 -1.33 -9.48
C ASP A 13 26.36 -0.09 -10.03
N LYS A 14 25.51 -0.31 -11.02
CA LYS A 14 24.64 0.75 -11.53
C LYS A 14 23.20 0.46 -11.12
N LEU A 15 22.73 1.20 -10.13
CA LEU A 15 21.41 1.00 -9.56
C LEU A 15 20.34 1.22 -10.62
N THR A 16 19.60 0.16 -10.91
CA THR A 16 18.49 0.23 -11.83
C THR A 16 17.21 -0.19 -11.11
N GLU A 17 17.38 -1.09 -10.16
CA GLU A 17 16.28 -1.64 -9.39
C GLU A 17 16.08 -0.86 -8.09
N THR A 18 15.12 0.06 -8.09
CA THR A 18 14.81 0.83 -6.90
C THR A 18 13.70 0.15 -6.11
N ASP A 19 12.59 -0.10 -6.78
CA ASP A 19 11.42 -0.70 -6.13
C ASP A 19 11.57 -2.20 -6.07
N VAL A 20 12.48 -2.65 -5.23
CA VAL A 20 12.70 -4.07 -5.04
C VAL A 20 11.76 -4.60 -3.97
N GLN A 21 10.58 -5.03 -4.40
CA GLN A 21 9.58 -5.53 -3.48
C GLN A 21 9.28 -6.99 -3.75
N ILE A 22 9.09 -7.75 -2.69
CA ILE A 22 8.75 -9.15 -2.81
C ILE A 22 7.24 -9.31 -2.62
N ASP A 23 6.71 -10.43 -3.07
CA ASP A 23 5.31 -10.73 -2.87
C ASP A 23 5.10 -11.25 -1.44
N PHE A 24 3.93 -11.82 -1.17
CA PHE A 24 3.62 -12.29 0.17
C PHE A 24 4.31 -13.62 0.47
N TYR A 25 4.51 -14.44 -0.55
CA TYR A 25 5.05 -15.77 -0.36
C TYR A 25 6.57 -15.74 -0.20
N GLY A 26 7.24 -14.81 -0.85
CA GLY A 26 8.67 -14.69 -0.66
C GLY A 26 9.46 -15.11 -1.88
N ASP A 27 8.97 -14.74 -3.05
CA ASP A 27 9.72 -14.96 -4.29
C ASP A 27 10.62 -13.75 -4.54
N GLU A 28 10.30 -12.98 -5.57
CA GLU A 28 10.95 -11.71 -5.84
C GLU A 28 10.23 -11.04 -7.00
N VAL A 29 9.77 -9.83 -6.80
CA VAL A 29 9.01 -9.13 -7.81
C VAL A 29 9.80 -7.93 -8.32
N THR A 30 10.16 -7.98 -9.60
CA THR A 30 10.91 -6.90 -10.20
C THR A 30 9.99 -6.07 -11.11
N PRO A 31 10.44 -4.86 -11.51
CA PRO A 31 9.67 -3.97 -12.39
C PRO A 31 9.30 -4.58 -13.75
N VAL A 32 9.69 -5.83 -13.97
CA VAL A 32 9.34 -6.55 -15.20
C VAL A 32 8.51 -7.78 -14.89
N ASP A 33 7.94 -7.83 -13.69
CA ASP A 33 7.05 -8.92 -13.30
C ASP A 33 5.63 -8.39 -13.11
N ASP A 34 4.65 -9.15 -13.60
CA ASP A 34 3.25 -8.79 -13.39
C ASP A 34 2.80 -9.22 -12.00
N TYR A 35 2.44 -8.26 -11.18
CA TYR A 35 1.99 -8.55 -9.83
C TYR A 35 0.73 -7.78 -9.51
N VAL A 36 0.07 -8.16 -8.42
CA VAL A 36 -1.14 -7.50 -8.01
C VAL A 36 -1.10 -7.24 -6.50
N ILE A 37 -1.54 -6.08 -6.08
CA ILE A 37 -1.57 -5.75 -4.68
C ILE A 37 -3.00 -5.79 -4.17
N ASP A 38 -3.28 -6.72 -3.28
CA ASP A 38 -4.63 -6.90 -2.76
C ASP A 38 -4.80 -6.16 -1.44
N GLY A 39 -5.17 -4.90 -1.54
CA GLY A 39 -5.47 -4.10 -0.36
C GLY A 39 -4.23 -3.53 0.31
N GLY A 40 -3.08 -4.02 -0.10
CA GLY A 40 -1.83 -3.62 0.52
C GLY A 40 -0.83 -4.74 0.53
N GLU A 41 -1.34 -5.96 0.42
CA GLU A 41 -0.50 -7.15 0.34
C GLU A 41 -0.07 -7.36 -1.11
N ILE A 42 1.22 -7.56 -1.31
CA ILE A 42 1.77 -7.78 -2.66
C ILE A 42 1.76 -9.26 -2.99
N ILE A 43 1.24 -9.60 -4.17
CA ILE A 43 1.27 -10.99 -4.61
C ILE A 43 1.71 -11.05 -6.08
N LEU A 44 2.60 -12.00 -6.38
CA LEU A 44 3.00 -12.23 -7.76
C LEU A 44 1.85 -12.95 -8.47
N ARG A 45 1.65 -12.68 -9.75
CA ARG A 45 0.52 -13.23 -10.49
C ARG A 45 0.45 -14.76 -10.44
N GLU A 46 1.57 -15.40 -10.17
CA GLU A 46 1.59 -16.86 -10.04
C GLU A 46 0.91 -17.27 -8.73
N ASN A 47 1.17 -16.52 -7.67
CA ASN A 47 0.63 -16.83 -6.35
C ASN A 47 -0.73 -16.15 -6.17
N LEU A 48 -1.16 -15.40 -7.18
CA LEU A 48 -2.40 -14.64 -7.13
C LEU A 48 -3.62 -15.54 -7.00
N GLU A 49 -3.59 -16.65 -7.74
CA GLU A 49 -4.74 -17.56 -7.82
C GLU A 49 -5.22 -17.96 -6.42
N ARG A 50 -4.33 -18.50 -5.62
CA ARG A 50 -4.68 -18.98 -4.28
C ARG A 50 -5.14 -17.83 -3.40
N TYR A 51 -4.52 -16.66 -3.59
CA TYR A 51 -4.82 -15.49 -2.77
C TYR A 51 -6.22 -14.96 -3.05
N LEU A 52 -6.56 -14.83 -4.32
CA LEU A 52 -7.89 -14.35 -4.71
C LEU A 52 -8.95 -15.36 -4.31
N ARG A 53 -8.57 -16.62 -4.21
CA ARG A 53 -9.50 -17.68 -3.86
C ARG A 53 -9.86 -17.62 -2.39
N GLU A 54 -8.91 -17.20 -1.56
CA GLU A 54 -9.15 -17.10 -0.13
C GLU A 54 -9.66 -15.73 0.28
N GLN A 55 -8.98 -14.67 -0.14
CA GLN A 55 -9.30 -13.34 0.36
C GLN A 55 -10.33 -12.66 -0.52
N LEU A 56 -9.94 -12.30 -1.76
CA LEU A 56 -10.79 -11.51 -2.66
C LEU A 56 -11.53 -10.42 -1.88
N GLY A 57 -10.88 -9.85 -0.87
CA GLY A 57 -11.58 -8.95 0.02
C GLY A 57 -10.80 -7.70 0.38
N PHE A 58 -9.69 -7.47 -0.32
CA PHE A 58 -8.91 -6.25 -0.16
C PHE A 58 -8.44 -6.08 1.28
N GLU A 59 -8.12 -4.86 1.66
CA GLU A 59 -7.87 -4.53 3.04
C GLU A 59 -9.10 -3.85 3.61
N PHE A 60 -9.86 -4.61 4.37
CA PHE A 60 -11.14 -4.13 4.88
C PHE A 60 -10.98 -3.65 6.31
N LYS A 61 -10.68 -2.36 6.44
CA LYS A 61 -10.40 -1.79 7.73
C LYS A 61 -11.67 -1.33 8.43
N ASN A 62 -11.66 -1.43 9.75
CA ASN A 62 -12.67 -0.82 10.57
C ASN A 62 -11.99 0.19 11.50
N ALA A 63 -12.63 1.32 11.74
CA ALA A 63 -12.06 2.34 12.61
C ALA A 63 -12.03 1.88 14.06
N GLN A 64 -12.71 0.76 14.32
CA GLN A 64 -12.80 0.18 15.65
C GLN A 64 -13.49 1.16 16.59
N LEU A 65 -14.54 1.77 16.08
CA LEU A 65 -15.26 2.80 16.81
C LEU A 65 -16.59 2.25 17.35
N GLU A 66 -16.62 0.93 17.57
CA GLU A 66 -17.81 0.29 18.10
C GLU A 66 -18.06 0.72 19.55
N HIS A 67 -18.88 1.73 19.70
CA HIS A 67 -19.25 2.24 21.02
C HIS A 67 -20.75 2.49 21.07
N HIS A 68 -21.53 1.46 20.77
CA HIS A 68 -22.98 1.59 20.70
C HIS A 68 -23.64 0.99 21.94
N HIS A 69 -23.85 1.83 22.94
CA HIS A 69 -24.59 1.42 24.13
C HIS A 69 -25.78 2.36 24.33
N HIS A 70 -26.14 3.06 23.27
CA HIS A 70 -27.20 4.06 23.34
C HIS A 70 -28.56 3.45 22.99
N HIS A 71 -29.31 3.11 24.02
CA HIS A 71 -30.71 2.77 23.85
C HIS A 71 -31.54 3.71 24.72
N HIS A 72 -30.84 4.55 25.48
CA HIS A 72 -31.46 5.58 26.28
C HIS A 72 -30.87 6.92 25.90
N MET B 1 26.60 20.38 26.41
CA MET B 1 26.04 21.74 26.61
C MET B 1 24.77 21.66 27.41
N VAL B 2 23.91 20.71 27.08
CA VAL B 2 22.74 20.42 27.89
C VAL B 2 23.14 19.43 28.98
N GLU B 3 23.68 19.97 30.07
CA GLU B 3 24.26 19.15 31.12
C GLU B 3 23.20 18.78 32.16
N ASN B 4 22.18 19.60 32.25
CA ASN B 4 21.09 19.38 33.20
C ASN B 4 20.14 18.31 32.68
N PRO B 5 19.47 17.59 33.60
CA PRO B 5 18.50 16.53 33.25
C PRO B 5 17.21 17.09 32.66
N MET B 6 17.34 17.99 31.70
CA MET B 6 16.20 18.60 31.05
C MET B 6 15.80 17.80 29.82
N VAL B 7 16.59 16.79 29.51
CA VAL B 7 16.29 15.89 28.41
C VAL B 7 15.30 14.82 28.88
N ILE B 8 14.03 15.16 28.84
CA ILE B 8 12.99 14.27 29.33
C ILE B 8 12.55 13.27 28.27
N ASN B 9 12.99 13.51 27.03
CA ASN B 9 12.60 12.70 25.88
C ASN B 9 11.11 12.85 25.58
N ASN B 10 10.79 13.47 24.46
CA ASN B 10 9.40 13.72 24.11
C ASN B 10 8.76 12.45 23.53
N TRP B 11 7.66 12.05 24.14
CA TRP B 11 7.01 10.78 23.79
C TRP B 11 6.15 10.93 22.54
N HIS B 12 5.78 12.16 22.21
CA HIS B 12 5.05 12.43 20.99
C HIS B 12 5.33 13.86 20.54
N ASP B 13 6.10 14.00 19.49
CA ASP B 13 6.46 15.30 18.96
C ASP B 13 5.30 15.89 18.16
N LYS B 14 5.43 17.16 17.80
CA LYS B 14 4.39 17.86 17.05
C LYS B 14 4.51 17.57 15.56
N LEU B 15 4.75 16.31 15.22
CA LEU B 15 4.87 15.89 13.84
C LEU B 15 3.51 15.93 13.16
N THR B 16 3.45 16.60 12.03
CA THR B 16 2.23 16.67 11.25
C THR B 16 2.01 15.35 10.52
N GLU B 17 0.75 15.09 10.15
CA GLU B 17 0.33 13.88 9.45
C GLU B 17 1.01 12.62 10.01
N THR B 18 0.66 12.28 11.25
CA THR B 18 1.21 11.09 11.89
C THR B 18 0.66 9.83 11.24
N ASP B 19 -0.66 9.69 11.25
CA ASP B 19 -1.34 8.59 10.57
C ASP B 19 -2.42 9.16 9.66
N VAL B 20 -2.24 10.41 9.27
CA VAL B 20 -3.21 11.10 8.44
C VAL B 20 -3.13 10.64 6.99
N GLN B 21 -4.27 10.24 6.46
CA GLN B 21 -4.39 9.79 5.08
C GLN B 21 -5.63 10.40 4.45
N ILE B 22 -5.80 10.24 3.15
CA ILE B 22 -6.99 10.73 2.48
C ILE B 22 -7.60 9.63 1.62
N ASP B 23 -8.93 9.63 1.51
CA ASP B 23 -9.60 8.69 0.63
C ASP B 23 -9.48 9.18 -0.82
N PHE B 24 -10.02 8.40 -1.74
CA PHE B 24 -9.93 8.69 -3.16
C PHE B 24 -10.65 10.01 -3.52
N TYR B 25 -11.63 10.40 -2.73
CA TYR B 25 -12.47 11.54 -3.07
C TYR B 25 -12.04 12.82 -2.35
N GLY B 26 -11.03 12.76 -1.49
CA GLY B 26 -10.51 13.96 -0.89
C GLY B 26 -11.02 14.23 0.50
N ASP B 27 -11.51 13.20 1.17
CA ASP B 27 -11.89 13.33 2.57
C ASP B 27 -10.72 12.91 3.44
N GLU B 28 -10.36 13.77 4.39
CA GLU B 28 -9.21 13.51 5.25
C GLU B 28 -9.53 12.40 6.23
N VAL B 29 -9.07 11.20 5.92
CA VAL B 29 -9.38 10.02 6.71
C VAL B 29 -8.37 9.87 7.84
N THR B 30 -8.85 9.99 9.07
CA THR B 30 -8.01 9.84 10.24
C THR B 30 -8.24 8.47 10.87
N PRO B 31 -7.44 8.10 11.89
CA PRO B 31 -7.56 6.81 12.59
C PRO B 31 -8.99 6.49 13.07
N VAL B 32 -9.83 7.51 13.22
CA VAL B 32 -11.19 7.32 13.70
C VAL B 32 -12.20 7.33 12.56
N ASP B 33 -11.71 7.36 11.32
CA ASP B 33 -12.58 7.34 10.16
C ASP B 33 -12.60 5.94 9.54
N ASP B 34 -13.79 5.38 9.42
CA ASP B 34 -13.95 4.04 8.86
C ASP B 34 -13.65 4.06 7.37
N TYR B 35 -12.67 3.25 6.95
CA TYR B 35 -12.22 3.26 5.57
C TYR B 35 -11.84 1.85 5.10
N VAL B 36 -11.78 1.67 3.79
CA VAL B 36 -11.36 0.40 3.21
C VAL B 36 -10.40 0.67 2.06
N ILE B 37 -9.39 -0.18 1.89
CA ILE B 37 -8.40 0.03 0.87
C ILE B 37 -8.54 -0.99 -0.26
N ASP B 38 -8.87 -0.50 -1.45
CA ASP B 38 -9.02 -1.37 -2.61
C ASP B 38 -7.71 -1.42 -3.38
N GLY B 39 -6.87 -2.38 -3.01
CA GLY B 39 -5.61 -2.58 -3.70
C GLY B 39 -4.52 -1.65 -3.25
N GLY B 40 -4.89 -0.43 -2.90
CA GLY B 40 -3.93 0.59 -2.57
C GLY B 40 -4.60 1.94 -2.45
N GLU B 41 -5.74 2.07 -3.13
CA GLU B 41 -6.55 3.26 -3.03
C GLU B 41 -7.43 3.18 -1.80
N ILE B 42 -7.48 4.28 -1.06
CA ILE B 42 -8.26 4.36 0.16
C ILE B 42 -9.65 4.90 -0.16
N ILE B 43 -10.68 4.23 0.30
CA ILE B 43 -12.03 4.72 0.12
C ILE B 43 -12.73 4.79 1.47
N LEU B 44 -13.20 5.97 1.83
CA LEU B 44 -14.02 6.12 3.02
C LEU B 44 -15.25 5.22 2.92
N ARG B 45 -15.66 4.61 4.04
CA ARG B 45 -16.78 3.67 4.06
C ARG B 45 -18.09 4.32 3.62
N GLU B 46 -18.09 5.64 3.53
CA GLU B 46 -19.26 6.38 3.06
C GLU B 46 -19.52 6.10 1.58
N ASN B 47 -18.47 6.18 0.77
CA ASN B 47 -18.61 6.07 -0.69
C ASN B 47 -18.19 4.69 -1.18
N LEU B 48 -17.69 3.87 -0.25
CA LEU B 48 -17.11 2.56 -0.56
C LEU B 48 -17.98 1.74 -1.52
N GLU B 49 -19.29 1.77 -1.27
CA GLU B 49 -20.24 0.99 -2.07
C GLU B 49 -20.10 1.27 -3.57
N ARG B 50 -19.98 2.55 -3.92
CA ARG B 50 -19.94 2.95 -5.32
C ARG B 50 -18.60 2.61 -5.96
N TYR B 51 -17.51 2.85 -5.23
CA TYR B 51 -16.18 2.60 -5.76
C TYR B 51 -15.97 1.11 -6.02
N LEU B 52 -16.38 0.28 -5.06
CA LEU B 52 -16.25 -1.17 -5.21
C LEU B 52 -17.20 -1.70 -6.27
N ARG B 53 -18.29 -0.99 -6.50
CA ARG B 53 -19.22 -1.34 -7.55
C ARG B 53 -18.60 -1.14 -8.92
N GLU B 54 -17.91 -0.01 -9.08
CA GLU B 54 -17.41 0.39 -10.39
C GLU B 54 -15.97 -0.06 -10.65
N GLN B 55 -15.15 -0.17 -9.60
CA GLN B 55 -13.77 -0.58 -9.80
C GLN B 55 -13.60 -2.06 -9.47
N LEU B 56 -13.75 -2.41 -8.18
CA LEU B 56 -13.54 -3.78 -7.70
C LEU B 56 -12.27 -4.36 -8.34
N GLY B 57 -11.27 -3.50 -8.48
CA GLY B 57 -10.15 -3.84 -9.34
C GLY B 57 -8.83 -3.95 -8.62
N PHE B 58 -8.81 -3.77 -7.31
CA PHE B 58 -7.58 -3.92 -6.52
C PHE B 58 -6.50 -2.99 -7.09
N GLU B 59 -5.25 -3.39 -6.96
CA GLU B 59 -4.18 -2.79 -7.73
C GLU B 59 -3.59 -3.82 -8.65
N PHE B 60 -3.98 -3.74 -9.92
CA PHE B 60 -3.42 -4.61 -10.94
C PHE B 60 -2.18 -3.96 -11.52
N LYS B 61 -1.03 -4.36 -11.01
CA LYS B 61 0.20 -3.70 -11.40
C LYS B 61 1.02 -4.58 -12.33
N ASN B 62 0.71 -4.48 -13.61
CA ASN B 62 1.39 -5.27 -14.63
C ASN B 62 2.84 -4.82 -14.77
N ALA B 63 3.61 -5.60 -15.51
CA ALA B 63 5.06 -5.39 -15.62
C ALA B 63 5.42 -4.23 -16.56
N GLN B 64 4.43 -3.42 -16.93
CA GLN B 64 4.63 -2.28 -17.82
C GLN B 64 5.11 -2.73 -19.20
N LEU B 65 4.97 -4.02 -19.47
CA LEU B 65 5.38 -4.59 -20.75
C LEU B 65 4.37 -4.23 -21.82
N GLU B 66 4.88 -3.81 -22.98
CA GLU B 66 4.03 -3.43 -24.10
C GLU B 66 3.08 -4.56 -24.48
N HIS B 67 3.57 -5.79 -24.45
CA HIS B 67 2.76 -6.95 -24.78
C HIS B 67 1.74 -7.22 -23.68
N HIS B 68 2.19 -7.09 -22.42
CA HIS B 68 1.35 -7.38 -21.24
C HIS B 68 1.00 -8.86 -21.13
N HIS B 69 1.00 -9.39 -19.91
CA HIS B 69 0.59 -10.77 -19.67
C HIS B 69 -0.92 -10.89 -19.77
N HIS B 70 -1.63 -9.94 -19.19
CA HIS B 70 -3.08 -9.91 -19.26
C HIS B 70 -3.49 -8.74 -20.17
N HIS B 71 -3.59 -9.02 -21.46
CA HIS B 71 -3.76 -7.97 -22.46
C HIS B 71 -5.03 -8.17 -23.28
N HIS B 72 -5.81 -7.11 -23.39
CA HIS B 72 -6.96 -7.09 -24.29
C HIS B 72 -6.67 -6.17 -25.46
N MET A 1 27.99 20.52 0.87
CA MET A 1 26.83 20.45 1.79
C MET A 1 26.93 19.19 2.63
N VAL A 2 25.87 18.88 3.39
CA VAL A 2 25.84 17.66 4.17
C VAL A 2 25.49 16.47 3.26
N GLU A 3 26.44 16.14 2.40
CA GLU A 3 26.34 14.99 1.51
C GLU A 3 27.75 14.53 1.16
N ASN A 4 27.98 13.23 1.27
CA ASN A 4 29.32 12.69 1.10
C ASN A 4 29.25 11.21 0.71
N PRO A 5 30.35 10.64 0.22
CA PRO A 5 30.45 9.21 -0.08
C PRO A 5 30.84 8.39 1.14
N MET A 6 31.17 7.13 0.91
CA MET A 6 31.54 6.23 1.99
C MET A 6 32.41 5.11 1.42
N VAL A 7 32.61 4.05 2.20
CA VAL A 7 33.27 2.86 1.70
C VAL A 7 32.42 2.21 0.60
N ILE A 8 32.77 2.48 -0.64
CA ILE A 8 31.99 2.03 -1.78
C ILE A 8 32.34 0.60 -2.17
N ASN A 9 31.34 -0.26 -2.19
CA ASN A 9 31.53 -1.63 -2.63
C ASN A 9 31.52 -1.68 -4.15
N ASN A 10 32.65 -2.08 -4.72
CA ASN A 10 32.79 -2.14 -6.16
C ASN A 10 32.17 -3.42 -6.71
N TRP A 11 32.43 -3.71 -7.99
CA TRP A 11 31.83 -4.84 -8.67
C TRP A 11 30.31 -4.71 -8.66
N HIS A 12 29.83 -3.62 -9.25
CA HIS A 12 28.41 -3.33 -9.32
C HIS A 12 28.08 -2.65 -10.64
N ASP A 13 27.29 -3.31 -11.47
CA ASP A 13 26.85 -2.74 -12.73
C ASP A 13 25.79 -1.68 -12.49
N LYS A 14 24.94 -1.91 -11.51
CA LYS A 14 23.93 -0.93 -11.11
C LYS A 14 23.92 -0.77 -9.60
N LEU A 15 23.52 0.41 -9.14
CA LEU A 15 23.31 0.64 -7.72
C LEU A 15 21.94 0.09 -7.34
N THR A 16 21.87 -1.24 -7.24
CA THR A 16 20.61 -1.96 -7.07
C THR A 16 19.60 -1.58 -8.17
N GLU A 17 18.36 -1.98 -8.00
CA GLU A 17 17.32 -1.59 -8.94
C GLU A 17 16.50 -0.46 -8.34
N THR A 18 16.56 -0.36 -7.01
CA THR A 18 15.89 0.70 -6.26
C THR A 18 14.38 0.52 -6.22
N ASP A 19 13.74 0.63 -7.39
CA ASP A 19 12.31 0.48 -7.47
C ASP A 19 11.94 -0.98 -7.68
N VAL A 20 11.75 -1.69 -6.58
CA VAL A 20 11.39 -3.09 -6.60
C VAL A 20 10.22 -3.34 -5.66
N GLN A 21 9.27 -4.13 -6.09
CA GLN A 21 8.12 -4.45 -5.28
C GLN A 21 8.08 -5.94 -4.97
N ILE A 22 8.20 -6.27 -3.70
CA ILE A 22 8.23 -7.66 -3.30
C ILE A 22 6.84 -8.16 -2.93
N ASP A 23 6.57 -9.41 -3.29
CA ASP A 23 5.33 -10.09 -2.97
C ASP A 23 5.13 -10.25 -1.45
N PHE A 24 4.12 -11.03 -1.09
CA PHE A 24 3.74 -11.24 0.30
C PHE A 24 4.74 -12.16 1.01
N TYR A 25 5.32 -13.09 0.27
CA TYR A 25 6.24 -14.06 0.85
C TYR A 25 7.55 -13.36 1.21
N GLY A 26 7.97 -12.43 0.39
CA GLY A 26 9.22 -11.77 0.60
C GLY A 26 10.27 -12.26 -0.36
N ASP A 27 9.81 -12.79 -1.49
CA ASP A 27 10.72 -13.31 -2.50
C ASP A 27 11.27 -12.16 -3.33
N GLU A 28 10.48 -11.69 -4.32
CA GLU A 28 10.85 -10.54 -5.16
C GLU A 28 9.98 -10.51 -6.41
N VAL A 29 9.28 -9.41 -6.63
CA VAL A 29 8.56 -9.22 -7.88
C VAL A 29 9.21 -8.07 -8.66
N THR A 30 9.41 -8.28 -9.93
CA THR A 30 10.04 -7.28 -10.76
C THR A 30 9.03 -6.70 -11.75
N PRO A 31 9.24 -5.45 -12.21
CA PRO A 31 8.31 -4.78 -13.15
C PRO A 31 8.27 -5.44 -14.52
N VAL A 32 9.03 -6.52 -14.68
CA VAL A 32 9.04 -7.28 -15.92
C VAL A 32 8.16 -8.52 -15.76
N ASP A 33 7.64 -8.71 -14.54
CA ASP A 33 6.78 -9.85 -14.25
C ASP A 33 5.34 -9.37 -14.06
N ASP A 34 4.45 -10.30 -13.80
CA ASP A 34 3.04 -9.97 -13.63
C ASP A 34 2.63 -10.18 -12.19
N TYR A 35 2.00 -9.19 -11.58
CA TYR A 35 1.57 -9.30 -10.21
C TYR A 35 0.22 -8.63 -10.02
N VAL A 36 -0.40 -8.88 -8.88
CA VAL A 36 -1.68 -8.27 -8.55
C VAL A 36 -1.66 -7.79 -7.11
N ILE A 37 -2.20 -6.61 -6.87
CA ILE A 37 -2.29 -6.07 -5.54
C ILE A 37 -3.62 -6.42 -4.91
N ASP A 38 -3.58 -7.24 -3.87
CA ASP A 38 -4.77 -7.63 -3.15
C ASP A 38 -5.04 -6.63 -2.04
N GLY A 39 -5.79 -5.59 -2.38
CA GLY A 39 -6.15 -4.58 -1.40
C GLY A 39 -5.00 -3.65 -1.04
N GLY A 40 -3.78 -4.14 -1.16
CA GLY A 40 -2.62 -3.39 -0.73
C GLY A 40 -1.41 -4.29 -0.62
N GLU A 41 -1.66 -5.58 -0.48
CA GLU A 41 -0.59 -6.57 -0.44
C GLU A 41 -0.16 -6.93 -1.86
N ILE A 42 1.12 -7.21 -2.04
CA ILE A 42 1.65 -7.57 -3.34
C ILE A 42 1.78 -9.07 -3.47
N ILE A 43 1.29 -9.63 -4.57
CA ILE A 43 1.47 -11.04 -4.83
C ILE A 43 1.78 -11.26 -6.31
N LEU A 44 2.82 -12.02 -6.59
CA LEU A 44 3.14 -12.39 -7.97
C LEU A 44 1.99 -13.24 -8.51
N ARG A 45 1.68 -13.05 -9.79
CA ARG A 45 0.49 -13.65 -10.42
C ARG A 45 0.35 -15.15 -10.19
N GLU A 46 1.44 -15.84 -9.90
CA GLU A 46 1.41 -17.29 -9.80
C GLU A 46 0.90 -17.73 -8.43
N ASN A 47 1.14 -16.91 -7.42
CA ASN A 47 0.66 -17.18 -6.07
C ASN A 47 -0.58 -16.37 -5.77
N LEU A 48 -0.84 -15.40 -6.65
CA LEU A 48 -1.96 -14.48 -6.50
C LEU A 48 -3.28 -15.23 -6.51
N GLU A 49 -3.37 -16.26 -7.34
CA GLU A 49 -4.59 -17.06 -7.46
C GLU A 49 -5.03 -17.59 -6.09
N ARG A 50 -4.12 -18.23 -5.39
CA ARG A 50 -4.44 -18.86 -4.13
C ARG A 50 -4.57 -17.82 -3.02
N TYR A 51 -3.97 -16.65 -3.23
CA TYR A 51 -4.10 -15.57 -2.26
C TYR A 51 -5.48 -14.92 -2.38
N LEU A 52 -6.04 -14.91 -3.58
CA LEU A 52 -7.42 -14.47 -3.78
C LEU A 52 -8.37 -15.47 -3.12
N ARG A 53 -7.97 -16.73 -3.12
CA ARG A 53 -8.72 -17.76 -2.40
C ARG A 53 -8.73 -17.44 -0.91
N GLU A 54 -7.62 -16.86 -0.45
CA GLU A 54 -7.49 -16.41 0.93
C GLU A 54 -8.28 -15.12 1.17
N GLN A 55 -7.86 -14.05 0.49
CA GLN A 55 -8.38 -12.72 0.74
C GLN A 55 -9.37 -12.29 -0.36
N LEU A 56 -8.88 -12.26 -1.61
CA LEU A 56 -9.70 -11.98 -2.80
C LEU A 56 -9.75 -10.48 -3.13
N GLY A 57 -8.63 -9.81 -2.96
CA GLY A 57 -8.49 -8.44 -3.40
C GLY A 57 -9.26 -7.45 -2.53
N PHE A 58 -8.95 -7.43 -1.24
CA PHE A 58 -9.64 -6.52 -0.32
C PHE A 58 -8.80 -6.22 0.91
N GLU A 59 -8.49 -4.94 1.13
CA GLU A 59 -8.08 -4.52 2.45
C GLU A 59 -9.27 -3.84 3.11
N PHE A 60 -9.93 -4.57 3.98
CA PHE A 60 -11.22 -4.14 4.48
C PHE A 60 -11.11 -3.77 5.94
N LYS A 61 -11.22 -2.49 6.22
CA LYS A 61 -11.13 -2.00 7.57
C LYS A 61 -12.41 -1.26 7.91
N ASN A 62 -12.53 -0.84 9.16
CA ASN A 62 -13.70 -0.11 9.62
C ASN A 62 -13.39 0.53 10.96
N ALA A 63 -14.26 1.41 11.42
CA ALA A 63 -14.07 2.06 12.71
C ALA A 63 -14.33 1.09 13.86
N GLN A 64 -14.74 -0.14 13.51
CA GLN A 64 -15.21 -1.13 14.46
C GLN A 64 -16.56 -0.71 15.03
N LEU A 65 -16.64 0.56 15.42
CA LEU A 65 -17.90 1.16 15.80
C LEU A 65 -18.65 1.59 14.55
N GLU A 66 -19.28 0.63 13.88
CA GLU A 66 -20.02 0.90 12.65
C GLU A 66 -21.32 1.64 12.96
N HIS A 67 -21.58 1.87 14.24
CA HIS A 67 -22.80 2.54 14.68
C HIS A 67 -22.81 4.02 14.28
N HIS A 68 -21.75 4.49 13.64
CA HIS A 68 -21.75 5.85 13.09
C HIS A 68 -22.62 5.90 11.84
N HIS A 69 -23.09 4.72 11.41
CA HIS A 69 -24.19 4.64 10.45
C HIS A 69 -25.49 4.63 11.24
N HIS A 70 -26.06 5.79 11.49
CA HIS A 70 -27.15 5.86 12.44
C HIS A 70 -28.44 6.43 11.87
N HIS A 71 -29.41 5.56 11.72
CA HIS A 71 -30.79 5.98 11.63
C HIS A 71 -31.28 6.14 13.07
N HIS A 72 -30.73 5.28 13.93
CA HIS A 72 -30.87 5.37 15.36
C HIS A 72 -29.54 5.01 16.00
N MET B 1 3.03 -15.83 42.23
CA MET B 1 4.05 -14.77 42.47
C MET B 1 3.36 -13.44 42.67
N VAL B 2 4.15 -12.39 42.90
CA VAL B 2 3.61 -11.05 43.06
C VAL B 2 3.32 -10.41 41.71
N GLU B 3 2.63 -9.29 41.73
CA GLU B 3 2.29 -8.56 40.52
C GLU B 3 3.45 -7.67 40.10
N ASN B 4 3.60 -7.44 38.82
CA ASN B 4 4.65 -6.57 38.32
C ASN B 4 4.19 -5.11 38.36
N PRO B 5 5.01 -4.22 38.96
CA PRO B 5 4.69 -2.80 39.05
C PRO B 5 4.75 -2.10 37.70
N MET B 6 4.38 -0.83 37.69
CA MET B 6 4.42 -0.04 36.46
C MET B 6 5.85 0.39 36.17
N VAL B 7 6.44 -0.22 35.15
CA VAL B 7 7.79 0.13 34.74
C VAL B 7 7.75 1.41 33.91
N ILE B 8 8.33 2.48 34.45
CA ILE B 8 8.29 3.79 33.82
C ILE B 8 8.98 3.78 32.45
N ASN B 9 8.15 3.66 31.41
CA ASN B 9 8.62 3.63 30.03
C ASN B 9 9.66 2.54 29.80
N ASN B 10 9.20 1.30 29.77
CA ASN B 10 10.06 0.18 29.43
C ASN B 10 10.06 -0.01 27.93
N TRP B 11 8.86 -0.11 27.37
CA TRP B 11 8.68 -0.16 25.93
C TRP B 11 8.42 1.24 25.42
N HIS B 12 9.15 1.64 24.40
CA HIS B 12 9.10 3.02 23.92
C HIS B 12 7.98 3.20 22.89
N ASP B 13 7.11 4.18 23.15
CA ASP B 13 5.95 4.41 22.30
C ASP B 13 5.84 5.88 21.92
N LYS B 14 4.87 6.18 21.06
CA LYS B 14 4.62 7.54 20.62
C LYS B 14 3.13 7.71 20.33
N LEU B 15 2.64 8.93 20.40
CA LEU B 15 1.23 9.21 20.13
C LEU B 15 1.01 9.41 18.63
N THR B 16 -0.25 9.23 18.20
CA THR B 16 -0.62 9.42 16.80
C THR B 16 -0.45 10.88 16.40
N GLU B 17 0.19 11.12 15.27
CA GLU B 17 0.56 12.48 14.89
C GLU B 17 0.74 12.63 13.39
N THR B 18 1.70 11.92 12.82
CA THR B 18 2.00 12.02 11.40
C THR B 18 1.26 10.95 10.61
N ASP B 19 0.81 9.94 11.34
CA ASP B 19 0.13 8.78 10.77
C ASP B 19 -1.31 9.10 10.39
N VAL B 20 -1.53 10.30 9.88
CA VAL B 20 -2.85 10.76 9.49
C VAL B 20 -3.14 10.37 8.04
N GLN B 21 -4.02 9.42 7.86
CA GLN B 21 -4.33 8.90 6.53
C GLN B 21 -5.52 9.64 5.92
N ILE B 22 -5.38 10.05 4.67
CA ILE B 22 -6.49 10.61 3.93
C ILE B 22 -6.99 9.55 2.96
N ASP B 23 -8.27 9.61 2.62
CA ASP B 23 -8.83 8.68 1.66
C ASP B 23 -8.60 9.20 0.24
N PHE B 24 -9.10 8.48 -0.75
CA PHE B 24 -8.93 8.81 -2.15
C PHE B 24 -9.63 10.13 -2.50
N TYR B 25 -10.64 10.48 -1.74
CA TYR B 25 -11.47 11.63 -2.06
C TYR B 25 -10.94 12.92 -1.45
N GLY B 26 -10.07 12.81 -0.44
CA GLY B 26 -9.56 13.99 0.21
C GLY B 26 -10.21 14.21 1.55
N ASP B 27 -10.91 13.20 2.02
CA ASP B 27 -11.54 13.24 3.34
C ASP B 27 -10.54 12.72 4.37
N GLU B 28 -10.35 13.48 5.43
CA GLU B 28 -9.34 13.14 6.41
C GLU B 28 -9.82 11.98 7.28
N VAL B 29 -9.36 10.78 6.95
CA VAL B 29 -9.84 9.58 7.59
C VAL B 29 -9.16 9.35 8.93
N THR B 30 -9.87 9.70 9.99
CA THR B 30 -9.40 9.44 11.33
C THR B 30 -9.81 8.02 11.74
N PRO B 31 -9.19 7.45 12.80
CA PRO B 31 -9.47 6.08 13.26
C PRO B 31 -10.87 5.93 13.88
N VAL B 32 -11.77 6.85 13.55
CA VAL B 32 -13.12 6.81 14.08
C VAL B 32 -14.12 6.62 12.93
N ASP B 33 -13.61 6.51 11.71
CA ASP B 33 -14.46 6.38 10.53
C ASP B 33 -14.14 5.08 9.78
N ASP B 34 -14.99 4.75 8.81
CA ASP B 34 -14.84 3.52 8.03
C ASP B 34 -14.03 3.77 6.79
N TYR B 35 -12.96 3.01 6.60
CA TYR B 35 -12.15 3.13 5.41
C TYR B 35 -11.77 1.76 4.87
N VAL B 36 -11.68 1.66 3.56
CA VAL B 36 -11.25 0.44 2.91
C VAL B 36 -10.11 0.74 1.96
N ILE B 37 -9.12 -0.14 1.93
CA ILE B 37 -7.97 0.06 1.08
C ILE B 37 -8.12 -0.81 -0.18
N ASP B 38 -8.26 -0.12 -1.30
CA ASP B 38 -8.51 -0.76 -2.59
C ASP B 38 -7.25 -0.68 -3.44
N GLY B 39 -6.43 -1.70 -3.31
CA GLY B 39 -5.28 -1.85 -4.17
C GLY B 39 -4.08 -1.01 -3.72
N GLY B 40 -4.16 -0.46 -2.53
CA GLY B 40 -3.07 0.33 -2.01
C GLY B 40 -3.50 1.70 -1.53
N GLU B 41 -4.55 2.23 -2.14
CA GLU B 41 -5.09 3.51 -1.73
C GLU B 41 -6.28 3.36 -0.80
N ILE B 42 -6.45 4.33 0.08
CA ILE B 42 -7.52 4.33 1.06
C ILE B 42 -8.76 5.02 0.49
N ILE B 43 -9.94 4.49 0.78
CA ILE B 43 -11.17 5.18 0.45
C ILE B 43 -12.12 5.14 1.65
N LEU B 44 -12.65 6.29 2.03
CA LEU B 44 -13.60 6.35 3.12
C LEU B 44 -14.91 5.75 2.64
N ARG B 45 -15.55 4.95 3.48
CA ARG B 45 -16.71 4.16 3.05
C ARG B 45 -17.95 5.01 2.79
N GLU B 46 -17.85 6.31 2.96
CA GLU B 46 -18.92 7.19 2.55
C GLU B 46 -18.79 7.43 1.05
N ASN B 47 -17.62 7.09 0.52
CA ASN B 47 -17.31 7.27 -0.90
C ASN B 47 -16.87 5.95 -1.52
N LEU B 48 -16.91 4.87 -0.72
CA LEU B 48 -16.32 3.60 -1.14
C LEU B 48 -17.15 2.90 -2.20
N GLU B 49 -18.48 3.03 -2.11
CA GLU B 49 -19.39 2.34 -3.02
C GLU B 49 -19.03 2.55 -4.48
N ARG B 50 -18.66 3.77 -4.85
CA ARG B 50 -18.35 4.08 -6.24
C ARG B 50 -16.97 3.57 -6.62
N TYR B 51 -16.05 3.58 -5.67
CA TYR B 51 -14.70 3.11 -5.94
C TYR B 51 -14.72 1.60 -6.11
N LEU B 52 -15.53 0.93 -5.29
CA LEU B 52 -15.76 -0.51 -5.44
C LEU B 52 -16.51 -0.78 -6.73
N ARG B 53 -17.32 0.19 -7.15
CA ARG B 53 -18.06 0.10 -8.41
C ARG B 53 -17.08 0.11 -9.57
N GLU B 54 -15.92 0.74 -9.38
CA GLU B 54 -14.91 0.78 -10.43
C GLU B 54 -14.12 -0.54 -10.46
N GLN B 55 -13.29 -0.78 -9.44
CA GLN B 55 -12.48 -2.01 -9.41
C GLN B 55 -13.02 -3.04 -8.42
N LEU B 56 -13.31 -2.62 -7.18
CA LEU B 56 -13.79 -3.50 -6.11
C LEU B 56 -12.62 -4.23 -5.42
N GLY B 57 -11.55 -3.49 -5.17
CA GLY B 57 -10.44 -4.04 -4.38
C GLY B 57 -9.32 -4.63 -5.21
N PHE B 58 -9.64 -4.98 -6.45
CA PHE B 58 -8.68 -5.68 -7.31
C PHE B 58 -7.79 -4.69 -8.06
N GLU B 59 -6.52 -4.61 -7.67
CA GLU B 59 -5.55 -3.85 -8.45
C GLU B 59 -4.68 -4.78 -9.28
N PHE B 60 -4.99 -4.88 -10.56
CA PHE B 60 -4.23 -5.74 -11.47
C PHE B 60 -3.07 -5.00 -12.08
N LYS B 61 -1.87 -5.53 -11.89
CA LYS B 61 -0.67 -4.94 -12.47
C LYS B 61 0.12 -5.97 -13.26
N ASN B 62 -0.33 -6.25 -14.48
CA ASN B 62 0.41 -7.13 -15.36
C ASN B 62 1.62 -6.38 -15.90
N ALA B 63 2.60 -7.11 -16.43
CA ALA B 63 3.84 -6.50 -16.90
C ALA B 63 3.57 -5.46 -17.97
N GLN B 64 2.56 -5.74 -18.81
CA GLN B 64 2.17 -4.87 -19.93
C GLN B 64 3.25 -4.81 -21.02
N LEU B 65 4.44 -5.29 -20.70
CA LEU B 65 5.53 -5.34 -21.65
C LEU B 65 5.44 -6.62 -22.48
N GLU B 66 4.75 -6.53 -23.60
CA GLU B 66 4.54 -7.68 -24.47
C GLU B 66 5.75 -7.90 -25.39
N HIS B 67 6.94 -7.82 -24.80
CA HIS B 67 8.16 -8.06 -25.56
C HIS B 67 8.33 -9.55 -25.81
N HIS B 68 7.54 -10.34 -25.08
CA HIS B 68 7.46 -11.77 -25.33
C HIS B 68 6.60 -12.02 -26.56
N HIS B 69 7.23 -12.41 -27.65
CA HIS B 69 6.51 -12.55 -28.91
C HIS B 69 6.28 -14.01 -29.25
N HIS B 70 7.36 -14.76 -29.44
CA HIS B 70 7.27 -16.13 -29.92
C HIS B 70 8.51 -16.90 -29.49
N HIS B 71 8.38 -18.21 -29.34
CA HIS B 71 9.52 -19.05 -28.93
C HIS B 71 10.26 -19.56 -30.15
N HIS B 72 11.44 -19.03 -30.38
CA HIS B 72 12.28 -19.48 -31.48
C HIS B 72 13.76 -19.28 -31.14
N MET A 1 28.57 9.17 -16.39
CA MET A 1 28.81 10.47 -15.74
C MET A 1 30.28 10.83 -15.76
N VAL A 2 30.60 11.98 -16.36
CA VAL A 2 31.96 12.49 -16.35
C VAL A 2 32.32 13.06 -14.98
N GLU A 3 31.31 13.57 -14.29
CA GLU A 3 31.46 14.01 -12.91
C GLU A 3 30.86 12.97 -11.98
N ASN A 4 31.57 12.66 -10.91
CA ASN A 4 31.07 11.70 -9.93
C ASN A 4 30.46 12.43 -8.74
N PRO A 5 29.11 12.48 -8.67
CA PRO A 5 28.40 13.11 -7.57
C PRO A 5 28.32 12.18 -6.36
N MET A 6 29.11 12.47 -5.35
CA MET A 6 29.15 11.63 -4.15
C MET A 6 28.41 12.29 -3.00
N VAL A 7 27.68 13.36 -3.31
CA VAL A 7 26.90 14.08 -2.32
C VAL A 7 25.76 13.20 -1.80
N ILE A 8 25.98 12.61 -0.63
CA ILE A 8 25.01 11.70 -0.01
C ILE A 8 24.81 10.45 -0.87
N ASN A 9 23.87 10.50 -1.79
CA ASN A 9 23.58 9.40 -2.70
C ASN A 9 22.95 9.94 -3.97
N ASN A 10 21.64 10.17 -3.89
CA ASN A 10 20.86 10.72 -4.98
C ASN A 10 19.50 11.12 -4.42
N TRP A 11 18.89 10.18 -3.71
CA TRP A 11 17.65 10.44 -3.00
C TRP A 11 17.96 10.76 -1.55
N HIS A 12 17.01 11.36 -0.85
CA HIS A 12 17.17 11.64 0.57
C HIS A 12 15.99 11.05 1.32
N ASP A 13 15.29 10.16 0.63
CA ASP A 13 14.09 9.50 1.17
C ASP A 13 14.50 8.21 1.88
N LYS A 14 13.55 7.30 2.09
CA LYS A 14 13.82 6.02 2.71
C LYS A 14 14.03 4.96 1.63
N LEU A 15 14.12 5.44 0.40
CA LEU A 15 14.35 4.58 -0.75
C LEU A 15 15.81 4.12 -0.75
N THR A 16 16.00 2.83 -0.53
CA THR A 16 17.34 2.25 -0.46
C THR A 16 17.84 1.81 -1.83
N GLU A 17 17.10 0.89 -2.46
CA GLU A 17 17.50 0.33 -3.74
C GLU A 17 17.13 1.26 -4.89
N THR A 18 15.97 1.03 -5.50
CA THR A 18 15.49 1.87 -6.59
C THR A 18 13.97 1.72 -6.73
N ASP A 19 13.54 0.58 -7.24
CA ASP A 19 12.11 0.30 -7.44
C ASP A 19 11.87 -1.21 -7.33
N VAL A 20 12.69 -1.86 -6.53
CA VAL A 20 12.61 -3.31 -6.36
C VAL A 20 11.51 -3.67 -5.38
N GLN A 21 10.39 -4.12 -5.93
CA GLN A 21 9.24 -4.50 -5.12
C GLN A 21 9.18 -6.02 -5.00
N ILE A 22 8.68 -6.51 -3.88
CA ILE A 22 8.56 -7.94 -3.66
C ILE A 22 7.10 -8.29 -3.34
N ASP A 23 6.71 -9.52 -3.63
CA ASP A 23 5.38 -10.00 -3.35
C ASP A 23 5.23 -10.31 -1.86
N PHE A 24 4.18 -11.03 -1.52
CA PHE A 24 3.84 -11.32 -0.13
C PHE A 24 4.71 -12.45 0.44
N TYR A 25 5.14 -13.38 -0.41
CA TYR A 25 5.86 -14.55 0.06
C TYR A 25 7.37 -14.38 -0.03
N GLY A 26 7.82 -13.30 -0.65
CA GLY A 26 9.23 -12.98 -0.65
C GLY A 26 10.00 -13.70 -1.76
N ASP A 27 9.51 -13.58 -2.99
CA ASP A 27 10.26 -14.04 -4.14
C ASP A 27 11.03 -12.85 -4.71
N GLU A 28 10.36 -12.11 -5.60
CA GLU A 28 10.82 -10.82 -6.11
C GLU A 28 9.94 -10.44 -7.29
N VAL A 29 9.52 -9.19 -7.34
CA VAL A 29 8.67 -8.73 -8.42
C VAL A 29 9.37 -7.67 -9.26
N THR A 30 9.82 -8.09 -10.44
CA THR A 30 10.45 -7.17 -11.36
C THR A 30 9.42 -6.67 -12.37
N PRO A 31 9.78 -5.72 -13.24
CA PRO A 31 8.89 -5.25 -14.31
C PRO A 31 8.60 -6.35 -15.35
N VAL A 32 9.13 -7.54 -15.09
CA VAL A 32 8.91 -8.70 -15.95
C VAL A 32 7.88 -9.64 -15.31
N ASP A 33 7.66 -9.47 -14.01
CA ASP A 33 6.75 -10.35 -13.27
C ASP A 33 5.37 -9.72 -13.19
N ASP A 34 4.37 -10.40 -13.73
CA ASP A 34 2.99 -9.92 -13.65
C ASP A 34 2.48 -10.11 -12.24
N TYR A 35 1.76 -9.13 -11.71
CA TYR A 35 1.35 -9.17 -10.33
C TYR A 35 0.11 -8.32 -10.10
N VAL A 36 -0.50 -8.51 -8.95
CA VAL A 36 -1.67 -7.75 -8.56
C VAL A 36 -1.51 -7.32 -7.11
N ILE A 37 -2.00 -6.14 -6.76
CA ILE A 37 -1.85 -5.64 -5.42
C ILE A 37 -3.13 -5.79 -4.62
N ASP A 38 -3.01 -6.55 -3.54
CA ASP A 38 -4.12 -6.89 -2.67
C ASP A 38 -4.02 -6.09 -1.37
N GLY A 39 -4.63 -4.93 -1.38
CA GLY A 39 -4.76 -4.15 -0.16
C GLY A 39 -3.50 -3.41 0.22
N GLY A 40 -2.61 -3.23 -0.75
CA GLY A 40 -1.36 -2.55 -0.47
C GLY A 40 -0.20 -3.52 -0.46
N GLU A 41 -0.51 -4.81 -0.38
CA GLU A 41 0.50 -5.83 -0.43
C GLU A 41 0.59 -6.41 -1.83
N ILE A 42 1.81 -6.65 -2.29
CA ILE A 42 2.05 -7.14 -3.64
C ILE A 42 2.02 -8.66 -3.66
N ILE A 43 1.40 -9.24 -4.68
CA ILE A 43 1.44 -10.69 -4.86
C ILE A 43 1.61 -10.99 -6.34
N LEU A 44 2.60 -11.81 -6.66
CA LEU A 44 2.85 -12.22 -8.03
C LEU A 44 1.65 -13.00 -8.55
N ARG A 45 1.40 -12.90 -9.85
CA ARG A 45 0.19 -13.48 -10.45
C ARG A 45 0.13 -15.01 -10.32
N GLU A 46 1.19 -15.64 -9.83
CA GLU A 46 1.17 -17.07 -9.58
C GLU A 46 0.58 -17.37 -8.21
N ASN A 47 1.16 -16.78 -7.18
CA ASN A 47 0.75 -17.03 -5.81
C ASN A 47 -0.34 -16.08 -5.37
N LEU A 48 -0.80 -15.24 -6.31
CA LEU A 48 -1.89 -14.31 -6.05
C LEU A 48 -3.17 -15.05 -5.70
N GLU A 49 -3.32 -16.23 -6.29
CA GLU A 49 -4.50 -17.08 -6.09
C GLU A 49 -4.91 -17.16 -4.62
N ARG A 50 -3.97 -17.53 -3.76
CA ARG A 50 -4.27 -17.80 -2.36
C ARG A 50 -4.65 -16.53 -1.60
N TYR A 51 -4.05 -15.40 -1.97
CA TYR A 51 -4.30 -14.16 -1.24
C TYR A 51 -5.67 -13.59 -1.62
N LEU A 52 -6.03 -13.67 -2.89
CA LEU A 52 -7.36 -13.30 -3.34
C LEU A 52 -8.38 -14.29 -2.77
N ARG A 53 -7.89 -15.46 -2.45
CA ARG A 53 -8.69 -16.49 -1.82
C ARG A 53 -8.91 -16.17 -0.34
N GLU A 54 -7.97 -15.40 0.23
CA GLU A 54 -8.06 -15.06 1.64
C GLU A 54 -8.84 -13.77 1.86
N GLN A 55 -8.29 -12.62 1.47
CA GLN A 55 -8.97 -11.34 1.68
C GLN A 55 -9.62 -10.81 0.40
N LEU A 56 -9.21 -11.35 -0.75
CA LEU A 56 -9.86 -11.08 -2.04
C LEU A 56 -9.57 -9.66 -2.55
N GLY A 57 -8.44 -9.10 -2.18
CA GLY A 57 -8.03 -7.81 -2.73
C GLY A 57 -8.34 -6.64 -1.82
N PHE A 58 -9.07 -6.89 -0.74
CA PHE A 58 -9.53 -5.81 0.12
C PHE A 58 -8.95 -5.92 1.53
N GLU A 59 -8.39 -4.82 2.01
CA GLU A 59 -8.11 -4.71 3.43
C GLU A 59 -9.24 -3.95 4.08
N PHE A 60 -10.12 -4.68 4.76
CA PHE A 60 -11.29 -4.07 5.39
C PHE A 60 -10.92 -3.48 6.73
N LYS A 61 -10.87 -2.16 6.80
CA LYS A 61 -10.66 -1.48 8.07
C LYS A 61 -11.95 -0.79 8.50
N ASN A 62 -12.84 -1.56 9.08
CA ASN A 62 -14.12 -1.04 9.51
C ASN A 62 -13.99 -0.42 10.88
N ALA A 63 -14.77 0.63 11.11
CA ALA A 63 -14.76 1.33 12.37
C ALA A 63 -15.47 0.50 13.44
N GLN A 64 -14.76 -0.49 13.96
CA GLN A 64 -15.31 -1.34 14.99
C GLN A 64 -15.12 -0.68 16.34
N LEU A 65 -16.11 0.13 16.73
CA LEU A 65 -16.04 0.84 18.01
C LEU A 65 -15.98 -0.14 19.17
N GLU A 66 -17.15 -0.63 19.60
CA GLU A 66 -17.26 -1.53 20.75
C GLU A 66 -16.59 -0.91 21.97
N HIS A 67 -16.45 0.40 21.95
CA HIS A 67 -15.80 1.15 23.01
C HIS A 67 -16.73 2.25 23.50
N HIS A 68 -16.81 2.41 24.83
CA HIS A 68 -17.68 3.41 25.46
C HIS A 68 -19.16 3.01 25.34
N HIS A 69 -19.59 2.77 24.11
CA HIS A 69 -20.95 2.32 23.84
C HIS A 69 -21.02 1.75 22.42
N HIS A 70 -21.88 0.77 22.20
CA HIS A 70 -22.06 0.23 20.86
C HIS A 70 -22.80 1.23 19.99
N HIS A 71 -22.39 1.38 18.74
CA HIS A 71 -22.93 2.43 17.89
C HIS A 71 -24.32 2.04 17.38
N HIS A 72 -24.41 0.94 16.67
CA HIS A 72 -25.66 0.55 16.02
C HIS A 72 -25.60 -0.93 15.64
N MET B 1 29.39 31.37 -15.05
CA MET B 1 28.52 30.77 -16.08
C MET B 1 27.37 30.03 -15.41
N VAL B 2 26.15 30.55 -15.61
CA VAL B 2 24.93 30.01 -15.00
C VAL B 2 25.15 29.54 -13.56
N GLU B 3 25.51 30.50 -12.71
CA GLU B 3 25.78 30.22 -11.30
C GLU B 3 24.57 29.56 -10.66
N ASN B 4 23.44 30.26 -10.68
CA ASN B 4 22.18 29.72 -10.18
C ASN B 4 21.06 30.72 -10.43
N PRO B 5 19.85 30.24 -10.74
CA PRO B 5 18.67 31.08 -10.79
C PRO B 5 18.12 31.30 -9.39
N MET B 6 17.34 32.36 -9.21
CA MET B 6 16.72 32.63 -7.92
C MET B 6 15.45 31.79 -7.80
N VAL B 7 15.64 30.54 -7.37
CA VAL B 7 14.53 29.61 -7.27
C VAL B 7 13.94 29.62 -5.87
N ILE B 8 12.69 30.06 -5.78
CA ILE B 8 11.96 30.00 -4.52
C ILE B 8 11.49 28.57 -4.29
N ASN B 9 12.26 27.83 -3.52
CA ASN B 9 11.99 26.42 -3.28
C ASN B 9 10.85 26.24 -2.29
N ASN B 10 10.33 25.02 -2.23
CA ASN B 10 9.31 24.67 -1.26
C ASN B 10 9.97 24.38 0.08
N TRP B 11 9.26 24.65 1.17
CA TRP B 11 9.83 24.51 2.50
C TRP B 11 9.10 23.45 3.30
N HIS B 12 7.80 23.32 3.07
CA HIS B 12 7.00 22.40 3.84
C HIS B 12 6.18 21.48 2.94
N ASP B 13 6.42 20.19 3.07
CA ASP B 13 5.63 19.18 2.38
C ASP B 13 4.76 18.46 3.41
N LYS B 14 4.09 17.39 3.01
CA LYS B 14 3.21 16.69 3.93
C LYS B 14 3.61 15.23 4.09
N LEU B 15 3.99 14.89 5.31
CA LEU B 15 4.19 13.51 5.70
C LEU B 15 2.95 12.99 6.38
N THR B 16 2.56 11.76 6.05
CA THR B 16 1.35 11.16 6.59
C THR B 16 1.54 10.74 8.06
N GLU B 17 2.76 10.91 8.54
CA GLU B 17 3.13 10.63 9.93
C GLU B 17 3.16 9.15 10.23
N THR B 18 2.05 8.61 10.75
CA THR B 18 2.00 7.21 11.15
C THR B 18 0.57 6.68 11.18
N ASP B 19 -0.23 7.20 12.11
CA ASP B 19 -1.60 6.69 12.29
C ASP B 19 -2.59 7.57 11.54
N VAL B 20 -2.06 8.40 10.65
CA VAL B 20 -2.88 9.28 9.86
C VAL B 20 -2.88 8.81 8.41
N GLN B 21 -4.06 8.69 7.83
CA GLN B 21 -4.19 8.37 6.42
C GLN B 21 -5.43 9.04 5.84
N ILE B 22 -5.50 9.12 4.51
CA ILE B 22 -6.59 9.84 3.85
C ILE B 22 -7.16 9.01 2.71
N ASP B 23 -8.45 9.21 2.43
CA ASP B 23 -9.14 8.51 1.37
C ASP B 23 -8.79 9.10 0.00
N PHE B 24 -9.55 8.70 -1.01
CA PHE B 24 -9.30 9.09 -2.39
C PHE B 24 -9.64 10.57 -2.62
N TYR B 25 -10.59 11.11 -1.85
CA TYR B 25 -11.04 12.47 -2.06
C TYR B 25 -10.17 13.49 -1.32
N GLY B 26 -9.26 13.01 -0.48
CA GLY B 26 -8.24 13.87 0.06
C GLY B 26 -8.69 14.74 1.22
N ASP B 27 -9.57 14.21 2.07
CA ASP B 27 -9.93 14.92 3.29
C ASP B 27 -9.13 14.39 4.48
N GLU B 28 -9.67 13.41 5.18
CA GLU B 28 -8.98 12.76 6.29
C GLU B 28 -9.78 11.58 6.78
N VAL B 29 -9.11 10.47 7.05
CA VAL B 29 -9.77 9.30 7.55
C VAL B 29 -9.21 8.93 8.93
N THR B 30 -10.09 8.90 9.91
CA THR B 30 -9.69 8.57 11.27
C THR B 30 -10.08 7.12 11.58
N PRO B 31 -9.60 6.56 12.71
CA PRO B 31 -9.95 5.19 13.13
C PRO B 31 -11.43 5.05 13.47
N VAL B 32 -12.15 6.17 13.43
CA VAL B 32 -13.58 6.17 13.73
C VAL B 32 -14.39 6.16 12.44
N ASP B 33 -13.68 6.19 11.32
CA ASP B 33 -14.33 6.20 10.01
C ASP B 33 -14.15 4.86 9.31
N ASP B 34 -15.23 4.37 8.70
CA ASP B 34 -15.15 3.16 7.89
C ASP B 34 -14.35 3.42 6.62
N TYR B 35 -13.22 2.75 6.48
CA TYR B 35 -12.44 2.86 5.25
C TYR B 35 -11.88 1.51 4.86
N VAL B 36 -11.92 1.23 3.57
CA VAL B 36 -11.35 0.01 3.06
C VAL B 36 -10.21 0.33 2.11
N ILE B 37 -9.15 -0.42 2.19
CA ILE B 37 -8.03 -0.24 1.29
C ILE B 37 -8.23 -1.13 0.07
N ASP B 38 -8.78 -0.54 -0.98
CA ASP B 38 -9.07 -1.27 -2.20
C ASP B 38 -7.80 -1.44 -3.02
N GLY B 39 -7.12 -2.54 -2.77
CA GLY B 39 -5.93 -2.86 -3.52
C GLY B 39 -4.72 -2.08 -3.07
N GLY B 40 -4.94 -1.00 -2.36
CA GLY B 40 -3.86 -0.10 -1.99
C GLY B 40 -4.34 1.32 -1.82
N GLU B 41 -5.50 1.60 -2.40
CA GLU B 41 -6.10 2.92 -2.27
C GLU B 41 -7.06 2.94 -1.08
N ILE B 42 -7.13 4.06 -0.40
CA ILE B 42 -7.99 4.21 0.76
C ILE B 42 -9.28 4.94 0.38
N ILE B 43 -10.42 4.38 0.74
CA ILE B 43 -11.70 5.02 0.45
C ILE B 43 -12.63 4.91 1.65
N LEU B 44 -13.20 6.04 2.07
CA LEU B 44 -14.29 6.02 3.03
C LEU B 44 -15.41 5.14 2.50
N ARG B 45 -16.06 4.39 3.37
CA ARG B 45 -17.16 3.55 2.94
C ARG B 45 -18.39 4.36 2.60
N GLU B 46 -18.28 5.68 2.72
CA GLU B 46 -19.35 6.55 2.25
C GLU B 46 -19.22 6.73 0.75
N ASN B 47 -18.06 6.33 0.22
CA ASN B 47 -17.77 6.44 -1.20
C ASN B 47 -17.30 5.09 -1.75
N LEU B 48 -17.22 4.10 -0.87
CA LEU B 48 -16.65 2.79 -1.21
C LEU B 48 -17.42 2.11 -2.33
N GLU B 49 -18.75 2.22 -2.31
CA GLU B 49 -19.59 1.56 -3.30
C GLU B 49 -19.15 1.91 -4.72
N ARG B 50 -19.02 3.21 -4.99
CA ARG B 50 -18.69 3.67 -6.34
C ARG B 50 -17.33 3.15 -6.77
N TYR B 51 -16.39 3.08 -5.83
CA TYR B 51 -15.04 2.62 -6.16
C TYR B 51 -15.08 1.16 -6.59
N LEU B 52 -15.84 0.35 -5.87
CA LEU B 52 -15.99 -1.06 -6.21
C LEU B 52 -16.85 -1.22 -7.47
N ARG B 53 -17.78 -0.31 -7.67
CA ARG B 53 -18.62 -0.32 -8.86
C ARG B 53 -17.78 -0.11 -10.12
N GLU B 54 -16.72 0.69 -9.98
CA GLU B 54 -15.87 1.03 -11.11
C GLU B 54 -14.69 0.05 -11.22
N GLN B 55 -13.85 0.01 -10.19
CA GLN B 55 -12.62 -0.79 -10.23
C GLN B 55 -12.79 -2.12 -9.51
N LEU B 56 -13.68 -2.15 -8.51
CA LEU B 56 -14.01 -3.36 -7.76
C LEU B 56 -12.97 -3.68 -6.68
N GLY B 57 -12.02 -2.78 -6.48
CA GLY B 57 -11.16 -2.85 -5.30
C GLY B 57 -9.87 -3.63 -5.50
N PHE B 58 -9.63 -4.13 -6.69
CA PHE B 58 -8.39 -4.85 -6.96
C PHE B 58 -7.40 -3.93 -7.65
N GLU B 59 -6.14 -3.91 -7.23
CA GLU B 59 -5.15 -3.17 -8.02
C GLU B 59 -4.51 -4.10 -9.02
N PHE B 60 -4.96 -4.01 -10.25
CA PHE B 60 -4.44 -4.85 -11.32
C PHE B 60 -3.22 -4.21 -11.94
N LYS B 61 -2.12 -4.93 -11.91
CA LYS B 61 -0.88 -4.44 -12.49
C LYS B 61 -0.44 -5.36 -13.60
N ASN B 62 0.37 -4.86 -14.50
CA ASN B 62 0.87 -5.66 -15.61
C ASN B 62 2.35 -5.42 -15.81
N ALA B 63 3.07 -6.50 -16.05
CA ALA B 63 4.48 -6.43 -16.37
C ALA B 63 4.68 -6.14 -17.84
N GLN B 64 4.00 -6.92 -18.67
CA GLN B 64 4.11 -6.83 -20.12
C GLN B 64 2.96 -7.55 -20.79
N LEU B 65 2.04 -8.07 -20.00
CA LEU B 65 1.00 -8.92 -20.52
C LEU B 65 -0.35 -8.21 -20.56
N GLU B 66 -0.67 -7.62 -21.72
CA GLU B 66 -2.02 -7.11 -21.95
C GLU B 66 -3.00 -8.27 -21.88
N HIS B 67 -2.53 -9.42 -22.36
CA HIS B 67 -3.33 -10.63 -22.37
C HIS B 67 -2.94 -11.48 -21.17
N HIS B 68 -3.85 -11.58 -20.21
CA HIS B 68 -3.58 -12.27 -18.95
C HIS B 68 -3.58 -13.79 -19.13
N HIS B 69 -4.09 -14.23 -20.27
CA HIS B 69 -4.13 -15.65 -20.58
C HIS B 69 -2.73 -16.19 -20.87
N HIS B 70 -2.18 -16.95 -19.93
CA HIS B 70 -0.90 -17.60 -20.13
C HIS B 70 -0.70 -18.72 -19.12
N HIS B 71 -0.24 -19.87 -19.60
CA HIS B 71 0.18 -20.94 -18.70
C HIS B 71 1.70 -21.06 -18.79
N HIS B 72 2.28 -20.10 -19.49
CA HIS B 72 3.71 -19.96 -19.60
C HIS B 72 4.02 -18.48 -19.88
N MET A 1 16.42 27.11 14.54
CA MET A 1 17.41 27.07 15.65
C MET A 1 17.13 25.89 16.57
N VAL A 2 15.86 25.55 16.73
CA VAL A 2 15.44 24.59 17.73
C VAL A 2 15.27 23.19 17.15
N GLU A 3 14.52 23.09 16.05
CA GLU A 3 14.16 21.79 15.48
C GLU A 3 15.24 21.26 14.54
N ASN A 4 16.50 21.49 14.91
CA ASN A 4 17.66 21.00 14.13
C ASN A 4 17.82 21.77 12.82
N PRO A 5 19.04 22.30 12.57
CA PRO A 5 19.35 22.99 11.32
C PRO A 5 19.25 22.06 10.11
N MET A 6 18.40 22.41 9.16
CA MET A 6 18.17 21.57 8.00
C MET A 6 19.11 21.97 6.87
N VAL A 7 20.25 21.30 6.79
CA VAL A 7 21.25 21.59 5.78
C VAL A 7 21.26 20.50 4.72
N ILE A 8 20.67 19.36 5.03
CA ILE A 8 20.57 18.27 4.08
C ILE A 8 19.40 18.49 3.16
N ASN A 9 19.65 19.14 2.03
CA ASN A 9 18.61 19.46 1.07
C ASN A 9 18.62 18.45 -0.07
N ASN A 10 19.82 17.98 -0.39
CA ASN A 10 20.02 17.02 -1.48
C ASN A 10 19.47 15.64 -1.11
N TRP A 11 19.14 15.47 0.18
CA TRP A 11 18.66 14.20 0.72
C TRP A 11 19.76 13.17 0.81
N HIS A 12 20.11 12.79 2.02
CA HIS A 12 21.06 11.71 2.23
C HIS A 12 20.32 10.49 2.76
N ASP A 13 19.07 10.71 3.16
CA ASP A 13 18.20 9.62 3.57
C ASP A 13 17.70 8.90 2.33
N LYS A 14 17.53 7.59 2.42
CA LYS A 14 17.24 6.77 1.26
C LYS A 14 15.81 6.96 0.78
N LEU A 15 15.66 7.16 -0.53
CA LEU A 15 14.36 7.40 -1.15
C LEU A 15 13.71 6.08 -1.52
N THR A 16 13.63 5.18 -0.53
CA THR A 16 13.10 3.83 -0.68
C THR A 16 13.84 3.03 -1.76
N GLU A 17 13.40 1.80 -1.98
CA GLU A 17 14.02 0.93 -2.97
C GLU A 17 13.37 1.13 -4.33
N THR A 18 12.90 2.35 -4.56
CA THR A 18 12.29 2.75 -5.82
C THR A 18 10.94 2.08 -6.03
N ASP A 19 10.94 0.88 -6.60
CA ASP A 19 9.71 0.15 -6.88
C ASP A 19 10.01 -1.33 -6.87
N VAL A 20 11.15 -1.68 -6.28
CA VAL A 20 11.59 -3.06 -6.19
C VAL A 20 10.98 -3.72 -4.95
N GLN A 21 9.96 -4.52 -5.16
CA GLN A 21 9.24 -5.14 -4.06
C GLN A 21 9.18 -6.65 -4.22
N ILE A 22 8.78 -7.33 -3.16
CA ILE A 22 8.62 -8.77 -3.22
C ILE A 22 7.17 -9.15 -2.98
N ASP A 23 6.77 -10.29 -3.50
CA ASP A 23 5.40 -10.76 -3.39
C ASP A 23 5.18 -11.48 -2.05
N PHE A 24 4.14 -12.29 -1.99
CA PHE A 24 3.77 -13.01 -0.78
C PHE A 24 4.64 -14.25 -0.58
N TYR A 25 5.20 -14.78 -1.67
CA TYR A 25 6.01 -15.98 -1.62
C TYR A 25 7.41 -15.71 -1.08
N GLY A 26 8.00 -14.60 -1.52
CA GLY A 26 9.32 -14.23 -1.02
C GLY A 26 10.42 -14.52 -2.00
N ASP A 27 10.20 -14.17 -3.26
CA ASP A 27 11.27 -14.24 -4.27
C ASP A 27 11.76 -12.84 -4.59
N GLU A 28 11.12 -12.22 -5.56
CA GLU A 28 11.40 -10.83 -5.94
C GLU A 28 10.54 -10.47 -7.13
N VAL A 29 9.84 -9.36 -7.05
CA VAL A 29 9.00 -8.94 -8.15
C VAL A 29 9.63 -7.73 -8.83
N THR A 30 9.60 -7.71 -10.13
CA THR A 30 10.15 -6.62 -10.90
C THR A 30 9.08 -6.03 -11.81
N PRO A 31 9.26 -4.79 -12.29
CA PRO A 31 8.31 -4.14 -13.20
C PRO A 31 8.16 -4.87 -14.54
N VAL A 32 8.84 -5.99 -14.67
CA VAL A 32 8.76 -6.79 -15.89
C VAL A 32 7.76 -7.94 -15.70
N ASP A 33 7.43 -8.22 -14.45
CA ASP A 33 6.55 -9.34 -14.13
C ASP A 33 5.22 -8.84 -13.58
N ASP A 34 4.14 -9.50 -13.96
CA ASP A 34 2.80 -9.11 -13.54
C ASP A 34 2.50 -9.60 -12.14
N TYR A 35 1.87 -8.75 -11.34
CA TYR A 35 1.45 -9.13 -10.01
C TYR A 35 0.18 -8.38 -9.63
N VAL A 36 -0.39 -8.70 -8.48
CA VAL A 36 -1.60 -8.04 -8.03
C VAL A 36 -1.47 -7.65 -6.56
N ILE A 37 -1.95 -6.46 -6.23
CA ILE A 37 -1.94 -6.01 -4.84
C ILE A 37 -3.33 -6.12 -4.24
N ASP A 38 -3.42 -6.92 -3.19
CA ASP A 38 -4.69 -7.16 -2.51
C ASP A 38 -4.72 -6.39 -1.20
N GLY A 39 -5.19 -5.16 -1.28
CA GLY A 39 -5.36 -4.36 -0.08
C GLY A 39 -4.12 -3.56 0.29
N GLY A 40 -2.96 -4.17 0.13
CA GLY A 40 -1.73 -3.54 0.56
C GLY A 40 -0.55 -4.46 0.42
N GLU A 41 -0.82 -5.76 0.44
CA GLU A 41 0.22 -6.74 0.19
C GLU A 41 0.32 -7.07 -1.29
N ILE A 42 1.42 -7.70 -1.64
CA ILE A 42 1.78 -7.93 -3.02
C ILE A 42 1.82 -9.43 -3.29
N ILE A 43 1.15 -9.86 -4.34
CA ILE A 43 1.16 -11.27 -4.70
C ILE A 43 1.50 -11.43 -6.17
N LEU A 44 2.54 -12.21 -6.45
CA LEU A 44 2.93 -12.51 -7.80
C LEU A 44 1.79 -13.24 -8.51
N ARG A 45 1.57 -12.94 -9.79
CA ARG A 45 0.43 -13.47 -10.54
C ARG A 45 0.38 -15.00 -10.54
N GLU A 46 1.49 -15.64 -10.21
CA GLU A 46 1.56 -17.09 -10.18
C GLU A 46 0.89 -17.62 -8.92
N ASN A 47 1.01 -16.85 -7.85
CA ASN A 47 0.50 -17.25 -6.53
C ASN A 47 -0.76 -16.48 -6.21
N LEU A 48 -1.10 -15.55 -7.09
CA LEU A 48 -2.21 -14.63 -6.89
C LEU A 48 -3.54 -15.38 -6.90
N GLU A 49 -3.57 -16.52 -7.59
CA GLU A 49 -4.78 -17.31 -7.70
C GLU A 49 -5.27 -17.75 -6.34
N ARG A 50 -4.35 -17.94 -5.40
CA ARG A 50 -4.71 -18.39 -4.07
C ARG A 50 -5.18 -17.22 -3.21
N TYR A 51 -4.59 -16.06 -3.44
CA TYR A 51 -4.93 -14.89 -2.63
C TYR A 51 -6.34 -14.43 -2.95
N LEU A 52 -6.73 -14.53 -4.21
CA LEU A 52 -8.11 -14.23 -4.59
C LEU A 52 -9.03 -15.37 -4.15
N ARG A 53 -8.52 -16.58 -4.20
CA ARG A 53 -9.25 -17.76 -3.77
C ARG A 53 -9.65 -17.66 -2.30
N GLU A 54 -8.67 -17.45 -1.44
CA GLU A 54 -8.91 -17.46 0.00
C GLU A 54 -9.20 -16.08 0.59
N GLN A 55 -8.51 -15.04 0.12
CA GLN A 55 -8.63 -13.73 0.73
C GLN A 55 -9.62 -12.85 -0.03
N LEU A 56 -9.23 -12.46 -1.26
CA LEU A 56 -10.01 -11.53 -2.09
C LEU A 56 -10.62 -10.42 -1.21
N GLY A 57 -9.89 -10.02 -0.19
CA GLY A 57 -10.48 -9.22 0.86
C GLY A 57 -9.89 -7.83 0.99
N PHE A 58 -8.68 -7.62 0.47
CA PHE A 58 -8.02 -6.33 0.60
C PHE A 58 -7.87 -6.00 2.09
N GLU A 59 -7.79 -4.74 2.42
CA GLU A 59 -7.78 -4.34 3.82
C GLU A 59 -9.10 -3.66 4.18
N PHE A 60 -9.97 -4.41 4.84
CA PHE A 60 -11.25 -3.87 5.31
C PHE A 60 -11.09 -3.27 6.69
N LYS A 61 -11.39 -1.98 6.82
CA LYS A 61 -11.30 -1.33 8.10
C LYS A 61 -12.65 -0.77 8.53
N ASN A 62 -12.87 -0.76 9.83
CA ASN A 62 -14.08 -0.22 10.42
C ASN A 62 -13.72 0.61 11.62
N ALA A 63 -14.49 1.65 11.89
CA ALA A 63 -14.28 2.46 13.07
C ALA A 63 -14.77 1.70 14.30
N GLN A 64 -13.97 0.73 14.73
CA GLN A 64 -14.32 -0.11 15.84
C GLN A 64 -13.95 0.58 17.15
N LEU A 65 -14.71 1.60 17.49
CA LEU A 65 -14.51 2.32 18.73
C LEU A 65 -15.39 1.70 19.79
N GLU A 66 -14.78 1.02 20.75
CA GLU A 66 -15.52 0.33 21.78
C GLU A 66 -16.19 1.31 22.73
N HIS A 67 -17.46 1.57 22.48
CA HIS A 67 -18.26 2.43 23.34
C HIS A 67 -19.10 1.58 24.27
N HIS A 68 -18.51 1.17 25.37
CA HIS A 68 -19.19 0.31 26.33
C HIS A 68 -19.71 1.12 27.50
N HIS A 69 -21.00 1.43 27.46
CA HIS A 69 -21.63 2.22 28.50
C HIS A 69 -22.90 1.52 29.00
N HIS A 70 -23.32 0.48 28.26
CA HIS A 70 -24.52 -0.27 28.64
C HIS A 70 -24.25 -1.18 29.83
N HIS A 71 -24.97 -0.94 30.91
CA HIS A 71 -24.83 -1.74 32.12
C HIS A 71 -25.45 -3.13 31.90
N HIS A 72 -26.41 -3.20 30.98
CA HIS A 72 -27.00 -4.47 30.58
C HIS A 72 -27.25 -4.49 29.08
N MET B 1 27.63 -3.95 23.59
CA MET B 1 26.54 -3.90 24.59
C MET B 1 25.25 -3.42 23.94
N VAL B 2 24.39 -4.36 23.55
CA VAL B 2 23.13 -4.02 22.91
C VAL B 2 22.19 -5.23 22.81
N GLU B 3 20.96 -5.04 23.26
CA GLU B 3 19.92 -6.06 23.14
C GLU B 3 18.58 -5.47 23.59
N ASN B 4 18.44 -5.30 24.90
CA ASN B 4 17.23 -4.73 25.48
C ASN B 4 17.50 -4.28 26.91
N PRO B 5 17.50 -2.95 27.13
CA PRO B 5 17.74 -2.39 28.47
C PRO B 5 16.68 -2.82 29.46
N MET B 6 17.08 -2.98 30.72
CA MET B 6 16.18 -3.36 31.78
C MET B 6 15.09 -2.31 31.94
N VAL B 7 15.50 -1.08 32.22
CA VAL B 7 14.58 0.04 32.27
C VAL B 7 14.56 0.75 30.92
N ILE B 8 13.36 1.01 30.42
CA ILE B 8 13.20 1.65 29.13
C ILE B 8 12.59 3.04 29.29
N ASN B 9 13.28 4.05 28.78
CA ASN B 9 12.79 5.41 28.86
C ASN B 9 12.00 5.74 27.61
N ASN B 10 10.69 5.60 27.70
CA ASN B 10 9.80 5.91 26.58
C ASN B 10 9.05 7.21 26.85
N TRP B 11 9.41 8.25 26.10
CA TRP B 11 8.77 9.55 26.25
C TRP B 11 7.49 9.62 25.41
N HIS B 12 6.38 9.21 26.01
CA HIS B 12 5.10 9.19 25.31
C HIS B 12 3.96 9.16 26.31
N ASP B 13 3.34 10.32 26.52
CA ASP B 13 2.15 10.39 27.35
C ASP B 13 0.91 10.44 26.46
N LYS B 14 1.14 10.72 25.19
CA LYS B 14 0.06 10.82 24.23
C LYS B 14 0.44 10.14 22.92
N LEU B 15 -0.57 9.67 22.21
CA LEU B 15 -0.38 9.15 20.87
C LEU B 15 -1.42 9.80 19.95
N THR B 16 -2.69 9.48 20.20
CA THR B 16 -3.84 10.07 19.49
C THR B 16 -3.66 10.11 17.97
N GLU B 17 -3.23 11.24 17.44
CA GLU B 17 -3.09 11.41 16.00
C GLU B 17 -1.70 10.99 15.54
N THR B 18 -1.66 10.21 14.48
CA THR B 18 -0.42 9.76 13.88
C THR B 18 -0.65 9.45 12.41
N ASP B 19 -1.56 8.53 12.17
CA ASP B 19 -1.93 8.15 10.82
C ASP B 19 -3.00 9.09 10.29
N VAL B 20 -2.55 10.17 9.66
CA VAL B 20 -3.46 11.15 9.10
C VAL B 20 -3.52 10.94 7.59
N GLN B 21 -4.54 10.24 7.16
CA GLN B 21 -4.64 9.80 5.78
C GLN B 21 -5.83 10.42 5.07
N ILE B 22 -5.68 10.56 3.77
CA ILE B 22 -6.76 11.03 2.92
C ILE B 22 -7.09 9.97 1.88
N ASP B 23 -8.36 9.85 1.50
CA ASP B 23 -8.77 8.87 0.51
C ASP B 23 -8.27 9.25 -0.88
N PHE B 24 -8.71 8.48 -1.87
CA PHE B 24 -8.33 8.69 -3.26
C PHE B 24 -8.84 10.02 -3.81
N TYR B 25 -9.98 10.48 -3.30
CA TYR B 25 -10.62 11.68 -3.83
C TYR B 25 -10.10 12.96 -3.15
N GLY B 26 -9.96 12.95 -1.83
CA GLY B 26 -9.42 14.12 -1.17
C GLY B 26 -10.16 14.48 0.11
N ASP B 27 -10.73 13.48 0.77
CA ASP B 27 -11.42 13.70 2.04
C ASP B 27 -10.67 12.99 3.15
N GLU B 28 -10.54 13.64 4.31
CA GLU B 28 -9.81 13.07 5.44
C GLU B 28 -10.44 11.78 5.93
N VAL B 29 -9.61 10.78 6.11
CA VAL B 29 -10.04 9.53 6.69
C VAL B 29 -9.43 9.38 8.06
N THR B 30 -10.17 9.76 9.09
CA THR B 30 -9.66 9.69 10.44
C THR B 30 -9.94 8.31 11.03
N PRO B 31 -9.27 7.94 12.15
CA PRO B 31 -9.47 6.62 12.78
C PRO B 31 -10.87 6.44 13.34
N VAL B 32 -11.69 7.49 13.25
CA VAL B 32 -13.07 7.43 13.71
C VAL B 32 -14.00 7.26 12.50
N ASP B 33 -13.40 7.17 11.32
CA ASP B 33 -14.16 7.00 10.08
C ASP B 33 -13.90 5.61 9.50
N ASP B 34 -14.93 5.00 8.96
CA ASP B 34 -14.80 3.69 8.32
C ASP B 34 -14.20 3.85 6.93
N TYR B 35 -13.24 3.00 6.60
CA TYR B 35 -12.58 3.08 5.31
C TYR B 35 -12.08 1.71 4.88
N VAL B 36 -11.76 1.58 3.61
CA VAL B 36 -11.16 0.37 3.08
C VAL B 36 -9.92 0.75 2.28
N ILE B 37 -8.91 -0.09 2.35
CA ILE B 37 -7.71 0.13 1.57
C ILE B 37 -7.66 -0.88 0.44
N ASP B 38 -8.05 -0.41 -0.74
CA ASP B 38 -8.16 -1.25 -1.92
C ASP B 38 -6.88 -1.20 -2.72
N GLY B 39 -5.98 -2.11 -2.42
CA GLY B 39 -4.75 -2.22 -3.17
C GLY B 39 -3.77 -1.12 -2.84
N GLY B 40 -3.89 -0.56 -1.65
CA GLY B 40 -3.02 0.54 -1.27
C GLY B 40 -3.69 1.88 -1.40
N GLU B 41 -4.84 1.89 -2.07
CA GLU B 41 -5.61 3.11 -2.23
C GLU B 41 -6.65 3.19 -1.12
N ILE B 42 -6.75 4.35 -0.50
CA ILE B 42 -7.66 4.53 0.63
C ILE B 42 -8.98 5.13 0.16
N ILE B 43 -10.09 4.53 0.57
CA ILE B 43 -11.40 5.09 0.28
C ILE B 43 -12.29 4.97 1.51
N LEU B 44 -12.89 6.08 1.94
CA LEU B 44 -13.89 6.03 3.00
C LEU B 44 -15.01 5.08 2.62
N ARG B 45 -15.55 4.35 3.58
CA ARG B 45 -16.60 3.38 3.30
C ARG B 45 -17.91 4.05 2.92
N GLU B 46 -17.91 5.38 2.91
CA GLU B 46 -19.04 6.14 2.40
C GLU B 46 -18.96 6.29 0.88
N ASN B 47 -17.78 6.04 0.33
CA ASN B 47 -17.56 6.14 -1.11
C ASN B 47 -17.03 4.81 -1.64
N LEU B 48 -16.79 3.89 -0.71
CA LEU B 48 -16.19 2.60 -1.02
C LEU B 48 -17.12 1.77 -1.91
N GLU B 49 -18.43 1.89 -1.69
CA GLU B 49 -19.42 1.16 -2.46
C GLU B 49 -19.24 1.48 -3.96
N ARG B 50 -19.30 2.76 -4.28
CA ARG B 50 -19.14 3.22 -5.65
C ARG B 50 -17.77 2.83 -6.20
N TYR B 51 -16.75 2.87 -5.35
CA TYR B 51 -15.39 2.57 -5.77
C TYR B 51 -15.26 1.08 -6.15
N LEU B 52 -16.01 0.22 -5.46
CA LEU B 52 -16.05 -1.19 -5.80
C LEU B 52 -16.77 -1.40 -7.12
N ARG B 53 -17.70 -0.50 -7.43
CA ARG B 53 -18.42 -0.56 -8.68
C ARG B 53 -17.50 -0.15 -9.83
N GLU B 54 -16.48 0.64 -9.51
CA GLU B 54 -15.51 1.08 -10.51
C GLU B 54 -14.33 0.11 -10.58
N GLN B 55 -13.55 0.04 -9.50
CA GLN B 55 -12.32 -0.75 -9.48
C GLN B 55 -12.55 -2.11 -8.82
N LEU B 56 -13.43 -2.13 -7.82
CA LEU B 56 -13.79 -3.36 -7.08
C LEU B 56 -12.70 -3.75 -6.09
N GLY B 57 -11.65 -2.93 -6.00
CA GLY B 57 -10.67 -3.10 -4.94
C GLY B 57 -9.35 -3.67 -5.41
N PHE B 58 -9.40 -4.54 -6.41
CA PHE B 58 -8.20 -5.23 -6.86
C PHE B 58 -7.27 -4.27 -7.60
N GLU B 59 -6.02 -4.15 -7.15
CA GLU B 59 -5.05 -3.43 -7.93
C GLU B 59 -4.26 -4.40 -8.79
N PHE B 60 -4.61 -4.46 -10.06
CA PHE B 60 -3.94 -5.35 -11.00
C PHE B 60 -2.67 -4.70 -11.51
N LYS B 61 -1.58 -4.98 -10.82
CA LYS B 61 -0.29 -4.44 -11.19
C LYS B 61 0.35 -5.24 -12.31
N ASN B 62 -0.15 -5.05 -13.51
CA ASN B 62 0.46 -5.65 -14.69
C ASN B 62 1.84 -5.07 -14.89
N ALA B 63 2.69 -5.79 -15.62
CA ALA B 63 4.05 -5.36 -15.89
C ALA B 63 4.08 -3.92 -16.36
N GLN B 64 3.26 -3.62 -17.37
CA GLN B 64 3.09 -2.27 -17.89
C GLN B 64 4.41 -1.74 -18.46
N LEU B 65 5.36 -2.64 -18.68
CA LEU B 65 6.67 -2.26 -19.18
C LEU B 65 6.66 -2.16 -20.70
N GLU B 66 5.50 -1.80 -21.24
CA GLU B 66 5.37 -1.56 -22.67
C GLU B 66 5.95 -0.19 -23.01
N HIS B 67 6.67 0.37 -22.04
CA HIS B 67 7.39 1.61 -22.21
C HIS B 67 8.67 1.35 -23.01
N HIS B 68 8.49 0.89 -24.24
CA HIS B 68 9.59 0.51 -25.12
C HIS B 68 9.75 1.53 -26.24
N HIS B 69 9.29 2.75 -25.98
CA HIS B 69 9.40 3.87 -26.92
C HIS B 69 8.44 3.72 -28.10
N HIS B 70 8.00 4.84 -28.64
CA HIS B 70 7.05 4.85 -29.75
C HIS B 70 7.68 5.49 -30.98
N HIS B 71 6.91 5.56 -32.06
CA HIS B 71 7.36 6.29 -33.25
C HIS B 71 7.24 7.78 -33.03
N HIS B 72 8.36 8.40 -32.66
CA HIS B 72 8.39 9.82 -32.39
C HIS B 72 8.83 10.57 -33.63
N MET A 1 8.87 -9.79 29.23
CA MET A 1 9.08 -10.28 27.85
C MET A 1 7.79 -10.87 27.28
N VAL A 2 7.34 -10.32 26.16
CA VAL A 2 6.15 -10.82 25.51
C VAL A 2 6.55 -11.73 24.36
N GLU A 3 5.75 -12.76 24.10
CA GLU A 3 6.03 -13.67 23.00
C GLU A 3 5.53 -13.06 21.70
N ASN A 4 6.38 -12.24 21.08
CA ASN A 4 6.04 -11.61 19.82
C ASN A 4 6.48 -12.50 18.67
N PRO A 5 5.52 -13.01 17.88
CA PRO A 5 5.80 -13.91 16.78
C PRO A 5 6.19 -13.17 15.51
N MET A 6 7.49 -13.09 15.24
CA MET A 6 7.97 -12.43 14.04
C MET A 6 7.97 -13.39 12.85
N VAL A 7 6.87 -13.37 12.10
CA VAL A 7 6.75 -14.20 10.90
C VAL A 7 7.62 -13.63 9.79
N ILE A 8 7.84 -12.33 9.86
CA ILE A 8 8.68 -11.64 8.90
C ILE A 8 10.04 -11.30 9.52
N ASN A 9 10.92 -10.72 8.74
CA ASN A 9 12.24 -10.32 9.24
C ASN A 9 12.13 -9.12 10.16
N ASN A 10 13.11 -8.97 11.04
CA ASN A 10 13.11 -7.89 12.02
C ASN A 10 13.60 -6.59 11.41
N TRP A 11 14.59 -6.70 10.52
CA TRP A 11 15.24 -5.52 9.97
C TRP A 11 14.51 -5.01 8.73
N HIS A 12 13.20 -4.83 8.86
CA HIS A 12 12.38 -4.29 7.79
C HIS A 12 12.24 -2.78 7.97
N ASP A 13 13.23 -2.18 8.61
CA ASP A 13 13.21 -0.76 8.92
C ASP A 13 13.94 0.03 7.82
N LYS A 14 14.32 -0.67 6.77
CA LYS A 14 15.04 -0.06 5.66
C LYS A 14 14.06 0.59 4.69
N LEU A 15 14.51 1.64 4.02
CA LEU A 15 13.67 2.35 3.07
C LEU A 15 13.88 1.82 1.66
N THR A 16 12.83 1.80 0.87
CA THR A 16 12.92 1.39 -0.52
C THR A 16 13.14 2.62 -1.40
N GLU A 17 13.85 2.44 -2.50
CA GLU A 17 14.17 3.54 -3.40
C GLU A 17 12.91 4.09 -4.08
N THR A 18 12.33 3.30 -4.98
CA THR A 18 11.10 3.71 -5.64
C THR A 18 10.04 2.63 -5.51
N ASP A 19 10.02 1.67 -6.44
CA ASP A 19 9.09 0.57 -6.36
C ASP A 19 9.84 -0.74 -6.28
N VAL A 20 10.37 -1.01 -5.11
CA VAL A 20 11.03 -2.28 -4.85
C VAL A 20 10.28 -3.00 -3.75
N GLN A 21 9.28 -3.77 -4.14
CA GLN A 21 8.44 -4.45 -3.18
C GLN A 21 8.47 -5.95 -3.39
N ILE A 22 7.85 -6.67 -2.46
CA ILE A 22 7.80 -8.12 -2.54
C ILE A 22 6.37 -8.58 -2.37
N ASP A 23 6.04 -9.70 -2.97
CA ASP A 23 4.69 -10.24 -2.91
C ASP A 23 4.51 -11.09 -1.65
N PHE A 24 3.39 -11.80 -1.58
CA PHE A 24 3.05 -12.63 -0.44
C PHE A 24 3.94 -13.88 -0.36
N TYR A 25 4.59 -14.22 -1.47
CA TYR A 25 5.46 -15.39 -1.51
C TYR A 25 6.79 -15.10 -0.82
N GLY A 26 7.34 -13.91 -1.06
CA GLY A 26 8.53 -13.50 -0.33
C GLY A 26 9.82 -13.61 -1.12
N ASP A 27 9.75 -13.36 -2.42
CA ASP A 27 10.95 -13.33 -3.25
C ASP A 27 11.36 -11.89 -3.53
N GLU A 28 10.79 -11.33 -4.60
CA GLU A 28 11.00 -9.92 -4.96
C GLU A 28 10.12 -9.61 -6.16
N VAL A 29 9.49 -8.44 -6.16
CA VAL A 29 8.66 -8.06 -7.28
C VAL A 29 9.10 -6.71 -7.82
N THR A 30 9.61 -6.73 -9.04
CA THR A 30 9.94 -5.52 -9.74
C THR A 30 9.04 -5.38 -10.96
N PRO A 31 8.95 -4.18 -11.56
CA PRO A 31 8.11 -3.92 -12.75
C PRO A 31 8.42 -4.80 -13.96
N VAL A 32 9.28 -5.80 -13.79
CA VAL A 32 9.58 -6.75 -14.86
C VAL A 32 8.81 -8.05 -14.66
N ASP A 33 8.11 -8.15 -13.52
CA ASP A 33 7.28 -9.33 -13.25
C ASP A 33 5.83 -8.89 -13.06
N ASP A 34 4.91 -9.84 -13.22
CA ASP A 34 3.49 -9.54 -13.19
C ASP A 34 2.93 -9.78 -11.80
N TYR A 35 2.36 -8.75 -11.20
CA TYR A 35 1.84 -8.87 -9.85
C TYR A 35 0.55 -8.08 -9.71
N VAL A 36 -0.23 -8.43 -8.70
CA VAL A 36 -1.50 -7.77 -8.43
C VAL A 36 -1.61 -7.46 -6.95
N ILE A 37 -2.19 -6.31 -6.62
CA ILE A 37 -2.37 -5.93 -5.23
C ILE A 37 -3.81 -6.14 -4.79
N ASP A 38 -4.00 -6.97 -3.76
CA ASP A 38 -5.34 -7.19 -3.22
C ASP A 38 -5.56 -6.25 -2.05
N GLY A 39 -6.07 -5.07 -2.36
CA GLY A 39 -6.35 -4.08 -1.35
C GLY A 39 -5.11 -3.33 -0.91
N GLY A 40 -4.07 -4.06 -0.57
CA GLY A 40 -2.88 -3.46 -0.02
C GLY A 40 -1.72 -4.43 -0.02
N GLU A 41 -2.04 -5.71 0.12
CA GLU A 41 -1.03 -6.75 0.06
C GLU A 41 -0.72 -7.09 -1.39
N ILE A 42 0.55 -7.34 -1.66
CA ILE A 42 1.04 -7.62 -3.00
C ILE A 42 1.16 -9.11 -3.23
N ILE A 43 0.71 -9.59 -4.38
CA ILE A 43 0.84 -11.00 -4.72
C ILE A 43 1.27 -11.14 -6.18
N LEU A 44 2.27 -11.97 -6.44
CA LEU A 44 2.64 -12.30 -7.81
C LEU A 44 1.46 -12.93 -8.53
N ARG A 45 1.43 -12.78 -9.84
CA ARG A 45 0.38 -13.40 -10.65
C ARG A 45 0.48 -14.91 -10.57
N GLU A 46 1.62 -15.40 -10.10
CA GLU A 46 1.84 -16.84 -9.98
C GLU A 46 1.12 -17.40 -8.75
N ASN A 47 1.13 -16.62 -7.67
CA ASN A 47 0.55 -17.05 -6.40
C ASN A 47 -0.77 -16.32 -6.14
N LEU A 48 -1.18 -15.52 -7.11
CA LEU A 48 -2.37 -14.68 -6.98
C LEU A 48 -3.62 -15.51 -6.75
N GLU A 49 -3.72 -16.63 -7.46
CA GLU A 49 -4.89 -17.48 -7.39
C GLU A 49 -5.15 -17.95 -5.97
N ARG A 50 -4.14 -18.56 -5.36
CA ARG A 50 -4.27 -19.08 -4.00
C ARG A 50 -4.71 -17.98 -3.03
N TYR A 51 -3.99 -16.87 -3.02
CA TYR A 51 -4.28 -15.78 -2.09
C TYR A 51 -5.70 -15.26 -2.26
N LEU A 52 -6.11 -15.05 -3.51
CA LEU A 52 -7.45 -14.54 -3.78
C LEU A 52 -8.51 -15.55 -3.37
N ARG A 53 -8.34 -16.79 -3.80
CA ARG A 53 -9.32 -17.84 -3.51
C ARG A 53 -9.44 -18.05 -2.01
N GLU A 54 -8.36 -17.80 -1.29
CA GLU A 54 -8.38 -17.86 0.16
C GLU A 54 -9.00 -16.61 0.78
N GLN A 55 -8.52 -15.43 0.37
CA GLN A 55 -8.97 -14.21 1.00
C GLN A 55 -9.97 -13.41 0.15
N LEU A 56 -9.52 -12.87 -0.99
CA LEU A 56 -10.31 -11.89 -1.75
C LEU A 56 -10.86 -10.83 -0.81
N GLY A 57 -10.01 -10.36 0.10
CA GLY A 57 -10.48 -9.58 1.22
C GLY A 57 -10.03 -8.14 1.22
N PHE A 58 -9.29 -7.72 0.19
CA PHE A 58 -8.83 -6.34 0.08
C PHE A 58 -7.98 -5.98 1.30
N GLU A 59 -7.93 -4.70 1.63
CA GLU A 59 -7.40 -4.26 2.90
C GLU A 59 -8.48 -3.46 3.63
N PHE A 60 -9.12 -4.09 4.59
CA PHE A 60 -10.24 -3.47 5.30
C PHE A 60 -9.79 -2.90 6.64
N LYS A 61 -9.78 -1.58 6.73
CA LYS A 61 -9.39 -0.92 7.96
C LYS A 61 -10.59 -0.22 8.58
N ASN A 62 -11.59 -1.01 8.98
CA ASN A 62 -12.78 -0.46 9.59
C ASN A 62 -12.48 -0.02 11.01
N ALA A 63 -13.19 0.99 11.47
CA ALA A 63 -13.06 1.45 12.85
C ALA A 63 -13.71 0.44 13.78
N GLN A 64 -14.73 -0.23 13.24
CA GLN A 64 -15.43 -1.33 13.92
C GLN A 64 -16.33 -0.83 15.05
N LEU A 65 -15.75 -0.02 15.94
CA LEU A 65 -16.50 0.55 17.06
C LEU A 65 -17.63 1.42 16.54
N GLU A 66 -18.86 1.06 16.88
CA GLU A 66 -20.02 1.79 16.41
C GLU A 66 -20.43 2.89 17.39
N HIS A 67 -20.21 4.12 16.99
CA HIS A 67 -20.66 5.28 17.75
C HIS A 67 -21.69 6.02 16.93
N HIS A 68 -22.95 5.70 17.15
CA HIS A 68 -24.03 6.22 16.31
C HIS A 68 -25.17 6.78 17.13
N HIS A 69 -26.01 7.56 16.48
CA HIS A 69 -27.27 8.00 17.07
C HIS A 69 -28.33 6.92 16.79
N HIS A 70 -29.37 6.89 17.62
CA HIS A 70 -30.41 5.87 17.47
C HIS A 70 -31.12 6.04 16.14
N HIS A 71 -31.71 7.21 15.94
CA HIS A 71 -32.33 7.57 14.67
C HIS A 71 -32.82 9.01 14.75
N HIS A 72 -31.89 9.94 14.62
CA HIS A 72 -32.19 11.36 14.69
C HIS A 72 -30.98 12.16 14.23
N MET B 1 0.21 4.78 37.48
CA MET B 1 0.93 5.65 36.52
C MET B 1 2.42 5.71 36.85
N VAL B 2 2.80 6.64 37.72
CA VAL B 2 4.21 6.81 38.09
C VAL B 2 4.38 7.03 39.59
N GLU B 3 3.30 6.87 40.35
CA GLU B 3 3.31 7.18 41.77
C GLU B 3 3.92 6.04 42.58
N ASN B 4 3.65 4.81 42.15
CA ASN B 4 4.18 3.64 42.83
C ASN B 4 4.86 2.71 41.82
N PRO B 5 5.64 1.72 42.29
CA PRO B 5 6.33 0.75 41.41
C PRO B 5 5.38 -0.20 40.67
N MET B 6 4.50 0.38 39.86
CA MET B 6 3.54 -0.40 39.08
C MET B 6 4.12 -0.69 37.69
N VAL B 7 5.41 -0.42 37.54
CA VAL B 7 6.11 -0.54 36.26
C VAL B 7 5.66 0.58 35.33
N ILE B 8 6.50 1.60 35.20
CA ILE B 8 6.15 2.79 34.44
C ILE B 8 6.21 2.55 32.93
N ASN B 9 5.08 2.70 32.27
CA ASN B 9 5.01 2.64 30.83
C ASN B 9 5.12 4.05 30.27
N ASN B 10 5.79 4.19 29.13
CA ASN B 10 6.10 5.52 28.61
C ASN B 10 5.05 6.04 27.64
N TRP B 11 5.13 5.60 26.38
CA TRP B 11 4.36 6.19 25.28
C TRP B 11 4.65 7.69 25.21
N HIS B 12 5.68 8.05 24.45
CA HIS B 12 6.19 9.42 24.43
C HIS B 12 6.43 9.88 23.01
N ASP B 13 5.64 9.36 22.09
CA ASP B 13 5.85 9.58 20.66
C ASP B 13 5.31 10.94 20.21
N LYS B 14 5.66 11.98 20.97
CA LYS B 14 5.37 13.37 20.62
C LYS B 14 3.87 13.66 20.52
N LEU B 15 3.05 12.74 21.04
CA LEU B 15 1.59 12.90 21.03
C LEU B 15 1.07 12.91 19.59
N THR B 16 1.84 12.35 18.68
CA THR B 16 1.49 12.35 17.27
C THR B 16 0.59 11.15 16.95
N GLU B 17 -0.18 11.27 15.88
CA GLU B 17 -1.02 10.18 15.42
C GLU B 17 -0.19 9.21 14.60
N THR B 18 0.99 9.69 14.20
CA THR B 18 1.96 8.90 13.45
C THR B 18 1.55 8.74 11.98
N ASP B 19 0.68 7.78 11.69
CA ASP B 19 0.27 7.53 10.32
C ASP B 19 -1.10 8.12 10.03
N VAL B 20 -1.11 9.38 9.64
CA VAL B 20 -2.34 10.05 9.23
C VAL B 20 -2.43 10.02 7.70
N GLN B 21 -3.52 9.48 7.20
CA GLN B 21 -3.68 9.32 5.76
C GLN B 21 -5.01 9.87 5.29
N ILE B 22 -5.15 10.02 3.99
CA ILE B 22 -6.38 10.51 3.40
C ILE B 22 -6.93 9.46 2.44
N ASP B 23 -8.21 9.58 2.12
CA ASP B 23 -8.87 8.65 1.22
C ASP B 23 -8.76 9.14 -0.24
N PHE B 24 -9.65 8.63 -1.08
CA PHE B 24 -9.62 8.91 -2.50
C PHE B 24 -10.07 10.34 -2.83
N TYR B 25 -11.08 10.86 -2.12
CA TYR B 25 -11.59 12.19 -2.45
C TYR B 25 -10.82 13.30 -1.75
N GLY B 26 -9.79 12.92 -1.00
CA GLY B 26 -8.88 13.90 -0.46
C GLY B 26 -9.47 14.70 0.68
N ASP B 27 -10.51 14.17 1.33
CA ASP B 27 -11.03 14.81 2.54
C ASP B 27 -10.06 14.61 3.70
N GLU B 28 -10.21 13.50 4.42
CA GLU B 28 -9.31 13.12 5.51
C GLU B 28 -9.84 11.87 6.20
N VAL B 29 -8.94 10.98 6.58
CA VAL B 29 -9.34 9.77 7.28
C VAL B 29 -8.64 9.68 8.63
N THR B 30 -9.42 9.57 9.69
CA THR B 30 -8.88 9.46 11.02
C THR B 30 -9.05 8.03 11.53
N PRO B 31 -8.27 7.64 12.57
CA PRO B 31 -8.35 6.29 13.16
C PRO B 31 -9.70 5.97 13.79
N VAL B 32 -10.66 6.89 13.68
CA VAL B 32 -11.99 6.68 14.21
C VAL B 32 -12.98 6.57 13.03
N ASP B 33 -12.44 6.42 11.84
CA ASP B 33 -13.26 6.35 10.64
C ASP B 33 -13.17 4.97 10.01
N ASP B 34 -14.16 4.63 9.22
CA ASP B 34 -14.17 3.36 8.52
C ASP B 34 -13.68 3.55 7.09
N TYR B 35 -12.46 3.12 6.82
CA TYR B 35 -11.89 3.26 5.49
C TYR B 35 -11.34 1.93 5.00
N VAL B 36 -11.24 1.80 3.69
CA VAL B 36 -10.77 0.57 3.08
C VAL B 36 -9.77 0.89 1.99
N ILE B 37 -8.73 0.08 1.86
CA ILE B 37 -7.72 0.28 0.86
C ILE B 37 -7.88 -0.75 -0.25
N ASP B 38 -8.01 -0.27 -1.48
CA ASP B 38 -8.16 -1.14 -2.64
C ASP B 38 -7.05 -0.91 -3.64
N GLY B 39 -5.99 -1.67 -3.47
CA GLY B 39 -4.91 -1.68 -4.44
C GLY B 39 -3.89 -0.60 -4.17
N GLY B 40 -3.76 -0.21 -2.92
CA GLY B 40 -2.86 0.87 -2.56
C GLY B 40 -3.60 2.18 -2.44
N GLU B 41 -4.74 2.25 -3.10
CA GLU B 41 -5.59 3.44 -3.03
C GLU B 41 -6.49 3.35 -1.81
N ILE B 42 -6.63 4.45 -1.09
CA ILE B 42 -7.41 4.48 0.12
C ILE B 42 -8.77 5.11 -0.17
N ILE B 43 -9.83 4.47 0.30
CA ILE B 43 -11.16 5.01 0.11
C ILE B 43 -11.96 4.92 1.40
N LEU B 44 -12.47 6.05 1.86
CA LEU B 44 -13.37 6.07 3.00
C LEU B 44 -14.67 5.39 2.58
N ARG B 45 -15.29 4.65 3.50
CA ARG B 45 -16.50 3.87 3.20
C ARG B 45 -17.61 4.72 2.57
N GLU B 46 -17.55 6.03 2.79
CA GLU B 46 -18.55 6.95 2.24
C GLU B 46 -18.57 6.87 0.71
N ASN B 47 -17.40 6.68 0.11
CA ASN B 47 -17.27 6.63 -1.33
C ASN B 47 -17.02 5.20 -1.81
N LEU B 48 -16.55 4.36 -0.90
CA LEU B 48 -16.10 3.01 -1.25
C LEU B 48 -17.17 2.21 -1.96
N GLU B 49 -18.41 2.30 -1.50
CA GLU B 49 -19.50 1.54 -2.11
C GLU B 49 -19.65 1.86 -3.60
N ARG B 50 -19.38 3.10 -3.98
CA ARG B 50 -19.46 3.50 -5.38
C ARG B 50 -18.20 3.07 -6.12
N TYR B 51 -17.07 3.23 -5.45
CA TYR B 51 -15.77 2.84 -5.99
C TYR B 51 -15.75 1.35 -6.32
N LEU B 52 -16.29 0.54 -5.42
CA LEU B 52 -16.33 -0.90 -5.62
C LEU B 52 -17.37 -1.29 -6.66
N ARG B 53 -18.51 -0.61 -6.66
CA ARG B 53 -19.60 -0.94 -7.56
C ARG B 53 -19.16 -0.88 -9.01
N GLU B 54 -18.33 0.12 -9.33
CA GLU B 54 -17.83 0.27 -10.69
C GLU B 54 -16.62 -0.62 -10.96
N GLN B 55 -15.68 -0.66 -10.02
CA GLN B 55 -14.42 -1.34 -10.26
C GLN B 55 -14.39 -2.74 -9.66
N LEU B 56 -14.41 -2.84 -8.32
CA LEU B 56 -14.35 -4.12 -7.61
C LEU B 56 -13.23 -5.03 -8.17
N GLY B 57 -12.16 -4.41 -8.68
CA GLY B 57 -11.16 -5.17 -9.38
C GLY B 57 -9.76 -4.99 -8.84
N PHE B 58 -9.66 -4.43 -7.62
CA PHE B 58 -8.36 -4.26 -6.95
C PHE B 58 -7.43 -3.45 -7.84
N GLU B 59 -6.13 -3.65 -7.66
CA GLU B 59 -5.16 -3.06 -8.55
C GLU B 59 -4.37 -4.13 -9.28
N PHE B 60 -4.74 -4.36 -10.53
CA PHE B 60 -4.02 -5.29 -11.39
C PHE B 60 -2.84 -4.59 -12.02
N LYS B 61 -1.65 -4.83 -11.48
CA LYS B 61 -0.44 -4.35 -12.11
C LYS B 61 0.00 -5.38 -13.14
N ASN B 62 1.14 -5.18 -13.76
CA ASN B 62 1.60 -6.08 -14.80
C ASN B 62 3.07 -5.84 -15.11
N ALA B 63 3.66 -6.77 -15.86
CA ALA B 63 5.07 -6.66 -16.26
C ALA B 63 5.22 -5.82 -17.51
N GLN B 64 4.12 -5.15 -17.89
CA GLN B 64 4.08 -4.28 -19.05
C GLN B 64 4.14 -5.09 -20.35
N LEU B 65 5.35 -5.47 -20.75
CA LEU B 65 5.59 -6.08 -22.06
C LEU B 65 4.91 -5.27 -23.14
N GLU B 66 5.46 -4.08 -23.40
CA GLU B 66 4.89 -3.16 -24.39
C GLU B 66 5.00 -3.73 -25.79
N HIS B 67 5.68 -4.86 -25.90
CA HIS B 67 5.80 -5.61 -27.14
C HIS B 67 4.41 -5.87 -27.74
N HIS B 68 3.43 -6.11 -26.88
CA HIS B 68 2.08 -6.43 -27.34
C HIS B 68 1.10 -5.29 -27.11
N HIS B 69 1.60 -4.08 -26.85
CA HIS B 69 0.73 -2.96 -26.51
C HIS B 69 0.37 -2.15 -27.76
N HIS B 70 -0.07 -2.86 -28.81
CA HIS B 70 -0.57 -2.24 -30.04
C HIS B 70 0.54 -1.56 -30.86
N HIS B 71 1.04 -0.44 -30.36
CA HIS B 71 1.98 0.37 -31.13
C HIS B 71 3.42 0.10 -30.74
N HIS B 72 4.16 -0.55 -31.62
CA HIS B 72 5.59 -0.72 -31.42
C HIS B 72 6.34 -0.28 -32.66
N MET A 1 44.76 20.78 -6.27
CA MET A 1 46.07 21.23 -5.75
C MET A 1 46.95 20.03 -5.43
N VAL A 2 46.40 19.08 -4.69
CA VAL A 2 47.08 17.83 -4.42
C VAL A 2 46.27 16.68 -5.00
N GLU A 3 46.93 15.75 -5.68
CA GLU A 3 46.24 14.66 -6.31
C GLU A 3 46.78 13.33 -5.81
N ASN A 4 46.13 12.79 -4.80
CA ASN A 4 46.49 11.51 -4.23
C ASN A 4 45.28 10.58 -4.23
N PRO A 5 45.33 9.51 -5.02
CA PRO A 5 44.22 8.58 -5.15
C PRO A 5 43.92 7.80 -3.87
N MET A 6 42.73 7.99 -3.33
CA MET A 6 42.30 7.25 -2.16
C MET A 6 41.80 5.88 -2.58
N VAL A 7 42.58 4.86 -2.28
CA VAL A 7 42.23 3.50 -2.66
C VAL A 7 41.23 2.92 -1.69
N ILE A 8 40.07 2.53 -2.21
CA ILE A 8 39.02 1.93 -1.42
C ILE A 8 39.44 0.57 -0.88
N ASN A 9 39.17 0.33 0.39
CA ASN A 9 39.53 -0.93 1.02
C ASN A 9 38.50 -2.02 0.69
N ASN A 10 38.47 -2.40 -0.59
CA ASN A 10 37.48 -3.35 -1.10
C ASN A 10 36.07 -2.83 -0.83
N TRP A 11 35.70 -1.79 -1.56
CA TRP A 11 34.42 -1.14 -1.36
C TRP A 11 33.38 -1.71 -2.33
N HIS A 12 32.13 -1.75 -1.89
CA HIS A 12 31.06 -2.33 -2.69
C HIS A 12 30.42 -1.29 -3.59
N ASP A 13 29.48 -1.72 -4.42
CA ASP A 13 28.85 -0.84 -5.40
C ASP A 13 27.57 -0.23 -4.85
N LYS A 14 27.30 0.99 -5.28
CA LYS A 14 26.03 1.65 -5.01
C LYS A 14 25.13 1.51 -6.23
N LEU A 15 25.76 1.27 -7.38
CA LEU A 15 25.04 1.15 -8.64
C LEU A 15 24.38 -0.22 -8.76
N THR A 16 23.19 -0.34 -8.21
CA THR A 16 22.41 -1.56 -8.29
C THR A 16 20.93 -1.22 -8.28
N GLU A 17 20.12 -2.08 -8.87
CA GLU A 17 18.69 -1.85 -8.93
C GLU A 17 18.06 -1.96 -7.55
N THR A 18 17.14 -1.06 -7.26
CA THR A 18 16.53 -0.98 -5.95
C THR A 18 15.01 -1.17 -6.04
N ASP A 19 14.50 -1.23 -7.26
CA ASP A 19 13.08 -1.47 -7.49
C ASP A 19 12.78 -2.97 -7.44
N VAL A 20 13.67 -3.70 -6.80
CA VAL A 20 13.52 -5.14 -6.68
C VAL A 20 12.58 -5.47 -5.53
N GLN A 21 11.30 -5.61 -5.85
CA GLN A 21 10.29 -5.88 -4.85
C GLN A 21 10.15 -7.37 -4.62
N ILE A 22 9.46 -7.74 -3.56
CA ILE A 22 9.21 -9.13 -3.25
C ILE A 22 7.76 -9.32 -2.84
N ASP A 23 7.20 -10.48 -3.13
CA ASP A 23 5.84 -10.80 -2.76
C ASP A 23 5.74 -11.09 -1.26
N PHE A 24 4.52 -11.38 -0.83
CA PHE A 24 4.22 -11.67 0.57
C PHE A 24 5.05 -12.83 1.10
N TYR A 25 5.29 -13.82 0.26
CA TYR A 25 5.91 -15.07 0.72
C TYR A 25 7.44 -14.97 0.75
N GLY A 26 7.99 -13.92 0.13
CA GLY A 26 9.42 -13.71 0.22
C GLY A 26 10.19 -14.44 -0.87
N ASP A 27 9.66 -14.43 -2.09
CA ASP A 27 10.37 -15.00 -3.22
C ASP A 27 11.22 -13.93 -3.88
N GLU A 28 10.69 -13.33 -4.96
CA GLU A 28 11.33 -12.20 -5.63
C GLU A 28 10.46 -11.80 -6.82
N VAL A 29 10.11 -10.52 -6.90
CA VAL A 29 9.26 -10.04 -7.99
C VAL A 29 9.96 -8.92 -8.74
N THR A 30 10.41 -9.22 -9.94
CA THR A 30 11.06 -8.23 -10.78
C THR A 30 10.06 -7.65 -11.78
N PRO A 31 10.43 -6.56 -12.47
CA PRO A 31 9.57 -5.94 -13.50
C PRO A 31 9.17 -6.90 -14.63
N VAL A 32 9.78 -8.07 -14.67
CA VAL A 32 9.43 -9.06 -15.69
C VAL A 32 8.60 -10.20 -15.09
N ASP A 33 8.17 -10.01 -13.84
CA ASP A 33 7.30 -10.97 -13.17
C ASP A 33 5.88 -10.43 -13.11
N ASP A 34 4.91 -11.32 -13.21
CA ASP A 34 3.51 -10.94 -13.12
C ASP A 34 3.06 -10.99 -11.66
N TYR A 35 2.52 -9.87 -11.17
CA TYR A 35 2.13 -9.76 -9.78
C TYR A 35 0.93 -8.84 -9.64
N VAL A 36 0.29 -8.88 -8.48
CA VAL A 36 -0.82 -7.99 -8.17
C VAL A 36 -0.63 -7.41 -6.77
N ILE A 37 -1.10 -6.19 -6.57
CA ILE A 37 -0.95 -5.52 -5.29
C ILE A 37 -2.32 -5.34 -4.62
N ASP A 38 -2.53 -6.11 -3.56
CA ASP A 38 -3.77 -6.10 -2.79
C ASP A 38 -3.76 -4.98 -1.77
N GLY A 39 -4.04 -3.77 -2.22
CA GLY A 39 -4.15 -2.62 -1.33
C GLY A 39 -2.84 -2.25 -0.66
N GLY A 40 -1.76 -2.91 -1.05
CA GLY A 40 -0.46 -2.65 -0.45
C GLY A 40 0.36 -3.91 -0.34
N GLU A 41 -0.32 -5.05 -0.31
CA GLU A 41 0.37 -6.33 -0.27
C GLU A 41 0.79 -6.75 -1.67
N ILE A 42 2.03 -7.20 -1.81
CA ILE A 42 2.53 -7.67 -3.09
C ILE A 42 2.40 -9.17 -3.18
N ILE A 43 1.71 -9.67 -4.18
CA ILE A 43 1.56 -11.10 -4.36
C ILE A 43 1.91 -11.50 -5.78
N LEU A 44 2.81 -12.47 -5.92
CA LEU A 44 3.12 -13.02 -7.22
C LEU A 44 1.85 -13.66 -7.79
N ARG A 45 1.65 -13.53 -9.10
CA ARG A 45 0.40 -13.95 -9.73
C ARG A 45 0.05 -15.41 -9.45
N GLU A 46 1.03 -16.21 -9.08
CA GLU A 46 0.82 -17.65 -8.87
C GLU A 46 -0.16 -17.90 -7.72
N ASN A 47 0.06 -17.21 -6.61
CA ASN A 47 -0.77 -17.38 -5.43
C ASN A 47 -1.84 -16.29 -5.38
N LEU A 48 -1.82 -15.42 -6.39
CA LEU A 48 -2.67 -14.24 -6.41
C LEU A 48 -4.14 -14.62 -6.59
N GLU A 49 -4.41 -15.65 -7.38
CA GLU A 49 -5.79 -16.07 -7.62
C GLU A 49 -6.49 -16.47 -6.33
N ARG A 50 -5.72 -17.05 -5.40
CA ARG A 50 -6.28 -17.43 -4.10
C ARG A 50 -6.47 -16.20 -3.23
N TYR A 51 -5.58 -15.22 -3.39
CA TYR A 51 -5.71 -13.94 -2.70
C TYR A 51 -7.00 -13.25 -3.12
N LEU A 52 -7.29 -13.31 -4.41
CA LEU A 52 -8.54 -12.76 -4.94
C LEU A 52 -9.74 -13.51 -4.37
N ARG A 53 -9.58 -14.81 -4.14
CA ARG A 53 -10.65 -15.61 -3.57
C ARG A 53 -10.98 -15.15 -2.15
N GLU A 54 -9.95 -14.85 -1.37
CA GLU A 54 -10.13 -14.46 0.02
C GLU A 54 -10.44 -12.96 0.17
N GLN A 55 -9.47 -12.11 -0.16
CA GLN A 55 -9.62 -10.67 0.07
C GLN A 55 -9.93 -9.91 -1.22
N LEU A 56 -9.53 -10.47 -2.36
CA LEU A 56 -9.89 -9.93 -3.68
C LEU A 56 -9.29 -8.54 -3.92
N GLY A 57 -8.03 -8.34 -3.55
CA GLY A 57 -7.34 -7.11 -3.89
C GLY A 57 -7.56 -5.98 -2.89
N PHE A 58 -8.57 -6.12 -2.06
CA PHE A 58 -8.91 -5.05 -1.12
C PHE A 58 -8.18 -5.26 0.20
N GLU A 59 -7.59 -4.21 0.73
CA GLU A 59 -7.12 -4.25 2.09
C GLU A 59 -8.20 -3.69 2.99
N PHE A 60 -8.92 -4.59 3.65
CA PHE A 60 -9.99 -4.19 4.54
C PHE A 60 -9.43 -3.71 5.86
N LYS A 61 -9.48 -2.41 6.07
CA LYS A 61 -8.91 -1.83 7.27
C LYS A 61 -9.99 -1.69 8.35
N ASN A 62 -9.58 -1.23 9.51
CA ASN A 62 -10.47 -1.11 10.65
C ASN A 62 -10.11 0.15 11.43
N ALA A 63 -11.10 0.72 12.12
CA ALA A 63 -10.92 1.95 12.90
C ALA A 63 -9.71 1.89 13.84
N GLN A 64 -9.41 0.69 14.32
CA GLN A 64 -8.24 0.44 15.18
C GLN A 64 -8.38 1.10 16.56
N LEU A 65 -9.62 1.29 17.00
CA LEU A 65 -9.88 1.72 18.37
C LEU A 65 -9.39 0.67 19.37
N GLU A 66 -9.46 -0.59 18.93
CA GLU A 66 -8.94 -1.74 19.70
C GLU A 66 -9.76 -2.04 20.95
N HIS A 67 -10.75 -1.20 21.24
CA HIS A 67 -11.59 -1.40 22.41
C HIS A 67 -12.44 -2.66 22.24
N HIS A 68 -12.51 -3.46 23.31
CA HIS A 68 -13.18 -4.77 23.31
C HIS A 68 -12.30 -5.82 22.63
N HIS A 69 -11.42 -5.37 21.73
CA HIS A 69 -10.59 -6.26 20.92
C HIS A 69 -11.48 -7.20 20.09
N HIS A 70 -11.68 -6.82 18.83
CA HIS A 70 -12.74 -7.40 17.99
C HIS A 70 -14.09 -6.91 18.50
N HIS A 71 -14.83 -6.17 17.68
CA HIS A 71 -16.11 -5.62 18.11
C HIS A 71 -17.06 -6.75 18.53
N HIS A 72 -17.44 -6.74 19.79
CA HIS A 72 -18.31 -7.77 20.34
C HIS A 72 -18.70 -7.40 21.76
N MET B 1 29.43 23.60 28.88
CA MET B 1 29.31 25.06 28.65
C MET B 1 29.38 25.40 27.17
N VAL B 2 30.39 24.86 26.48
CA VAL B 2 30.65 25.24 25.09
C VAL B 2 29.85 24.40 24.09
N GLU B 3 28.74 23.81 24.54
CA GLU B 3 27.86 23.06 23.65
C GLU B 3 26.85 24.01 23.01
N ASN B 4 26.18 24.78 23.87
CA ASN B 4 25.10 25.68 23.46
C ASN B 4 23.97 24.89 22.79
N PRO B 5 23.01 24.41 23.59
CA PRO B 5 21.86 23.68 23.06
C PRO B 5 20.90 24.61 22.31
N MET B 6 21.17 24.81 21.02
CA MET B 6 20.28 25.61 20.18
C MET B 6 19.05 24.80 19.80
N VAL B 7 19.14 23.49 20.02
CA VAL B 7 18.00 22.61 19.88
C VAL B 7 17.60 22.09 21.27
N ILE B 8 16.44 22.52 21.73
CA ILE B 8 15.98 22.21 23.09
C ILE B 8 15.34 20.81 23.18
N ASN B 9 15.87 19.88 22.38
CA ASN B 9 15.34 18.52 22.30
C ASN B 9 13.84 18.53 22.02
N ASN B 10 13.49 18.84 20.78
CA ASN B 10 12.08 18.93 20.37
C ASN B 10 11.49 17.54 20.11
N TRP B 11 11.94 16.57 20.89
CA TRP B 11 11.47 15.19 20.78
C TRP B 11 10.17 15.02 21.55
N HIS B 12 9.68 16.12 22.12
CA HIS B 12 8.44 16.11 22.89
C HIS B 12 7.24 15.86 22.00
N ASP B 13 6.65 14.68 22.15
CA ASP B 13 5.46 14.32 21.39
C ASP B 13 4.47 13.58 22.28
N LYS B 14 3.42 14.28 22.67
CA LYS B 14 2.34 13.66 23.42
C LYS B 14 1.13 13.47 22.52
N LEU B 15 0.80 14.51 21.77
CA LEU B 15 -0.33 14.46 20.86
C LEU B 15 -0.06 15.31 19.63
N THR B 16 0.75 14.79 18.73
CA THR B 16 0.91 15.38 17.42
C THR B 16 0.44 14.37 16.38
N GLU B 17 -0.24 14.85 15.36
CA GLU B 17 -0.82 13.97 14.37
C GLU B 17 0.06 13.89 13.13
N THR B 18 0.35 12.67 12.70
CA THR B 18 1.16 12.46 11.51
C THR B 18 0.39 11.67 10.47
N ASP B 19 0.02 10.44 10.79
CA ASP B 19 -0.71 9.59 9.86
C ASP B 19 -2.20 9.85 9.95
N VAL B 20 -2.63 10.93 9.33
CA VAL B 20 -4.04 11.24 9.21
C VAL B 20 -4.42 11.21 7.74
N GLN B 21 -5.13 10.17 7.35
CA GLN B 21 -5.38 9.94 5.93
C GLN B 21 -6.83 10.25 5.57
N ILE B 22 -7.06 10.43 4.27
CA ILE B 22 -8.39 10.79 3.79
C ILE B 22 -8.82 9.84 2.67
N ASP B 23 -10.13 9.71 2.50
CA ASP B 23 -10.71 8.80 1.53
C ASP B 23 -10.73 9.41 0.13
N PHE B 24 -11.47 8.76 -0.76
CA PHE B 24 -11.60 9.14 -2.15
C PHE B 24 -12.26 10.53 -2.31
N TYR B 25 -13.21 10.84 -1.44
CA TYR B 25 -13.97 12.08 -1.57
C TYR B 25 -13.25 13.27 -0.95
N GLY B 26 -12.15 13.02 -0.26
CA GLY B 26 -11.38 14.11 0.32
C GLY B 26 -12.06 14.70 1.54
N ASP B 27 -12.85 13.88 2.23
CA ASP B 27 -13.53 14.32 3.43
C ASP B 27 -12.57 14.28 4.62
N GLU B 28 -12.45 13.09 5.23
CA GLU B 28 -11.56 12.88 6.36
C GLU B 28 -11.76 11.46 6.89
N VAL B 29 -10.66 10.77 7.17
CA VAL B 29 -10.75 9.44 7.74
C VAL B 29 -10.03 9.38 9.08
N THR B 30 -10.77 9.10 10.13
CA THR B 30 -10.20 9.04 11.46
C THR B 30 -10.21 7.59 11.99
N PRO B 31 -9.58 7.34 13.14
CA PRO B 31 -9.58 6.00 13.76
C PRO B 31 -10.96 5.59 14.31
N VAL B 32 -12.01 6.24 13.83
CA VAL B 32 -13.37 5.89 14.24
C VAL B 32 -14.20 5.49 13.01
N ASP B 33 -13.58 5.60 11.84
CA ASP B 33 -14.29 5.37 10.58
C ASP B 33 -13.99 3.99 10.01
N ASP B 34 -14.71 3.64 8.96
CA ASP B 34 -14.49 2.39 8.24
C ASP B 34 -13.92 2.70 6.86
N TYR B 35 -12.64 2.45 6.66
CA TYR B 35 -12.05 2.70 5.35
C TYR B 35 -11.38 1.46 4.81
N VAL B 36 -11.49 1.28 3.51
CA VAL B 36 -10.87 0.16 2.82
C VAL B 36 -9.91 0.69 1.77
N ILE B 37 -8.75 0.07 1.65
CA ILE B 37 -7.75 0.52 0.70
C ILE B 37 -7.78 -0.35 -0.55
N ASP B 38 -8.24 0.23 -1.65
CA ASP B 38 -8.35 -0.48 -2.91
C ASP B 38 -7.13 -0.23 -3.77
N GLY B 39 -6.12 -1.08 -3.60
CA GLY B 39 -4.93 -1.01 -4.43
C GLY B 39 -4.02 0.15 -4.08
N GLY B 40 -4.44 0.96 -3.12
CA GLY B 40 -3.63 2.10 -2.72
C GLY B 40 -4.47 3.27 -2.28
N GLU B 41 -5.66 3.39 -2.85
CA GLU B 41 -6.56 4.48 -2.49
C GLU B 41 -7.43 4.10 -1.31
N ILE B 42 -7.71 5.09 -0.49
CA ILE B 42 -8.54 4.91 0.70
C ILE B 42 -9.98 5.30 0.40
N ILE B 43 -10.92 4.43 0.74
CA ILE B 43 -12.33 4.76 0.55
C ILE B 43 -13.12 4.40 1.80
N LEU B 44 -13.80 5.39 2.38
CA LEU B 44 -14.73 5.14 3.47
C LEU B 44 -15.85 4.24 2.98
N ARG B 45 -16.34 3.36 3.82
CA ARG B 45 -17.44 2.48 3.45
C ARG B 45 -18.73 3.27 3.29
N GLU B 46 -18.66 4.58 3.53
CA GLU B 46 -19.78 5.45 3.21
C GLU B 46 -19.93 5.54 1.69
N ASN B 47 -18.81 5.35 1.00
CA ASN B 47 -18.79 5.42 -0.45
C ASN B 47 -18.12 4.19 -1.06
N LEU B 48 -17.71 3.24 -0.21
CA LEU B 48 -16.97 2.06 -0.66
C LEU B 48 -17.78 1.29 -1.70
N GLU B 49 -19.08 1.18 -1.44
CA GLU B 49 -19.99 0.44 -2.30
C GLU B 49 -19.94 0.95 -3.74
N ARG B 50 -19.89 2.27 -3.89
CA ARG B 50 -19.91 2.86 -5.21
C ARG B 50 -18.55 2.69 -5.90
N TYR B 51 -17.48 2.85 -5.14
CA TYR B 51 -16.14 2.73 -5.69
C TYR B 51 -15.89 1.31 -6.16
N LEU B 52 -16.47 0.33 -5.47
CA LEU B 52 -16.35 -1.06 -5.87
C LEU B 52 -17.19 -1.32 -7.10
N ARG B 53 -18.27 -0.57 -7.25
CA ARG B 53 -19.10 -0.65 -8.44
C ARG B 53 -18.32 -0.16 -9.66
N GLU B 54 -17.72 1.01 -9.51
CA GLU B 54 -17.06 1.68 -10.62
C GLU B 54 -15.66 1.12 -10.89
N GLN B 55 -14.86 0.99 -9.83
CA GLN B 55 -13.46 0.58 -10.01
C GLN B 55 -13.29 -0.92 -9.81
N LEU B 56 -13.49 -1.37 -8.57
CA LEU B 56 -13.19 -2.75 -8.17
C LEU B 56 -11.86 -3.18 -8.78
N GLY B 57 -10.90 -2.26 -8.77
CA GLY B 57 -9.71 -2.42 -9.58
C GLY B 57 -8.50 -2.90 -8.81
N PHE B 58 -8.47 -2.64 -7.50
CA PHE B 58 -7.32 -2.97 -6.67
C PHE B 58 -6.10 -2.33 -7.31
N GLU B 59 -4.93 -2.91 -7.12
CA GLU B 59 -3.84 -2.60 -8.00
C GLU B 59 -3.46 -3.87 -8.74
N PHE B 60 -3.91 -3.96 -9.97
CA PHE B 60 -3.78 -5.19 -10.74
C PHE B 60 -2.72 -5.00 -11.80
N LYS B 61 -1.61 -5.71 -11.65
CA LYS B 61 -0.49 -5.55 -12.54
C LYS B 61 -0.09 -6.87 -13.15
N ASN B 62 1.05 -6.84 -13.80
CA ASN B 62 1.73 -8.00 -14.35
C ASN B 62 3.11 -7.53 -14.75
N ALA B 63 3.78 -8.25 -15.64
CA ALA B 63 5.11 -7.82 -16.09
C ALA B 63 5.02 -6.49 -16.85
N GLN B 64 3.80 -6.10 -17.24
CA GLN B 64 3.55 -4.81 -17.90
C GLN B 64 4.31 -4.72 -19.23
N LEU B 65 4.70 -5.86 -19.75
CA LEU B 65 5.50 -5.91 -20.97
C LEU B 65 4.66 -5.62 -22.20
N GLU B 66 3.36 -5.88 -22.10
CA GLU B 66 2.44 -5.76 -23.23
C GLU B 66 3.01 -6.43 -24.47
N HIS B 67 2.88 -7.73 -24.53
CA HIS B 67 3.42 -8.51 -25.63
C HIS B 67 2.41 -9.55 -26.07
N HIS B 68 1.36 -9.07 -26.73
CA HIS B 68 0.34 -9.94 -27.29
C HIS B 68 0.94 -10.81 -28.37
N HIS B 69 0.66 -12.10 -28.32
CA HIS B 69 1.15 -13.05 -29.32
C HIS B 69 0.41 -12.87 -30.64
N HIS B 70 -0.62 -12.03 -30.60
CA HIS B 70 -1.30 -11.59 -31.81
C HIS B 70 -1.42 -10.09 -31.76
N HIS B 71 -0.59 -9.40 -32.54
CA HIS B 71 -0.49 -7.95 -32.47
C HIS B 71 -1.80 -7.25 -32.81
N HIS B 72 -2.44 -6.71 -31.79
CA HIS B 72 -3.66 -5.93 -31.93
C HIS B 72 -4.06 -5.38 -30.56
#